data_5H5X
#
_entry.id   5H5X
#
_cell.length_a   187.787
_cell.length_b   187.787
_cell.length_c   80.858
_cell.angle_alpha   90.000
_cell.angle_beta   90.000
_cell.angle_gamma   120.000
#
_symmetry.space_group_name_H-M   'P 31'
#
loop_
_entity.id
_entity.type
_entity.pdbx_description
1 polymer 'Putative oxidoreductase'
2 non-polymer '1,4-DIHYDRONICOTINAMIDE ADENINE DINUCLEOTIDE'
3 non-polymer 'ISOPROPYL ALCOHOL'
4 non-polymer 'MAGNESIUM ION'
5 water water
#
_entity_poly.entity_id   1
_entity_poly.type   'polypeptide(L)'
_entity_poly.pdbx_seq_one_letter_code
;MSTTGTTPATTGYAAEFAGRTALVTGAASGIGLATARRLGAGGARVVVADFNAEGAEKAAAELRAGGVEAAAVELDVTRP
ESVEAAVGFAVDTFGSLDLAVNNAGIGGPSAPTGEYDVAAYQRVVRTNLDGVFYSMRYELPAIEAAGKGGSIVNVASILG
SVGFAGSPAYVAAKHGVVGLTKAAAAEYAARGIRINAVGPGFIDTPLLKTMEEAAYKGLVALHPAGRLGRSDEVAELIVF
LLSDRASFVAGSYHLVDGAYTAV
;
_entity_poly.pdbx_strand_id   A,B,C,D,E,F,G,H,I,J,K,L
#
loop_
_chem_comp.id
_chem_comp.type
_chem_comp.name
_chem_comp.formula
IPA non-polymer 'ISOPROPYL ALCOHOL' 'C3 H8 O'
MG non-polymer 'MAGNESIUM ION' 'Mg 2'
NAI non-polymer '1,4-DIHYDRONICOTINAMIDE ADENINE DINUCLEOTIDE' 'C21 H29 N7 O14 P2'
#
# COMPACT_ATOMS: atom_id res chain seq x y z
N THR A 11 14.60 -51.08 -8.84
CA THR A 11 14.78 -52.11 -9.84
C THR A 11 13.61 -53.11 -9.81
N GLY A 12 12.40 -52.55 -9.81
CA GLY A 12 11.18 -53.32 -9.77
C GLY A 12 10.45 -53.13 -8.45
N TYR A 13 9.68 -52.04 -8.34
CA TYR A 13 8.83 -51.76 -7.18
C TYR A 13 8.06 -52.99 -6.73
N ALA A 14 7.43 -53.66 -7.69
CA ALA A 14 6.55 -54.77 -7.39
C ALA A 14 7.30 -56.03 -6.96
N ALA A 15 8.60 -56.07 -7.21
CA ALA A 15 9.42 -57.25 -6.86
C ALA A 15 10.59 -56.93 -5.94
N GLU A 16 10.51 -55.80 -5.25
CA GLU A 16 11.60 -55.36 -4.40
C GLU A 16 11.94 -56.41 -3.32
N PHE A 17 10.92 -57.12 -2.83
CA PHE A 17 11.09 -58.05 -1.73
C PHE A 17 10.76 -59.51 -2.11
N ALA A 18 10.72 -59.77 -3.42
CA ALA A 18 10.44 -61.09 -3.95
C ALA A 18 11.33 -62.17 -3.34
N GLY A 19 10.72 -63.24 -2.87
CA GLY A 19 11.44 -64.33 -2.24
C GLY A 19 11.92 -64.00 -0.85
N ARG A 20 11.24 -63.06 -0.20
CA ARG A 20 11.60 -62.69 1.16
C ARG A 20 10.39 -62.74 2.11
N THR A 21 10.63 -63.26 3.31
CA THR A 21 9.57 -63.45 4.30
C THR A 21 9.62 -62.38 5.37
N ALA A 22 8.48 -61.72 5.57
CA ALA A 22 8.34 -60.63 6.52
C ALA A 22 7.29 -60.91 7.61
N LEU A 23 7.71 -60.81 8.87
CA LEU A 23 6.81 -60.91 10.01
C LEU A 23 6.39 -59.52 10.49
N VAL A 24 5.09 -59.30 10.63
CA VAL A 24 4.59 -58.05 11.16
C VAL A 24 3.67 -58.27 12.37
N THR A 25 4.04 -57.69 13.50
CA THR A 25 3.19 -57.75 14.68
C THR A 25 2.17 -56.61 14.66
N GLY A 26 0.95 -56.88 15.12
CA GLY A 26 -0.11 -55.88 15.11
C GLY A 26 -0.60 -55.61 13.70
N ALA A 27 -0.55 -56.64 12.85
CA ALA A 27 -0.78 -56.44 11.43
C ALA A 27 -2.26 -56.46 11.00
N ALA A 28 -3.18 -56.43 11.95
CA ALA A 28 -4.59 -56.61 11.60
C ALA A 28 -5.27 -55.26 11.45
N SER A 29 -4.54 -54.20 11.81
CA SER A 29 -5.11 -52.87 11.88
C SER A 29 -4.04 -51.78 11.73
N GLY A 30 -4.46 -50.60 11.29
CA GLY A 30 -3.59 -49.43 11.29
C GLY A 30 -2.23 -49.60 10.63
N ILE A 31 -1.16 -49.24 11.33
CA ILE A 31 0.16 -49.13 10.71
C ILE A 31 0.69 -50.48 10.29
N GLY A 32 0.38 -51.50 11.10
CA GLY A 32 0.83 -52.85 10.83
C GLY A 32 0.12 -53.45 9.62
N LEU A 33 -1.17 -53.15 9.51
CA LEU A 33 -1.94 -53.54 8.35
C LEU A 33 -1.40 -52.85 7.10
N ALA A 34 -1.23 -51.53 7.18
CA ALA A 34 -0.73 -50.78 6.05
C ALA A 34 0.70 -51.21 5.68
N THR A 35 1.51 -51.58 6.67
CA THR A 35 2.87 -52.05 6.42
C THR A 35 2.85 -53.37 5.66
N ALA A 36 2.00 -54.28 6.13
CA ALA A 36 1.75 -55.54 5.45
C ALA A 36 1.38 -55.33 3.99
N ARG A 37 0.41 -54.47 3.73
CA ARG A 37 -0.03 -54.22 2.34
C ARG A 37 1.11 -53.68 1.50
N ARG A 38 1.90 -52.78 2.08
CA ARG A 38 3.03 -52.22 1.38
C ARG A 38 4.15 -53.24 1.11
N LEU A 39 4.39 -54.15 2.05
CA LEU A 39 5.35 -55.23 1.81
C LEU A 39 4.80 -56.16 0.70
N GLY A 40 3.49 -56.41 0.73
CA GLY A 40 2.86 -57.24 -0.28
C GLY A 40 2.94 -56.64 -1.68
N ALA A 41 2.66 -55.35 -1.79
CA ALA A 41 2.72 -54.66 -3.07
C ALA A 41 4.13 -54.65 -3.61
N GLY A 42 5.09 -54.88 -2.70
CA GLY A 42 6.50 -54.96 -3.07
C GLY A 42 6.95 -56.39 -3.34
N GLY A 43 6.01 -57.33 -3.22
CA GLY A 43 6.24 -58.69 -3.65
C GLY A 43 6.65 -59.66 -2.56
N ALA A 44 6.63 -59.20 -1.31
CA ALA A 44 7.04 -60.01 -0.16
C ALA A 44 6.00 -61.03 0.32
N ARG A 45 6.49 -62.17 0.82
CA ARG A 45 5.69 -63.12 1.59
C ARG A 45 5.45 -62.54 2.98
N VAL A 46 4.17 -62.46 3.37
CA VAL A 46 3.78 -61.71 4.55
C VAL A 46 3.12 -62.55 5.65
N VAL A 47 3.80 -62.68 6.79
CA VAL A 47 3.20 -63.29 7.96
C VAL A 47 2.51 -62.22 8.81
N VAL A 48 1.19 -62.23 8.75
CA VAL A 48 0.32 -61.33 9.49
C VAL A 48 0.15 -61.87 10.93
N ALA A 49 0.70 -61.16 11.90
CA ALA A 49 0.62 -61.60 13.29
C ALA A 49 -0.18 -60.62 14.14
N ASP A 50 -1.13 -61.16 14.91
CA ASP A 50 -1.99 -60.33 15.76
C ASP A 50 -2.62 -61.07 16.94
N PHE A 51 -3.00 -60.31 17.97
CA PHE A 51 -3.75 -60.84 19.13
C PHE A 51 -5.20 -61.07 18.70
N ASN A 52 -5.58 -60.39 17.62
CA ASN A 52 -6.88 -60.57 17.01
C ASN A 52 -6.77 -61.61 15.89
N ALA A 53 -6.94 -62.88 16.26
CA ALA A 53 -6.92 -64.02 15.33
C ALA A 53 -7.78 -63.84 14.08
N GLU A 54 -9.01 -63.38 14.29
CA GLU A 54 -9.97 -63.19 13.20
C GLU A 54 -9.53 -62.04 12.31
N GLY A 55 -9.01 -60.97 12.93
CA GLY A 55 -8.52 -59.82 12.18
C GLY A 55 -7.31 -60.18 11.34
N ALA A 56 -6.38 -60.91 11.94
CA ALA A 56 -5.17 -61.33 11.25
C ALA A 56 -5.55 -62.17 10.04
N GLU A 57 -6.54 -63.03 10.24
CA GLU A 57 -6.99 -63.95 9.19
C GLU A 57 -7.72 -63.24 8.05
N LYS A 58 -8.50 -62.22 8.39
CA LYS A 58 -9.18 -61.39 7.39
C LYS A 58 -8.16 -60.55 6.58
N ALA A 59 -7.04 -60.19 7.18
CA ALA A 59 -5.98 -59.45 6.50
C ALA A 59 -5.16 -60.32 5.54
N ALA A 60 -4.72 -61.49 6.02
CA ALA A 60 -3.99 -62.44 5.18
C ALA A 60 -4.86 -62.85 3.98
N ALA A 61 -6.13 -63.11 4.24
CA ALA A 61 -7.07 -63.50 3.19
C ALA A 61 -7.18 -62.42 2.11
N GLU A 62 -7.22 -61.17 2.54
CA GLU A 62 -7.34 -60.04 1.63
C GLU A 62 -6.07 -59.86 0.80
N LEU A 63 -4.92 -60.00 1.44
CA LEU A 63 -3.66 -59.93 0.71
C LEU A 63 -3.60 -61.09 -0.30
N ARG A 64 -4.04 -62.27 0.12
CA ARG A 64 -4.02 -63.46 -0.75
C ARG A 64 -4.85 -63.25 -2.01
N ALA A 65 -5.98 -62.57 -1.86
CA ALA A 65 -6.86 -62.26 -2.97
C ALA A 65 -6.17 -61.33 -3.94
N GLY A 66 -5.07 -60.73 -3.48
CA GLY A 66 -4.31 -59.79 -4.27
C GLY A 66 -3.03 -60.35 -4.86
N GLY A 67 -2.88 -61.66 -4.81
CA GLY A 67 -1.73 -62.31 -5.41
C GLY A 67 -0.52 -62.31 -4.51
N VAL A 68 -0.74 -61.97 -3.24
CA VAL A 68 0.34 -61.94 -2.26
C VAL A 68 0.34 -63.21 -1.43
N GLU A 69 1.48 -63.87 -1.31
CA GLU A 69 1.57 -65.02 -0.42
C GLU A 69 1.52 -64.49 1.02
N ALA A 70 0.44 -64.80 1.73
CA ALA A 70 0.30 -64.40 3.13
C ALA A 70 -0.34 -65.47 4.00
N ALA A 71 0.01 -65.45 5.28
CA ALA A 71 -0.52 -66.39 6.27
C ALA A 71 -0.66 -65.72 7.64
N ALA A 72 -1.80 -65.92 8.28
CA ALA A 72 -2.08 -65.30 9.57
C ALA A 72 -1.72 -66.19 10.75
N VAL A 73 -1.27 -65.57 11.84
CA VAL A 73 -1.01 -66.27 13.09
C VAL A 73 -1.41 -65.44 14.32
N GLU A 74 -2.01 -66.12 15.30
CA GLU A 74 -2.40 -65.49 16.57
C GLU A 74 -1.16 -65.24 17.43
N LEU A 75 -1.06 -64.05 17.99
CA LEU A 75 0.12 -63.68 18.75
C LEU A 75 -0.22 -62.74 19.92
N ASP A 76 0.33 -63.03 21.09
CA ASP A 76 0.26 -62.13 22.23
C ASP A 76 1.67 -61.74 22.63
N VAL A 77 2.10 -60.55 22.24
CA VAL A 77 3.51 -60.15 22.42
C VAL A 77 3.98 -60.04 23.87
N THR A 78 3.06 -59.99 24.83
CA THR A 78 3.45 -59.97 26.23
C THR A 78 3.95 -61.34 26.70
N ARG A 79 3.62 -62.38 25.95
CA ARG A 79 4.02 -63.75 26.30
C ARG A 79 5.15 -64.25 25.41
N PRO A 80 6.34 -64.47 26.00
CA PRO A 80 7.51 -64.85 25.21
C PRO A 80 7.28 -66.14 24.42
N GLU A 81 6.51 -67.06 24.98
CA GLU A 81 6.22 -68.32 24.31
C GLU A 81 5.35 -68.11 23.09
N SER A 82 4.42 -67.17 23.20
CA SER A 82 3.53 -66.84 22.08
C SER A 82 4.28 -66.19 20.93
N VAL A 83 5.35 -65.47 21.27
CA VAL A 83 6.19 -64.79 20.27
C VAL A 83 7.06 -65.81 19.56
N GLU A 84 7.61 -66.74 20.33
CA GLU A 84 8.44 -67.76 19.75
C GLU A 84 7.62 -68.60 18.74
N ALA A 85 6.36 -68.86 19.08
CA ALA A 85 5.49 -69.70 18.26
C ALA A 85 5.15 -69.01 16.94
N ALA A 86 5.03 -67.68 16.98
CA ALA A 86 4.78 -66.92 15.78
C ALA A 86 6.00 -66.94 14.88
N VAL A 87 7.18 -66.76 15.47
CA VAL A 87 8.41 -66.76 14.68
C VAL A 87 8.57 -68.11 13.99
N GLY A 88 8.42 -69.18 14.76
CA GLY A 88 8.51 -70.53 14.23
C GLY A 88 7.47 -70.80 13.16
N PHE A 89 6.29 -70.21 13.32
CA PHE A 89 5.21 -70.38 12.36
C PHE A 89 5.56 -69.78 11.01
N ALA A 90 6.29 -68.66 11.02
CA ALA A 90 6.75 -67.99 9.81
C ALA A 90 7.84 -68.79 9.11
N VAL A 91 8.79 -69.26 9.89
CA VAL A 91 9.89 -70.07 9.43
C VAL A 91 9.39 -71.40 8.83
N ASP A 92 8.40 -72.00 9.47
CA ASP A 92 7.85 -73.25 8.97
C ASP A 92 7.08 -73.03 7.68
N THR A 93 6.19 -72.03 7.68
CA THR A 93 5.30 -71.76 6.56
C THR A 93 6.08 -71.35 5.30
N PHE A 94 7.03 -70.43 5.45
CA PHE A 94 7.71 -69.86 4.29
C PHE A 94 9.18 -70.25 4.20
N GLY A 95 9.62 -71.18 5.06
CA GLY A 95 10.95 -71.74 4.95
C GLY A 95 12.03 -71.04 5.72
N SER A 96 11.93 -69.71 5.80
CA SER A 96 12.93 -68.89 6.48
C SER A 96 12.33 -67.53 6.79
N LEU A 97 13.01 -66.73 7.61
CA LEU A 97 12.57 -65.36 7.91
C LEU A 97 13.70 -64.38 7.61
N ASP A 98 13.35 -63.27 6.96
CA ASP A 98 14.34 -62.28 6.54
C ASP A 98 14.10 -60.90 7.12
N LEU A 99 12.82 -60.55 7.29
CA LEU A 99 12.45 -59.20 7.65
C LEU A 99 11.44 -59.23 8.80
N ALA A 100 11.48 -58.22 9.68
CA ALA A 100 10.47 -58.10 10.73
C ALA A 100 10.05 -56.65 11.03
N VAL A 101 8.75 -56.40 11.15
CA VAL A 101 8.27 -55.13 11.71
C VAL A 101 7.60 -55.39 13.05
N ASN A 102 8.10 -54.73 14.09
CA ASN A 102 7.58 -54.93 15.44
C ASN A 102 6.68 -53.79 15.87
N ASN A 103 5.40 -53.95 15.56
CA ASN A 103 4.44 -52.85 15.53
C ASN A 103 3.32 -52.99 16.54
N ALA A 104 3.10 -54.20 17.05
CA ALA A 104 2.04 -54.43 18.03
C ALA A 104 2.20 -53.49 19.22
N GLY A 105 1.14 -52.74 19.49
CA GLY A 105 1.15 -51.72 20.52
C GLY A 105 -0.24 -51.26 20.87
N ILE A 106 -0.35 -50.67 22.06
CA ILE A 106 -1.54 -50.01 22.60
C ILE A 106 -0.83 -48.76 23.14
N GLY A 107 -1.51 -47.69 23.52
CA GLY A 107 -2.86 -47.61 23.99
C GLY A 107 -2.67 -46.81 25.27
N GLY A 108 -3.17 -47.33 26.40
CA GLY A 108 -2.91 -46.74 27.69
C GLY A 108 -3.78 -45.55 28.06
N PRO A 109 -4.33 -45.56 29.28
CA PRO A 109 -5.15 -44.49 29.84
C PRO A 109 -4.33 -43.23 30.12
N SER A 110 -5.03 -42.12 30.36
CA SER A 110 -4.39 -40.83 30.53
C SER A 110 -4.54 -40.35 31.97
N ALA A 111 -3.41 -40.15 32.64
CA ALA A 111 -3.39 -39.73 34.04
C ALA A 111 -2.02 -39.18 34.36
N PRO A 112 -1.94 -38.26 35.31
CA PRO A 112 -0.59 -37.87 35.69
C PRO A 112 0.10 -39.05 36.41
N THR A 113 1.43 -39.02 36.40
CA THR A 113 2.26 -40.07 36.99
C THR A 113 1.86 -40.42 38.42
N GLY A 114 1.66 -39.41 39.26
CA GLY A 114 1.30 -39.63 40.65
C GLY A 114 -0.03 -40.33 40.86
N GLU A 115 -0.90 -40.27 39.85
CA GLU A 115 -2.23 -40.87 39.94
C GLU A 115 -2.36 -42.08 39.01
N TYR A 116 -1.30 -42.38 38.24
CA TYR A 116 -1.37 -43.45 37.24
C TYR A 116 -1.72 -44.83 37.82
N ASP A 117 -2.51 -45.59 37.07
CA ASP A 117 -2.93 -46.92 37.50
C ASP A 117 -1.78 -47.90 37.37
N VAL A 118 -1.51 -48.63 38.44
CA VAL A 118 -0.37 -49.56 38.44
C VAL A 118 -0.54 -50.68 37.40
N ALA A 119 -1.71 -51.33 37.37
CA ALA A 119 -1.97 -52.41 36.40
C ALA A 119 -1.85 -51.95 34.94
N ALA A 120 -2.27 -50.72 34.66
CA ALA A 120 -2.27 -50.21 33.30
C ALA A 120 -0.86 -49.89 32.83
N TYR A 121 -0.09 -49.21 33.69
CA TYR A 121 1.32 -48.97 33.43
C TYR A 121 1.95 -50.26 32.96
N GLN A 122 1.74 -51.32 33.74
CA GLN A 122 2.27 -52.64 33.42
C GLN A 122 1.77 -53.08 32.04
N ARG A 123 0.47 -53.00 31.84
CA ARG A 123 -0.14 -53.39 30.58
C ARG A 123 0.58 -52.72 29.41
N VAL A 124 0.71 -51.41 29.50
CA VAL A 124 1.41 -50.65 28.48
C VAL A 124 2.87 -51.07 28.28
N VAL A 125 3.61 -51.19 29.38
CA VAL A 125 5.04 -51.53 29.28
C VAL A 125 5.24 -52.94 28.75
N ARG A 126 4.40 -53.86 29.24
CA ARG A 126 4.46 -55.27 28.90
C ARG A 126 4.27 -55.48 27.41
N THR A 127 3.32 -54.75 26.83
CA THR A 127 3.05 -54.88 25.42
C THR A 127 4.10 -54.12 24.59
N ASN A 128 4.27 -52.83 24.91
CA ASN A 128 4.99 -51.93 24.05
C ASN A 128 6.49 -52.03 24.12
N LEU A 129 7.01 -52.42 25.28
CA LEU A 129 8.46 -52.51 25.46
C LEU A 129 8.87 -53.97 25.47
N ASP A 130 8.35 -54.73 26.42
CA ASP A 130 8.73 -56.12 26.55
C ASP A 130 8.40 -56.87 25.28
N GLY A 131 7.25 -56.54 24.69
CA GLY A 131 6.79 -57.15 23.45
C GLY A 131 7.79 -57.01 22.32
N VAL A 132 8.46 -55.86 22.26
CA VAL A 132 9.43 -55.58 21.22
C VAL A 132 10.70 -56.37 21.49
N PHE A 133 11.08 -56.46 22.76
CA PHE A 133 12.27 -57.23 23.11
C PHE A 133 12.05 -58.71 22.83
N TYR A 134 10.88 -59.23 23.22
CA TYR A 134 10.57 -60.65 23.01
C TYR A 134 10.55 -60.95 21.53
N SER A 135 9.98 -60.02 20.77
CA SER A 135 9.92 -60.14 19.32
C SER A 135 11.32 -60.29 18.78
N MET A 136 12.16 -59.30 19.10
CA MET A 136 13.56 -59.32 18.66
C MET A 136 14.32 -60.56 19.14
N ARG A 137 14.13 -60.89 20.41
CA ARG A 137 14.77 -62.07 21.00
C ARG A 137 14.50 -63.34 20.19
N TYR A 138 13.34 -63.40 19.53
CA TYR A 138 13.04 -64.59 18.72
C TYR A 138 13.26 -64.41 17.22
N GLU A 139 13.08 -63.19 16.70
CA GLU A 139 13.38 -62.94 15.30
C GLU A 139 14.87 -63.07 14.97
N LEU A 140 15.74 -62.50 15.82
CA LEU A 140 17.18 -62.49 15.53
C LEU A 140 17.83 -63.85 15.23
N PRO A 141 17.64 -64.85 16.11
CA PRO A 141 18.29 -66.13 15.82
C PRO A 141 17.71 -66.78 14.56
N ALA A 142 16.48 -66.42 14.22
CA ALA A 142 15.83 -66.97 13.05
C ALA A 142 16.40 -66.31 11.79
N ILE A 143 16.46 -65.00 11.79
CA ILE A 143 17.04 -64.27 10.67
C ILE A 143 18.53 -64.65 10.50
N GLU A 144 19.22 -64.85 11.62
CA GLU A 144 20.59 -65.37 11.65
C GLU A 144 20.69 -66.75 10.99
N ALA A 145 19.68 -67.58 11.19
CA ALA A 145 19.68 -68.96 10.68
C ALA A 145 19.74 -68.98 9.16
N ALA A 146 18.82 -68.25 8.53
CA ALA A 146 18.74 -68.16 7.07
C ALA A 146 20.06 -67.79 6.40
N GLY A 147 21.04 -67.38 7.21
CA GLY A 147 22.36 -67.03 6.68
C GLY A 147 22.42 -65.76 5.85
N LYS A 148 21.27 -65.33 5.34
CA LYS A 148 21.23 -64.27 4.34
C LYS A 148 21.25 -62.83 4.90
N GLY A 149 21.13 -62.70 6.22
CA GLY A 149 21.14 -61.39 6.85
C GLY A 149 20.01 -60.45 6.46
N GLY A 150 19.09 -60.23 7.38
CA GLY A 150 17.92 -59.41 7.08
C GLY A 150 17.84 -58.07 7.78
N SER A 151 16.62 -57.65 8.11
CA SER A 151 16.37 -56.29 8.59
C SER A 151 15.19 -56.23 9.53
N ILE A 152 15.35 -55.47 10.61
CA ILE A 152 14.27 -55.34 11.58
C ILE A 152 13.99 -53.89 11.85
N VAL A 153 12.72 -53.51 11.76
CA VAL A 153 12.26 -52.17 12.12
C VAL A 153 11.34 -52.25 13.32
N ASN A 154 11.61 -51.42 14.32
CA ASN A 154 10.77 -51.33 15.51
C ASN A 154 9.96 -50.05 15.47
N VAL A 155 8.71 -50.14 15.92
CA VAL A 155 7.85 -48.98 15.88
C VAL A 155 7.79 -48.23 17.21
N ALA A 156 8.60 -47.19 17.30
CA ALA A 156 8.58 -46.34 18.47
C ALA A 156 7.48 -45.28 18.33
N SER A 157 7.89 -44.02 18.38
CA SER A 157 6.97 -42.88 18.37
C SER A 157 7.75 -41.58 18.43
N ILE A 158 7.07 -40.45 18.29
CA ILE A 158 7.70 -39.19 18.66
C ILE A 158 7.90 -39.23 20.15
N LEU A 159 7.03 -39.99 20.82
CA LEU A 159 7.08 -40.10 22.26
C LEU A 159 8.17 -41.08 22.69
N GLY A 160 8.94 -41.55 21.72
CA GLY A 160 10.18 -42.28 21.98
C GLY A 160 11.32 -41.32 22.29
N SER A 161 11.10 -40.02 22.06
CA SER A 161 12.18 -39.05 22.18
C SER A 161 11.73 -37.79 22.90
N VAL A 162 10.42 -37.60 22.96
CA VAL A 162 9.88 -36.49 23.73
C VAL A 162 8.77 -37.00 24.63
N GLY A 163 8.43 -36.20 25.63
CA GLY A 163 7.44 -36.58 26.60
C GLY A 163 6.08 -36.08 26.18
N PHE A 164 5.08 -36.47 26.96
CA PHE A 164 3.71 -36.06 26.71
C PHE A 164 2.95 -36.22 28.01
N ALA A 165 2.48 -35.11 28.56
CA ALA A 165 1.79 -35.15 29.84
C ALA A 165 0.60 -36.10 29.83
N GLY A 166 0.55 -36.98 30.83
CA GLY A 166 -0.56 -37.89 31.01
C GLY A 166 -0.33 -39.31 30.52
N SER A 167 0.74 -39.51 29.76
CA SER A 167 1.06 -40.82 29.21
C SER A 167 2.42 -41.34 29.65
N PRO A 168 2.68 -41.40 30.96
CA PRO A 168 4.03 -41.76 31.38
C PRO A 168 4.45 -43.16 30.92
N ALA A 169 3.59 -44.15 31.14
CA ALA A 169 3.90 -45.52 30.77
C ALA A 169 4.29 -45.59 29.30
N TYR A 170 3.48 -44.97 28.46
CA TYR A 170 3.64 -45.04 27.02
C TYR A 170 4.99 -44.42 26.61
N VAL A 171 5.21 -43.20 27.05
CA VAL A 171 6.46 -42.51 26.80
C VAL A 171 7.67 -43.36 27.23
N ALA A 172 7.59 -43.96 28.40
CA ALA A 172 8.71 -44.73 28.92
C ALA A 172 8.99 -45.90 28.01
N ALA A 173 7.93 -46.62 27.68
CA ALA A 173 8.00 -47.78 26.82
C ALA A 173 8.53 -47.40 25.45
N LYS A 174 8.06 -46.29 24.90
CA LYS A 174 8.50 -45.95 23.56
C LYS A 174 9.96 -45.55 23.59
N HIS A 175 10.38 -44.91 24.68
CA HIS A 175 11.79 -44.67 24.91
C HIS A 175 12.61 -45.97 24.94
N GLY A 176 12.10 -47.00 25.62
CA GLY A 176 12.81 -48.26 25.69
C GLY A 176 12.96 -48.96 24.36
N VAL A 177 12.00 -48.73 23.46
CA VAL A 177 12.10 -49.23 22.09
C VAL A 177 13.32 -48.65 21.37
N VAL A 178 13.43 -47.33 21.36
CA VAL A 178 14.60 -46.68 20.77
C VAL A 178 15.87 -47.26 21.37
N GLY A 179 15.86 -47.40 22.70
CA GLY A 179 16.94 -48.08 23.40
C GLY A 179 17.29 -49.44 22.85
N LEU A 180 16.30 -50.32 22.76
CA LEU A 180 16.50 -51.71 22.34
C LEU A 180 17.09 -51.69 20.96
N THR A 181 16.56 -50.80 20.15
CA THR A 181 17.00 -50.63 18.78
C THR A 181 18.48 -50.33 18.69
N LYS A 182 18.95 -49.43 19.55
CA LYS A 182 20.35 -49.04 19.49
C LYS A 182 21.30 -50.16 19.91
N ALA A 183 20.96 -50.85 21.00
CA ALA A 183 21.84 -51.87 21.51
C ALA A 183 21.82 -53.12 20.61
N ALA A 184 20.63 -53.49 20.15
CA ALA A 184 20.52 -54.64 19.27
C ALA A 184 21.26 -54.38 17.95
N ALA A 185 21.17 -53.15 17.45
CA ALA A 185 21.81 -52.82 16.18
C ALA A 185 23.30 -52.81 16.30
N ALA A 186 23.79 -52.32 17.44
CA ALA A 186 25.22 -52.32 17.70
C ALA A 186 25.72 -53.76 17.65
N GLU A 187 24.93 -54.66 18.23
CA GLU A 187 25.24 -56.08 18.31
C GLU A 187 25.26 -56.82 16.97
N TYR A 188 24.37 -56.41 16.06
CA TYR A 188 24.08 -57.23 14.91
C TYR A 188 24.48 -56.67 13.55
N ALA A 189 24.84 -55.40 13.52
CA ALA A 189 25.19 -54.74 12.25
C ALA A 189 26.28 -55.47 11.48
N ALA A 190 27.31 -55.95 12.18
CA ALA A 190 28.44 -56.60 11.51
C ALA A 190 28.05 -57.93 10.88
N ARG A 191 27.12 -58.64 11.50
CA ARG A 191 26.62 -59.90 10.98
C ARG A 191 25.57 -59.68 9.88
N GLY A 192 25.43 -58.45 9.41
CA GLY A 192 24.55 -58.16 8.29
C GLY A 192 23.08 -58.03 8.62
N ILE A 193 22.75 -57.68 9.86
CA ILE A 193 21.35 -57.40 10.19
C ILE A 193 21.17 -55.97 10.69
N ARG A 194 20.41 -55.18 9.93
CA ARG A 194 20.15 -53.80 10.31
C ARG A 194 18.90 -53.67 11.15
N ILE A 195 19.05 -53.04 12.31
CA ILE A 195 17.91 -52.81 13.19
C ILE A 195 17.68 -51.32 13.42
N ASN A 196 16.52 -50.83 12.98
CA ASN A 196 16.19 -49.41 13.14
C ASN A 196 14.81 -49.20 13.77
N ALA A 197 14.52 -47.94 14.08
CA ALA A 197 13.22 -47.55 14.61
C ALA A 197 12.60 -46.37 13.85
N VAL A 198 11.27 -46.33 13.84
CA VAL A 198 10.51 -45.20 13.28
C VAL A 198 9.80 -44.46 14.41
N GLY A 199 9.69 -43.14 14.29
CA GLY A 199 9.03 -42.32 15.28
C GLY A 199 7.85 -41.57 14.70
N PRO A 200 6.70 -42.24 14.59
CA PRO A 200 5.57 -41.54 13.97
C PRO A 200 4.97 -40.49 14.91
N GLY A 201 4.57 -39.35 14.36
CA GLY A 201 3.73 -38.41 15.08
C GLY A 201 2.32 -38.99 15.19
N PHE A 202 1.37 -38.16 15.60
CA PHE A 202 -0.03 -38.61 15.70
C PHE A 202 -0.60 -39.01 14.31
N ILE A 203 -1.24 -40.17 14.26
CA ILE A 203 -1.78 -40.75 13.02
C ILE A 203 -3.29 -40.89 13.09
N ASP A 204 -3.98 -40.56 11.99
CA ASP A 204 -5.41 -40.81 11.88
C ASP A 204 -5.67 -42.30 11.80
N THR A 205 -5.97 -42.92 12.96
CA THR A 205 -6.34 -44.33 13.03
C THR A 205 -7.50 -44.54 14.01
N MET A 211 -11.88 -40.91 19.77
CA MET A 211 -11.94 -39.59 19.14
C MET A 211 -12.32 -38.51 20.16
N GLU A 212 -12.55 -37.27 19.69
CA GLU A 212 -12.92 -36.15 20.56
C GLU A 212 -13.47 -34.94 19.79
N GLU A 213 -13.89 -33.91 20.52
CA GLU A 213 -14.36 -32.64 19.97
C GLU A 213 -13.31 -31.91 19.12
N ALA A 214 -12.89 -30.74 19.58
CA ALA A 214 -11.80 -29.99 18.95
C ALA A 214 -10.49 -30.23 19.70
N ALA A 215 -10.39 -31.37 20.38
CA ALA A 215 -9.12 -31.79 20.91
C ALA A 215 -8.27 -32.28 19.75
N TYR A 216 -8.95 -32.84 18.75
CA TYR A 216 -8.31 -33.22 17.49
C TYR A 216 -7.62 -32.01 16.90
N LYS A 217 -8.30 -30.87 16.93
CA LYS A 217 -7.74 -29.61 16.45
C LYS A 217 -6.47 -29.24 17.21
N GLY A 218 -6.46 -29.51 18.52
CA GLY A 218 -5.30 -29.31 19.37
C GLY A 218 -4.11 -30.15 18.95
N LEU A 219 -4.35 -31.43 18.69
CA LEU A 219 -3.31 -32.32 18.18
C LEU A 219 -2.62 -31.76 16.92
N VAL A 220 -3.41 -31.56 15.88
CA VAL A 220 -2.98 -31.01 14.60
C VAL A 220 -2.05 -29.81 14.80
N ALA A 221 -2.49 -28.88 15.64
CA ALA A 221 -1.69 -27.67 15.95
C ALA A 221 -0.32 -28.00 16.54
N LEU A 222 -0.15 -29.19 17.08
CA LEU A 222 1.15 -29.61 17.59
C LEU A 222 2.09 -30.10 16.47
N HIS A 223 1.57 -30.25 15.25
CA HIS A 223 2.36 -30.65 14.09
C HIS A 223 2.41 -29.49 13.09
N PRO A 224 3.60 -28.89 12.89
CA PRO A 224 3.79 -27.81 11.92
C PRO A 224 3.22 -28.15 10.53
N ALA A 225 3.29 -29.42 10.15
CA ALA A 225 2.69 -29.93 8.93
C ALA A 225 1.20 -29.56 8.73
N GLY A 226 0.50 -29.25 9.82
CA GLY A 226 -0.89 -28.78 9.72
C GLY A 226 -1.96 -29.86 9.54
N ARG A 227 -1.54 -31.11 9.62
CA ARG A 227 -2.47 -32.23 9.57
C ARG A 227 -1.89 -33.39 10.37
N LEU A 228 -2.70 -34.42 10.54
CA LEU A 228 -2.24 -35.66 11.14
C LEU A 228 -1.68 -36.58 10.05
N GLY A 229 -0.90 -37.58 10.48
CA GLY A 229 -0.33 -38.54 9.55
C GLY A 229 -1.29 -39.65 9.14
N ARG A 230 -0.97 -40.33 8.05
CA ARG A 230 -1.75 -41.47 7.62
C ARG A 230 -0.92 -42.73 7.80
N SER A 231 -1.56 -43.82 8.21
CA SER A 231 -0.86 -45.08 8.44
C SER A 231 -0.07 -45.56 7.20
N ASP A 232 -0.49 -45.20 5.99
CA ASP A 232 0.29 -45.48 4.79
C ASP A 232 1.59 -44.74 4.80
N GLU A 233 1.57 -43.52 5.24
CA GLU A 233 2.80 -42.73 5.27
C GLU A 233 3.87 -43.32 6.19
N VAL A 234 3.44 -43.91 7.30
CA VAL A 234 4.34 -44.61 8.20
C VAL A 234 4.91 -45.85 7.52
N ALA A 235 4.02 -46.64 6.93
CA ALA A 235 4.40 -47.85 6.18
C ALA A 235 5.53 -47.62 5.16
N GLU A 236 5.42 -46.56 4.36
CA GLU A 236 6.44 -46.24 3.35
C GLU A 236 7.86 -46.09 3.95
N LEU A 237 7.97 -45.35 5.06
CA LEU A 237 9.24 -45.21 5.77
C LEU A 237 9.75 -46.56 6.31
N ILE A 238 8.86 -47.32 6.97
CA ILE A 238 9.19 -48.65 7.49
C ILE A 238 9.76 -49.58 6.43
N VAL A 239 9.10 -49.62 5.28
CA VAL A 239 9.48 -50.50 4.19
C VAL A 239 10.77 -50.04 3.53
N PHE A 240 11.00 -48.74 3.51
CA PHE A 240 12.27 -48.23 3.02
C PHE A 240 13.40 -48.78 3.89
N LEU A 241 13.28 -48.54 5.19
CA LEU A 241 14.25 -49.01 6.16
C LEU A 241 14.52 -50.52 6.06
N LEU A 242 13.47 -51.30 5.76
CA LEU A 242 13.63 -52.76 5.60
C LEU A 242 14.40 -53.11 4.31
N SER A 243 14.35 -52.21 3.33
CA SER A 243 14.87 -52.48 2.00
C SER A 243 16.39 -52.33 1.91
N ASP A 244 16.96 -52.97 0.89
CA ASP A 244 18.39 -52.92 0.59
C ASP A 244 18.89 -51.51 0.26
N ARG A 245 17.96 -50.63 -0.10
CA ARG A 245 18.32 -49.24 -0.38
C ARG A 245 18.77 -48.52 0.88
N ALA A 246 18.31 -48.99 2.03
CA ALA A 246 18.75 -48.52 3.34
C ALA A 246 19.93 -49.32 3.94
N SER A 247 20.78 -49.85 3.07
CA SER A 247 21.85 -50.76 3.47
C SER A 247 22.89 -50.20 4.43
N PHE A 248 23.13 -48.90 4.44
CA PHE A 248 24.03 -48.33 5.44
C PHE A 248 23.26 -47.63 6.58
N VAL A 249 21.98 -47.93 6.71
CA VAL A 249 21.17 -47.34 7.78
C VAL A 249 20.99 -48.36 8.90
N ALA A 250 21.58 -48.10 10.07
CA ALA A 250 21.44 -49.00 11.20
C ALA A 250 21.55 -48.27 12.53
N GLY A 251 20.81 -48.74 13.52
CA GLY A 251 20.95 -48.23 14.87
C GLY A 251 20.27 -46.89 15.03
N SER A 252 19.56 -46.45 14.01
CA SER A 252 19.03 -45.10 14.03
C SER A 252 17.52 -45.00 14.16
N TYR A 253 17.09 -43.84 14.66
CA TYR A 253 15.70 -43.49 14.90
C TYR A 253 15.17 -42.52 13.81
N HIS A 254 14.15 -42.92 13.06
CA HIS A 254 13.64 -42.09 11.96
C HIS A 254 12.22 -41.52 12.18
N LEU A 255 12.13 -40.19 12.33
CA LEU A 255 10.85 -39.55 12.56
C LEU A 255 10.00 -39.48 11.31
N VAL A 256 8.72 -39.74 11.51
CA VAL A 256 7.73 -39.46 10.50
C VAL A 256 6.60 -38.78 11.27
N ASP A 257 6.86 -37.51 11.56
CA ASP A 257 5.97 -36.66 12.34
C ASP A 257 5.77 -35.40 11.53
N GLY A 258 5.04 -34.44 12.02
CA GLY A 258 4.76 -33.32 11.13
C GLY A 258 5.73 -32.20 11.36
N ALA A 259 7.01 -32.55 11.56
CA ALA A 259 7.99 -31.67 12.18
C ALA A 259 7.63 -31.45 13.66
N TYR A 260 6.75 -32.32 14.19
CA TYR A 260 6.32 -32.26 15.58
C TYR A 260 7.47 -32.08 16.58
N THR A 261 8.47 -32.95 16.51
CA THR A 261 9.59 -32.89 17.45
C THR A 261 10.61 -31.80 17.12
N ALA A 262 10.48 -31.15 15.96
CA ALA A 262 11.48 -30.20 15.51
C ALA A 262 11.43 -28.86 16.25
N VAL A 263 10.30 -28.58 16.90
CA VAL A 263 10.20 -27.39 17.75
C VAL A 263 9.97 -27.80 19.20
N THR B 11 22.35 -17.87 50.29
CA THR B 11 23.79 -18.10 50.38
C THR B 11 24.17 -19.42 51.07
N GLY B 12 25.19 -20.12 50.55
CA GLY B 12 25.77 -21.26 51.24
C GLY B 12 25.36 -22.65 50.83
N TYR B 13 26.24 -23.61 51.09
CA TYR B 13 26.00 -25.02 50.78
C TYR B 13 25.64 -25.83 52.02
N ALA B 14 26.27 -25.50 53.14
CA ALA B 14 26.21 -26.33 54.35
C ALA B 14 24.80 -26.67 54.85
N ALA B 15 23.85 -25.77 54.62
CA ALA B 15 22.52 -25.92 55.21
C ALA B 15 21.41 -25.67 54.20
N GLU B 16 21.68 -25.79 52.91
CA GLU B 16 20.68 -25.40 51.91
C GLU B 16 19.42 -26.28 51.92
N PHE B 17 19.52 -27.47 52.51
CA PHE B 17 18.38 -28.39 52.58
C PHE B 17 17.77 -28.48 53.99
N ALA B 18 18.02 -27.47 54.81
CA ALA B 18 17.54 -27.47 56.18
C ALA B 18 16.03 -27.62 56.21
N GLY B 19 15.56 -28.44 57.14
CA GLY B 19 14.15 -28.70 57.25
C GLY B 19 13.61 -29.59 56.13
N ARG B 20 14.46 -30.11 55.26
CA ARG B 20 13.95 -30.93 54.17
C ARG B 20 14.23 -32.41 54.28
N THR B 21 13.32 -33.19 53.75
CA THR B 21 13.39 -34.64 53.84
C THR B 21 13.68 -35.21 52.47
N ALA B 22 14.77 -35.97 52.34
CA ALA B 22 15.11 -36.54 51.05
C ALA B 22 15.13 -38.05 51.07
N LEU B 23 14.30 -38.66 50.23
CA LEU B 23 14.32 -40.10 50.07
C LEU B 23 15.33 -40.50 49.00
N VAL B 24 16.20 -41.47 49.33
CA VAL B 24 17.16 -41.98 48.37
C VAL B 24 17.06 -43.49 48.28
N THR B 25 16.65 -43.99 47.11
CA THR B 25 16.56 -45.44 46.91
C THR B 25 17.90 -46.05 46.54
N GLY B 26 18.09 -47.31 46.91
CA GLY B 26 19.34 -48.00 46.68
C GLY B 26 20.45 -47.28 47.41
N ALA B 27 20.14 -46.79 48.62
CA ALA B 27 21.01 -45.86 49.31
C ALA B 27 22.19 -46.52 50.05
N ALA B 28 22.33 -47.84 49.92
CA ALA B 28 23.31 -48.55 50.75
C ALA B 28 24.68 -48.62 50.09
N SER B 29 24.71 -48.34 48.80
CA SER B 29 25.90 -48.59 48.02
C SER B 29 26.11 -47.46 47.04
N GLY B 30 27.33 -47.36 46.50
CA GLY B 30 27.67 -46.53 45.37
C GLY B 30 27.09 -45.13 45.30
N ILE B 31 26.51 -44.81 44.15
CA ILE B 31 25.95 -43.48 43.89
C ILE B 31 24.89 -43.11 44.93
N GLY B 32 24.07 -44.10 45.28
CA GLY B 32 23.06 -43.92 46.32
C GLY B 32 23.65 -43.47 47.64
N LEU B 33 24.63 -44.23 48.14
CA LEU B 33 25.34 -43.85 49.37
C LEU B 33 26.04 -42.48 49.23
N ALA B 34 26.74 -42.26 48.12
CA ALA B 34 27.44 -40.99 47.90
C ALA B 34 26.45 -39.84 47.89
N THR B 35 25.27 -40.09 47.34
CA THR B 35 24.22 -39.06 47.30
C THR B 35 23.59 -38.84 48.66
N ALA B 36 23.36 -39.92 49.40
CA ALA B 36 22.89 -39.79 50.78
C ALA B 36 23.83 -38.89 51.60
N ARG B 37 25.12 -39.09 51.44
CA ARG B 37 26.11 -38.33 52.16
C ARG B 37 26.16 -36.87 51.73
N ARG B 38 25.99 -36.62 50.43
CA ARG B 38 25.96 -35.25 49.90
C ARG B 38 24.73 -34.50 50.43
N LEU B 39 23.59 -35.17 50.48
CA LEU B 39 22.39 -34.56 51.02
C LEU B 39 22.63 -34.18 52.49
N GLY B 40 23.33 -35.06 53.21
CA GLY B 40 23.65 -34.80 54.61
C GLY B 40 24.57 -33.59 54.78
N ALA B 41 25.61 -33.52 53.96
CA ALA B 41 26.53 -32.39 53.95
C ALA B 41 25.83 -31.06 53.66
N GLY B 42 24.67 -31.13 53.01
CA GLY B 42 23.84 -29.96 52.76
C GLY B 42 22.80 -29.69 53.83
N GLY B 43 22.79 -30.49 54.89
CA GLY B 43 21.87 -30.30 56.00
C GLY B 43 20.46 -30.86 55.77
N ALA B 44 20.36 -31.82 54.86
CA ALA B 44 19.07 -32.46 54.57
C ALA B 44 18.76 -33.50 55.64
N ARG B 45 17.50 -33.92 55.75
CA ARG B 45 17.18 -35.09 56.55
C ARG B 45 17.04 -36.32 55.67
N VAL B 46 17.98 -37.26 55.79
CA VAL B 46 18.13 -38.31 54.79
C VAL B 46 17.45 -39.63 55.13
N VAL B 47 16.59 -40.08 54.23
CA VAL B 47 16.01 -41.42 54.33
C VAL B 47 16.78 -42.40 53.45
N VAL B 48 17.52 -43.30 54.09
CA VAL B 48 18.34 -44.31 53.44
C VAL B 48 17.50 -45.54 53.17
N ALA B 49 17.15 -45.77 51.90
CA ALA B 49 16.25 -46.87 51.57
C ALA B 49 16.91 -47.90 50.67
N ASP B 50 16.85 -49.16 51.07
CA ASP B 50 17.53 -50.18 50.30
C ASP B 50 16.90 -51.55 50.47
N PHE B 51 17.18 -52.42 49.51
CA PHE B 51 16.75 -53.80 49.55
C PHE B 51 17.50 -54.47 50.68
N ASN B 52 18.76 -54.08 50.83
CA ASN B 52 19.63 -54.57 51.90
C ASN B 52 19.31 -53.87 53.22
N ALA B 53 18.42 -54.46 54.01
CA ALA B 53 17.93 -53.86 55.25
C ALA B 53 19.04 -53.44 56.22
N GLU B 54 19.97 -54.35 56.47
CA GLU B 54 21.06 -54.08 57.42
C GLU B 54 22.07 -53.12 56.82
N GLY B 55 22.23 -53.15 55.50
CA GLY B 55 23.10 -52.22 54.80
C GLY B 55 22.58 -50.79 54.76
N ALA B 56 21.27 -50.64 54.84
CA ALA B 56 20.67 -49.33 54.90
C ALA B 56 20.83 -48.78 56.31
N GLU B 57 20.69 -49.66 57.29
CA GLU B 57 20.88 -49.28 58.68
C GLU B 57 22.33 -48.85 58.93
N LYS B 58 23.27 -49.62 58.40
CA LYS B 58 24.68 -49.28 58.50
C LYS B 58 24.97 -47.89 57.91
N ALA B 59 24.45 -47.62 56.70
CA ALA B 59 24.65 -46.33 56.07
C ALA B 59 24.06 -45.20 56.92
N ALA B 60 22.86 -45.42 57.44
CA ALA B 60 22.16 -44.36 58.14
C ALA B 60 22.77 -44.13 59.52
N ALA B 61 23.32 -45.18 60.11
CA ALA B 61 23.95 -45.07 61.39
C ALA B 61 25.25 -44.27 61.23
N GLU B 62 25.98 -44.55 60.15
CA GLU B 62 27.21 -43.81 59.87
C GLU B 62 26.89 -42.34 59.63
N LEU B 63 25.72 -42.08 59.09
CA LEU B 63 25.29 -40.71 58.84
C LEU B 63 25.10 -39.98 60.17
N ARG B 64 24.37 -40.63 61.07
CA ARG B 64 24.05 -40.09 62.40
C ARG B 64 25.31 -39.91 63.24
N ALA B 65 26.32 -40.72 62.98
CA ALA B 65 27.59 -40.65 63.70
C ALA B 65 28.45 -39.49 63.20
N GLY B 66 28.05 -38.88 62.09
CA GLY B 66 28.69 -37.66 61.61
C GLY B 66 27.76 -36.48 61.83
N GLY B 67 26.71 -36.70 62.63
CA GLY B 67 25.84 -35.63 63.04
C GLY B 67 24.75 -35.28 62.05
N VAL B 68 24.56 -36.09 61.02
CA VAL B 68 23.46 -35.86 60.10
C VAL B 68 22.19 -36.53 60.67
N GLU B 69 21.03 -35.92 60.45
CA GLU B 69 19.76 -36.60 60.78
C GLU B 69 19.46 -37.58 59.66
N ALA B 70 19.38 -38.87 59.99
CA ALA B 70 19.04 -39.87 59.00
C ALA B 70 18.45 -41.13 59.60
N ALA B 71 17.62 -41.79 58.80
CA ALA B 71 16.98 -43.05 59.16
C ALA B 71 16.92 -44.06 57.99
N ALA B 72 17.07 -45.33 58.33
CA ALA B 72 17.03 -46.42 57.35
C ALA B 72 15.63 -46.99 57.19
N VAL B 73 15.32 -47.43 55.98
CA VAL B 73 14.10 -48.22 55.73
C VAL B 73 14.30 -49.27 54.63
N GLU B 74 13.78 -50.46 54.89
CA GLU B 74 13.87 -51.55 53.94
C GLU B 74 12.89 -51.32 52.79
N LEU B 75 13.37 -51.45 51.57
CA LEU B 75 12.53 -51.15 50.43
C LEU B 75 12.88 -52.08 49.29
N ASP B 76 11.88 -52.55 48.57
CA ASP B 76 12.08 -53.22 47.28
C ASP B 76 11.27 -52.48 46.23
N VAL B 77 11.96 -51.86 45.27
CA VAL B 77 11.31 -50.98 44.30
C VAL B 77 10.38 -51.69 43.31
N THR B 78 10.57 -52.99 43.15
CA THR B 78 9.76 -53.80 42.24
C THR B 78 8.35 -54.03 42.79
N ARG B 79 8.17 -53.82 44.10
CA ARG B 79 6.90 -54.07 44.77
C ARG B 79 6.24 -52.78 45.22
N PRO B 80 5.24 -52.31 44.46
CA PRO B 80 4.60 -51.01 44.67
C PRO B 80 4.27 -50.70 46.11
N GLU B 81 3.87 -51.71 46.88
CA GLU B 81 3.48 -51.50 48.27
C GLU B 81 4.70 -51.29 49.16
N SER B 82 5.83 -51.88 48.78
CA SER B 82 7.07 -51.63 49.51
C SER B 82 7.51 -50.20 49.29
N VAL B 83 7.23 -49.67 48.10
CA VAL B 83 7.58 -48.30 47.77
C VAL B 83 6.72 -47.36 48.59
N GLU B 84 5.42 -47.61 48.55
CA GLU B 84 4.44 -46.78 49.24
C GLU B 84 4.74 -46.69 50.72
N ALA B 85 5.16 -47.81 51.30
CA ALA B 85 5.51 -47.88 52.70
C ALA B 85 6.77 -47.04 52.99
N ALA B 86 7.80 -47.20 52.16
CA ALA B 86 9.01 -46.42 52.33
C ALA B 86 8.70 -44.92 52.37
N VAL B 87 7.84 -44.48 51.46
CA VAL B 87 7.43 -43.08 51.39
C VAL B 87 6.62 -42.68 52.63
N GLY B 88 5.76 -43.58 53.09
CA GLY B 88 5.08 -43.42 54.36
C GLY B 88 6.05 -43.33 55.53
N PHE B 89 7.08 -44.17 55.54
CA PHE B 89 8.10 -44.09 56.59
C PHE B 89 8.79 -42.73 56.61
N ALA B 90 9.03 -42.17 55.43
CA ALA B 90 9.72 -40.88 55.33
C ALA B 90 8.85 -39.78 55.90
N VAL B 91 7.59 -39.73 55.48
CA VAL B 91 6.67 -38.76 56.01
C VAL B 91 6.44 -38.99 57.51
N ASP B 92 6.34 -40.24 57.91
CA ASP B 92 6.19 -40.55 59.33
C ASP B 92 7.39 -40.07 60.15
N THR B 93 8.60 -40.38 59.70
CA THR B 93 9.83 -40.13 60.45
C THR B 93 10.27 -38.66 60.52
N PHE B 94 10.18 -37.94 59.40
CA PHE B 94 10.69 -36.57 59.34
C PHE B 94 9.65 -35.52 58.99
N GLY B 95 8.39 -35.95 58.91
CA GLY B 95 7.28 -35.03 58.80
C GLY B 95 6.87 -34.59 57.41
N SER B 96 7.63 -34.98 56.40
CA SER B 96 7.29 -34.62 55.02
C SER B 96 8.13 -35.37 53.98
N LEU B 97 7.86 -35.10 52.70
CA LEU B 97 8.73 -35.55 51.63
C LEU B 97 8.96 -34.40 50.68
N ASP B 98 10.22 -33.99 50.52
CA ASP B 98 10.56 -32.83 49.73
C ASP B 98 11.38 -33.18 48.51
N LEU B 99 12.29 -34.12 48.68
CA LEU B 99 13.25 -34.46 47.64
C LEU B 99 13.30 -35.95 47.46
N ALA B 100 13.53 -36.40 46.23
CA ALA B 100 13.70 -37.83 46.02
C ALA B 100 14.81 -38.06 44.99
N VAL B 101 15.59 -39.12 45.22
CA VAL B 101 16.58 -39.63 44.27
C VAL B 101 16.30 -41.10 43.98
N ASN B 102 15.72 -41.35 42.83
CA ASN B 102 15.41 -42.70 42.40
C ASN B 102 16.61 -43.35 41.77
N ASN B 103 17.29 -44.15 42.57
CA ASN B 103 18.64 -44.59 42.28
C ASN B 103 18.80 -46.12 42.24
N ALA B 104 17.86 -46.86 42.81
CA ALA B 104 18.01 -48.31 42.86
C ALA B 104 18.13 -48.93 41.45
N GLY B 105 18.98 -49.94 41.32
CA GLY B 105 19.24 -50.49 40.01
C GLY B 105 20.30 -51.58 39.93
N ILE B 106 20.12 -52.46 38.96
CA ILE B 106 21.05 -53.51 38.61
C ILE B 106 21.22 -53.24 37.12
N GLY B 107 22.26 -53.69 36.44
CA GLY B 107 23.02 -54.88 36.73
C GLY B 107 22.86 -55.64 35.42
N GLY B 108 22.25 -56.82 35.49
CA GLY B 108 22.02 -57.63 34.30
C GLY B 108 23.25 -58.22 33.62
N PRO B 109 23.14 -59.47 33.16
CA PRO B 109 24.21 -60.20 32.47
C PRO B 109 24.46 -59.59 31.10
N SER B 110 25.61 -59.86 30.49
CA SER B 110 25.89 -59.41 29.13
C SER B 110 25.68 -60.51 28.09
N ALA B 111 24.93 -60.17 27.04
CA ALA B 111 24.54 -61.12 26.01
C ALA B 111 23.93 -60.35 24.83
N PRO B 112 24.14 -60.84 23.61
CA PRO B 112 23.45 -60.25 22.45
C PRO B 112 21.94 -60.43 22.60
N THR B 113 21.14 -59.53 22.03
CA THR B 113 19.67 -59.56 22.20
C THR B 113 19.08 -60.94 21.89
N GLY B 114 19.57 -61.56 20.82
CA GLY B 114 19.06 -62.84 20.36
C GLY B 114 19.27 -64.00 21.33
N GLU B 115 20.21 -63.85 22.23
CA GLU B 115 20.50 -64.93 23.16
C GLU B 115 20.15 -64.54 24.58
N TYR B 116 19.58 -63.35 24.74
CA TYR B 116 19.38 -62.80 26.08
C TYR B 116 18.33 -63.56 26.86
N ASP B 117 18.70 -63.93 28.08
CA ASP B 117 17.81 -64.63 28.99
C ASP B 117 16.56 -63.80 29.31
N VAL B 118 15.39 -64.41 29.14
CA VAL B 118 14.10 -63.75 29.35
C VAL B 118 13.90 -63.27 30.79
N ALA B 119 14.23 -64.14 31.75
CA ALA B 119 14.13 -63.82 33.16
C ALA B 119 15.07 -62.68 33.53
N ALA B 120 16.29 -62.72 33.00
CA ALA B 120 17.26 -61.68 33.30
C ALA B 120 16.72 -60.35 32.80
N TYR B 121 16.14 -60.38 31.62
CA TYR B 121 15.50 -59.20 31.04
C TYR B 121 14.47 -58.61 31.98
N GLN B 122 13.56 -59.43 32.44
CA GLN B 122 12.48 -58.95 33.28
C GLN B 122 13.04 -58.43 34.61
N ARG B 123 14.00 -59.15 35.17
CA ARG B 123 14.64 -58.75 36.40
C ARG B 123 15.20 -57.35 36.24
N VAL B 124 15.91 -57.12 35.13
CA VAL B 124 16.49 -55.82 34.90
C VAL B 124 15.43 -54.73 34.74
N VAL B 125 14.52 -54.94 33.80
CA VAL B 125 13.50 -53.95 33.54
C VAL B 125 12.62 -53.66 34.76
N ARG B 126 12.29 -54.69 35.53
CA ARG B 126 11.42 -54.53 36.68
C ARG B 126 12.05 -53.58 37.72
N THR B 127 13.34 -53.74 37.99
CA THR B 127 14.02 -52.90 38.97
C THR B 127 14.33 -51.52 38.39
N ASN B 128 15.00 -51.51 37.24
CA ASN B 128 15.46 -50.26 36.66
C ASN B 128 14.36 -49.37 36.10
N LEU B 129 13.38 -49.95 35.44
CA LEU B 129 12.33 -49.11 34.88
C LEU B 129 11.11 -49.02 35.79
N ASP B 130 10.38 -50.13 35.94
CA ASP B 130 9.19 -50.19 36.79
C ASP B 130 9.42 -49.58 38.18
N GLY B 131 10.53 -49.97 38.81
CA GLY B 131 10.91 -49.47 40.14
C GLY B 131 10.90 -47.96 40.22
N VAL B 132 11.45 -47.28 39.22
CA VAL B 132 11.44 -45.83 39.18
C VAL B 132 10.02 -45.29 38.99
N PHE B 133 9.24 -45.97 38.16
CA PHE B 133 7.86 -45.55 38.00
C PHE B 133 7.12 -45.65 39.33
N TYR B 134 7.22 -46.80 39.99
CA TYR B 134 6.58 -46.97 41.29
C TYR B 134 7.09 -45.93 42.28
N SER B 135 8.38 -45.61 42.19
CA SER B 135 8.96 -44.70 43.15
C SER B 135 8.28 -43.33 43.03
N MET B 136 8.18 -42.83 41.80
CA MET B 136 7.53 -41.57 41.55
C MET B 136 6.03 -41.64 41.85
N ARG B 137 5.42 -42.77 41.48
CA ARG B 137 3.97 -42.99 41.66
C ARG B 137 3.51 -42.62 43.06
N TYR B 138 4.29 -43.00 44.08
CA TYR B 138 3.97 -42.64 45.45
C TYR B 138 4.70 -41.39 45.97
N GLU B 139 5.92 -41.13 45.49
CA GLU B 139 6.63 -39.90 45.86
C GLU B 139 5.78 -38.66 45.56
N LEU B 140 5.26 -38.56 44.33
CA LEU B 140 4.57 -37.36 43.88
C LEU B 140 3.38 -36.92 44.76
N PRO B 141 2.47 -37.86 45.08
CA PRO B 141 1.38 -37.38 45.94
C PRO B 141 1.92 -36.86 47.27
N ALA B 142 2.79 -37.63 47.92
CA ALA B 142 3.34 -37.21 49.21
C ALA B 142 4.03 -35.84 49.18
N ILE B 143 4.70 -35.54 48.07
CA ILE B 143 5.37 -34.26 47.91
C ILE B 143 4.36 -33.16 47.58
N GLU B 144 3.38 -33.52 46.76
CA GLU B 144 2.44 -32.54 46.29
C GLU B 144 1.48 -32.13 47.38
N ALA B 145 1.04 -33.11 48.18
CA ALA B 145 0.08 -32.85 49.25
C ALA B 145 0.69 -31.98 50.34
N ALA B 146 2.02 -31.86 50.32
CA ALA B 146 2.78 -31.22 51.38
C ALA B 146 2.41 -29.77 51.78
N GLY B 147 2.24 -28.83 50.85
CA GLY B 147 2.51 -28.98 49.44
C GLY B 147 3.47 -27.88 49.03
N LYS B 148 4.70 -27.99 49.50
CA LYS B 148 5.65 -26.90 49.36
C LYS B 148 6.49 -27.05 48.10
N GLY B 149 5.92 -27.66 47.08
CA GLY B 149 6.67 -27.99 45.88
C GLY B 149 7.73 -29.01 46.25
N GLY B 150 8.65 -29.28 45.33
CA GLY B 150 9.67 -30.29 45.56
C GLY B 150 10.45 -30.63 44.32
N SER B 151 11.31 -31.64 44.43
CA SER B 151 12.27 -31.95 43.38
C SER B 151 12.59 -33.43 43.39
N ILE B 152 12.58 -34.04 42.21
CA ILE B 152 12.90 -35.45 42.05
C ILE B 152 14.02 -35.58 41.04
N VAL B 153 14.99 -36.45 41.34
CA VAL B 153 16.02 -36.82 40.37
C VAL B 153 16.07 -38.33 40.14
N ASN B 154 15.87 -38.73 38.89
CA ASN B 154 15.98 -40.14 38.49
C ASN B 154 17.35 -40.51 37.94
N VAL B 155 17.94 -41.55 38.52
CA VAL B 155 19.24 -41.96 38.04
C VAL B 155 19.08 -42.82 36.80
N ALA B 156 19.42 -42.25 35.64
CA ALA B 156 19.43 -43.04 34.40
C ALA B 156 20.83 -43.51 34.11
N SER B 157 21.35 -43.16 32.93
CA SER B 157 22.69 -43.53 32.50
C SER B 157 22.95 -42.94 31.13
N ILE B 158 24.24 -42.91 30.74
CA ILE B 158 24.57 -42.71 29.33
C ILE B 158 23.80 -43.70 28.49
N LEU B 159 23.54 -44.89 29.04
CA LEU B 159 22.85 -45.92 28.30
C LEU B 159 21.35 -45.67 28.24
N GLY B 160 20.93 -44.53 28.81
CA GLY B 160 19.60 -43.99 28.60
C GLY B 160 19.54 -43.11 27.35
N SER B 161 20.69 -42.85 26.72
CA SER B 161 20.69 -42.04 25.49
C SER B 161 21.47 -42.64 24.33
N VAL B 162 22.39 -43.56 24.62
CA VAL B 162 23.07 -44.35 23.59
C VAL B 162 22.97 -45.81 23.99
N GLY B 163 23.22 -46.68 23.02
CA GLY B 163 23.14 -48.11 23.24
C GLY B 163 24.45 -48.68 23.72
N PHE B 164 24.41 -49.94 24.13
CA PHE B 164 25.63 -50.67 24.49
C PHE B 164 25.49 -52.14 24.11
N ALA B 165 26.41 -52.60 23.29
CA ALA B 165 26.42 -53.98 22.83
C ALA B 165 26.39 -54.92 24.03
N GLY B 166 25.43 -55.83 24.05
CA GLY B 166 25.35 -56.81 25.11
C GLY B 166 24.49 -56.48 26.32
N SER B 167 24.03 -55.24 26.45
CA SER B 167 23.13 -54.95 27.57
C SER B 167 21.79 -54.38 27.13
N PRO B 168 21.04 -55.10 26.26
CA PRO B 168 19.80 -54.54 25.70
C PRO B 168 18.76 -54.20 26.76
N ALA B 169 18.60 -55.05 27.77
CA ALA B 169 17.60 -54.83 28.82
C ALA B 169 17.91 -53.56 29.61
N TYR B 170 19.16 -53.49 30.09
CA TYR B 170 19.68 -52.33 30.79
C TYR B 170 19.49 -51.06 29.94
N VAL B 171 19.97 -51.08 28.70
CA VAL B 171 19.79 -49.94 27.80
C VAL B 171 18.32 -49.57 27.64
N ALA B 172 17.45 -50.57 27.54
CA ALA B 172 16.02 -50.31 27.37
C ALA B 172 15.49 -49.58 28.58
N ALA B 173 15.73 -50.16 29.74
CA ALA B 173 15.24 -49.65 30.99
C ALA B 173 15.64 -48.19 31.15
N LYS B 174 16.92 -47.93 30.91
CA LYS B 174 17.50 -46.63 31.18
C LYS B 174 16.97 -45.54 30.24
N HIS B 175 16.82 -45.87 28.96
CA HIS B 175 16.03 -45.04 28.05
C HIS B 175 14.65 -44.74 28.65
N GLY B 176 14.02 -45.79 29.17
CA GLY B 176 12.72 -45.67 29.77
C GLY B 176 12.67 -44.69 30.92
N VAL B 177 13.75 -44.65 31.70
CA VAL B 177 13.83 -43.70 32.81
C VAL B 177 13.84 -42.28 32.28
N VAL B 178 14.52 -42.10 31.17
CA VAL B 178 14.56 -40.79 30.52
C VAL B 178 13.16 -40.34 30.10
N GLY B 179 12.42 -41.24 29.47
CA GLY B 179 11.07 -40.93 29.06
C GLY B 179 10.14 -40.71 30.24
N LEU B 180 10.32 -41.53 31.27
CA LEU B 180 9.55 -41.41 32.49
C LEU B 180 9.76 -40.01 33.06
N THR B 181 10.99 -39.54 32.93
CA THR B 181 11.36 -38.25 33.48
C THR B 181 10.70 -37.10 32.71
N LYS B 182 10.71 -37.18 31.38
CA LYS B 182 10.11 -36.12 30.57
C LYS B 182 8.61 -35.97 30.74
N ALA B 183 7.89 -37.09 30.74
CA ALA B 183 6.44 -37.04 30.82
C ALA B 183 6.02 -36.48 32.17
N ALA B 184 6.63 -37.01 33.21
CA ALA B 184 6.34 -36.61 34.57
C ALA B 184 6.63 -35.13 34.79
N ALA B 185 7.73 -34.66 34.21
CA ALA B 185 8.13 -33.27 34.38
C ALA B 185 7.19 -32.34 33.65
N ALA B 186 6.70 -32.81 32.52
CA ALA B 186 5.73 -32.05 31.76
C ALA B 186 4.44 -31.94 32.55
N GLU B 187 4.12 -32.99 33.30
CA GLU B 187 2.90 -33.06 34.10
C GLU B 187 2.95 -32.19 35.36
N TYR B 188 4.14 -32.04 35.95
CA TYR B 188 4.25 -31.48 37.31
C TYR B 188 4.97 -30.14 37.44
N ALA B 189 5.68 -29.73 36.38
CA ALA B 189 6.53 -28.53 36.45
C ALA B 189 5.78 -27.31 36.91
N ALA B 190 4.53 -27.20 36.48
CA ALA B 190 3.70 -26.05 36.78
C ALA B 190 3.15 -26.10 38.22
N ARG B 191 2.98 -27.29 38.76
CA ARG B 191 2.62 -27.42 40.16
C ARG B 191 3.85 -27.40 41.07
N GLY B 192 4.95 -26.85 40.56
CA GLY B 192 6.15 -26.63 41.35
C GLY B 192 6.93 -27.86 41.78
N ILE B 193 6.80 -28.96 41.03
CA ILE B 193 7.64 -30.12 41.26
C ILE B 193 8.57 -30.36 40.06
N ARG B 194 9.86 -30.16 40.28
CA ARG B 194 10.84 -30.38 39.23
C ARG B 194 11.25 -31.83 39.19
N ILE B 195 11.28 -32.40 37.98
CA ILE B 195 11.78 -33.74 37.77
C ILE B 195 12.80 -33.77 36.64
N ASN B 196 13.98 -34.29 36.94
CA ASN B 196 15.07 -34.37 35.97
C ASN B 196 15.75 -35.72 36.06
N ALA B 197 16.62 -36.01 35.11
CA ALA B 197 17.39 -37.26 35.19
C ALA B 197 18.89 -36.99 34.97
N VAL B 198 19.72 -37.86 35.51
CA VAL B 198 21.14 -37.78 35.30
C VAL B 198 21.58 -39.00 34.48
N GLY B 199 22.55 -38.81 33.60
CA GLY B 199 23.12 -39.93 32.87
C GLY B 199 24.62 -40.04 33.10
N PRO B 200 25.01 -40.79 34.15
CA PRO B 200 26.44 -40.97 34.40
C PRO B 200 27.10 -41.97 33.45
N GLY B 201 28.39 -41.76 33.16
CA GLY B 201 29.19 -42.71 32.42
C GLY B 201 29.56 -43.87 33.33
N PHE B 202 30.55 -44.66 32.93
CA PHE B 202 30.98 -45.77 33.79
C PHE B 202 31.71 -45.25 35.04
N ILE B 203 31.30 -45.75 36.20
CA ILE B 203 31.81 -45.29 37.48
C ILE B 203 32.68 -46.35 38.20
N ASP B 204 33.83 -45.92 38.72
CA ASP B 204 34.67 -46.75 39.59
C ASP B 204 33.87 -47.36 40.72
N THR B 205 33.96 -48.66 40.87
CA THR B 205 33.28 -49.38 41.95
C THR B 205 34.15 -50.58 42.34
N PRO B 206 33.89 -51.19 43.51
CA PRO B 206 34.70 -52.38 43.87
C PRO B 206 34.66 -53.48 42.81
N LEU B 207 33.48 -53.81 42.31
CA LEU B 207 33.33 -54.88 41.32
C LEU B 207 33.90 -54.52 39.95
N LEU B 208 33.78 -53.26 39.54
CA LEU B 208 34.41 -52.80 38.29
C LEU B 208 35.93 -52.82 38.42
N LYS B 209 36.41 -52.63 39.65
CA LYS B 209 37.84 -52.70 39.96
C LYS B 209 38.32 -54.14 40.18
N THR B 210 37.51 -55.12 39.75
CA THR B 210 37.93 -56.51 39.74
C THR B 210 38.12 -57.01 38.31
N MET B 211 37.60 -56.25 37.34
CA MET B 211 37.79 -56.50 35.92
C MET B 211 39.27 -56.67 35.61
N GLU B 212 39.57 -57.37 34.52
CA GLU B 212 40.96 -57.51 34.11
C GLU B 212 41.41 -56.24 33.35
N GLU B 213 42.73 -56.08 33.22
CA GLU B 213 43.33 -54.89 32.63
C GLU B 213 42.75 -54.55 31.28
N ALA B 214 42.63 -55.55 30.43
CA ALA B 214 42.11 -55.37 29.08
C ALA B 214 40.72 -54.71 29.07
N ALA B 215 39.81 -55.19 29.92
CA ALA B 215 38.44 -54.70 29.93
C ALA B 215 38.30 -53.29 30.51
N TYR B 216 38.80 -53.11 31.72
CA TYR B 216 38.80 -51.82 32.38
C TYR B 216 39.39 -50.73 31.48
N LYS B 217 40.52 -51.05 30.84
CA LYS B 217 41.14 -50.15 29.88
C LYS B 217 40.19 -49.84 28.71
N GLY B 218 39.43 -50.85 28.29
CA GLY B 218 38.51 -50.69 27.19
C GLY B 218 37.43 -49.67 27.53
N LEU B 219 36.88 -49.81 28.73
CA LEU B 219 35.85 -48.92 29.24
C LEU B 219 36.42 -47.51 29.34
N VAL B 220 37.63 -47.41 29.88
CA VAL B 220 38.31 -46.13 30.03
C VAL B 220 38.45 -45.38 28.71
N ALA B 221 38.87 -46.08 27.66
CA ALA B 221 39.13 -45.45 26.35
C ALA B 221 37.86 -44.95 25.68
N LEU B 222 36.71 -45.36 26.19
CA LEU B 222 35.42 -44.90 25.68
C LEU B 222 35.06 -43.53 26.27
N HIS B 223 35.80 -43.08 27.29
CA HIS B 223 35.58 -41.78 27.94
C HIS B 223 36.74 -40.82 27.63
N PRO B 224 36.53 -39.85 26.71
CA PRO B 224 37.64 -38.97 26.32
C PRO B 224 38.37 -38.32 27.50
N ALA B 225 37.64 -38.11 28.59
CA ALA B 225 38.23 -37.73 29.87
C ALA B 225 39.49 -38.53 30.26
N GLY B 226 39.54 -39.81 29.90
CA GLY B 226 40.72 -40.60 30.16
C GLY B 226 40.65 -41.40 31.45
N ARG B 227 39.51 -41.31 32.14
CA ARG B 227 39.27 -42.08 33.35
C ARG B 227 37.79 -42.42 33.51
N LEU B 228 37.49 -43.30 34.45
CA LEU B 228 36.11 -43.55 34.86
C LEU B 228 35.69 -42.46 35.85
N GLY B 229 34.39 -42.36 36.12
CA GLY B 229 33.94 -41.40 37.11
C GLY B 229 33.95 -41.96 38.53
N ARG B 230 33.72 -41.09 39.50
CA ARG B 230 33.60 -41.52 40.88
C ARG B 230 32.18 -41.26 41.36
N SER B 231 31.74 -42.01 42.38
CA SER B 231 30.37 -41.87 42.88
C SER B 231 30.06 -40.44 43.26
N ASP B 232 30.90 -39.86 44.12
CA ASP B 232 30.83 -38.45 44.54
C ASP B 232 30.55 -37.53 43.41
N GLU B 233 31.15 -37.82 42.29
CA GLU B 233 31.00 -36.92 41.14
C GLU B 233 29.58 -36.96 40.56
N VAL B 234 28.91 -38.11 40.67
CA VAL B 234 27.50 -38.20 40.29
C VAL B 234 26.62 -37.57 41.36
N ALA B 235 26.99 -37.78 42.62
CA ALA B 235 26.30 -37.16 43.74
C ALA B 235 26.16 -35.62 43.63
N GLU B 236 27.23 -34.94 43.18
CA GLU B 236 27.19 -33.47 42.99
C GLU B 236 26.17 -33.00 41.94
N LEU B 237 26.01 -33.77 40.87
CA LEU B 237 25.10 -33.37 39.81
C LEU B 237 23.68 -33.52 40.34
N ILE B 238 23.43 -34.66 40.97
CA ILE B 238 22.12 -34.99 41.50
C ILE B 238 21.64 -33.94 42.51
N VAL B 239 22.52 -33.59 43.45
CA VAL B 239 22.18 -32.71 44.58
C VAL B 239 21.97 -31.27 44.09
N PHE B 240 22.75 -30.86 43.09
CA PHE B 240 22.47 -29.60 42.40
C PHE B 240 21.05 -29.51 41.79
N LEU B 241 20.68 -30.50 40.98
CA LEU B 241 19.38 -30.55 40.34
C LEU B 241 18.26 -30.61 41.39
N LEU B 242 18.55 -31.21 42.54
CA LEU B 242 17.61 -31.23 43.64
C LEU B 242 17.45 -29.84 44.30
N SER B 243 18.49 -29.02 44.20
CA SER B 243 18.55 -27.77 44.95
C SER B 243 17.80 -26.64 44.28
N ASP B 244 17.48 -25.62 45.07
CA ASP B 244 16.74 -24.44 44.60
C ASP B 244 17.50 -23.62 43.55
N ARG B 245 18.81 -23.84 43.43
CA ARG B 245 19.61 -23.15 42.44
C ARG B 245 19.19 -23.58 41.05
N ALA B 246 18.75 -24.83 40.93
CA ALA B 246 18.28 -25.39 39.66
C ALA B 246 16.77 -25.25 39.47
N SER B 247 16.20 -24.17 40.02
CA SER B 247 14.75 -23.96 39.96
C SER B 247 14.13 -23.88 38.54
N PHE B 248 14.94 -23.60 37.52
CA PHE B 248 14.41 -23.60 36.16
C PHE B 248 14.89 -24.80 35.34
N VAL B 249 15.39 -25.82 36.04
CA VAL B 249 15.82 -27.05 35.39
C VAL B 249 14.75 -28.13 35.61
N ALA B 250 14.05 -28.50 34.54
CA ALA B 250 12.91 -29.38 34.64
C ALA B 250 12.77 -30.21 33.36
N GLY B 251 12.54 -31.51 33.50
CA GLY B 251 12.30 -32.37 32.35
C GLY B 251 13.55 -32.79 31.61
N SER B 252 14.69 -32.38 32.10
CA SER B 252 15.91 -32.52 31.35
C SER B 252 16.79 -33.64 31.87
N TYR B 253 17.76 -34.04 31.04
CA TYR B 253 18.60 -35.20 31.28
C TYR B 253 20.01 -34.68 31.27
N HIS B 254 20.73 -34.90 32.37
CA HIS B 254 22.02 -34.25 32.59
C HIS B 254 23.19 -35.22 32.70
N LEU B 255 24.07 -35.11 31.71
CA LEU B 255 25.16 -36.07 31.59
C LEU B 255 26.28 -35.81 32.58
N VAL B 256 26.90 -36.90 33.01
CA VAL B 256 28.11 -36.80 33.79
C VAL B 256 28.95 -38.02 33.39
N ASP B 257 29.58 -37.91 32.22
CA ASP B 257 30.13 -39.06 31.52
C ASP B 257 31.54 -38.88 30.91
N GLY B 258 32.26 -37.86 31.34
CA GLY B 258 33.59 -37.61 30.79
C GLY B 258 33.60 -37.52 29.28
N ALA B 259 32.50 -37.01 28.73
CA ALA B 259 32.32 -36.78 27.29
C ALA B 259 32.17 -38.06 26.46
N TYR B 260 31.73 -39.14 27.11
CA TYR B 260 31.48 -40.44 26.48
C TYR B 260 30.51 -40.32 25.29
N THR B 261 29.45 -39.52 25.48
CA THR B 261 28.42 -39.38 24.44
C THR B 261 28.66 -38.22 23.46
N ALA B 262 29.77 -37.51 23.62
CA ALA B 262 30.08 -36.33 22.79
C ALA B 262 30.71 -36.73 21.46
N VAL B 263 31.02 -38.02 21.35
CA VAL B 263 31.61 -38.60 20.16
C VAL B 263 30.81 -39.81 19.67
N THR C 7 38.64 -30.17 50.30
CA THR C 7 37.33 -30.69 50.69
C THR C 7 36.22 -29.69 50.38
N PRO C 8 35.27 -30.10 49.53
CA PRO C 8 34.27 -29.15 49.02
C PRO C 8 33.40 -28.57 50.13
N ALA C 9 32.92 -29.41 51.03
CA ALA C 9 32.09 -28.92 52.14
C ALA C 9 32.89 -28.13 53.19
N THR C 10 34.17 -28.46 53.36
CA THR C 10 35.04 -27.67 54.25
C THR C 10 35.30 -26.26 53.67
N THR C 11 35.49 -26.19 52.35
CA THR C 11 35.78 -24.93 51.65
C THR C 11 34.54 -24.05 51.58
N GLY C 12 33.39 -24.65 51.31
CA GLY C 12 32.14 -23.92 51.37
C GLY C 12 31.82 -23.08 50.13
N TYR C 13 30.92 -22.12 50.32
CA TYR C 13 30.35 -21.37 49.21
C TYR C 13 31.23 -20.19 48.83
N ALA C 14 31.45 -19.28 49.79
CA ALA C 14 32.10 -18.01 49.56
C ALA C 14 33.54 -18.09 49.04
N ALA C 15 34.20 -19.22 49.24
CA ALA C 15 35.60 -19.36 48.84
C ALA C 15 35.79 -20.42 47.76
N GLU C 16 34.68 -20.94 47.25
CA GLU C 16 34.72 -22.01 46.25
C GLU C 16 35.66 -21.70 45.08
N PHE C 17 35.68 -20.43 44.65
CA PHE C 17 36.42 -20.00 43.47
C PHE C 17 37.58 -19.04 43.78
N ALA C 18 38.05 -19.04 45.03
CA ALA C 18 39.07 -18.09 45.46
C ALA C 18 40.40 -18.33 44.74
N GLY C 19 40.94 -17.31 44.09
CA GLY C 19 42.17 -17.45 43.34
C GLY C 19 41.88 -17.57 41.85
N ARG C 20 40.85 -18.36 41.54
CA ARG C 20 40.52 -18.64 40.15
C ARG C 20 40.13 -17.34 39.41
N THR C 21 40.68 -17.15 38.22
CA THR C 21 40.26 -16.05 37.38
C THR C 21 39.21 -16.46 36.34
N ALA C 22 38.11 -15.72 36.30
CA ALA C 22 37.02 -16.04 35.38
C ALA C 22 36.76 -14.91 34.39
N LEU C 23 36.74 -15.24 33.10
CA LEU C 23 36.41 -14.32 32.05
C LEU C 23 35.00 -14.61 31.57
N VAL C 24 34.15 -13.57 31.55
CA VAL C 24 32.78 -13.71 31.06
C VAL C 24 32.45 -12.74 29.91
N THR C 25 32.09 -13.26 28.74
CA THR C 25 31.72 -12.39 27.64
C THR C 25 30.23 -12.04 27.69
N GLY C 26 29.88 -10.88 27.14
CA GLY C 26 28.51 -10.43 27.17
C GLY C 26 28.02 -10.11 28.57
N ALA C 27 28.94 -9.71 29.44
CA ALA C 27 28.67 -9.66 30.88
C ALA C 27 28.12 -8.33 31.43
N ALA C 28 27.77 -7.40 30.54
CA ALA C 28 27.19 -6.14 31.00
C ALA C 28 25.72 -6.28 31.43
N SER C 29 25.02 -7.29 30.92
CA SER C 29 23.66 -7.52 31.35
C SER C 29 23.22 -8.96 31.19
N GLY C 30 21.92 -9.18 31.42
CA GLY C 30 21.31 -10.48 31.29
C GLY C 30 22.02 -11.61 32.01
N ILE C 31 22.20 -12.69 31.28
CA ILE C 31 22.78 -13.90 31.81
C ILE C 31 24.25 -13.67 32.21
N GLY C 32 24.93 -12.84 31.44
CA GLY C 32 26.35 -12.57 31.65
C GLY C 32 26.58 -11.85 32.96
N LEU C 33 25.81 -10.79 33.20
CA LEU C 33 25.91 -10.05 34.44
C LEU C 33 25.60 -10.94 35.63
N ALA C 34 24.51 -11.70 35.56
CA ALA C 34 24.13 -12.58 36.66
C ALA C 34 25.22 -13.61 36.92
N THR C 35 25.78 -14.14 35.84
CA THR C 35 26.87 -15.11 35.94
C THR C 35 28.13 -14.48 36.54
N ALA C 36 28.46 -13.26 36.12
CA ALA C 36 29.56 -12.51 36.74
C ALA C 36 29.34 -12.36 38.25
N ARG C 37 28.11 -12.04 38.64
CA ARG C 37 27.79 -11.87 40.05
C ARG C 37 27.91 -13.16 40.86
N ARG C 38 27.42 -14.26 40.29
CA ARG C 38 27.45 -15.55 40.97
C ARG C 38 28.87 -16.08 41.16
N LEU C 39 29.76 -15.86 40.18
CA LEU C 39 31.17 -16.19 40.38
C LEU C 39 31.80 -15.33 41.49
N GLY C 40 31.47 -14.05 41.49
CA GLY C 40 32.04 -13.14 42.46
C GLY C 40 31.65 -13.54 43.87
N ALA C 41 30.38 -13.92 44.02
CA ALA C 41 29.85 -14.31 45.33
C ALA C 41 30.55 -15.57 45.83
N GLY C 42 31.02 -16.39 44.91
CA GLY C 42 31.76 -17.58 45.26
C GLY C 42 33.24 -17.29 45.41
N GLY C 43 33.62 -16.02 45.34
CA GLY C 43 34.99 -15.59 45.52
C GLY C 43 35.92 -15.58 44.31
N ALA C 44 35.38 -15.63 43.11
CA ALA C 44 36.22 -15.54 41.89
C ALA C 44 36.71 -14.12 41.60
N ARG C 45 37.84 -14.03 40.93
CA ARG C 45 38.32 -12.78 40.33
C ARG C 45 37.66 -12.63 38.98
N VAL C 46 36.98 -11.53 38.74
CA VAL C 46 36.08 -11.48 37.58
C VAL C 46 36.44 -10.47 36.47
N VAL C 47 36.54 -10.96 35.24
CA VAL C 47 36.72 -10.11 34.08
C VAL C 47 35.39 -9.90 33.33
N VAL C 48 34.82 -8.71 33.47
CA VAL C 48 33.60 -8.32 32.77
C VAL C 48 33.91 -7.84 31.36
N ALA C 49 33.65 -8.69 30.36
CA ALA C 49 33.91 -8.34 28.97
C ALA C 49 32.61 -8.09 28.22
N ASP C 50 32.56 -7.01 27.45
CA ASP C 50 31.37 -6.67 26.69
C ASP C 50 31.68 -5.77 25.50
N PHE C 51 30.74 -5.73 24.55
CA PHE C 51 30.83 -4.83 23.41
C PHE C 51 30.46 -3.41 23.84
N ASN C 52 29.55 -3.30 24.81
CA ASN C 52 29.27 -2.05 25.52
C ASN C 52 30.32 -1.76 26.61
N ALA C 53 31.36 -1.01 26.27
CA ALA C 53 32.47 -0.75 27.18
C ALA C 53 32.03 -0.04 28.47
N GLU C 54 31.04 0.83 28.34
CA GLU C 54 30.53 1.57 29.49
C GLU C 54 29.71 0.65 30.39
N GLY C 55 28.96 -0.25 29.77
CA GLY C 55 28.16 -1.23 30.49
C GLY C 55 29.07 -2.19 31.24
N ALA C 56 30.25 -2.45 30.69
CA ALA C 56 31.23 -3.33 31.32
C ALA C 56 31.75 -2.67 32.59
N GLU C 57 32.26 -1.45 32.43
CA GLU C 57 32.83 -0.72 33.54
C GLU C 57 31.83 -0.58 34.66
N LYS C 58 30.57 -0.31 34.32
CA LYS C 58 29.55 -0.17 35.34
C LYS C 58 29.38 -1.47 36.14
N ALA C 59 29.36 -2.59 35.43
CA ALA C 59 29.24 -3.91 36.07
C ALA C 59 30.42 -4.21 37.00
N ALA C 60 31.63 -3.94 36.52
CA ALA C 60 32.84 -4.21 37.29
C ALA C 60 32.88 -3.34 38.54
N ALA C 61 32.55 -2.06 38.36
CA ALA C 61 32.57 -1.13 39.46
C ALA C 61 31.59 -1.58 40.54
N GLU C 62 30.36 -1.87 40.16
CA GLU C 62 29.36 -2.26 41.14
C GLU C 62 29.68 -3.63 41.75
N LEU C 63 30.42 -4.46 41.03
CA LEU C 63 30.96 -5.68 41.64
C LEU C 63 31.98 -5.30 42.72
N ARG C 64 32.79 -4.30 42.44
CA ARG C 64 33.85 -3.94 43.36
C ARG C 64 33.32 -3.34 44.66
N ALA C 65 32.17 -2.66 44.58
CA ALA C 65 31.54 -2.08 45.76
C ALA C 65 30.90 -3.18 46.59
N GLY C 66 30.50 -4.25 45.92
CA GLY C 66 30.00 -5.43 46.59
C GLY C 66 31.16 -6.23 47.13
N GLY C 67 32.37 -5.71 46.96
CA GLY C 67 33.56 -6.34 47.50
C GLY C 67 34.09 -7.51 46.71
N VAL C 68 33.83 -7.51 45.41
CA VAL C 68 34.36 -8.54 44.52
C VAL C 68 35.58 -7.97 43.80
N GLU C 69 36.55 -8.81 43.48
CA GLU C 69 37.67 -8.38 42.65
C GLU C 69 37.25 -8.47 41.20
N ALA C 70 37.25 -7.35 40.50
CA ALA C 70 36.73 -7.31 39.14
C ALA C 70 37.34 -6.22 38.28
N ALA C 71 37.41 -6.47 36.98
CA ALA C 71 37.89 -5.50 36.00
C ALA C 71 37.12 -5.64 34.70
N ALA C 72 36.84 -4.52 34.04
CA ALA C 72 36.13 -4.52 32.76
C ALA C 72 37.09 -4.50 31.57
N VAL C 73 36.60 -5.01 30.43
CA VAL C 73 37.34 -4.88 29.20
C VAL C 73 36.37 -4.84 28.04
N GLU C 74 36.66 -3.96 27.09
CA GLU C 74 35.92 -3.87 25.84
C GLU C 74 36.23 -5.08 24.98
N LEU C 75 35.18 -5.74 24.48
CA LEU C 75 35.35 -6.93 23.65
C LEU C 75 34.32 -7.00 22.50
N ASP C 76 34.79 -7.40 21.33
CA ASP C 76 33.93 -7.63 20.18
C ASP C 76 34.25 -9.02 19.66
N VAL C 77 33.46 -10.01 20.07
CA VAL C 77 33.77 -11.39 19.71
C VAL C 77 33.86 -11.65 18.20
N THR C 78 33.41 -10.72 17.36
CA THR C 78 33.51 -10.94 15.93
C THR C 78 34.93 -10.75 15.43
N ARG C 79 35.75 -10.15 16.28
CA ARG C 79 37.13 -9.82 15.92
C ARG C 79 38.16 -10.60 16.75
N PRO C 80 38.77 -11.62 16.12
CA PRO C 80 39.71 -12.54 16.77
C PRO C 80 40.74 -11.77 17.55
N GLU C 81 41.18 -10.64 17.00
CA GLU C 81 42.18 -9.80 17.64
C GLU C 81 41.66 -9.20 18.94
N SER C 82 40.40 -8.78 18.93
CA SER C 82 39.76 -8.25 20.14
C SER C 82 39.64 -9.36 21.18
N VAL C 83 39.33 -10.56 20.71
CA VAL C 83 39.17 -11.69 21.61
C VAL C 83 40.51 -12.01 22.25
N GLU C 84 41.56 -12.09 21.44
CA GLU C 84 42.89 -12.39 21.99
C GLU C 84 43.26 -11.39 23.08
N ALA C 85 43.18 -10.09 22.76
CA ALA C 85 43.53 -9.00 23.69
C ALA C 85 42.77 -9.05 25.00
N ALA C 86 41.47 -9.34 24.92
CA ALA C 86 40.64 -9.49 26.10
C ALA C 86 41.14 -10.62 27.01
N VAL C 87 41.51 -11.74 26.42
CA VAL C 87 42.04 -12.86 27.19
C VAL C 87 43.36 -12.45 27.85
N GLY C 88 44.24 -11.84 27.05
CA GLY C 88 45.52 -11.33 27.54
C GLY C 88 45.32 -10.33 28.65
N PHE C 89 44.24 -9.56 28.55
CA PHE C 89 43.89 -8.61 29.59
C PHE C 89 43.62 -9.34 30.90
N ALA C 90 42.87 -10.44 30.84
CA ALA C 90 42.54 -11.19 32.07
C ALA C 90 43.80 -11.76 32.72
N VAL C 91 44.64 -12.42 31.93
CA VAL C 91 45.90 -12.98 32.42
C VAL C 91 46.84 -11.88 32.96
N ASP C 92 46.89 -10.74 32.27
CA ASP C 92 47.72 -9.62 32.69
C ASP C 92 47.21 -9.01 33.98
N THR C 93 45.88 -9.00 34.13
CA THR C 93 45.23 -8.35 35.27
C THR C 93 45.19 -9.22 36.54
N PHE C 94 44.95 -10.52 36.39
CA PHE C 94 44.78 -11.37 37.56
C PHE C 94 45.80 -12.51 37.64
N GLY C 95 46.63 -12.66 36.62
CA GLY C 95 47.73 -13.63 36.65
C GLY C 95 47.47 -15.06 36.16
N SER C 96 46.24 -15.33 35.68
CA SER C 96 45.88 -16.62 35.08
C SER C 96 44.55 -16.54 34.34
N LEU C 97 44.09 -17.66 33.83
CA LEU C 97 42.72 -17.79 33.34
C LEU C 97 42.32 -19.20 33.63
N ASP C 98 41.16 -19.40 34.24
CA ASP C 98 40.78 -20.68 34.81
C ASP C 98 39.40 -21.12 34.40
N LEU C 99 38.48 -20.16 34.38
CA LEU C 99 37.12 -20.41 33.99
C LEU C 99 36.78 -19.37 32.94
N ALA C 100 35.99 -19.75 31.94
CA ALA C 100 35.48 -18.77 30.99
C ALA C 100 34.08 -19.12 30.56
N VAL C 101 33.27 -18.10 30.32
CA VAL C 101 31.87 -18.27 29.99
C VAL C 101 31.59 -17.48 28.73
N ASN C 102 31.38 -18.18 27.63
CA ASN C 102 31.12 -17.50 26.38
C ASN C 102 29.64 -17.22 26.22
N ASN C 103 29.22 -16.09 26.77
CA ASN C 103 27.80 -15.76 26.87
C ASN C 103 27.33 -14.73 25.83
N ALA C 104 28.27 -14.02 25.19
CA ALA C 104 27.92 -12.99 24.23
C ALA C 104 27.11 -13.50 23.02
N GLY C 105 26.05 -12.79 22.68
CA GLY C 105 25.22 -13.18 21.56
C GLY C 105 24.15 -12.15 21.21
N ILE C 106 23.51 -12.35 20.06
CA ILE C 106 22.31 -11.63 19.64
C ILE C 106 21.53 -12.78 18.99
N GLY C 107 20.24 -12.64 18.64
CA GLY C 107 19.50 -11.42 18.51
C GLY C 107 18.79 -11.70 17.19
N GLY C 108 18.92 -10.80 16.23
CA GLY C 108 18.43 -11.06 14.89
C GLY C 108 16.94 -10.92 14.66
N PRO C 109 16.55 -10.48 13.45
CA PRO C 109 15.16 -10.32 13.03
C PRO C 109 14.44 -11.66 12.90
N SER C 110 13.10 -11.60 12.87
CA SER C 110 12.26 -12.80 12.69
C SER C 110 11.60 -12.77 11.32
N ALA C 111 11.91 -13.78 10.50
CA ALA C 111 11.42 -13.86 9.12
C ALA C 111 11.72 -15.25 8.58
N PRO C 112 10.89 -15.77 7.67
CA PRO C 112 11.12 -17.13 7.17
C PRO C 112 12.39 -17.20 6.33
N THR C 113 12.96 -18.40 6.22
CA THR C 113 14.23 -18.62 5.52
C THR C 113 14.24 -18.04 4.10
N GLY C 114 13.12 -18.12 3.40
CA GLY C 114 13.08 -17.67 2.02
C GLY C 114 13.18 -16.16 1.95
N GLU C 115 12.79 -15.50 3.01
CA GLU C 115 12.76 -14.04 3.04
C GLU C 115 13.83 -13.45 3.97
N TYR C 116 14.63 -14.31 4.60
CA TYR C 116 15.59 -13.85 5.61
C TYR C 116 16.70 -12.98 5.05
N ASP C 117 16.83 -11.78 5.61
CA ASP C 117 17.90 -10.86 5.23
C ASP C 117 19.30 -11.48 5.34
N VAL C 118 20.05 -11.45 4.24
CA VAL C 118 21.35 -12.08 4.15
C VAL C 118 22.41 -11.47 5.09
N ALA C 119 22.47 -10.13 5.11
CA ALA C 119 23.40 -9.43 5.98
C ALA C 119 23.03 -9.66 7.44
N ALA C 120 21.74 -9.83 7.69
CA ALA C 120 21.26 -10.10 9.03
C ALA C 120 21.69 -11.49 9.44
N TYR C 121 21.62 -12.44 8.50
CA TYR C 121 22.06 -13.81 8.75
C TYR C 121 23.54 -13.77 9.13
N GLN C 122 24.33 -13.02 8.36
CA GLN C 122 25.76 -12.94 8.59
C GLN C 122 26.10 -12.41 9.99
N ARG C 123 25.42 -11.34 10.36
CA ARG C 123 25.68 -10.67 11.63
C ARG C 123 25.37 -11.60 12.78
N VAL C 124 24.31 -12.39 12.64
CA VAL C 124 23.90 -13.28 13.71
C VAL C 124 24.86 -14.47 13.89
N VAL C 125 25.25 -15.10 12.78
CA VAL C 125 26.12 -16.27 12.85
C VAL C 125 27.55 -15.91 13.29
N ARG C 126 28.02 -14.73 12.88
CA ARG C 126 29.38 -14.34 13.20
C ARG C 126 29.50 -13.99 14.68
N THR C 127 28.52 -13.30 15.22
CA THR C 127 28.53 -13.02 16.65
C THR C 127 28.27 -14.30 17.45
N ASN C 128 27.21 -15.02 17.11
CA ASN C 128 26.77 -16.20 17.87
C ASN C 128 27.61 -17.46 17.70
N LEU C 129 28.10 -17.70 16.50
CA LEU C 129 28.85 -18.93 16.31
C LEU C 129 30.34 -18.66 16.24
N ASP C 130 30.76 -17.82 15.30
CA ASP C 130 32.19 -17.53 15.12
C ASP C 130 32.75 -17.03 16.44
N GLY C 131 32.01 -16.11 17.04
CA GLY C 131 32.42 -15.47 18.29
C GLY C 131 32.79 -16.46 19.39
N VAL C 132 32.03 -17.54 19.49
CA VAL C 132 32.27 -18.57 20.50
C VAL C 132 33.52 -19.37 20.14
N PHE C 133 33.71 -19.62 18.85
CA PHE C 133 34.88 -20.35 18.41
C PHE C 133 36.13 -19.52 18.66
N TYR C 134 36.06 -18.21 18.38
CA TYR C 134 37.19 -17.30 18.69
C TYR C 134 37.49 -17.25 20.17
N SER C 135 36.45 -17.07 20.98
CA SER C 135 36.59 -17.08 22.42
C SER C 135 37.40 -18.30 22.86
N MET C 136 36.97 -19.48 22.43
CA MET C 136 37.64 -20.71 22.80
C MET C 136 39.06 -20.77 22.21
N ARG C 137 39.16 -20.34 20.95
CA ARG C 137 40.43 -20.29 20.22
C ARG C 137 41.52 -19.63 21.03
N TYR C 138 41.20 -18.51 21.66
CA TYR C 138 42.18 -17.82 22.50
C TYR C 138 42.13 -18.16 23.99
N GLU C 139 40.97 -18.59 24.49
CA GLU C 139 40.83 -19.02 25.89
C GLU C 139 41.67 -20.26 26.22
N LEU C 140 41.54 -21.28 25.41
CA LEU C 140 42.14 -22.59 25.70
C LEU C 140 43.65 -22.51 25.97
N PRO C 141 44.43 -21.87 25.06
CA PRO C 141 45.87 -21.86 25.35
C PRO C 141 46.15 -21.15 26.66
N ALA C 142 45.45 -20.05 26.93
CA ALA C 142 45.65 -19.32 28.17
C ALA C 142 45.42 -20.23 29.37
N ILE C 143 44.39 -21.06 29.29
CA ILE C 143 44.08 -21.98 30.37
C ILE C 143 45.14 -23.09 30.39
N GLU C 144 45.40 -23.65 29.21
CA GLU C 144 46.32 -24.77 29.10
C GLU C 144 47.74 -24.47 29.60
N ALA C 145 48.26 -23.28 29.34
CA ALA C 145 49.68 -23.02 29.60
C ALA C 145 50.06 -23.08 31.07
N ALA C 146 49.07 -22.92 31.95
CA ALA C 146 49.32 -22.58 33.34
C ALA C 146 49.86 -23.65 34.33
N GLY C 147 49.58 -24.94 34.18
CA GLY C 147 48.40 -25.50 33.56
C GLY C 147 47.72 -26.23 34.72
N LYS C 148 46.71 -25.61 35.29
CA LYS C 148 46.00 -26.20 36.43
C LYS C 148 44.65 -26.78 35.99
N GLY C 149 44.49 -26.96 34.68
CA GLY C 149 43.19 -27.34 34.15
C GLY C 149 42.29 -26.13 34.19
N GLY C 150 41.00 -26.35 34.03
CA GLY C 150 40.07 -25.24 34.00
C GLY C 150 38.75 -25.68 33.39
N SER C 151 37.85 -24.73 33.25
CA SER C 151 36.50 -25.02 32.80
C SER C 151 35.95 -23.91 31.93
N ILE C 152 35.19 -24.30 30.91
CA ILE C 152 34.58 -23.36 29.99
C ILE C 152 33.11 -23.72 29.79
N VAL C 153 32.23 -22.73 29.88
CA VAL C 153 30.83 -22.95 29.58
C VAL C 153 30.44 -22.09 28.38
N ASN C 154 29.81 -22.72 27.40
CA ASN C 154 29.30 -22.01 26.22
C ASN C 154 27.79 -21.81 26.32
N VAL C 155 27.35 -20.56 26.23
CA VAL C 155 25.93 -20.30 26.32
C VAL C 155 25.21 -20.45 24.97
N ALA C 156 24.83 -21.67 24.64
CA ALA C 156 23.91 -21.89 23.52
C ALA C 156 22.48 -21.45 23.90
N SER C 157 21.53 -22.40 23.84
CA SER C 157 20.10 -22.12 24.00
C SER C 157 19.31 -23.37 23.74
N ILE C 158 18.04 -23.40 24.15
CA ILE C 158 17.11 -24.43 23.67
C ILE C 158 17.13 -24.50 22.16
N LEU C 159 17.35 -23.35 21.51
CA LEU C 159 17.36 -23.32 20.06
C LEU C 159 18.67 -23.89 19.47
N GLY C 160 19.46 -24.53 20.33
CA GLY C 160 20.62 -25.30 19.93
C GLY C 160 20.32 -26.79 19.84
N SER C 161 19.13 -27.18 20.28
CA SER C 161 18.70 -28.58 20.19
C SER C 161 17.36 -28.72 19.49
N VAL C 162 16.58 -27.64 19.44
CA VAL C 162 15.36 -27.60 18.62
C VAL C 162 15.37 -26.34 17.74
N GLY C 163 14.46 -26.28 16.77
CA GLY C 163 14.38 -25.13 15.89
C GLY C 163 13.25 -24.21 16.31
N PHE C 164 13.15 -23.06 15.64
CA PHE C 164 12.10 -22.08 15.93
C PHE C 164 11.78 -21.32 14.64
N ALA C 165 10.52 -21.35 14.24
CA ALA C 165 10.09 -20.68 13.02
C ALA C 165 10.41 -19.20 13.03
N GLY C 166 11.11 -18.73 12.00
CA GLY C 166 11.42 -17.32 11.87
C GLY C 166 12.82 -16.94 12.32
N SER C 167 13.51 -17.86 12.97
CA SER C 167 14.84 -17.55 13.53
C SER C 167 15.95 -18.48 13.07
N PRO C 168 16.09 -18.70 11.74
CA PRO C 168 16.98 -19.77 11.30
C PRO C 168 18.44 -19.43 11.49
N ALA C 169 18.81 -18.15 11.42
CA ALA C 169 20.20 -17.80 11.64
C ALA C 169 20.55 -18.08 13.09
N TYR C 170 19.66 -17.66 13.99
CA TYR C 170 19.90 -17.80 15.42
C TYR C 170 19.94 -19.27 15.79
N VAL C 171 18.95 -20.00 15.31
CA VAL C 171 18.88 -21.43 15.56
C VAL C 171 20.13 -22.17 15.08
N ALA C 172 20.61 -21.81 13.89
CA ALA C 172 21.76 -22.51 13.30
C ALA C 172 23.06 -22.25 14.06
N ALA C 173 23.24 -21.01 14.49
CA ALA C 173 24.43 -20.62 15.21
C ALA C 173 24.48 -21.33 16.56
N LYS C 174 23.30 -21.49 17.16
CA LYS C 174 23.22 -22.08 18.49
C LYS C 174 23.45 -23.60 18.43
N HIS C 175 22.99 -24.22 17.35
CA HIS C 175 23.35 -25.61 17.11
C HIS C 175 24.86 -25.69 16.93
N GLY C 176 25.41 -24.75 16.15
CA GLY C 176 26.84 -24.68 15.97
C GLY C 176 27.62 -24.66 17.27
N VAL C 177 27.12 -23.91 18.26
CA VAL C 177 27.76 -23.82 19.58
C VAL C 177 27.81 -25.17 20.29
N VAL C 178 26.70 -25.90 20.23
CA VAL C 178 26.69 -27.27 20.74
C VAL C 178 27.77 -28.08 20.03
N GLY C 179 27.88 -27.89 18.72
CA GLY C 179 28.91 -28.56 17.94
C GLY C 179 30.31 -28.25 18.47
N LEU C 180 30.67 -26.97 18.53
CA LEU C 180 31.95 -26.54 19.08
C LEU C 180 32.25 -27.21 20.41
N THR C 181 31.27 -27.19 21.29
CA THR C 181 31.44 -27.68 22.64
C THR C 181 31.85 -29.15 22.67
N LYS C 182 31.21 -29.96 21.83
CA LYS C 182 31.48 -31.40 21.84
C LYS C 182 32.88 -31.72 21.36
N ALA C 183 33.27 -31.12 20.24
CA ALA C 183 34.54 -31.44 19.61
C ALA C 183 35.67 -30.94 20.48
N ALA C 184 35.51 -29.72 20.99
CA ALA C 184 36.50 -29.09 21.86
C ALA C 184 36.64 -29.88 23.14
N ALA C 185 35.50 -30.25 23.72
CA ALA C 185 35.56 -31.04 24.95
C ALA C 185 36.23 -32.41 24.77
N ALA C 186 36.07 -33.02 23.61
CA ALA C 186 36.74 -34.30 23.36
C ALA C 186 38.25 -34.13 23.16
N GLU C 187 38.67 -32.94 22.75
CA GLU C 187 40.09 -32.65 22.60
C GLU C 187 40.76 -32.43 23.96
N TYR C 188 40.05 -31.78 24.88
CA TYR C 188 40.68 -31.22 26.07
C TYR C 188 40.34 -31.86 27.43
N ALA C 189 39.36 -32.76 27.46
CA ALA C 189 38.93 -33.39 28.72
C ALA C 189 40.08 -34.11 29.44
N ALA C 190 40.99 -34.69 28.68
CA ALA C 190 42.14 -35.40 29.26
C ALA C 190 43.31 -34.45 29.54
N ARG C 191 43.18 -33.20 29.12
CA ARG C 191 44.17 -32.19 29.50
C ARG C 191 43.69 -31.36 30.70
N GLY C 192 42.65 -31.82 31.40
CA GLY C 192 42.17 -31.12 32.57
C GLY C 192 41.25 -29.94 32.26
N ILE C 193 40.97 -29.71 30.99
CA ILE C 193 40.04 -28.63 30.64
C ILE C 193 38.68 -29.21 30.26
N ARG C 194 37.67 -28.91 31.07
CA ARG C 194 36.30 -29.40 30.84
C ARG C 194 35.53 -28.34 30.10
N ILE C 195 34.73 -28.74 29.12
CA ILE C 195 33.99 -27.81 28.26
C ILE C 195 32.52 -28.23 28.07
N ASN C 196 31.60 -27.32 28.41
CA ASN C 196 30.19 -27.66 28.37
C ASN C 196 29.32 -26.56 27.75
N ALA C 197 28.04 -26.84 27.54
CA ALA C 197 27.12 -25.81 27.12
C ALA C 197 25.88 -25.84 27.98
N VAL C 198 25.22 -24.69 28.09
CA VAL C 198 23.89 -24.64 28.68
C VAL C 198 22.84 -24.27 27.63
N GLY C 199 21.62 -24.73 27.83
CA GLY C 199 20.54 -24.45 26.90
C GLY C 199 19.40 -23.72 27.59
N PRO C 200 19.53 -22.40 27.79
CA PRO C 200 18.45 -21.74 28.51
C PRO C 200 17.20 -21.71 27.67
N GLY C 201 16.04 -21.86 28.31
CA GLY C 201 14.79 -21.54 27.65
C GLY C 201 14.66 -20.03 27.59
N PHE C 202 13.47 -19.55 27.26
CA PHE C 202 13.28 -18.11 27.17
C PHE C 202 13.44 -17.47 28.55
N ILE C 203 14.27 -16.44 28.60
CA ILE C 203 14.64 -15.81 29.86
C ILE C 203 14.07 -14.42 29.97
N ASP C 204 13.31 -14.21 31.05
CA ASP C 204 12.71 -12.92 31.34
C ASP C 204 13.75 -11.82 31.32
N THR C 205 14.18 -11.46 30.11
CA THR C 205 15.04 -10.31 29.89
C THR C 205 14.13 -9.09 30.05
N PRO C 206 14.68 -7.94 30.46
CA PRO C 206 13.85 -6.75 30.69
C PRO C 206 13.02 -6.31 29.48
N LEU C 207 13.59 -6.40 28.28
CA LEU C 207 12.98 -5.82 27.08
C LEU C 207 11.76 -6.56 26.51
N LEU C 208 11.62 -7.85 26.82
CA LEU C 208 10.47 -8.60 26.34
C LEU C 208 9.26 -8.56 27.30
N LYS C 209 9.11 -7.44 28.01
CA LYS C 209 7.85 -7.12 28.68
C LYS C 209 7.24 -5.91 27.98
N THR C 210 8.03 -5.29 27.10
CA THR C 210 7.53 -4.22 26.23
C THR C 210 6.58 -4.82 25.20
N MET C 211 6.84 -6.07 24.82
CA MET C 211 6.07 -6.74 23.79
C MET C 211 4.63 -7.04 24.24
N GLU C 212 3.87 -7.62 23.32
CA GLU C 212 2.44 -7.85 23.54
C GLU C 212 2.16 -8.66 24.80
N GLU C 213 0.99 -8.42 25.37
CA GLU C 213 0.43 -9.29 26.38
C GLU C 213 0.39 -10.69 25.79
N ALA C 214 -0.19 -10.79 24.60
CA ALA C 214 -0.36 -12.07 23.91
C ALA C 214 0.97 -12.76 23.64
N ALA C 215 1.84 -12.06 22.94
CA ALA C 215 3.16 -12.59 22.56
C ALA C 215 3.91 -13.20 23.73
N TYR C 216 3.94 -12.49 24.85
CA TYR C 216 4.55 -12.99 26.08
C TYR C 216 3.92 -14.31 26.52
N LYS C 217 2.59 -14.32 26.59
CA LYS C 217 1.83 -15.50 27.01
C LYS C 217 2.06 -16.71 26.11
N GLY C 218 2.15 -16.46 24.80
CA GLY C 218 2.48 -17.51 23.85
C GLY C 218 3.81 -18.14 24.19
N LEU C 219 4.77 -17.32 24.61
CA LEU C 219 6.07 -17.80 25.01
C LEU C 219 5.92 -18.60 26.30
N VAL C 220 5.16 -18.05 27.25
CA VAL C 220 4.97 -18.72 28.54
C VAL C 220 4.31 -20.09 28.38
N ALA C 221 3.32 -20.20 27.49
CA ALA C 221 2.64 -21.46 27.24
C ALA C 221 3.55 -22.50 26.58
N LEU C 222 4.69 -22.05 26.06
CA LEU C 222 5.68 -22.95 25.46
C LEU C 222 6.52 -23.62 26.56
N HIS C 223 6.44 -23.07 27.77
CA HIS C 223 7.16 -23.64 28.91
C HIS C 223 6.20 -24.27 29.93
N PRO C 224 6.16 -25.61 30.03
CA PRO C 224 5.41 -26.39 31.04
C PRO C 224 5.55 -25.89 32.49
N ALA C 225 6.67 -25.26 32.82
CA ALA C 225 6.84 -24.71 34.17
C ALA C 225 5.93 -23.49 34.40
N GLY C 226 5.30 -23.00 33.33
CA GLY C 226 4.30 -21.98 33.45
C GLY C 226 4.82 -20.57 33.65
N ARG C 227 6.08 -20.34 33.30
CA ARG C 227 6.66 -19.01 33.38
C ARG C 227 7.95 -19.00 32.60
N LEU C 228 8.52 -17.81 32.44
CA LEU C 228 9.83 -17.65 31.81
C LEU C 228 10.94 -17.73 32.88
N GLY C 229 12.18 -17.88 32.44
CA GLY C 229 13.28 -18.04 33.38
C GLY C 229 13.91 -16.74 33.83
N ARG C 230 14.70 -16.78 34.89
CA ARG C 230 15.45 -15.59 35.30
C ARG C 230 16.94 -15.78 35.00
N SER C 231 17.65 -14.70 34.75
CA SER C 231 19.07 -14.76 34.46
C SER C 231 19.83 -15.50 35.54
N ASP C 232 19.48 -15.22 36.80
CA ASP C 232 20.08 -15.82 37.97
C ASP C 232 19.99 -17.31 37.98
N GLU C 233 18.98 -17.82 37.36
CA GLU C 233 18.75 -19.26 37.34
C GLU C 233 19.68 -19.92 36.34
N VAL C 234 19.91 -19.27 35.21
CA VAL C 234 20.90 -19.78 34.26
C VAL C 234 22.30 -19.73 34.86
N ALA C 235 22.69 -18.57 35.36
CA ALA C 235 23.96 -18.42 36.05
C ALA C 235 24.22 -19.53 37.06
N GLU C 236 23.18 -19.96 37.78
CA GLU C 236 23.42 -21.02 38.76
C GLU C 236 23.91 -22.31 38.07
N LEU C 237 23.33 -22.61 36.90
CA LEU C 237 23.71 -23.81 36.20
C LEU C 237 25.10 -23.60 35.60
N ILE C 238 25.31 -22.44 34.96
CA ILE C 238 26.63 -22.11 34.40
C ILE C 238 27.76 -22.30 35.44
N VAL C 239 27.55 -21.79 36.65
CA VAL C 239 28.61 -21.80 37.64
C VAL C 239 28.84 -23.20 38.23
N PHE C 240 27.79 -24.01 38.34
CA PHE C 240 27.99 -25.42 38.70
C PHE C 240 28.83 -26.17 37.68
N LEU C 241 28.57 -25.97 36.39
CA LEU C 241 29.38 -26.59 35.36
C LEU C 241 30.86 -26.15 35.42
N LEU C 242 31.09 -24.86 35.65
CA LEU C 242 32.45 -24.36 35.84
C LEU C 242 33.21 -24.94 37.06
N SER C 243 32.47 -25.44 38.05
CA SER C 243 33.06 -25.76 39.35
C SER C 243 33.70 -27.15 39.43
N ASP C 244 34.50 -27.36 40.46
CA ASP C 244 35.16 -28.65 40.65
C ASP C 244 34.17 -29.77 40.97
N ARG C 245 32.98 -29.39 41.42
CA ARG C 245 31.92 -30.35 41.70
C ARG C 245 31.49 -31.10 40.43
N ALA C 246 31.54 -30.42 39.29
CA ALA C 246 31.22 -31.03 38.00
C ALA C 246 32.47 -31.59 37.31
N SER C 247 33.35 -32.17 38.12
CA SER C 247 34.64 -32.65 37.63
C SER C 247 34.54 -33.75 36.58
N PHE C 248 33.42 -34.47 36.55
CA PHE C 248 33.24 -35.46 35.50
C PHE C 248 32.23 -35.03 34.43
N VAL C 249 31.92 -33.74 34.38
CA VAL C 249 31.00 -33.24 33.36
C VAL C 249 31.76 -32.53 32.26
N ALA C 250 31.71 -33.12 31.07
CA ALA C 250 32.38 -32.57 29.91
C ALA C 250 31.66 -32.98 28.63
N GLY C 251 31.74 -32.13 27.61
CA GLY C 251 31.21 -32.45 26.30
C GLY C 251 29.70 -32.53 26.26
N SER C 252 29.05 -31.92 27.24
CA SER C 252 27.61 -32.11 27.37
C SER C 252 26.83 -30.81 27.40
N TYR C 253 25.59 -30.92 26.97
CA TYR C 253 24.67 -29.81 26.83
C TYR C 253 23.65 -29.95 27.96
N HIS C 254 23.44 -28.88 28.70
CA HIS C 254 22.59 -28.90 29.90
C HIS C 254 21.44 -27.90 29.84
N LEU C 255 20.23 -28.41 29.90
CA LEU C 255 19.06 -27.56 29.72
C LEU C 255 18.74 -26.81 30.99
N VAL C 256 18.32 -25.55 30.82
CA VAL C 256 17.74 -24.79 31.92
C VAL C 256 16.56 -24.06 31.29
N ASP C 257 15.50 -24.84 31.07
CA ASP C 257 14.28 -24.42 30.38
C ASP C 257 12.99 -24.75 31.14
N GLY C 258 11.84 -24.52 30.54
CA GLY C 258 10.63 -24.74 31.33
C GLY C 258 10.12 -26.17 31.27
N ALA C 259 11.05 -27.10 31.03
CA ALA C 259 10.78 -28.37 30.34
C ALA C 259 10.35 -28.13 28.88
N TYR C 260 10.76 -26.98 28.36
CA TYR C 260 10.47 -26.56 26.97
C TYR C 260 10.69 -27.68 25.99
N THR C 261 11.84 -28.33 26.11
CA THR C 261 12.24 -29.34 25.15
C THR C 261 11.79 -30.73 25.57
N ALA C 262 11.10 -30.81 26.71
CA ALA C 262 10.61 -32.10 27.21
C ALA C 262 9.42 -32.62 26.38
N VAL C 263 8.70 -31.71 25.73
CA VAL C 263 7.55 -32.08 24.92
C VAL C 263 7.78 -31.76 23.46
N THR D 11 2.59 -46.79 -7.34
CA THR D 11 3.03 -46.40 -8.70
C THR D 11 4.52 -46.71 -8.93
N GLY D 12 5.04 -46.37 -10.11
CA GLY D 12 6.38 -46.77 -10.52
C GLY D 12 7.57 -46.08 -9.86
N TYR D 13 8.76 -46.66 -10.02
CA TYR D 13 10.01 -46.05 -9.54
C TYR D 13 10.75 -45.25 -10.63
N ALA D 14 10.77 -45.75 -11.86
CA ALA D 14 11.48 -45.07 -12.95
C ALA D 14 10.85 -43.71 -13.33
N ALA D 15 9.58 -43.51 -12.98
CA ALA D 15 8.90 -42.26 -13.30
C ALA D 15 8.37 -41.61 -12.04
N GLU D 16 9.05 -41.83 -10.93
CA GLU D 16 8.62 -41.31 -9.63
C GLU D 16 8.77 -39.79 -9.56
N PHE D 17 9.78 -39.26 -10.24
CA PHE D 17 10.04 -37.84 -10.18
C PHE D 17 9.83 -37.21 -11.54
N ALA D 18 9.10 -37.92 -12.39
CA ALA D 18 8.74 -37.46 -13.72
C ALA D 18 8.01 -36.13 -13.63
N GLY D 19 8.54 -35.13 -14.35
CA GLY D 19 7.92 -33.81 -14.39
C GLY D 19 8.41 -32.86 -13.32
N ARG D 20 9.04 -33.39 -12.30
CA ARG D 20 9.59 -32.56 -11.23
C ARG D 20 11.05 -32.18 -11.54
N THR D 21 11.39 -30.93 -11.28
CA THR D 21 12.75 -30.44 -11.48
C THR D 21 13.54 -30.47 -10.16
N ALA D 22 14.82 -30.83 -10.25
CA ALA D 22 15.63 -31.02 -9.06
C ALA D 22 17.01 -30.38 -9.19
N LEU D 23 17.33 -29.46 -8.27
CA LEU D 23 18.66 -28.86 -8.20
C LEU D 23 19.57 -29.55 -7.16
N VAL D 24 20.74 -30.01 -7.60
CA VAL D 24 21.68 -30.66 -6.71
C VAL D 24 22.99 -29.88 -6.66
N THR D 25 23.40 -29.45 -5.47
CA THR D 25 24.66 -28.73 -5.36
C THR D 25 25.80 -29.70 -5.09
N GLY D 26 26.99 -29.36 -5.58
CA GLY D 26 28.15 -30.21 -5.47
C GLY D 26 27.90 -31.50 -6.22
N ALA D 27 27.25 -31.37 -7.38
CA ALA D 27 26.70 -32.54 -8.05
C ALA D 27 27.71 -33.21 -8.98
N ALA D 28 28.90 -32.65 -9.09
CA ALA D 28 29.91 -33.17 -10.01
C ALA D 28 30.69 -34.37 -9.48
N SER D 29 30.59 -34.63 -8.19
CA SER D 29 31.38 -35.68 -7.56
C SER D 29 30.66 -36.34 -6.37
N GLY D 30 31.23 -37.43 -5.87
CA GLY D 30 30.75 -38.11 -4.67
C GLY D 30 29.25 -38.34 -4.45
N ILE D 31 28.75 -37.83 -3.33
CA ILE D 31 27.35 -37.99 -2.93
C ILE D 31 26.41 -37.17 -3.81
N GLY D 32 26.80 -35.95 -4.13
CA GLY D 32 25.98 -35.11 -4.97
C GLY D 32 25.75 -35.80 -6.30
N LEU D 33 26.83 -36.28 -6.90
CA LEU D 33 26.79 -37.01 -8.16
C LEU D 33 25.87 -38.22 -8.13
N ALA D 34 25.97 -39.00 -7.05
CA ALA D 34 25.19 -40.24 -6.88
C ALA D 34 23.70 -39.97 -6.68
N THR D 35 23.43 -38.86 -6.00
CA THR D 35 22.08 -38.36 -5.81
C THR D 35 21.52 -37.92 -7.17
N ALA D 36 22.36 -37.24 -7.97
CA ALA D 36 21.96 -36.79 -9.29
C ALA D 36 21.59 -38.01 -10.16
N ARG D 37 22.39 -39.06 -10.08
CA ARG D 37 22.15 -40.22 -10.90
C ARG D 37 20.88 -40.90 -10.45
N ARG D 38 20.72 -41.00 -9.14
CA ARG D 38 19.55 -41.65 -8.58
C ARG D 38 18.29 -40.81 -8.80
N LEU D 39 18.42 -39.50 -8.84
CA LEU D 39 17.27 -38.67 -9.21
C LEU D 39 16.90 -38.94 -10.69
N GLY D 40 17.91 -39.08 -11.54
CA GLY D 40 17.73 -39.29 -12.97
C GLY D 40 17.03 -40.58 -13.30
N ALA D 41 17.47 -41.67 -12.66
CA ALA D 41 16.90 -43.01 -12.83
C ALA D 41 15.44 -43.06 -12.41
N GLY D 42 15.02 -42.09 -11.62
CA GLY D 42 13.64 -41.99 -11.17
C GLY D 42 12.83 -41.09 -12.08
N GLY D 43 13.46 -40.64 -13.17
CA GLY D 43 12.78 -39.84 -14.18
C GLY D 43 12.81 -38.34 -13.96
N ALA D 44 13.58 -37.87 -12.96
CA ALA D 44 13.61 -36.45 -12.62
C ALA D 44 14.36 -35.58 -13.65
N ARG D 45 13.99 -34.31 -13.75
CA ARG D 45 14.83 -33.36 -14.45
C ARG D 45 15.87 -32.84 -13.47
N VAL D 46 17.12 -32.80 -13.90
CA VAL D 46 18.22 -32.56 -12.98
C VAL D 46 19.14 -31.42 -13.40
N VAL D 47 19.39 -30.51 -12.46
CA VAL D 47 20.35 -29.45 -12.66
C VAL D 47 21.63 -29.83 -11.92
N VAL D 48 22.74 -29.92 -12.65
CA VAL D 48 24.01 -30.32 -12.06
C VAL D 48 24.81 -29.09 -11.76
N ALA D 49 24.72 -28.61 -10.51
CA ALA D 49 25.40 -27.38 -10.12
C ALA D 49 26.62 -27.70 -9.25
N ASP D 50 27.74 -27.03 -9.53
CA ASP D 50 29.01 -27.37 -8.89
C ASP D 50 30.01 -26.27 -9.12
N PHE D 51 30.93 -26.10 -8.17
CA PHE D 51 32.01 -25.12 -8.31
C PHE D 51 32.94 -25.49 -9.48
N ASN D 52 33.21 -26.77 -9.63
CA ASN D 52 33.96 -27.29 -10.76
C ASN D 52 33.01 -27.40 -11.97
N ALA D 53 33.08 -26.38 -12.82
CA ALA D 53 32.16 -26.26 -13.94
C ALA D 53 32.32 -27.40 -14.95
N GLU D 54 33.57 -27.76 -15.21
CA GLU D 54 33.87 -28.84 -16.13
C GLU D 54 33.31 -30.16 -15.59
N GLY D 55 33.55 -30.47 -14.32
CA GLY D 55 32.99 -31.66 -13.71
C GLY D 55 31.47 -31.69 -13.73
N ALA D 56 30.84 -30.53 -13.59
CA ALA D 56 29.38 -30.49 -13.65
C ALA D 56 28.88 -30.84 -15.05
N GLU D 57 29.49 -30.24 -16.06
CA GLU D 57 29.13 -30.53 -17.45
C GLU D 57 29.34 -31.99 -17.81
N LYS D 58 30.43 -32.58 -17.30
CA LYS D 58 30.72 -33.98 -17.60
C LYS D 58 29.62 -34.84 -16.99
N ALA D 59 29.17 -34.46 -15.79
CA ALA D 59 28.09 -35.17 -15.13
C ALA D 59 26.77 -34.98 -15.88
N ALA D 60 26.48 -33.76 -16.30
CA ALA D 60 25.24 -33.47 -17.04
C ALA D 60 25.18 -34.30 -18.32
N ALA D 61 26.29 -34.33 -19.05
CA ALA D 61 26.44 -35.14 -20.24
C ALA D 61 26.18 -36.63 -20.02
N GLU D 62 26.75 -37.20 -18.96
CA GLU D 62 26.54 -38.62 -18.65
C GLU D 62 25.07 -38.96 -18.42
N LEU D 63 24.39 -38.11 -17.68
CA LEU D 63 22.96 -38.28 -17.45
C LEU D 63 22.23 -38.25 -18.79
N ARG D 64 22.51 -37.24 -19.60
CA ARG D 64 21.87 -37.12 -20.92
C ARG D 64 22.06 -38.40 -21.74
N ALA D 65 23.24 -39.00 -21.64
CA ALA D 65 23.49 -40.30 -22.27
C ALA D 65 22.55 -41.40 -21.78
N GLY D 66 22.04 -41.22 -20.56
CA GLY D 66 21.13 -42.19 -19.96
C GLY D 66 19.67 -41.86 -20.22
N GLY D 67 19.41 -40.84 -21.03
CA GLY D 67 18.04 -40.49 -21.39
C GLY D 67 17.42 -39.50 -20.42
N VAL D 68 18.25 -38.99 -19.50
CA VAL D 68 17.82 -38.09 -18.43
C VAL D 68 17.89 -36.64 -18.89
N GLU D 69 16.82 -35.89 -18.70
CA GLU D 69 16.92 -34.46 -18.95
C GLU D 69 17.84 -33.90 -17.87
N ALA D 70 18.92 -33.24 -18.29
CA ALA D 70 19.88 -32.68 -17.34
C ALA D 70 20.71 -31.60 -17.97
N ALA D 71 21.07 -30.60 -17.18
CA ALA D 71 21.85 -29.45 -17.65
C ALA D 71 22.82 -28.94 -16.55
N ALA D 72 24.02 -28.53 -16.96
CA ALA D 72 25.06 -28.11 -16.01
C ALA D 72 25.06 -26.62 -15.73
N VAL D 73 25.37 -26.24 -14.49
CA VAL D 73 25.53 -24.83 -14.14
C VAL D 73 26.58 -24.63 -13.07
N GLU D 74 27.41 -23.61 -13.28
CA GLU D 74 28.54 -23.32 -12.42
C GLU D 74 28.06 -22.60 -11.16
N LEU D 75 28.40 -23.15 -10.01
CA LEU D 75 27.88 -22.67 -8.73
C LEU D 75 28.96 -22.52 -7.67
N ASP D 76 28.95 -21.40 -6.96
CA ASP D 76 29.72 -21.25 -5.72
C ASP D 76 28.71 -20.99 -4.62
N VAL D 77 28.48 -21.97 -3.75
CA VAL D 77 27.46 -21.81 -2.70
C VAL D 77 27.86 -20.73 -1.74
N THR D 78 29.15 -20.38 -1.75
CA THR D 78 29.72 -19.33 -0.93
C THR D 78 29.21 -17.94 -1.32
N ARG D 79 28.87 -17.74 -2.59
CA ARG D 79 28.41 -16.42 -3.02
C ARG D 79 26.89 -16.40 -3.24
N PRO D 80 26.18 -15.60 -2.44
CA PRO D 80 24.73 -15.50 -2.55
C PRO D 80 24.22 -15.19 -3.96
N GLU D 81 24.90 -14.31 -4.70
CA GLU D 81 24.45 -13.95 -6.04
C GLU D 81 24.54 -15.15 -7.00
N SER D 82 25.57 -15.98 -6.79
CA SER D 82 25.79 -17.20 -7.57
C SER D 82 24.72 -18.28 -7.29
N VAL D 83 24.36 -18.45 -6.01
CA VAL D 83 23.27 -19.36 -5.63
C VAL D 83 21.97 -18.95 -6.30
N GLU D 84 21.66 -17.66 -6.20
CA GLU D 84 20.49 -17.10 -6.87
C GLU D 84 20.45 -17.41 -8.36
N ALA D 85 21.56 -17.18 -9.05
CA ALA D 85 21.64 -17.42 -10.49
C ALA D 85 21.45 -18.90 -10.79
N ALA D 86 22.04 -19.75 -9.97
CA ALA D 86 21.89 -21.19 -10.11
C ALA D 86 20.42 -21.62 -10.05
N VAL D 87 19.66 -20.99 -9.16
CA VAL D 87 18.24 -21.29 -9.03
C VAL D 87 17.50 -20.77 -10.26
N GLY D 88 17.84 -19.55 -10.65
CA GLY D 88 17.30 -18.93 -11.85
C GLY D 88 17.53 -19.83 -13.06
N PHE D 89 18.74 -20.37 -13.17
CA PHE D 89 19.07 -21.28 -14.27
C PHE D 89 18.15 -22.49 -14.24
N ALA D 90 17.84 -22.99 -13.06
CA ALA D 90 16.93 -24.12 -12.96
C ALA D 90 15.57 -23.77 -13.56
N VAL D 91 14.99 -22.68 -13.08
CA VAL D 91 13.64 -22.27 -13.48
C VAL D 91 13.56 -21.93 -14.97
N ASP D 92 14.59 -21.24 -15.47
CA ASP D 92 14.67 -20.96 -16.88
C ASP D 92 14.80 -22.24 -17.73
N THR D 93 15.68 -23.15 -17.36
CA THR D 93 15.93 -24.33 -18.20
C THR D 93 14.75 -25.27 -18.27
N PHE D 94 14.19 -25.62 -17.12
CA PHE D 94 13.18 -26.68 -17.06
C PHE D 94 11.78 -26.21 -16.67
N GLY D 95 11.62 -24.92 -16.42
CA GLY D 95 10.32 -24.32 -16.19
C GLY D 95 10.00 -24.07 -14.73
N SER D 96 10.59 -24.85 -13.84
CA SER D 96 10.17 -24.84 -12.47
C SER D 96 11.30 -25.31 -11.55
N LEU D 97 11.11 -25.08 -10.25
CA LEU D 97 11.93 -25.75 -9.25
C LEU D 97 11.02 -26.51 -8.29
N ASP D 98 11.28 -27.80 -8.13
CA ASP D 98 10.44 -28.64 -7.27
C ASP D 98 11.24 -29.19 -6.09
N LEU D 99 12.49 -29.52 -6.36
CA LEU D 99 13.27 -30.35 -5.47
C LEU D 99 14.69 -29.80 -5.37
N ALA D 100 15.33 -30.01 -4.22
CA ALA D 100 16.69 -29.56 -4.04
C ALA D 100 17.48 -30.35 -2.99
N VAL D 101 18.75 -30.58 -3.29
CA VAL D 101 19.64 -31.32 -2.42
C VAL D 101 20.84 -30.41 -2.19
N ASN D 102 20.99 -30.00 -0.94
CA ASN D 102 22.09 -29.10 -0.60
C ASN D 102 23.30 -29.86 -0.10
N ASN D 103 24.19 -30.18 -1.03
CA ASN D 103 25.23 -31.18 -0.82
C ASN D 103 26.65 -30.62 -0.92
N ALA D 104 26.82 -29.46 -1.53
CA ALA D 104 28.14 -28.86 -1.64
C ALA D 104 28.72 -28.61 -0.24
N GLY D 105 29.94 -29.09 -0.01
CA GLY D 105 30.60 -28.93 1.28
C GLY D 105 32.04 -29.43 1.25
N ILE D 106 32.85 -28.94 2.19
CA ILE D 106 34.22 -29.39 2.44
C ILE D 106 34.19 -29.78 3.93
N GLY D 107 35.24 -30.28 4.60
CA GLY D 107 36.65 -30.00 4.38
C GLY D 107 37.19 -29.76 5.77
N GLY D 108 38.11 -28.84 5.91
CA GLY D 108 38.64 -28.57 7.25
C GLY D 108 39.80 -29.45 7.66
N PRO D 109 41.00 -28.86 7.74
CA PRO D 109 42.15 -29.56 8.31
C PRO D 109 41.95 -29.84 9.80
N SER D 110 42.79 -30.70 10.36
CA SER D 110 42.65 -31.09 11.76
C SER D 110 43.58 -30.31 12.67
N ALA D 111 43.04 -29.89 13.81
CA ALA D 111 43.82 -29.19 14.83
C ALA D 111 42.94 -29.09 16.05
N PRO D 112 43.57 -29.14 17.24
CA PRO D 112 42.81 -28.92 18.48
C PRO D 112 42.22 -27.51 18.46
N THR D 113 41.03 -27.33 19.03
CA THR D 113 40.36 -26.04 18.99
C THR D 113 41.24 -24.86 19.44
N GLY D 114 42.11 -25.08 20.41
CA GLY D 114 42.95 -24.03 20.95
C GLY D 114 44.05 -23.50 20.03
N GLU D 115 44.33 -24.23 18.95
CA GLU D 115 45.36 -23.80 17.99
C GLU D 115 44.84 -23.80 16.56
N TYR D 116 43.53 -23.94 16.41
CA TYR D 116 42.95 -24.08 15.06
C TYR D 116 43.19 -22.84 14.19
N ASP D 117 43.38 -23.08 12.89
CA ASP D 117 43.66 -22.03 11.91
C ASP D 117 42.36 -21.25 11.70
N VAL D 118 42.39 -19.96 12.04
CA VAL D 118 41.21 -19.09 11.99
C VAL D 118 40.57 -18.92 10.59
N ALA D 119 41.39 -18.71 9.56
CA ALA D 119 40.94 -18.59 8.16
C ALA D 119 40.36 -19.91 7.64
N ALA D 120 40.94 -21.02 8.07
CA ALA D 120 40.44 -22.35 7.75
C ALA D 120 39.08 -22.58 8.40
N TYR D 121 38.91 -22.11 9.64
CA TYR D 121 37.59 -22.16 10.25
C TYR D 121 36.61 -21.40 9.37
N GLN D 122 37.04 -20.23 8.89
CA GLN D 122 36.22 -19.39 8.02
C GLN D 122 35.79 -20.08 6.73
N ARG D 123 36.72 -20.71 6.02
CA ARG D 123 36.39 -21.39 4.77
C ARG D 123 35.37 -22.49 5.02
N VAL D 124 35.60 -23.29 6.05
CA VAL D 124 34.72 -24.40 6.39
C VAL D 124 33.27 -23.98 6.73
N VAL D 125 33.12 -23.01 7.62
CA VAL D 125 31.80 -22.53 7.97
C VAL D 125 31.09 -21.91 6.76
N ARG D 126 31.76 -21.01 6.05
CA ARG D 126 31.14 -20.35 4.89
C ARG D 126 30.59 -21.33 3.86
N THR D 127 31.35 -22.34 3.48
CA THR D 127 30.84 -23.28 2.48
C THR D 127 29.77 -24.18 3.10
N ASN D 128 30.12 -24.87 4.17
CA ASN D 128 29.24 -25.89 4.74
C ASN D 128 27.96 -25.37 5.40
N LEU D 129 28.03 -24.23 6.07
CA LEU D 129 26.90 -23.67 6.79
C LEU D 129 26.20 -22.57 6.02
N ASP D 130 26.92 -21.48 5.75
CA ASP D 130 26.38 -20.38 4.95
C ASP D 130 25.89 -20.84 3.58
N GLY D 131 26.67 -21.70 2.92
CA GLY D 131 26.27 -22.24 1.62
C GLY D 131 24.87 -22.88 1.66
N VAL D 132 24.63 -23.70 2.66
CA VAL D 132 23.33 -24.32 2.85
C VAL D 132 22.26 -23.25 3.10
N PHE D 133 22.53 -22.29 3.99
CA PHE D 133 21.56 -21.21 4.21
C PHE D 133 21.25 -20.45 2.93
N TYR D 134 22.30 -20.02 2.20
CA TYR D 134 22.09 -19.30 0.94
C TYR D 134 21.37 -20.17 -0.09
N SER D 135 21.68 -21.47 -0.09
CA SER D 135 20.98 -22.42 -0.93
C SER D 135 19.48 -22.32 -0.69
N MET D 136 19.05 -22.57 0.55
CA MET D 136 17.63 -22.49 0.92
C MET D 136 16.99 -21.10 0.73
N ARG D 137 17.76 -20.04 0.90
CA ARG D 137 17.24 -18.67 0.78
C ARG D 137 16.63 -18.41 -0.62
N TYR D 138 17.22 -18.99 -1.65
CA TYR D 138 16.78 -18.68 -3.00
C TYR D 138 15.98 -19.83 -3.59
N GLU D 139 16.17 -21.02 -3.03
CA GLU D 139 15.41 -22.19 -3.46
C GLU D 139 13.96 -22.12 -3.03
N LEU D 140 13.73 -21.61 -1.83
CA LEU D 140 12.38 -21.66 -1.28
C LEU D 140 11.37 -20.77 -2.02
N PRO D 141 11.67 -19.48 -2.23
CA PRO D 141 10.71 -18.66 -2.99
C PRO D 141 10.38 -19.23 -4.38
N ALA D 142 11.36 -19.87 -5.01
CA ALA D 142 11.16 -20.50 -6.31
C ALA D 142 10.28 -21.73 -6.21
N ILE D 143 10.49 -22.55 -5.19
CA ILE D 143 9.66 -23.72 -4.99
C ILE D 143 8.24 -23.30 -4.62
N GLU D 144 8.15 -22.37 -3.68
CA GLU D 144 6.87 -21.80 -3.27
C GLU D 144 6.03 -21.25 -4.43
N ALA D 145 6.63 -20.39 -5.25
CA ALA D 145 5.91 -19.67 -6.30
C ALA D 145 5.45 -20.59 -7.42
N ALA D 146 6.04 -21.79 -7.46
CA ALA D 146 5.78 -22.78 -8.52
C ALA D 146 4.32 -23.02 -8.99
N GLY D 147 3.36 -23.23 -8.10
CA GLY D 147 3.55 -23.32 -6.66
C GLY D 147 2.79 -24.51 -6.17
N LYS D 148 3.32 -25.70 -6.45
CA LYS D 148 2.67 -26.92 -6.03
C LYS D 148 3.43 -27.62 -4.91
N GLY D 149 4.24 -26.85 -4.19
CA GLY D 149 5.04 -27.40 -3.12
C GLY D 149 6.29 -28.10 -3.61
N GLY D 150 7.06 -28.65 -2.66
CA GLY D 150 8.33 -29.29 -2.95
C GLY D 150 8.99 -29.88 -1.72
N SER D 151 10.29 -30.14 -1.82
CA SER D 151 11.05 -30.88 -0.82
C SER D 151 12.54 -30.52 -0.93
N ILE D 152 13.18 -30.30 0.22
CA ILE D 152 14.58 -30.02 0.27
C ILE D 152 15.27 -30.96 1.27
N VAL D 153 16.44 -31.47 0.89
CA VAL D 153 17.26 -32.24 1.82
C VAL D 153 18.59 -31.53 1.92
N ASN D 154 19.05 -31.31 3.15
CA ASN D 154 20.37 -30.74 3.38
C ASN D 154 21.31 -31.85 3.82
N VAL D 155 22.50 -31.89 3.22
CA VAL D 155 23.46 -32.89 3.59
C VAL D 155 24.26 -32.47 4.82
N ALA D 156 23.96 -33.08 5.97
CA ALA D 156 24.72 -32.81 7.18
C ALA D 156 25.78 -33.88 7.34
N SER D 157 25.78 -34.53 8.49
CA SER D 157 26.79 -35.56 8.81
C SER D 157 26.43 -36.17 10.16
N ILE D 158 27.06 -37.29 10.49
CA ILE D 158 27.08 -37.74 11.88
C ILE D 158 27.62 -36.60 12.75
N LEU D 159 28.55 -35.83 12.20
CA LEU D 159 29.16 -34.72 12.94
C LEU D 159 28.22 -33.52 13.08
N GLY D 160 26.97 -33.73 12.69
CA GLY D 160 25.93 -32.75 12.90
C GLY D 160 25.21 -33.00 14.22
N SER D 161 25.46 -34.17 14.81
CA SER D 161 24.86 -34.57 16.11
C SER D 161 25.89 -35.02 17.15
N VAL D 162 27.07 -35.44 16.71
CA VAL D 162 28.17 -35.70 17.63
C VAL D 162 29.45 -34.98 17.21
N GLY D 163 30.35 -34.74 18.16
CA GLY D 163 31.61 -34.07 17.87
C GLY D 163 32.68 -35.00 17.36
N PHE D 164 33.83 -34.44 17.01
CA PHE D 164 34.97 -35.21 16.54
C PHE D 164 36.22 -34.40 16.87
N ALA D 165 37.08 -34.95 17.73
CA ALA D 165 38.30 -34.25 18.15
C ALA D 165 39.13 -33.87 16.93
N GLY D 166 39.61 -32.62 16.91
CA GLY D 166 40.40 -32.14 15.80
C GLY D 166 39.63 -31.42 14.70
N SER D 167 38.30 -31.56 14.71
CA SER D 167 37.47 -30.90 13.70
C SER D 167 36.38 -29.94 14.20
N PRO D 168 36.75 -28.95 15.05
CA PRO D 168 35.72 -28.06 15.63
C PRO D 168 34.89 -27.34 14.59
N ALA D 169 35.54 -26.80 13.56
CA ALA D 169 34.82 -26.00 12.57
C ALA D 169 33.82 -26.83 11.80
N TYR D 170 34.20 -28.07 11.48
CA TYR D 170 33.36 -28.88 10.62
C TYR D 170 32.15 -29.32 11.42
N VAL D 171 32.41 -29.80 12.63
CA VAL D 171 31.35 -30.23 13.52
C VAL D 171 30.35 -29.08 13.75
N ALA D 172 30.89 -27.90 14.03
CA ALA D 172 30.07 -26.71 14.23
C ALA D 172 29.18 -26.46 13.01
N ALA D 173 29.79 -26.42 11.84
CA ALA D 173 29.06 -26.13 10.59
C ALA D 173 27.95 -27.16 10.34
N LYS D 174 28.26 -28.44 10.52
CA LYS D 174 27.27 -29.49 10.33
C LYS D 174 26.11 -29.48 11.36
N HIS D 175 26.41 -29.07 12.60
CA HIS D 175 25.38 -28.84 13.60
C HIS D 175 24.48 -27.70 13.15
N GLY D 176 25.09 -26.62 12.66
CA GLY D 176 24.34 -25.50 12.12
C GLY D 176 23.30 -25.99 11.12
N VAL D 177 23.75 -26.84 10.19
CA VAL D 177 22.91 -27.38 9.13
C VAL D 177 21.67 -28.11 9.67
N VAL D 178 21.87 -28.95 10.69
CA VAL D 178 20.74 -29.57 11.36
C VAL D 178 19.79 -28.48 11.87
N GLY D 179 20.36 -27.44 12.48
CA GLY D 179 19.54 -26.38 13.04
C GLY D 179 18.75 -25.63 11.97
N LEU D 180 19.44 -25.23 10.92
CA LEU D 180 18.82 -24.54 9.79
C LEU D 180 17.69 -25.40 9.24
N THR D 181 17.86 -26.72 9.32
CA THR D 181 16.87 -27.64 8.80
C THR D 181 15.61 -27.64 9.63
N LYS D 182 15.73 -27.69 10.95
CA LYS D 182 14.56 -27.69 11.81
C LYS D 182 13.76 -26.37 11.74
N ALA D 183 14.46 -25.25 11.74
CA ALA D 183 13.80 -23.97 11.74
C ALA D 183 13.05 -23.72 10.43
N ALA D 184 13.73 -24.00 9.30
CA ALA D 184 13.12 -23.81 7.98
C ALA D 184 11.91 -24.71 7.81
N ALA D 185 12.02 -25.94 8.30
CA ALA D 185 10.95 -26.91 8.16
C ALA D 185 9.74 -26.53 9.00
N ALA D 186 9.98 -25.85 10.11
CA ALA D 186 8.90 -25.36 10.95
C ALA D 186 8.12 -24.29 10.19
N GLU D 187 8.85 -23.45 9.49
CA GLU D 187 8.25 -22.35 8.74
C GLU D 187 7.40 -22.84 7.56
N TYR D 188 7.90 -23.84 6.84
CA TYR D 188 7.35 -24.17 5.51
C TYR D 188 6.51 -25.44 5.43
N ALA D 189 6.52 -26.22 6.50
CA ALA D 189 5.74 -27.45 6.58
C ALA D 189 4.30 -27.27 6.10
N ALA D 190 3.59 -26.32 6.69
CA ALA D 190 2.20 -25.99 6.29
C ALA D 190 2.04 -25.56 4.83
N ARG D 191 3.06 -24.93 4.24
CA ARG D 191 3.01 -24.53 2.83
C ARG D 191 3.30 -25.68 1.87
N GLY D 192 3.38 -26.89 2.40
CA GLY D 192 3.64 -28.05 1.55
C GLY D 192 5.06 -28.23 1.07
N ILE D 193 6.03 -27.70 1.81
CA ILE D 193 7.43 -27.86 1.45
C ILE D 193 8.17 -28.56 2.58
N ARG D 194 8.57 -29.80 2.35
CA ARG D 194 9.17 -30.58 3.42
C ARG D 194 10.68 -30.40 3.43
N ILE D 195 11.25 -30.15 4.59
CA ILE D 195 12.68 -29.86 4.65
C ILE D 195 13.39 -30.76 5.65
N ASN D 196 14.27 -31.63 5.17
CA ASN D 196 14.93 -32.58 6.05
C ASN D 196 16.45 -32.55 5.91
N ALA D 197 17.12 -33.30 6.79
CA ALA D 197 18.57 -33.41 6.76
C ALA D 197 18.94 -34.87 6.80
N VAL D 198 20.09 -35.20 6.20
CA VAL D 198 20.67 -36.53 6.35
C VAL D 198 21.99 -36.45 7.11
N GLY D 199 22.34 -37.52 7.83
CA GLY D 199 23.60 -37.57 8.55
C GLY D 199 24.42 -38.78 8.14
N PRO D 200 25.21 -38.66 7.07
CA PRO D 200 26.01 -39.82 6.67
C PRO D 200 27.14 -40.06 7.65
N GLY D 201 27.51 -41.32 7.82
CA GLY D 201 28.77 -41.65 8.47
C GLY D 201 29.90 -41.39 7.46
N PHE D 202 31.09 -41.88 7.77
CA PHE D 202 32.18 -41.80 6.81
C PHE D 202 31.88 -42.65 5.56
N ILE D 203 32.18 -42.08 4.39
CA ILE D 203 31.89 -42.70 3.09
C ILE D 203 33.18 -43.03 2.32
N ASP D 204 33.22 -44.19 1.67
CA ASP D 204 34.33 -44.54 0.78
C ASP D 204 34.37 -43.57 -0.40
N THR D 205 35.19 -42.53 -0.27
CA THR D 205 35.34 -41.48 -1.29
C THR D 205 36.58 -41.70 -2.14
N LYS D 209 40.54 -43.48 1.18
CA LYS D 209 40.77 -44.48 0.14
C LYS D 209 42.09 -45.25 0.35
N THR D 210 43.21 -44.58 0.14
CA THR D 210 44.53 -45.17 0.28
C THR D 210 45.27 -44.57 1.47
N MET D 211 44.55 -44.38 2.57
CA MET D 211 45.12 -43.84 3.80
C MET D 211 46.24 -44.71 4.34
N GLU D 212 46.77 -44.30 5.49
CA GLU D 212 47.57 -45.19 6.28
C GLU D 212 46.66 -46.38 6.52
N GLU D 213 47.16 -47.59 6.31
CA GLU D 213 46.34 -48.80 6.33
C GLU D 213 45.49 -48.93 7.59
N ALA D 214 46.12 -48.68 8.74
CA ALA D 214 45.45 -48.87 10.03
C ALA D 214 44.62 -47.65 10.42
N ALA D 215 44.86 -46.52 9.74
CA ALA D 215 44.07 -45.32 9.95
C ALA D 215 42.67 -45.52 9.38
N TYR D 216 42.61 -46.23 8.25
CA TYR D 216 41.36 -46.59 7.59
C TYR D 216 40.62 -47.56 8.48
N LYS D 217 41.36 -48.55 8.98
CA LYS D 217 40.79 -49.51 9.91
C LYS D 217 40.32 -48.81 11.18
N GLY D 218 41.07 -47.77 11.57
CA GLY D 218 40.66 -46.91 12.67
C GLY D 218 39.29 -46.30 12.41
N LEU D 219 39.12 -45.68 11.24
CA LEU D 219 37.83 -45.16 10.81
C LEU D 219 36.74 -46.26 10.75
N VAL D 220 37.09 -47.41 10.19
CA VAL D 220 36.17 -48.54 10.10
C VAL D 220 35.69 -49.00 11.49
N ALA D 221 36.59 -49.04 12.48
CA ALA D 221 36.23 -49.48 13.84
C ALA D 221 35.23 -48.57 14.55
N LEU D 222 35.04 -47.36 14.03
CA LEU D 222 34.04 -46.44 14.57
C LEU D 222 32.64 -46.80 14.06
N HIS D 223 32.55 -47.76 13.14
CA HIS D 223 31.28 -48.12 12.51
C HIS D 223 30.97 -49.57 12.83
N PRO D 224 29.99 -49.83 13.74
CA PRO D 224 29.71 -51.22 14.14
C PRO D 224 29.31 -52.09 12.97
N ALA D 225 28.84 -51.49 11.87
CA ALA D 225 28.59 -52.24 10.64
C ALA D 225 29.88 -52.81 10.06
N GLY D 226 31.03 -52.34 10.54
CA GLY D 226 32.31 -52.94 10.18
C GLY D 226 32.80 -52.64 8.78
N ARG D 227 32.22 -51.60 8.17
CA ARG D 227 32.69 -51.05 6.91
C ARG D 227 32.21 -49.61 6.78
N LEU D 228 32.79 -48.89 5.82
CA LEU D 228 32.36 -47.53 5.53
C LEU D 228 31.15 -47.54 4.59
N GLY D 229 30.51 -46.41 4.42
CA GLY D 229 29.36 -46.33 3.55
C GLY D 229 29.77 -46.03 2.12
N ARG D 230 28.85 -46.28 1.19
CA ARG D 230 29.01 -45.89 -0.21
C ARG D 230 28.17 -44.66 -0.55
N SER D 231 28.57 -43.90 -1.57
CA SER D 231 27.86 -42.70 -1.99
C SER D 231 26.40 -42.95 -2.33
N ASP D 232 26.18 -43.90 -3.22
CA ASP D 232 24.86 -44.35 -3.63
C ASP D 232 23.95 -44.63 -2.47
N GLU D 233 24.52 -45.15 -1.41
CA GLU D 233 23.78 -45.50 -0.20
C GLU D 233 23.18 -44.29 0.47
N VAL D 234 23.97 -43.21 0.58
CA VAL D 234 23.45 -41.93 1.08
C VAL D 234 22.35 -41.42 0.11
N ALA D 235 22.66 -41.43 -1.19
CA ALA D 235 21.71 -40.97 -2.20
C ALA D 235 20.34 -41.63 -2.12
N GLU D 236 20.29 -42.93 -1.80
CA GLU D 236 18.99 -43.61 -1.69
C GLU D 236 18.13 -42.95 -0.64
N LEU D 237 18.70 -42.68 0.53
CA LEU D 237 17.99 -42.04 1.62
C LEU D 237 17.56 -40.64 1.21
N ILE D 238 18.49 -39.88 0.63
CA ILE D 238 18.18 -38.55 0.13
C ILE D 238 16.95 -38.57 -0.78
N VAL D 239 16.99 -39.44 -1.79
CA VAL D 239 15.91 -39.49 -2.78
C VAL D 239 14.58 -40.00 -2.20
N PHE D 240 14.65 -40.94 -1.25
CA PHE D 240 13.47 -41.32 -0.49
C PHE D 240 12.82 -40.08 0.15
N LEU D 241 13.62 -39.28 0.87
CA LEU D 241 13.11 -38.13 1.61
C LEU D 241 12.53 -37.08 0.69
N LEU D 242 13.06 -37.03 -0.53
CA LEU D 242 12.61 -36.13 -1.57
C LEU D 242 11.23 -36.55 -2.06
N SER D 243 10.98 -37.86 -2.04
CA SER D 243 9.81 -38.41 -2.73
C SER D 243 8.51 -38.16 -1.99
N ASP D 244 7.41 -38.36 -2.71
CA ASP D 244 6.08 -38.26 -2.12
C ASP D 244 5.79 -39.39 -1.13
N ARG D 245 6.64 -40.40 -1.12
CA ARG D 245 6.52 -41.46 -0.13
C ARG D 245 6.77 -40.92 1.28
N ALA D 246 7.57 -39.87 1.38
CA ALA D 246 7.93 -39.29 2.67
C ALA D 246 7.09 -38.05 2.99
N SER D 247 5.81 -38.10 2.60
CA SER D 247 4.94 -36.93 2.63
C SER D 247 4.66 -36.37 4.03
N PHE D 248 4.84 -37.22 5.04
CA PHE D 248 4.73 -36.79 6.42
C PHE D 248 6.11 -36.81 7.13
N VAL D 249 7.19 -36.61 6.36
CA VAL D 249 8.54 -36.50 6.93
C VAL D 249 9.05 -35.08 6.80
N ALA D 250 9.23 -34.38 7.91
CA ALA D 250 9.64 -32.98 7.85
C ALA D 250 10.39 -32.55 9.10
N GLY D 251 11.39 -31.67 8.94
CA GLY D 251 12.14 -31.18 10.09
C GLY D 251 12.99 -32.21 10.80
N SER D 252 13.13 -33.37 10.18
CA SER D 252 13.86 -34.46 10.80
C SER D 252 15.21 -34.71 10.14
N TYR D 253 16.08 -35.30 10.96
CA TYR D 253 17.48 -35.56 10.69
C TYR D 253 17.64 -37.06 10.60
N HIS D 254 17.99 -37.55 9.43
CA HIS D 254 18.02 -38.99 9.18
C HIS D 254 19.44 -39.52 8.99
N LEU D 255 19.84 -40.41 9.89
CA LEU D 255 21.19 -40.95 9.89
C LEU D 255 21.36 -42.01 8.81
N VAL D 256 22.51 -41.99 8.15
CA VAL D 256 22.91 -43.13 7.34
C VAL D 256 24.37 -43.44 7.69
N ASP D 257 24.55 -44.14 8.81
CA ASP D 257 25.86 -44.15 9.44
C ASP D 257 26.40 -45.49 9.92
N GLY D 258 25.77 -46.58 9.52
CA GLY D 258 26.18 -47.90 10.00
C GLY D 258 26.26 -48.05 11.52
N ALA D 259 25.32 -47.43 12.23
CA ALA D 259 25.27 -47.43 13.69
C ALA D 259 26.38 -46.67 14.45
N TYR D 260 27.10 -45.79 13.76
CA TYR D 260 28.16 -44.96 14.36
C TYR D 260 27.67 -44.22 15.61
N THR D 261 26.52 -43.54 15.48
CA THR D 261 25.99 -42.72 16.56
C THR D 261 25.13 -43.48 17.55
N ALA D 262 24.84 -44.75 17.29
CA ALA D 262 24.01 -45.52 18.24
C ALA D 262 24.77 -45.89 19.51
N VAL D 263 26.10 -45.78 19.49
CA VAL D 263 26.91 -46.12 20.65
C VAL D 263 27.71 -44.95 21.22
N THR E 11 27.29 34.69 10.87
CA THR E 11 27.31 35.60 12.03
C THR E 11 26.32 35.16 13.14
N GLY E 12 26.57 33.95 13.66
CA GLY E 12 25.79 33.39 14.75
C GLY E 12 25.09 32.12 14.31
N TYR E 13 25.85 31.04 14.11
CA TYR E 13 25.34 29.75 13.61
C TYR E 13 23.99 29.37 14.18
N ALA E 14 23.89 29.49 15.49
CA ALA E 14 22.70 29.05 16.24
C ALA E 14 21.54 30.05 16.14
N ALA E 15 21.79 31.25 15.61
CA ALA E 15 20.76 32.28 15.53
C ALA E 15 20.47 32.69 14.09
N GLU E 16 21.09 31.99 13.14
CA GLU E 16 20.98 32.32 11.71
C GLU E 16 19.54 32.50 11.24
N PHE E 17 18.63 31.70 11.80
CA PHE E 17 17.22 31.76 11.43
C PHE E 17 16.34 32.24 12.57
N ALA E 18 16.93 32.96 13.53
CA ALA E 18 16.18 33.49 14.64
C ALA E 18 15.13 34.48 14.15
N GLY E 19 13.88 34.23 14.52
CA GLY E 19 12.79 35.13 14.16
C GLY E 19 12.08 34.75 12.88
N ARG E 20 12.62 33.77 12.15
CA ARG E 20 12.04 33.35 10.89
C ARG E 20 11.23 32.05 11.04
N THR E 21 10.13 31.95 10.30
CA THR E 21 9.30 30.76 10.41
C THR E 21 9.43 29.83 9.19
N ALA E 22 9.71 28.56 9.45
CA ALA E 22 9.89 27.53 8.41
C ALA E 22 8.80 26.44 8.40
N LEU E 23 8.16 26.27 7.24
CA LEU E 23 7.26 25.14 6.99
C LEU E 23 8.02 23.96 6.36
N VAL E 24 7.92 22.78 6.97
CA VAL E 24 8.59 21.60 6.41
C VAL E 24 7.59 20.48 6.19
N THR E 25 7.36 20.11 4.94
CA THR E 25 6.41 19.04 4.64
C THR E 25 7.13 17.70 4.72
N GLY E 26 6.42 16.68 5.22
CA GLY E 26 7.01 15.38 5.42
C GLY E 26 8.03 15.45 6.54
N ALA E 27 7.76 16.26 7.55
CA ALA E 27 8.75 16.52 8.57
C ALA E 27 8.93 15.40 9.59
N ALA E 28 8.02 14.42 9.59
CA ALA E 28 8.03 13.39 10.63
C ALA E 28 9.14 12.34 10.50
N SER E 29 9.71 12.21 9.32
CA SER E 29 10.69 11.18 9.09
C SER E 29 11.77 11.64 8.13
N GLY E 30 12.96 11.05 8.22
CA GLY E 30 14.01 11.18 7.23
C GLY E 30 14.53 12.57 6.93
N ILE E 31 14.66 12.86 5.65
CA ILE E 31 15.13 14.16 5.18
C ILE E 31 14.34 15.31 5.80
N GLY E 32 13.02 15.21 5.76
CA GLY E 32 12.18 16.24 6.34
C GLY E 32 12.51 16.47 7.80
N LEU E 33 12.67 15.37 8.53
CA LEU E 33 13.03 15.43 9.95
C LEU E 33 14.38 16.10 10.18
N ALA E 34 15.42 15.57 9.54
CA ALA E 34 16.75 16.16 9.63
C ALA E 34 16.76 17.65 9.25
N THR E 35 16.00 17.99 8.21
CA THR E 35 15.84 19.40 7.82
C THR E 35 15.23 20.23 8.95
N ALA E 36 14.14 19.73 9.53
CA ALA E 36 13.51 20.40 10.67
C ALA E 36 14.48 20.51 11.85
N ARG E 37 15.16 19.42 12.18
CA ARG E 37 16.17 19.42 13.25
C ARG E 37 17.28 20.47 13.00
N ARG E 38 17.82 20.50 11.79
CA ARG E 38 18.88 21.44 11.46
C ARG E 38 18.40 22.89 11.47
N LEU E 39 17.16 23.09 11.06
CA LEU E 39 16.56 24.42 11.02
C LEU E 39 16.36 24.96 12.45
N GLY E 40 15.94 24.08 13.36
CA GLY E 40 15.88 24.43 14.76
C GLY E 40 17.26 24.76 15.33
N ALA E 41 18.23 23.90 15.00
CA ALA E 41 19.63 24.11 15.36
C ALA E 41 20.12 25.51 15.00
N GLY E 42 19.57 26.07 13.92
CA GLY E 42 19.89 27.41 13.47
C GLY E 42 18.95 28.47 14.03
N GLY E 43 18.05 28.04 14.90
CA GLY E 43 17.20 28.98 15.61
C GLY E 43 15.85 29.31 14.99
N ALA E 44 15.39 28.48 14.04
CA ALA E 44 14.10 28.76 13.42
C ALA E 44 12.95 28.24 14.27
N ARG E 45 11.79 28.83 14.06
CA ARG E 45 10.53 28.22 14.44
C ARG E 45 10.15 27.24 13.33
N VAL E 46 9.88 26.00 13.70
CA VAL E 46 9.62 24.93 12.74
C VAL E 46 8.17 24.41 12.80
N VAL E 47 7.42 24.60 11.72
CA VAL E 47 6.09 23.99 11.62
C VAL E 47 6.21 22.58 11.04
N VAL E 48 6.03 21.56 11.88
CA VAL E 48 6.28 20.17 11.49
C VAL E 48 5.07 19.53 10.80
N ALA E 49 5.07 19.55 9.47
CA ALA E 49 3.91 19.12 8.70
C ALA E 49 4.05 17.69 8.14
N ASP E 50 3.10 16.81 8.44
CA ASP E 50 3.15 15.45 7.91
C ASP E 50 1.78 14.78 7.85
N PHE E 51 1.65 13.80 6.95
CA PHE E 51 0.44 12.99 6.87
C PHE E 51 0.34 12.18 8.17
N ASN E 52 1.49 11.66 8.60
CA ASN E 52 1.58 10.97 9.87
C ASN E 52 1.49 11.96 11.02
N ALA E 53 0.27 12.27 11.44
CA ALA E 53 0.02 13.22 12.53
C ALA E 53 0.73 12.86 13.84
N GLU E 54 0.83 11.57 14.17
CA GLU E 54 1.48 11.20 15.42
C GLU E 54 2.99 11.34 15.32
N GLY E 55 3.55 10.97 14.18
CA GLY E 55 4.96 11.17 13.91
C GLY E 55 5.27 12.66 13.90
N ALA E 56 4.32 13.46 13.46
CA ALA E 56 4.50 14.91 13.43
C ALA E 56 4.59 15.51 14.83
N GLU E 57 3.65 15.14 15.70
CA GLU E 57 3.67 15.62 17.08
C GLU E 57 4.92 15.18 17.82
N LYS E 58 5.36 13.95 17.58
CA LYS E 58 6.54 13.42 18.26
C LYS E 58 7.78 14.21 17.83
N ALA E 59 7.86 14.55 16.56
CA ALA E 59 8.97 15.36 16.05
C ALA E 59 8.92 16.77 16.66
N ALA E 60 7.76 17.40 16.63
CA ALA E 60 7.58 18.71 17.23
C ALA E 60 7.92 18.75 18.73
N ALA E 61 7.51 17.72 19.47
CA ALA E 61 7.67 17.75 20.92
C ALA E 61 9.12 17.60 21.31
N GLU E 62 9.81 16.68 20.63
CA GLU E 62 11.24 16.45 20.87
C GLU E 62 12.08 17.69 20.57
N LEU E 63 11.73 18.43 19.52
CA LEU E 63 12.37 19.71 19.27
C LEU E 63 12.04 20.67 20.42
N ARG E 64 10.76 20.77 20.74
CA ARG E 64 10.28 21.64 21.80
C ARG E 64 11.02 21.41 23.11
N ALA E 65 11.37 20.15 23.38
CA ALA E 65 12.12 19.77 24.57
C ALA E 65 13.59 20.15 24.50
N GLY E 66 14.00 20.75 23.39
CA GLY E 66 15.39 21.11 23.20
C GLY E 66 15.53 22.59 22.90
N GLY E 67 14.57 23.37 23.41
CA GLY E 67 14.60 24.81 23.29
C GLY E 67 14.14 25.36 21.95
N VAL E 68 13.73 24.48 21.04
CA VAL E 68 13.31 24.91 19.70
C VAL E 68 11.80 25.11 19.65
N GLU E 69 11.37 26.21 19.03
CA GLU E 69 9.94 26.43 18.80
C GLU E 69 9.45 25.56 17.63
N ALA E 70 8.41 24.78 17.87
CA ALA E 70 7.97 23.79 16.89
C ALA E 70 6.53 23.34 17.10
N ALA E 71 5.76 23.31 16.00
CA ALA E 71 4.35 22.92 16.04
C ALA E 71 4.04 21.90 14.96
N ALA E 72 3.36 20.83 15.32
CA ALA E 72 3.05 19.78 14.37
C ALA E 72 1.71 20.07 13.74
N VAL E 73 1.51 19.63 12.50
CA VAL E 73 0.21 19.80 11.85
C VAL E 73 -0.05 18.69 10.83
N GLU E 74 -1.30 18.19 10.80
CA GLU E 74 -1.66 17.11 9.88
C GLU E 74 -1.83 17.66 8.47
N LEU E 75 -1.07 17.11 7.54
CA LEU E 75 -1.01 17.61 6.17
C LEU E 75 -1.12 16.46 5.17
N ASP E 76 -2.06 16.56 4.22
CA ASP E 76 -2.02 15.69 3.04
C ASP E 76 -1.73 16.52 1.80
N VAL E 77 -0.48 16.54 1.36
CA VAL E 77 -0.11 17.39 0.23
C VAL E 77 -0.86 17.09 -1.07
N THR E 78 -1.62 16.00 -1.12
CA THR E 78 -2.37 15.68 -2.34
C THR E 78 -3.72 16.38 -2.35
N ARG E 79 -4.02 17.10 -1.28
CA ARG E 79 -5.28 17.82 -1.18
C ARG E 79 -4.99 19.29 -0.93
N PRO E 80 -5.35 20.14 -1.90
CA PRO E 80 -5.07 21.57 -1.86
C PRO E 80 -5.61 22.25 -0.60
N GLU E 81 -6.82 21.90 -0.17
CA GLU E 81 -7.36 22.52 1.04
C GLU E 81 -6.55 22.10 2.30
N SER E 82 -6.01 20.89 2.29
CA SER E 82 -5.10 20.46 3.37
C SER E 82 -3.82 21.31 3.40
N VAL E 83 -3.31 21.63 2.23
CA VAL E 83 -2.07 22.40 2.15
C VAL E 83 -2.37 23.82 2.55
N GLU E 84 -3.48 24.36 2.03
CA GLU E 84 -3.95 25.71 2.36
C GLU E 84 -4.17 25.91 3.85
N ALA E 85 -4.58 24.84 4.52
CA ALA E 85 -4.85 24.89 5.96
C ALA E 85 -3.55 24.81 6.77
N ALA E 86 -2.64 23.94 6.33
CA ALA E 86 -1.28 23.88 6.87
C ALA E 86 -0.51 25.20 6.83
N VAL E 87 -0.51 25.86 5.67
CA VAL E 87 0.12 27.16 5.55
C VAL E 87 -0.53 28.19 6.47
N GLY E 88 -1.87 28.17 6.49
CA GLY E 88 -2.65 29.03 7.37
C GLY E 88 -2.32 28.77 8.84
N PHE E 89 -2.17 27.50 9.20
CA PHE E 89 -1.81 27.12 10.57
C PHE E 89 -0.50 27.81 10.99
N ALA E 90 0.48 27.76 10.10
CA ALA E 90 1.79 28.36 10.34
C ALA E 90 1.69 29.84 10.59
N VAL E 91 1.03 30.56 9.70
CA VAL E 91 0.79 31.99 9.86
C VAL E 91 0.08 32.27 11.21
N ASP E 92 -0.96 31.50 11.50
CA ASP E 92 -1.73 31.69 12.72
C ASP E 92 -0.92 31.38 13.99
N THR E 93 -0.06 30.38 13.91
CA THR E 93 0.74 29.98 15.06
C THR E 93 1.91 30.94 15.36
N PHE E 94 2.72 31.25 14.36
CA PHE E 94 3.95 32.01 14.59
C PHE E 94 3.91 33.42 14.00
N GLY E 95 2.81 33.80 13.37
CA GLY E 95 2.65 35.17 12.89
C GLY E 95 2.81 35.32 11.40
N SER E 96 3.71 34.54 10.81
CA SER E 96 3.93 34.59 9.36
C SER E 96 4.78 33.41 8.90
N LEU E 97 5.04 33.37 7.60
CA LEU E 97 5.85 32.32 6.97
C LEU E 97 6.94 32.93 6.10
N ASP E 98 8.18 32.54 6.37
CA ASP E 98 9.32 33.04 5.61
C ASP E 98 9.98 31.95 4.76
N LEU E 99 9.94 30.71 5.24
CA LEU E 99 10.74 29.65 4.66
C LEU E 99 9.93 28.37 4.52
N ALA E 100 10.22 27.58 3.48
CA ALA E 100 9.52 26.33 3.28
C ALA E 100 10.39 25.26 2.64
N VAL E 101 10.19 24.02 3.07
CA VAL E 101 10.83 22.87 2.45
C VAL E 101 9.77 21.90 1.98
N ASN E 102 9.56 21.86 0.68
CA ASN E 102 8.57 20.98 0.10
C ASN E 102 9.19 19.61 -0.17
N ASN E 103 9.09 18.76 0.85
CA ASN E 103 9.85 17.53 0.95
C ASN E 103 9.01 16.25 0.91
N ALA E 104 7.74 16.34 1.27
CA ALA E 104 6.88 15.15 1.33
C ALA E 104 6.90 14.30 0.06
N GLY E 105 7.17 13.01 0.20
CA GLY E 105 7.14 12.14 -0.96
C GLY E 105 7.06 10.65 -0.68
N ILE E 106 6.72 9.90 -1.73
CA ILE E 106 6.85 8.45 -1.79
C ILE E 106 7.57 8.30 -3.13
N GLY E 107 8.13 7.14 -3.48
CA GLY E 107 7.81 5.85 -2.92
C GLY E 107 7.51 5.09 -4.20
N GLY E 108 6.35 4.46 -4.25
CA GLY E 108 5.88 3.82 -5.47
C GLY E 108 6.54 2.49 -5.80
N PRO E 109 5.74 1.56 -6.36
CA PRO E 109 6.25 0.25 -6.73
C PRO E 109 7.25 0.36 -7.85
N SER E 110 7.91 -0.75 -8.15
CA SER E 110 8.86 -0.83 -9.24
C SER E 110 8.33 -1.76 -10.34
N ALA E 111 8.19 -1.22 -11.56
CA ALA E 111 7.72 -1.98 -12.72
C ALA E 111 8.11 -1.28 -14.01
N PRO E 112 8.42 -2.06 -15.05
CA PRO E 112 8.65 -1.45 -16.36
C PRO E 112 7.42 -0.66 -16.77
N THR E 113 7.64 0.41 -17.53
CA THR E 113 6.59 1.37 -17.90
C THR E 113 5.33 0.73 -18.44
N GLY E 114 5.49 -0.30 -19.27
CA GLY E 114 4.38 -0.99 -19.90
C GLY E 114 3.53 -1.84 -18.97
N GLU E 115 4.08 -2.18 -17.81
CA GLU E 115 3.37 -2.99 -16.82
C GLU E 115 3.00 -2.17 -15.61
N TYR E 116 3.22 -0.86 -15.66
CA TYR E 116 3.03 -0.05 -14.47
C TYR E 116 1.55 0.17 -14.12
N ASP E 117 1.25 -0.06 -12.85
CA ASP E 117 -0.11 0.00 -12.33
C ASP E 117 -0.62 1.44 -12.39
N VAL E 118 -1.76 1.63 -13.04
CA VAL E 118 -2.28 2.98 -13.28
C VAL E 118 -2.48 3.77 -11.98
N ALA E 119 -3.28 3.21 -11.07
CA ALA E 119 -3.48 3.79 -9.75
C ALA E 119 -2.17 4.15 -9.03
N ALA E 120 -1.18 3.28 -9.11
CA ALA E 120 0.11 3.52 -8.44
C ALA E 120 0.85 4.71 -9.06
N TYR E 121 0.83 4.78 -10.38
CA TYR E 121 1.33 5.96 -11.06
C TYR E 121 0.63 7.22 -10.52
N GLN E 122 -0.68 7.16 -10.34
CA GLN E 122 -1.41 8.35 -9.93
C GLN E 122 -0.98 8.91 -8.55
N ARG E 123 -0.93 8.05 -7.52
CA ARG E 123 -0.49 8.46 -6.19
C ARG E 123 0.87 9.17 -6.21
N VAL E 124 1.85 8.49 -6.77
CA VAL E 124 3.22 8.98 -6.93
C VAL E 124 3.27 10.37 -7.56
N VAL E 125 2.46 10.61 -8.58
CA VAL E 125 2.50 11.90 -9.26
C VAL E 125 1.75 12.95 -8.44
N ARG E 126 0.61 12.56 -7.85
CA ARG E 126 -0.19 13.50 -7.08
C ARG E 126 0.61 13.95 -5.86
N THR E 127 1.32 13.01 -5.25
CA THR E 127 2.11 13.32 -4.06
C THR E 127 3.40 14.08 -4.37
N ASN E 128 4.25 13.53 -5.24
CA ASN E 128 5.57 14.11 -5.46
C ASN E 128 5.57 15.37 -6.29
N LEU E 129 4.68 15.43 -7.28
CA LEU E 129 4.64 16.62 -8.15
C LEU E 129 3.51 17.57 -7.78
N ASP E 130 2.27 17.11 -7.86
CA ASP E 130 1.12 17.96 -7.54
C ASP E 130 1.22 18.50 -6.13
N GLY E 131 1.60 17.64 -5.20
CA GLY E 131 1.83 18.05 -3.83
C GLY E 131 2.82 19.19 -3.70
N VAL E 132 3.88 19.15 -4.49
CA VAL E 132 4.83 20.26 -4.49
C VAL E 132 4.22 21.54 -5.05
N PHE E 133 3.45 21.43 -6.12
CA PHE E 133 2.82 22.60 -6.69
C PHE E 133 1.85 23.25 -5.72
N TYR E 134 1.01 22.42 -5.11
CA TYR E 134 0.05 22.89 -4.13
C TYR E 134 0.77 23.59 -2.98
N SER E 135 1.88 23.00 -2.54
CA SER E 135 2.66 23.60 -1.46
C SER E 135 3.09 25.00 -1.85
N MET E 136 3.69 25.12 -3.02
CA MET E 136 4.14 26.43 -3.49
C MET E 136 2.95 27.35 -3.71
N ARG E 137 1.83 26.80 -4.19
CA ARG E 137 0.67 27.60 -4.54
C ARG E 137 0.14 28.41 -3.37
N TYR E 138 0.25 27.83 -2.17
CA TYR E 138 -0.24 28.51 -1.00
C TYR E 138 0.87 29.11 -0.15
N GLU E 139 2.07 28.54 -0.23
CA GLU E 139 3.21 29.16 0.46
C GLU E 139 3.55 30.53 -0.10
N LEU E 140 3.51 30.65 -1.43
CA LEU E 140 4.00 31.83 -2.11
C LEU E 140 3.28 33.13 -1.66
N PRO E 141 1.93 33.15 -1.68
CA PRO E 141 1.27 34.40 -1.24
C PRO E 141 1.44 34.74 0.25
N ALA E 142 1.63 33.73 1.09
CA ALA E 142 1.88 33.99 2.50
C ALA E 142 3.26 34.60 2.71
N ILE E 143 4.25 34.11 1.98
CA ILE E 143 5.61 34.62 2.08
C ILE E 143 5.75 36.05 1.57
N GLU E 144 5.01 36.38 0.50
CA GLU E 144 4.86 37.77 0.07
C GLU E 144 4.21 38.61 1.17
N ALA E 145 3.22 38.02 1.84
CA ALA E 145 2.44 38.73 2.84
C ALA E 145 3.33 39.11 4.01
N ALA E 146 4.26 38.21 4.37
CA ALA E 146 5.25 38.48 5.42
C ALA E 146 6.02 39.74 5.06
N GLY E 147 6.06 40.05 3.76
CA GLY E 147 6.58 41.30 3.26
C GLY E 147 8.09 41.35 3.05
N LYS E 148 8.80 40.36 3.60
CA LYS E 148 10.24 40.48 3.74
C LYS E 148 11.01 39.50 2.86
N GLY E 149 10.34 38.98 1.84
CA GLY E 149 10.99 38.00 0.98
C GLY E 149 11.32 36.70 1.70
N GLY E 150 11.52 35.64 0.93
CA GLY E 150 11.73 34.33 1.51
C GLY E 150 12.52 33.39 0.64
N SER E 151 12.42 32.11 0.95
CA SER E 151 13.17 31.09 0.25
C SER E 151 12.43 29.80 0.37
N ILE E 152 12.24 29.14 -0.76
CA ILE E 152 11.58 27.86 -0.78
C ILE E 152 12.55 26.85 -1.37
N VAL E 153 12.69 25.70 -0.72
CA VAL E 153 13.43 24.59 -1.30
C VAL E 153 12.54 23.36 -1.60
N ASN E 154 12.59 22.90 -2.84
CA ASN E 154 11.86 21.72 -3.27
C ASN E 154 12.77 20.53 -3.35
N VAL E 155 12.39 19.47 -2.64
CA VAL E 155 13.21 18.27 -2.64
C VAL E 155 12.88 17.45 -3.87
N ALA E 156 13.78 17.50 -4.85
CA ALA E 156 13.62 16.74 -6.07
C ALA E 156 14.33 15.42 -5.87
N SER E 157 15.32 15.15 -6.72
CA SER E 157 16.11 13.93 -6.65
C SER E 157 17.07 13.94 -7.80
N ILE E 158 18.09 13.10 -7.72
CA ILE E 158 18.91 12.86 -8.89
C ILE E 158 18.01 12.38 -10.02
N LEU E 159 16.88 11.80 -9.64
CA LEU E 159 15.92 11.30 -10.62
C LEU E 159 15.07 12.41 -11.20
N GLY E 160 15.40 13.65 -10.87
CA GLY E 160 14.79 14.81 -11.50
C GLY E 160 15.62 15.24 -12.71
N SER E 161 16.77 14.60 -12.90
CA SER E 161 17.62 14.90 -14.05
C SER E 161 18.06 13.66 -14.86
N VAL E 162 18.03 12.48 -14.23
CA VAL E 162 18.26 11.20 -14.92
C VAL E 162 17.09 10.27 -14.68
N GLY E 163 16.93 9.27 -15.54
CA GLY E 163 15.88 8.28 -15.35
C GLY E 163 16.36 7.13 -14.47
N PHE E 164 15.49 6.16 -14.23
CA PHE E 164 15.86 4.99 -13.43
C PHE E 164 14.85 3.91 -13.72
N ALA E 165 15.32 2.74 -14.15
CA ALA E 165 14.43 1.69 -14.64
C ALA E 165 13.48 1.18 -13.57
N GLY E 166 12.20 1.06 -13.92
CA GLY E 166 11.19 0.55 -13.02
C GLY E 166 10.47 1.62 -12.23
N SER E 167 10.92 2.86 -12.37
CA SER E 167 10.28 3.96 -11.63
C SER E 167 9.84 5.14 -12.49
N PRO E 168 9.10 4.88 -13.59
CA PRO E 168 8.72 5.98 -14.49
C PRO E 168 7.91 7.06 -13.78
N ALA E 169 7.09 6.67 -12.82
CA ALA E 169 6.26 7.65 -12.15
C ALA E 169 7.10 8.58 -11.29
N TYR E 170 8.07 8.01 -10.59
CA TYR E 170 8.83 8.79 -9.63
C TYR E 170 9.80 9.73 -10.35
N VAL E 171 10.34 9.26 -11.46
CA VAL E 171 11.25 10.03 -12.28
C VAL E 171 10.51 11.17 -12.98
N ALA E 172 9.34 10.86 -13.55
CA ALA E 172 8.49 11.88 -14.17
C ALA E 172 8.20 12.96 -13.14
N ALA E 173 7.63 12.55 -12.00
CA ALA E 173 7.31 13.47 -10.93
C ALA E 173 8.51 14.34 -10.55
N LYS E 174 9.64 13.69 -10.26
CA LYS E 174 10.83 14.42 -9.83
C LYS E 174 11.34 15.41 -10.88
N HIS E 175 11.28 15.02 -12.15
CA HIS E 175 11.62 15.94 -13.24
C HIS E 175 10.71 17.14 -13.18
N GLY E 176 9.44 16.90 -12.93
CA GLY E 176 8.45 17.97 -12.91
C GLY E 176 8.69 18.95 -11.78
N VAL E 177 9.22 18.45 -10.67
CA VAL E 177 9.53 19.31 -9.54
C VAL E 177 10.62 20.31 -9.96
N VAL E 178 11.63 19.81 -10.63
CA VAL E 178 12.73 20.64 -11.16
C VAL E 178 12.16 21.76 -12.04
N GLY E 179 11.31 21.40 -12.97
CA GLY E 179 10.66 22.37 -13.85
C GLY E 179 9.84 23.37 -13.07
N LEU E 180 9.06 22.86 -12.12
CA LEU E 180 8.27 23.71 -11.23
C LEU E 180 9.20 24.70 -10.53
N THR E 181 10.39 24.22 -10.17
CA THR E 181 11.33 25.09 -9.50
C THR E 181 11.75 26.23 -10.42
N LYS E 182 12.12 25.93 -11.65
CA LYS E 182 12.64 26.96 -12.52
C LYS E 182 11.61 28.05 -12.90
N ALA E 183 10.37 27.63 -13.15
CA ALA E 183 9.29 28.54 -13.54
C ALA E 183 8.94 29.51 -12.42
N ALA E 184 8.56 28.96 -11.28
CA ALA E 184 8.25 29.76 -10.10
C ALA E 184 9.40 30.68 -9.73
N ALA E 185 10.62 30.14 -9.84
CA ALA E 185 11.78 30.94 -9.51
C ALA E 185 11.90 32.12 -10.46
N ALA E 186 11.66 31.87 -11.75
CA ALA E 186 11.71 32.97 -12.71
C ALA E 186 10.66 34.02 -12.36
N GLU E 187 9.49 33.57 -11.93
CA GLU E 187 8.39 34.49 -11.57
C GLU E 187 8.65 35.34 -10.31
N TYR E 188 9.32 34.78 -9.30
CA TYR E 188 9.38 35.43 -7.98
C TYR E 188 10.76 35.91 -7.52
N ALA E 189 11.79 35.64 -8.32
CA ALA E 189 13.16 35.99 -7.97
C ALA E 189 13.30 37.46 -7.60
N ALA E 190 12.71 38.32 -8.42
CA ALA E 190 12.82 39.77 -8.26
C ALA E 190 11.94 40.32 -7.14
N ARG E 191 10.98 39.52 -6.69
CA ARG E 191 10.17 39.89 -5.55
C ARG E 191 10.80 39.46 -4.22
N GLY E 192 12.08 39.07 -4.24
CA GLY E 192 12.78 38.73 -3.02
C GLY E 192 12.51 37.35 -2.45
N ILE E 193 11.96 36.46 -3.28
CA ILE E 193 11.72 35.08 -2.86
C ILE E 193 12.49 34.13 -3.78
N ARG E 194 13.53 33.49 -3.25
CA ARG E 194 14.34 32.59 -4.05
C ARG E 194 13.83 31.15 -4.00
N ILE E 195 13.70 30.52 -5.16
CA ILE E 195 13.22 29.15 -5.20
C ILE E 195 14.22 28.22 -5.87
N ASN E 196 14.65 27.20 -5.14
CA ASN E 196 15.63 26.25 -5.65
C ASN E 196 15.24 24.79 -5.42
N ALA E 197 15.94 23.88 -6.09
CA ALA E 197 15.78 22.44 -5.85
C ALA E 197 17.09 21.79 -5.43
N VAL E 198 16.99 20.84 -4.50
CA VAL E 198 18.11 19.95 -4.24
C VAL E 198 17.84 18.65 -4.97
N GLY E 199 18.91 17.91 -5.26
CA GLY E 199 18.81 16.65 -5.98
C GLY E 199 19.65 15.55 -5.35
N PRO E 200 19.12 14.91 -4.29
CA PRO E 200 19.94 13.95 -3.56
C PRO E 200 20.02 12.57 -4.21
N GLY E 201 21.13 11.89 -3.92
CA GLY E 201 21.34 10.52 -4.35
C GLY E 201 20.50 9.57 -3.52
N PHE E 202 20.79 8.28 -3.61
CA PHE E 202 20.14 7.35 -2.70
C PHE E 202 20.63 7.61 -1.27
N ILE E 203 19.68 7.82 -0.36
CA ILE E 203 19.95 8.22 1.02
C ILE E 203 19.44 7.15 2.02
N ASP E 204 20.22 6.86 3.06
CA ASP E 204 19.82 5.90 4.11
C ASP E 204 18.61 6.34 4.91
N THR E 205 17.52 5.59 4.78
CA THR E 205 16.20 6.10 5.14
C THR E 205 15.26 4.94 4.80
N PRO E 206 13.94 5.12 5.03
CA PRO E 206 13.00 4.22 4.34
C PRO E 206 12.72 4.62 2.88
N GLU E 212 19.33 -4.84 3.01
CA GLU E 212 19.62 -5.74 1.91
C GLU E 212 21.13 -5.97 1.75
N GLU E 213 21.48 -6.89 0.86
CA GLU E 213 22.85 -7.00 0.37
C GLU E 213 22.83 -6.63 -1.12
N ALA E 214 21.86 -7.20 -1.85
CA ALA E 214 21.78 -6.99 -3.30
C ALA E 214 21.25 -5.60 -3.66
N ALA E 215 19.97 -5.35 -3.36
CA ALA E 215 19.31 -4.07 -3.63
C ALA E 215 19.93 -2.92 -2.84
N TYR E 216 21.23 -3.01 -2.61
CA TYR E 216 21.93 -2.04 -1.79
C TYR E 216 23.36 -1.94 -2.26
N LYS E 217 24.07 -3.06 -2.29
CA LYS E 217 25.44 -3.04 -2.79
C LYS E 217 25.35 -2.68 -4.25
N GLY E 218 24.22 -3.04 -4.85
CA GLY E 218 23.89 -2.64 -6.21
C GLY E 218 23.65 -1.14 -6.29
N LEU E 219 23.03 -0.59 -5.25
CA LEU E 219 22.84 0.85 -5.19
C LEU E 219 24.16 1.58 -4.93
N VAL E 220 24.91 1.07 -3.95
CA VAL E 220 26.15 1.70 -3.51
C VAL E 220 27.14 1.87 -4.64
N ALA E 221 27.28 0.85 -5.48
CA ALA E 221 28.24 0.88 -6.59
C ALA E 221 27.97 2.01 -7.59
N LEU E 222 26.74 2.54 -7.57
CA LEU E 222 26.31 3.60 -8.48
C LEU E 222 26.70 4.99 -7.96
N HIS E 223 27.33 5.05 -6.78
CA HIS E 223 27.86 6.30 -6.24
C HIS E 223 29.38 6.19 -6.08
N PRO E 224 30.14 6.92 -6.90
CA PRO E 224 31.60 6.96 -6.78
C PRO E 224 32.09 7.21 -5.36
N ALA E 225 31.35 7.98 -4.56
CA ALA E 225 31.70 8.22 -3.16
C ALA E 225 31.61 6.95 -2.30
N GLY E 226 31.18 5.85 -2.90
CA GLY E 226 31.27 4.54 -2.27
C GLY E 226 30.35 4.30 -1.09
N ARG E 227 29.34 5.14 -0.95
CA ARG E 227 28.34 4.95 0.08
C ARG E 227 27.09 5.75 -0.25
N LEU E 228 25.96 5.30 0.27
CA LEU E 228 24.75 6.09 0.27
C LEU E 228 24.93 7.31 1.17
N GLY E 229 24.09 8.33 0.99
CA GLY E 229 24.17 9.53 1.80
C GLY E 229 23.36 9.49 3.08
N ARG E 230 23.67 10.39 4.01
CA ARG E 230 22.90 10.52 5.25
C ARG E 230 21.87 11.61 5.11
N SER E 231 20.70 11.38 5.68
CA SER E 231 19.60 12.33 5.54
C SER E 231 19.97 13.68 6.14
N ASP E 232 20.91 13.69 7.08
CA ASP E 232 21.54 14.90 7.64
C ASP E 232 22.32 15.71 6.63
N GLU E 233 22.94 15.01 5.73
CA GLU E 233 23.79 15.66 4.74
C GLU E 233 22.91 16.45 3.75
N VAL E 234 21.77 15.87 3.38
CA VAL E 234 20.82 16.54 2.50
C VAL E 234 20.27 17.78 3.17
N ALA E 235 20.10 17.67 4.49
CA ALA E 235 19.57 18.76 5.29
C ALA E 235 20.45 20.00 5.19
N GLU E 236 21.76 19.83 5.35
CA GLU E 236 22.70 20.94 5.28
C GLU E 236 22.59 21.76 3.97
N LEU E 237 22.57 21.07 2.83
CA LEU E 237 22.40 21.73 1.55
C LEU E 237 21.06 22.45 1.47
N ILE E 238 20.01 21.82 2.01
CA ILE E 238 18.71 22.48 2.00
C ILE E 238 18.77 23.78 2.80
N VAL E 239 19.36 23.70 3.98
CA VAL E 239 19.40 24.83 4.89
C VAL E 239 20.33 25.95 4.42
N PHE E 240 21.44 25.58 3.80
CA PHE E 240 22.30 26.60 3.19
C PHE E 240 21.52 27.41 2.15
N LEU E 241 20.87 26.69 1.24
CA LEU E 241 20.01 27.31 0.23
C LEU E 241 18.89 28.18 0.82
N LEU E 242 18.38 27.80 1.99
CA LEU E 242 17.32 28.59 2.62
C LEU E 242 17.85 29.91 3.16
N SER E 243 19.13 29.93 3.49
CA SER E 243 19.73 31.06 4.21
C SER E 243 20.05 32.23 3.31
N ASP E 244 20.48 33.33 3.93
CA ASP E 244 20.90 34.54 3.23
C ASP E 244 22.30 34.45 2.63
N ARG E 245 23.04 33.42 3.01
CA ARG E 245 24.34 33.16 2.40
C ARG E 245 24.14 32.76 0.91
N ALA E 246 22.95 32.26 0.58
CA ALA E 246 22.64 31.86 -0.79
C ALA E 246 21.83 32.92 -1.54
N SER E 247 22.00 34.19 -1.17
CA SER E 247 21.21 35.31 -1.71
C SER E 247 21.15 35.47 -3.24
N PHE E 248 22.13 34.97 -3.98
CA PHE E 248 22.10 35.09 -5.45
C PHE E 248 21.84 33.74 -6.12
N VAL E 249 21.34 32.79 -5.32
CA VAL E 249 21.06 31.45 -5.81
C VAL E 249 19.58 31.28 -6.02
N ALA E 250 19.14 31.40 -7.27
CA ALA E 250 17.72 31.27 -7.58
C ALA E 250 17.50 30.37 -8.79
N GLY E 251 16.51 29.49 -8.67
CA GLY E 251 16.02 28.69 -9.79
C GLY E 251 16.93 27.58 -10.25
N SER E 252 17.91 27.25 -9.42
CA SER E 252 18.88 26.23 -9.77
C SER E 252 18.69 24.93 -8.97
N TYR E 253 19.22 23.84 -9.53
CA TYR E 253 19.05 22.48 -9.02
C TYR E 253 20.42 22.08 -8.51
N HIS E 254 20.51 21.77 -7.22
CA HIS E 254 21.79 21.50 -6.60
C HIS E 254 21.87 20.07 -6.12
N LEU E 255 22.82 19.34 -6.67
CA LEU E 255 22.92 17.91 -6.43
C LEU E 255 23.61 17.66 -5.09
N VAL E 256 23.27 16.52 -4.50
CA VAL E 256 23.98 16.01 -3.33
C VAL E 256 23.87 14.50 -3.46
N ASP E 257 24.72 13.96 -4.32
CA ASP E 257 24.68 12.56 -4.68
C ASP E 257 26.07 11.99 -4.50
N GLY E 258 26.32 10.79 -4.95
CA GLY E 258 27.63 10.22 -4.71
C GLY E 258 28.66 10.70 -5.73
N ALA E 259 28.30 11.74 -6.48
CA ALA E 259 28.74 11.99 -7.86
C ALA E 259 28.05 11.02 -8.82
N TYR E 260 26.95 10.45 -8.35
CA TYR E 260 26.06 9.59 -9.12
C TYR E 260 25.76 10.12 -10.52
N THR E 261 25.35 11.38 -10.61
CA THR E 261 25.02 11.96 -11.91
C THR E 261 26.22 12.54 -12.66
N ALA E 262 27.42 12.36 -12.13
CA ALA E 262 28.63 12.94 -12.71
C ALA E 262 29.19 12.07 -13.81
N VAL E 263 28.76 10.82 -13.84
CA VAL E 263 29.18 9.89 -14.87
C VAL E 263 27.95 9.31 -15.56
N THR F 11 17.72 1.80 -48.18
CA THR F 11 18.14 3.07 -48.74
C THR F 11 16.92 3.83 -49.30
N GLY F 12 16.82 5.12 -48.97
CA GLY F 12 15.68 5.92 -49.41
C GLY F 12 14.75 6.31 -48.28
N TYR F 13 14.00 7.39 -48.46
CA TYR F 13 13.10 7.88 -47.44
C TYR F 13 11.69 7.42 -47.76
N ALA F 14 11.44 7.24 -49.06
CA ALA F 14 10.10 7.08 -49.59
C ALA F 14 9.33 5.87 -49.08
N ALA F 15 10.00 4.76 -48.84
CA ALA F 15 9.31 3.57 -48.32
C ALA F 15 10.00 3.02 -47.06
N GLU F 16 10.65 3.89 -46.30
CA GLU F 16 11.49 3.42 -45.20
C GLU F 16 10.69 2.92 -43.99
N PHE F 17 9.39 3.20 -44.01
CA PHE F 17 8.48 2.72 -42.98
C PHE F 17 7.51 1.69 -43.57
N ALA F 18 7.85 1.14 -44.73
CA ALA F 18 7.03 0.12 -45.39
C ALA F 18 6.63 -1.02 -44.46
N GLY F 19 5.34 -1.29 -44.40
CA GLY F 19 4.84 -2.37 -43.56
C GLY F 19 4.75 -2.05 -42.07
N ARG F 20 5.11 -0.82 -41.69
CA ARG F 20 5.08 -0.45 -40.27
C ARG F 20 3.88 0.44 -39.92
N THR F 21 3.30 0.22 -38.74
CA THR F 21 2.12 0.97 -38.30
C THR F 21 2.48 2.02 -37.25
N ALA F 22 2.10 3.26 -37.50
CA ALA F 22 2.56 4.35 -36.67
C ALA F 22 1.37 5.07 -36.07
N LEU F 23 1.30 5.10 -34.75
CA LEU F 23 0.18 5.75 -34.08
C LEU F 23 0.60 7.13 -33.59
N VAL F 24 -0.10 8.14 -34.07
CA VAL F 24 0.14 9.52 -33.68
C VAL F 24 -1.07 10.07 -32.94
N THR F 25 -0.84 10.53 -31.71
CA THR F 25 -1.88 11.20 -30.94
C THR F 25 -1.86 12.69 -31.20
N GLY F 26 -2.99 13.34 -30.94
CA GLY F 26 -3.15 14.75 -31.25
C GLY F 26 -2.90 15.07 -32.72
N ALA F 27 -3.22 14.11 -33.58
CA ALA F 27 -2.78 14.15 -34.98
C ALA F 27 -3.61 15.01 -35.93
N ALA F 28 -4.63 15.70 -35.43
CA ALA F 28 -5.55 16.42 -36.33
C ALA F 28 -5.11 17.82 -36.63
N SER F 29 -4.03 18.25 -35.98
CA SER F 29 -3.63 19.65 -36.04
C SER F 29 -2.13 19.79 -35.79
N GLY F 30 -1.57 20.88 -36.31
CA GLY F 30 -0.21 21.31 -35.97
C GLY F 30 0.88 20.27 -36.14
N ILE F 31 1.63 20.02 -35.07
CA ILE F 31 2.75 19.08 -35.10
C ILE F 31 2.30 17.64 -35.41
N GLY F 32 1.25 17.17 -34.75
CA GLY F 32 0.73 15.83 -34.98
C GLY F 32 0.26 15.63 -36.43
N LEU F 33 -0.42 16.64 -36.98
CA LEU F 33 -0.78 16.58 -38.39
C LEU F 33 0.47 16.52 -39.28
N ALA F 34 1.46 17.37 -39.03
CA ALA F 34 2.65 17.40 -39.89
C ALA F 34 3.42 16.09 -39.82
N THR F 35 3.44 15.52 -38.63
CA THR F 35 4.09 14.24 -38.34
C THR F 35 3.40 13.07 -39.04
N ALA F 36 2.08 13.04 -38.97
CA ALA F 36 1.31 12.01 -39.67
C ALA F 36 1.55 12.14 -41.18
N ARG F 37 1.59 13.37 -41.69
CA ARG F 37 1.91 13.64 -43.09
C ARG F 37 3.31 13.19 -43.51
N ARG F 38 4.32 13.43 -42.67
CA ARG F 38 5.68 13.04 -43.00
C ARG F 38 5.87 11.51 -42.88
N LEU F 39 5.20 10.90 -41.91
CA LEU F 39 5.20 9.45 -41.74
C LEU F 39 4.67 8.77 -43.01
N GLY F 40 3.56 9.27 -43.53
CA GLY F 40 3.00 8.77 -44.78
C GLY F 40 3.92 8.93 -45.98
N ALA F 41 4.70 10.01 -46.01
CA ALA F 41 5.68 10.19 -47.07
C ALA F 41 6.81 9.20 -46.94
N GLY F 42 6.90 8.56 -45.79
CA GLY F 42 7.90 7.53 -45.56
C GLY F 42 7.33 6.17 -45.86
N GLY F 43 6.04 6.14 -46.17
CA GLY F 43 5.36 4.91 -46.55
C GLY F 43 4.70 4.19 -45.38
N ALA F 44 4.59 4.88 -44.25
CA ALA F 44 3.98 4.31 -43.04
C ALA F 44 2.47 4.27 -43.16
N ARG F 45 1.86 3.27 -42.51
CA ARG F 45 0.41 3.24 -42.34
C ARG F 45 0.08 4.03 -41.07
N VAL F 46 -0.75 5.07 -41.19
CA VAL F 46 -0.89 6.03 -40.10
C VAL F 46 -2.23 5.98 -39.38
N VAL F 47 -2.18 5.82 -38.07
CA VAL F 47 -3.39 5.93 -37.27
C VAL F 47 -3.43 7.33 -36.71
N VAL F 48 -4.45 8.08 -37.14
CA VAL F 48 -4.62 9.47 -36.79
C VAL F 48 -5.58 9.60 -35.62
N ALA F 49 -5.03 9.66 -34.41
CA ALA F 49 -5.82 9.70 -33.18
C ALA F 49 -5.86 11.13 -32.60
N ASP F 50 -7.06 11.56 -32.22
CA ASP F 50 -7.21 12.91 -31.70
C ASP F 50 -8.46 13.00 -30.83
N PHE F 51 -8.51 14.00 -29.94
CA PHE F 51 -9.72 14.28 -29.17
C PHE F 51 -10.85 14.66 -30.14
N ASN F 52 -10.51 15.46 -31.15
CA ASN F 52 -11.45 15.87 -32.18
C ASN F 52 -11.67 14.74 -33.20
N ALA F 53 -12.78 14.04 -33.09
CA ALA F 53 -13.02 12.88 -33.96
C ALA F 53 -13.19 13.28 -35.43
N GLU F 54 -13.88 14.38 -35.70
CA GLU F 54 -14.08 14.83 -37.06
C GLU F 54 -12.76 15.35 -37.61
N GLY F 55 -11.92 15.86 -36.72
CA GLY F 55 -10.64 16.39 -37.12
C GLY F 55 -9.70 15.26 -37.48
N ALA F 56 -9.90 14.14 -36.85
CA ALA F 56 -9.06 12.97 -37.12
C ALA F 56 -9.45 12.37 -38.46
N GLU F 57 -10.75 12.25 -38.70
CA GLU F 57 -11.25 11.59 -39.89
C GLU F 57 -10.83 12.40 -41.09
N LYS F 58 -11.04 13.70 -41.01
CA LYS F 58 -10.61 14.63 -42.05
C LYS F 58 -9.12 14.49 -42.42
N ALA F 59 -8.26 14.30 -41.43
CA ALA F 59 -6.82 14.11 -41.69
C ALA F 59 -6.53 12.77 -42.37
N ALA F 60 -7.06 11.69 -41.82
CA ALA F 60 -6.91 10.37 -42.43
C ALA F 60 -7.42 10.38 -43.87
N ALA F 61 -8.61 10.95 -44.05
CA ALA F 61 -9.24 11.06 -45.37
C ALA F 61 -8.35 11.78 -46.38
N GLU F 62 -7.77 12.90 -45.96
CA GLU F 62 -6.86 13.65 -46.84
C GLU F 62 -5.61 12.82 -47.16
N LEU F 63 -5.12 12.02 -46.22
CA LEU F 63 -3.99 11.13 -46.50
C LEU F 63 -4.38 9.99 -47.48
N ARG F 64 -5.52 9.34 -47.25
CA ARG F 64 -5.99 8.32 -48.19
C ARG F 64 -6.17 8.89 -49.61
N ALA F 65 -6.66 10.12 -49.70
CA ALA F 65 -6.82 10.79 -50.99
C ALA F 65 -5.45 11.14 -51.59
N GLY F 66 -4.42 11.06 -50.75
CA GLY F 66 -3.04 11.20 -51.19
C GLY F 66 -2.44 9.83 -51.45
N GLY F 67 -3.22 8.80 -51.19
CA GLY F 67 -2.75 7.44 -51.39
C GLY F 67 -1.77 6.95 -50.33
N VAL F 68 -1.89 7.47 -49.12
CA VAL F 68 -1.24 6.90 -47.93
C VAL F 68 -2.29 6.00 -47.27
N GLU F 69 -1.86 4.88 -46.65
CA GLU F 69 -2.79 4.06 -45.87
C GLU F 69 -3.03 4.71 -44.51
N ALA F 70 -4.26 5.16 -44.25
CA ALA F 70 -4.51 5.86 -42.99
C ALA F 70 -5.91 5.64 -42.42
N ALA F 71 -6.00 5.47 -41.11
CA ALA F 71 -7.28 5.32 -40.42
C ALA F 71 -7.35 6.21 -39.20
N ALA F 72 -8.53 6.73 -38.92
CA ALA F 72 -8.72 7.69 -37.85
C ALA F 72 -9.45 7.04 -36.69
N VAL F 73 -9.08 7.42 -35.47
CA VAL F 73 -9.75 6.93 -34.28
C VAL F 73 -9.82 8.05 -33.23
N GLU F 74 -10.93 8.10 -32.50
CA GLU F 74 -11.15 9.15 -31.50
C GLU F 74 -10.55 8.76 -30.14
N LEU F 75 -9.72 9.65 -29.60
CA LEU F 75 -8.91 9.32 -28.44
C LEU F 75 -8.92 10.49 -27.46
N ASP F 76 -8.92 10.17 -26.17
CA ASP F 76 -8.74 11.19 -25.14
C ASP F 76 -7.64 10.71 -24.21
N VAL F 77 -6.41 11.17 -24.44
CA VAL F 77 -5.26 10.66 -23.70
C VAL F 77 -5.40 10.71 -22.17
N THR F 78 -6.38 11.49 -21.71
CA THR F 78 -6.71 11.60 -20.29
C THR F 78 -7.30 10.31 -19.68
N ARG F 79 -7.97 9.52 -20.52
CA ARG F 79 -8.65 8.32 -20.04
C ARG F 79 -7.99 7.05 -20.56
N PRO F 80 -7.39 6.28 -19.64
CA PRO F 80 -6.62 5.07 -19.96
C PRO F 80 -7.38 4.07 -20.83
N GLU F 81 -8.70 4.03 -20.66
CA GLU F 81 -9.54 3.16 -21.49
C GLU F 81 -9.60 3.67 -22.94
N SER F 82 -9.69 4.99 -23.12
CA SER F 82 -9.63 5.60 -24.45
C SER F 82 -8.30 5.30 -25.17
N VAL F 83 -7.20 5.51 -24.44
CA VAL F 83 -5.87 5.16 -24.92
C VAL F 83 -5.79 3.69 -25.32
N GLU F 84 -6.30 2.81 -24.46
CA GLU F 84 -6.21 1.38 -24.69
C GLU F 84 -6.96 0.94 -25.94
N ALA F 85 -8.15 1.49 -26.12
CA ALA F 85 -8.98 1.19 -27.29
C ALA F 85 -8.30 1.69 -28.56
N ALA F 86 -7.74 2.90 -28.49
CA ALA F 86 -7.07 3.50 -29.64
C ALA F 86 -5.89 2.64 -30.10
N VAL F 87 -5.11 2.14 -29.16
CA VAL F 87 -4.04 1.20 -29.48
C VAL F 87 -4.58 -0.09 -30.12
N GLY F 88 -5.67 -0.60 -29.57
CA GLY F 88 -6.27 -1.82 -30.08
C GLY F 88 -6.76 -1.63 -31.49
N PHE F 89 -7.29 -0.43 -31.75
CA PHE F 89 -7.75 -0.08 -33.07
C PHE F 89 -6.59 -0.09 -34.05
N ALA F 90 -5.44 0.41 -33.62
CA ALA F 90 -4.28 0.39 -34.49
C ALA F 90 -3.91 -1.05 -34.82
N VAL F 91 -3.88 -1.91 -33.80
CA VAL F 91 -3.57 -3.33 -33.99
C VAL F 91 -4.62 -4.03 -34.85
N ASP F 92 -5.90 -3.70 -34.65
CA ASP F 92 -6.95 -4.34 -35.42
C ASP F 92 -6.89 -3.92 -36.89
N THR F 93 -6.72 -2.62 -37.12
CA THR F 93 -6.82 -2.08 -38.46
C THR F 93 -5.65 -2.49 -39.36
N PHE F 94 -4.43 -2.31 -38.87
CA PHE F 94 -3.26 -2.55 -39.72
C PHE F 94 -2.47 -3.79 -39.35
N GLY F 95 -2.73 -4.34 -38.17
CA GLY F 95 -2.24 -5.65 -37.84
C GLY F 95 -1.07 -5.67 -36.89
N SER F 96 -0.50 -4.50 -36.63
CA SER F 96 0.65 -4.35 -35.75
C SER F 96 0.61 -2.95 -35.16
N LEU F 97 1.49 -2.69 -34.20
CA LEU F 97 1.81 -1.31 -33.79
C LEU F 97 3.30 -1.26 -33.61
N ASP F 98 3.96 -0.46 -34.45
CA ASP F 98 5.42 -0.45 -34.55
C ASP F 98 6.02 0.83 -34.03
N LEU F 99 5.32 1.93 -34.27
CA LEU F 99 5.81 3.24 -33.91
C LEU F 99 4.71 4.03 -33.23
N ALA F 100 5.09 4.94 -32.35
CA ALA F 100 4.13 5.88 -31.76
C ALA F 100 4.70 7.28 -31.62
N VAL F 101 3.84 8.28 -31.80
CA VAL F 101 4.20 9.63 -31.46
C VAL F 101 3.21 10.21 -30.45
N ASN F 102 3.70 10.53 -29.27
CA ASN F 102 2.84 11.05 -28.21
C ASN F 102 2.78 12.56 -28.18
N ASN F 103 1.92 13.09 -29.05
CA ASN F 103 1.92 14.52 -29.35
C ASN F 103 0.80 15.33 -28.69
N ALA F 104 -0.36 14.71 -28.46
CA ALA F 104 -1.51 15.42 -27.92
C ALA F 104 -1.16 16.28 -26.70
N GLY F 105 -1.53 17.55 -26.75
CA GLY F 105 -1.27 18.44 -25.66
C GLY F 105 -1.99 19.76 -25.71
N ILE F 106 -2.11 20.36 -24.53
CA ILE F 106 -2.54 21.74 -24.35
C ILE F 106 -1.39 22.27 -23.49
N GLY F 107 -1.23 23.57 -23.26
CA GLY F 107 -2.20 24.61 -23.43
C GLY F 107 -1.99 25.38 -22.12
N GLY F 108 -3.04 25.58 -21.36
CA GLY F 108 -2.90 26.20 -20.06
C GLY F 108 -2.75 27.70 -20.10
N PRO F 109 -3.35 28.39 -19.11
CA PRO F 109 -3.31 29.84 -18.96
C PRO F 109 -1.99 30.31 -18.37
N SER F 110 -1.79 31.61 -18.35
CA SER F 110 -0.57 32.17 -17.82
C SER F 110 -0.80 33.05 -16.59
N ALA F 111 -0.16 32.71 -15.49
CA ALA F 111 -0.18 33.49 -14.26
C ALA F 111 0.83 32.88 -13.28
N PRO F 112 1.37 33.69 -12.35
CA PRO F 112 2.36 33.26 -11.36
C PRO F 112 1.94 32.03 -10.56
N THR F 113 2.93 31.27 -10.09
CA THR F 113 2.70 30.01 -9.37
C THR F 113 1.77 30.17 -8.16
N GLY F 114 1.91 31.27 -7.43
CA GLY F 114 1.09 31.49 -6.24
C GLY F 114 -0.27 32.12 -6.54
N GLU F 115 -0.72 31.98 -7.77
CA GLU F 115 -1.99 32.54 -8.19
C GLU F 115 -2.65 31.59 -9.16
N TYR F 116 -1.97 30.48 -9.45
CA TYR F 116 -2.40 29.60 -10.52
C TYR F 116 -3.68 28.86 -10.13
N ASP F 117 -4.62 28.80 -11.07
CA ASP F 117 -5.82 28.01 -10.89
C ASP F 117 -5.45 26.56 -10.64
N VAL F 118 -5.95 26.01 -9.55
CA VAL F 118 -5.65 24.61 -9.23
C VAL F 118 -6.23 23.65 -10.28
N ALA F 119 -7.47 23.91 -10.71
CA ALA F 119 -8.11 23.05 -11.72
C ALA F 119 -7.45 23.21 -13.09
N ALA F 120 -6.96 24.41 -13.39
CA ALA F 120 -6.22 24.61 -14.63
C ALA F 120 -4.92 23.81 -14.61
N TYR F 121 -4.14 23.97 -13.54
CA TYR F 121 -2.92 23.20 -13.38
C TYR F 121 -3.23 21.73 -13.60
N GLN F 122 -4.30 21.26 -12.97
CA GLN F 122 -4.71 19.87 -13.07
C GLN F 122 -4.96 19.41 -14.50
N ARG F 123 -5.78 20.15 -15.25
CA ARG F 123 -6.07 19.84 -16.65
C ARG F 123 -4.79 19.63 -17.45
N VAL F 124 -3.88 20.61 -17.30
CA VAL F 124 -2.63 20.62 -18.02
C VAL F 124 -1.81 19.37 -17.74
N VAL F 125 -1.64 19.06 -16.46
CA VAL F 125 -0.83 17.90 -16.08
C VAL F 125 -1.49 16.56 -16.49
N ARG F 126 -2.81 16.45 -16.35
CA ARG F 126 -3.47 15.22 -16.80
C ARG F 126 -3.28 15.03 -18.30
N THR F 127 -3.47 16.07 -19.09
CA THR F 127 -3.25 15.92 -20.53
C THR F 127 -1.78 15.71 -20.91
N ASN F 128 -0.92 16.64 -20.55
CA ASN F 128 0.46 16.61 -21.04
C ASN F 128 1.37 15.53 -20.43
N LEU F 129 1.24 15.32 -19.13
CA LEU F 129 2.08 14.35 -18.44
C LEU F 129 1.42 13.00 -18.33
N ASP F 130 0.27 12.95 -17.68
CA ASP F 130 -0.44 11.68 -17.55
C ASP F 130 -0.84 11.10 -18.90
N GLY F 131 -1.29 11.94 -19.82
CA GLY F 131 -1.62 11.48 -21.17
C GLY F 131 -0.46 10.73 -21.81
N VAL F 132 0.75 11.26 -21.64
CA VAL F 132 1.94 10.63 -22.18
C VAL F 132 2.25 9.31 -21.48
N PHE F 133 2.11 9.27 -20.15
CA PHE F 133 2.23 8.00 -19.44
C PHE F 133 1.22 6.96 -19.94
N TYR F 134 -0.05 7.33 -19.99
CA TYR F 134 -1.09 6.35 -20.39
C TYR F 134 -0.86 5.83 -21.82
N SER F 135 -0.30 6.68 -22.69
CA SER F 135 0.01 6.27 -24.05
C SER F 135 1.13 5.21 -24.11
N MET F 136 2.24 5.47 -23.43
CA MET F 136 3.31 4.47 -23.37
C MET F 136 2.87 3.22 -22.61
N ARG F 137 2.07 3.42 -21.57
CA ARG F 137 1.58 2.31 -20.76
C ARG F 137 0.87 1.26 -21.60
N TYR F 138 0.12 1.69 -22.63
CA TYR F 138 -0.51 0.74 -23.54
C TYR F 138 0.22 0.50 -24.87
N GLU F 139 0.96 1.49 -25.37
CA GLU F 139 1.70 1.31 -26.62
C GLU F 139 2.78 0.23 -26.48
N LEU F 140 3.48 0.26 -25.35
CA LEU F 140 4.58 -0.66 -25.09
C LEU F 140 4.19 -2.15 -25.15
N PRO F 141 3.15 -2.59 -24.41
CA PRO F 141 2.70 -3.98 -24.54
C PRO F 141 2.48 -4.41 -25.98
N ALA F 142 1.80 -3.57 -26.75
CA ALA F 142 1.49 -3.89 -28.13
C ALA F 142 2.75 -4.01 -29.00
N ILE F 143 3.68 -3.08 -28.83
CA ILE F 143 4.96 -3.13 -29.54
C ILE F 143 5.79 -4.32 -29.08
N GLU F 144 5.83 -4.52 -27.77
CA GLU F 144 6.61 -5.61 -27.19
C GLU F 144 6.15 -6.97 -27.69
N ALA F 145 4.85 -7.23 -27.58
CA ALA F 145 4.28 -8.51 -27.98
C ALA F 145 4.48 -8.82 -29.47
N ALA F 146 4.66 -7.77 -30.28
CA ALA F 146 4.69 -7.88 -31.74
C ALA F 146 5.54 -9.02 -32.35
N GLY F 147 6.79 -9.24 -31.92
CA GLY F 147 7.57 -8.34 -31.08
C GLY F 147 8.86 -8.07 -31.81
N LYS F 148 8.80 -7.18 -32.79
CA LYS F 148 9.90 -6.97 -33.73
C LYS F 148 10.69 -5.71 -33.41
N GLY F 149 10.48 -5.17 -32.21
CA GLY F 149 11.09 -3.92 -31.82
C GLY F 149 10.19 -2.76 -32.19
N GLY F 150 10.57 -1.56 -31.82
CA GLY F 150 9.77 -0.39 -32.13
C GLY F 150 10.38 0.90 -31.68
N SER F 151 9.73 2.01 -32.01
CA SER F 151 10.21 3.33 -31.61
C SER F 151 9.07 4.24 -31.15
N ILE F 152 9.35 5.01 -30.10
CA ILE F 152 8.38 5.96 -29.55
C ILE F 152 9.01 7.34 -29.36
N VAL F 153 8.32 8.37 -29.84
CA VAL F 153 8.76 9.74 -29.65
C VAL F 153 7.75 10.51 -28.79
N ASN F 154 8.22 11.01 -27.66
CA ASN F 154 7.36 11.87 -26.84
C ASN F 154 7.63 13.32 -27.19
N VAL F 155 6.57 14.10 -27.41
CA VAL F 155 6.75 15.51 -27.71
C VAL F 155 6.78 16.35 -26.45
N ALA F 156 7.98 16.69 -25.99
CA ALA F 156 8.04 17.54 -24.81
C ALA F 156 8.01 19.01 -25.25
N SER F 157 9.14 19.70 -25.09
CA SER F 157 9.24 21.13 -25.33
C SER F 157 10.56 21.63 -24.80
N ILE F 158 10.96 22.82 -25.22
CA ILE F 158 12.04 23.52 -24.53
C ILE F 158 11.72 23.65 -23.05
N LEU F 159 10.42 23.78 -22.72
CA LEU F 159 10.01 23.92 -21.34
C LEU F 159 10.07 22.59 -20.58
N GLY F 160 10.52 21.57 -21.30
CA GLY F 160 10.89 20.31 -20.69
C GLY F 160 12.30 20.38 -20.12
N SER F 161 13.06 21.40 -20.49
CA SER F 161 14.41 21.57 -19.92
C SER F 161 14.72 22.94 -19.32
N VAL F 162 13.93 23.96 -19.69
CA VAL F 162 14.00 25.25 -19.01
C VAL F 162 12.64 25.75 -18.54
N GLY F 163 12.67 26.75 -17.67
CA GLY F 163 11.47 27.36 -17.15
C GLY F 163 10.95 28.47 -18.03
N PHE F 164 9.69 28.82 -17.82
CA PHE F 164 9.03 29.95 -18.48
C PHE F 164 8.06 30.54 -17.45
N ALA F 165 8.19 31.83 -17.16
CA ALA F 165 7.39 32.51 -16.15
C ALA F 165 5.90 32.52 -16.51
N GLY F 166 5.05 32.09 -15.59
CA GLY F 166 3.63 32.12 -15.85
C GLY F 166 3.05 30.80 -16.34
N SER F 167 3.93 29.85 -16.66
CA SER F 167 3.47 28.52 -17.02
C SER F 167 4.02 27.39 -16.14
N PRO F 168 3.84 27.48 -14.82
CA PRO F 168 4.38 26.40 -13.96
C PRO F 168 3.84 25.04 -14.33
N ALA F 169 2.52 24.93 -14.50
CA ALA F 169 1.89 23.64 -14.80
C ALA F 169 2.45 22.97 -16.05
N TYR F 170 2.48 23.72 -17.15
CA TYR F 170 2.97 23.25 -18.42
C TYR F 170 4.48 22.92 -18.39
N VAL F 171 5.25 23.74 -17.68
CA VAL F 171 6.68 23.50 -17.56
C VAL F 171 6.90 22.24 -16.73
N ALA F 172 6.05 22.08 -15.72
CA ALA F 172 6.10 20.90 -14.86
C ALA F 172 5.88 19.63 -15.68
N ALA F 173 4.79 19.60 -16.44
CA ALA F 173 4.44 18.42 -17.23
C ALA F 173 5.46 18.07 -18.32
N LYS F 174 6.00 19.08 -19.01
CA LYS F 174 7.01 18.85 -20.03
C LYS F 174 8.30 18.32 -19.42
N HIS F 175 8.64 18.78 -18.22
CA HIS F 175 9.77 18.16 -17.54
C HIS F 175 9.43 16.71 -17.26
N GLY F 176 8.21 16.47 -16.82
CA GLY F 176 7.76 15.12 -16.52
C GLY F 176 7.84 14.21 -17.73
N VAL F 177 7.55 14.74 -18.92
CA VAL F 177 7.62 13.96 -20.14
C VAL F 177 9.07 13.54 -20.39
N VAL F 178 9.98 14.48 -20.17
CA VAL F 178 11.41 14.20 -20.35
C VAL F 178 11.84 13.05 -19.41
N GLY F 179 11.43 13.15 -18.15
CA GLY F 179 11.69 12.10 -17.19
C GLY F 179 11.14 10.75 -17.62
N LEU F 180 9.88 10.75 -18.01
CA LEU F 180 9.18 9.56 -18.46
C LEU F 180 9.96 8.87 -19.57
N THR F 181 10.49 9.67 -20.49
CA THR F 181 11.24 9.18 -21.63
C THR F 181 12.48 8.41 -21.18
N LYS F 182 13.24 9.00 -20.27
CA LYS F 182 14.50 8.41 -19.83
C LYS F 182 14.29 7.12 -19.01
N ALA F 183 13.34 7.15 -18.08
CA ALA F 183 13.06 5.97 -17.28
C ALA F 183 12.72 4.82 -18.22
N ALA F 184 11.70 5.04 -19.04
CA ALA F 184 11.24 4.12 -20.06
C ALA F 184 12.34 3.65 -21.00
N ALA F 185 13.16 4.58 -21.46
CA ALA F 185 14.20 4.23 -22.40
C ALA F 185 15.13 3.24 -21.75
N ALA F 186 15.43 3.47 -20.48
CA ALA F 186 16.36 2.63 -19.72
C ALA F 186 15.82 1.23 -19.65
N GLU F 187 14.50 1.13 -19.50
CA GLU F 187 13.79 -0.14 -19.37
C GLU F 187 13.74 -0.99 -20.64
N TYR F 188 13.58 -0.36 -21.81
CA TYR F 188 13.26 -1.11 -23.02
C TYR F 188 14.32 -1.08 -24.11
N ALA F 189 15.47 -0.48 -23.82
CA ALA F 189 16.46 -0.30 -24.86
C ALA F 189 17.00 -1.65 -25.32
N ALA F 190 17.15 -2.56 -24.37
CA ALA F 190 17.66 -3.89 -24.67
C ALA F 190 16.57 -4.76 -25.25
N ARG F 191 15.32 -4.37 -25.05
CA ARG F 191 14.19 -5.11 -25.61
C ARG F 191 13.88 -4.63 -27.03
N GLY F 192 14.73 -3.77 -27.58
CA GLY F 192 14.57 -3.27 -28.94
C GLY F 192 13.51 -2.19 -29.15
N ILE F 193 13.12 -1.53 -28.07
CA ILE F 193 12.20 -0.43 -28.22
C ILE F 193 12.90 0.85 -27.79
N ARG F 194 13.11 1.73 -28.77
CA ARG F 194 13.78 3.00 -28.54
C ARG F 194 12.75 4.03 -28.11
N ILE F 195 13.05 4.76 -27.05
CA ILE F 195 12.16 5.83 -26.62
C ILE F 195 12.95 7.12 -26.52
N ASN F 196 12.45 8.15 -27.17
CA ASN F 196 13.11 9.45 -27.16
C ASN F 196 12.14 10.60 -27.06
N ALA F 197 12.68 11.77 -26.75
CA ALA F 197 11.85 12.97 -26.70
C ALA F 197 12.40 14.03 -27.64
N VAL F 198 11.50 14.87 -28.17
CA VAL F 198 11.94 16.09 -28.86
C VAL F 198 11.52 17.27 -28.00
N GLY F 199 12.29 18.35 -28.08
CA GLY F 199 11.98 19.56 -27.35
C GLY F 199 11.88 20.77 -28.26
N PRO F 200 10.71 20.98 -28.86
CA PRO F 200 10.55 22.13 -29.76
C PRO F 200 10.54 23.45 -29.03
N GLY F 201 11.04 24.48 -29.70
CA GLY F 201 10.82 25.85 -29.28
C GLY F 201 9.46 26.31 -29.79
N PHE F 202 9.16 27.59 -29.65
CA PHE F 202 7.88 28.13 -30.12
C PHE F 202 7.66 27.94 -31.64
N ILE F 203 6.45 27.48 -31.98
CA ILE F 203 6.09 27.06 -33.34
C ILE F 203 4.94 27.87 -33.91
N ASP F 204 5.13 28.38 -35.14
CA ASP F 204 4.16 29.26 -35.78
C ASP F 204 2.77 28.70 -36.03
N THR F 205 2.00 28.46 -34.98
CA THR F 205 0.62 28.00 -35.16
C THR F 205 -0.29 29.22 -35.42
N PRO F 206 -1.46 29.02 -36.07
CA PRO F 206 -2.35 30.16 -36.34
C PRO F 206 -2.83 30.87 -35.07
N LEU F 207 -2.96 30.12 -33.98
CA LEU F 207 -3.31 30.68 -32.68
C LEU F 207 -2.13 31.42 -32.05
N LEU F 208 -0.91 31.06 -32.46
CA LEU F 208 0.31 31.71 -31.99
C LEU F 208 0.69 32.91 -32.87
N LYS F 209 -0.09 33.17 -33.91
CA LYS F 209 -0.12 34.49 -34.50
C LYS F 209 -1.19 35.21 -33.68
N THR F 210 -2.02 36.01 -34.35
CA THR F 210 -3.18 36.68 -33.73
C THR F 210 -2.93 37.43 -32.40
N MET F 211 -1.75 37.29 -31.82
CA MET F 211 -1.35 38.14 -30.70
C MET F 211 -0.68 39.37 -31.28
N GLU F 212 -0.58 40.43 -30.50
CA GLU F 212 -0.09 41.71 -31.01
C GLU F 212 1.37 41.62 -31.42
N GLU F 213 1.75 42.45 -32.40
CA GLU F 213 3.12 42.52 -32.91
C GLU F 213 4.20 42.32 -31.84
N ALA F 214 4.15 43.15 -30.79
CA ALA F 214 5.18 43.15 -29.74
C ALA F 214 5.28 41.84 -28.97
N ALA F 215 4.17 41.13 -28.82
CA ALA F 215 4.17 39.84 -28.13
C ALA F 215 4.84 38.75 -28.97
N TYR F 216 4.40 38.64 -30.22
CA TYR F 216 5.05 37.77 -31.18
C TYR F 216 6.51 38.15 -31.35
N LYS F 217 6.78 39.44 -31.48
CA LYS F 217 8.12 39.92 -31.72
C LYS F 217 9.01 39.49 -30.57
N GLY F 218 8.49 39.64 -29.36
CA GLY F 218 9.21 39.27 -28.15
C GLY F 218 9.53 37.80 -28.11
N LEU F 219 8.63 36.97 -28.59
CA LEU F 219 8.89 35.53 -28.61
C LEU F 219 10.04 35.20 -29.56
N VAL F 220 9.96 35.73 -30.79
CA VAL F 220 11.02 35.58 -31.79
C VAL F 220 12.38 36.02 -31.23
N ALA F 221 12.37 37.10 -30.47
CA ALA F 221 13.57 37.63 -29.84
C ALA F 221 14.26 36.64 -28.90
N LEU F 222 13.52 35.69 -28.34
CA LEU F 222 14.10 34.65 -27.49
C LEU F 222 14.78 33.56 -28.33
N HIS F 223 14.56 33.60 -29.64
CA HIS F 223 15.10 32.59 -30.55
C HIS F 223 16.24 33.19 -31.38
N PRO F 224 17.49 32.75 -31.14
CA PRO F 224 18.60 33.29 -31.93
C PRO F 224 18.45 32.99 -33.42
N ALA F 225 17.63 32.00 -33.75
CA ALA F 225 17.30 31.70 -35.14
C ALA F 225 16.65 32.88 -35.88
N GLY F 226 16.09 33.83 -35.12
CA GLY F 226 15.55 35.04 -35.70
C GLY F 226 14.12 34.86 -36.17
N ARG F 227 13.53 33.72 -35.83
CA ARG F 227 12.17 33.39 -36.22
C ARG F 227 11.65 32.19 -35.41
N LEU F 228 10.33 32.05 -35.40
CA LEU F 228 9.66 30.92 -34.79
C LEU F 228 9.80 29.73 -35.73
N GLY F 229 9.65 28.52 -35.19
CA GLY F 229 9.79 27.31 -35.99
C GLY F 229 8.52 26.92 -36.76
N ARG F 230 8.65 25.92 -37.63
CA ARG F 230 7.51 25.36 -38.36
C ARG F 230 7.15 23.92 -37.93
N SER F 231 5.85 23.65 -37.81
CA SER F 231 5.37 22.31 -37.46
C SER F 231 6.04 21.20 -38.27
N ASP F 232 6.28 21.38 -39.53
CA ASP F 232 6.91 20.35 -40.24
C ASP F 232 8.40 20.26 -40.00
N GLU F 233 8.99 21.27 -39.41
CA GLU F 233 10.37 21.14 -38.93
C GLU F 233 10.46 20.19 -37.72
N VAL F 234 9.52 20.36 -36.78
CA VAL F 234 9.43 19.44 -35.64
C VAL F 234 9.15 18.05 -36.19
N ALA F 235 8.23 17.97 -37.16
CA ALA F 235 7.87 16.69 -37.78
C ALA F 235 9.10 15.88 -38.26
N GLU F 236 9.99 16.54 -39.00
CA GLU F 236 11.21 15.89 -39.51
C GLU F 236 12.00 15.19 -38.41
N LEU F 237 12.29 15.91 -37.33
CA LEU F 237 13.06 15.35 -36.23
C LEU F 237 12.34 14.15 -35.57
N ILE F 238 11.05 14.31 -35.27
CA ILE F 238 10.25 13.23 -34.69
C ILE F 238 10.39 11.97 -35.54
N VAL F 239 10.35 12.15 -36.86
CA VAL F 239 10.36 11.04 -37.79
C VAL F 239 11.75 10.45 -38.00
N PHE F 240 12.77 11.29 -37.90
CA PHE F 240 14.12 10.76 -37.90
C PHE F 240 14.26 9.78 -36.72
N LEU F 241 13.79 10.23 -35.55
CA LEU F 241 13.95 9.46 -34.33
C LEU F 241 13.16 8.13 -34.37
N LEU F 242 12.09 8.10 -35.14
CA LEU F 242 11.34 6.86 -35.33
C LEU F 242 12.04 5.83 -36.23
N SER F 243 12.78 6.33 -37.21
CA SER F 243 13.32 5.48 -38.27
C SER F 243 14.51 4.66 -37.83
N ASP F 244 14.90 3.68 -38.66
CA ASP F 244 16.04 2.82 -38.38
C ASP F 244 17.38 3.55 -38.45
N ARG F 245 17.33 4.81 -38.89
CA ARG F 245 18.53 5.60 -39.03
C ARG F 245 19.02 6.03 -37.65
N ALA F 246 18.08 6.14 -36.71
CA ALA F 246 18.38 6.58 -35.35
C ALA F 246 18.51 5.34 -34.46
N SER F 247 19.07 4.28 -35.02
CA SER F 247 19.02 3.00 -34.37
C SER F 247 19.83 2.92 -33.06
N PHE F 248 20.80 3.78 -32.84
CA PHE F 248 21.54 3.78 -31.56
C PHE F 248 21.20 5.01 -30.73
N VAL F 249 20.06 5.62 -31.04
CA VAL F 249 19.56 6.78 -30.27
C VAL F 249 18.41 6.34 -29.36
N ALA F 250 18.61 6.55 -28.06
CA ALA F 250 17.67 6.08 -27.05
C ALA F 250 17.86 6.89 -25.79
N GLY F 251 16.76 7.26 -25.14
CA GLY F 251 16.82 7.91 -23.84
C GLY F 251 17.06 9.39 -23.88
N SER F 252 17.14 9.95 -25.07
CA SER F 252 17.63 11.33 -25.22
C SER F 252 16.58 12.37 -25.60
N TYR F 253 16.89 13.61 -25.21
CA TYR F 253 16.07 14.79 -25.42
C TYR F 253 16.67 15.55 -26.60
N HIS F 254 15.88 15.77 -27.63
CA HIS F 254 16.38 16.38 -28.86
C HIS F 254 15.75 17.73 -29.17
N LEU F 255 16.55 18.78 -29.08
CA LEU F 255 16.03 20.12 -29.28
C LEU F 255 15.77 20.41 -30.76
N VAL F 256 14.68 21.10 -31.02
CA VAL F 256 14.39 21.67 -32.32
C VAL F 256 13.83 23.09 -32.03
N ASP F 257 14.73 23.99 -31.63
CA ASP F 257 14.34 25.20 -30.92
C ASP F 257 14.99 26.51 -31.43
N GLY F 258 15.57 26.47 -32.62
CA GLY F 258 16.31 27.62 -33.15
C GLY F 258 17.31 28.25 -32.18
N ALA F 259 17.97 27.41 -31.38
CA ALA F 259 19.00 27.81 -30.42
C ALA F 259 18.46 28.51 -29.19
N TYR F 260 17.17 28.39 -28.95
CA TYR F 260 16.52 28.98 -27.77
C TYR F 260 17.22 28.62 -26.46
N THR F 261 17.50 27.35 -26.26
CA THR F 261 18.08 26.92 -24.98
C THR F 261 19.59 27.10 -24.98
N ALA F 262 20.15 27.54 -26.10
CA ALA F 262 21.60 27.68 -26.24
C ALA F 262 22.19 28.85 -25.45
N VAL F 263 21.34 29.80 -25.06
CA VAL F 263 21.82 30.94 -24.28
C VAL F 263 21.09 31.03 -22.95
N THR G 7 10.31 20.07 -53.13
CA THR G 7 9.95 19.42 -51.86
C THR G 7 10.89 18.25 -51.55
N PRO G 8 11.25 18.10 -50.28
CA PRO G 8 12.17 17.05 -49.81
C PRO G 8 11.78 15.65 -50.30
N ALA G 9 10.49 15.33 -50.24
CA ALA G 9 10.01 14.04 -50.72
C ALA G 9 10.37 13.83 -52.19
N THR G 10 10.15 14.86 -52.99
CA THR G 10 10.37 14.81 -54.43
C THR G 10 11.86 14.78 -54.74
N THR G 11 12.65 15.52 -53.97
CA THR G 11 14.10 15.47 -54.16
C THR G 11 14.62 14.08 -53.84
N GLY G 12 14.16 13.54 -52.71
CA GLY G 12 14.56 12.21 -52.29
C GLY G 12 15.91 12.08 -51.61
N TYR G 13 16.48 10.90 -51.71
CA TYR G 13 17.60 10.54 -50.86
C TYR G 13 18.91 10.71 -51.59
N ALA G 14 19.01 10.10 -52.75
CA ALA G 14 20.24 10.08 -53.52
C ALA G 14 20.72 11.47 -54.00
N ALA G 15 19.83 12.45 -54.02
CA ALA G 15 20.22 13.77 -54.53
C ALA G 15 19.95 14.88 -53.52
N GLU G 16 19.79 14.49 -52.26
CA GLU G 16 19.53 15.42 -51.17
C GLU G 16 20.65 16.48 -51.01
N PHE G 17 21.89 16.08 -51.26
CA PHE G 17 23.00 17.03 -51.16
C PHE G 17 23.68 17.38 -52.50
N ALA G 18 22.96 17.13 -53.59
CA ALA G 18 23.39 17.52 -54.94
C ALA G 18 23.98 18.94 -55.04
N GLY G 19 25.20 19.04 -55.54
CA GLY G 19 25.82 20.34 -55.76
C GLY G 19 26.42 21.01 -54.52
N ARG G 20 26.19 20.42 -53.36
CA ARG G 20 26.73 20.97 -52.13
C ARG G 20 28.02 20.30 -51.68
N THR G 21 28.89 21.07 -51.06
CA THR G 21 30.22 20.59 -50.74
C THR G 21 30.32 20.41 -49.24
N ALA G 22 30.90 19.30 -48.82
CA ALA G 22 31.07 19.01 -47.40
C ALA G 22 32.51 18.70 -47.06
N LEU G 23 33.02 19.31 -45.99
CA LEU G 23 34.38 19.05 -45.49
C LEU G 23 34.33 18.19 -44.24
N VAL G 24 34.84 16.96 -44.30
CA VAL G 24 34.86 16.09 -43.13
C VAL G 24 36.30 15.89 -42.63
N THR G 25 36.57 16.28 -41.38
CA THR G 25 37.88 16.07 -40.76
C THR G 25 37.97 14.72 -40.05
N GLY G 26 39.18 14.17 -39.98
CA GLY G 26 39.41 12.84 -39.45
C GLY G 26 38.63 11.82 -40.25
N ALA G 27 38.59 12.01 -41.57
CA ALA G 27 37.69 11.21 -42.40
C ALA G 27 38.34 9.95 -43.01
N ALA G 28 39.49 9.55 -42.47
CA ALA G 28 40.16 8.36 -42.98
C ALA G 28 39.63 7.05 -42.38
N SER G 29 39.02 7.12 -41.20
CA SER G 29 38.43 5.94 -40.58
C SER G 29 37.26 6.28 -39.68
N GLY G 30 36.76 5.28 -38.96
CA GLY G 30 35.77 5.50 -37.92
C GLY G 30 34.53 6.29 -38.32
N ILE G 31 34.12 7.21 -37.44
CA ILE G 31 32.93 8.01 -37.67
C ILE G 31 33.07 8.89 -38.90
N GLY G 32 34.28 9.44 -39.07
CA GLY G 32 34.54 10.39 -40.14
C GLY G 32 34.37 9.74 -41.49
N LEU G 33 34.97 8.55 -41.64
CA LEU G 33 34.83 7.79 -42.87
C LEU G 33 33.37 7.47 -43.11
N ALA G 34 32.70 6.95 -42.09
CA ALA G 34 31.30 6.57 -42.25
C ALA G 34 30.42 7.79 -42.58
N THR G 35 30.74 8.94 -41.98
CA THR G 35 30.03 10.17 -42.29
C THR G 35 30.27 10.57 -43.73
N ALA G 36 31.53 10.46 -44.15
CA ALA G 36 31.89 10.76 -45.53
C ALA G 36 31.12 9.88 -46.51
N ARG G 37 30.96 8.60 -46.18
CA ARG G 37 30.22 7.72 -47.08
C ARG G 37 28.73 8.03 -47.11
N ARG G 38 28.19 8.50 -45.99
CA ARG G 38 26.76 8.78 -45.91
C ARG G 38 26.45 10.03 -46.72
N LEU G 39 27.28 11.06 -46.55
CA LEU G 39 27.14 12.30 -47.30
C LEU G 39 27.24 12.02 -48.81
N GLY G 40 28.05 11.04 -49.18
CA GLY G 40 28.28 10.73 -50.58
C GLY G 40 27.08 10.04 -51.18
N ALA G 41 26.43 9.19 -50.38
CA ALA G 41 25.29 8.45 -50.85
C ALA G 41 24.15 9.41 -51.14
N GLY G 42 24.21 10.57 -50.50
CA GLY G 42 23.21 11.61 -50.66
C GLY G 42 23.56 12.60 -51.75
N GLY G 43 24.64 12.31 -52.48
CA GLY G 43 25.00 13.11 -53.63
C GLY G 43 25.90 14.32 -53.36
N ALA G 44 26.46 14.41 -52.18
CA ALA G 44 27.35 15.51 -51.86
C ALA G 44 28.70 15.29 -52.52
N ARG G 45 29.45 16.38 -52.73
CA ARG G 45 30.86 16.29 -53.06
C ARG G 45 31.63 16.33 -51.73
N VAL G 46 32.57 15.41 -51.56
CA VAL G 46 33.16 15.20 -50.25
C VAL G 46 34.66 15.50 -50.21
N VAL G 47 35.07 16.30 -49.23
CA VAL G 47 36.48 16.52 -49.01
C VAL G 47 36.92 15.67 -47.83
N VAL G 48 37.65 14.60 -48.11
CA VAL G 48 38.16 13.70 -47.09
C VAL G 48 39.47 14.26 -46.50
N ALA G 49 39.36 14.84 -45.30
CA ALA G 49 40.50 15.44 -44.60
C ALA G 49 40.92 14.61 -43.40
N ASP G 50 42.23 14.49 -43.21
CA ASP G 50 42.79 13.67 -42.15
C ASP G 50 44.27 14.01 -42.00
N PHE G 51 44.82 13.69 -40.83
CA PHE G 51 46.24 13.88 -40.57
C PHE G 51 47.03 12.86 -41.39
N ASN G 52 46.57 11.62 -41.33
CA ASN G 52 47.13 10.51 -42.09
C ASN G 52 46.83 10.68 -43.57
N ALA G 53 47.75 11.30 -44.32
CA ALA G 53 47.49 11.64 -45.71
C ALA G 53 47.28 10.42 -46.60
N GLU G 54 47.95 9.32 -46.25
CA GLU G 54 47.85 8.09 -47.03
C GLU G 54 46.47 7.49 -46.82
N GLY G 55 45.92 7.71 -45.64
CA GLY G 55 44.58 7.23 -45.31
C GLY G 55 43.48 8.07 -45.95
N ALA G 56 43.69 9.39 -46.00
CA ALA G 56 42.74 10.27 -46.64
C ALA G 56 42.56 9.86 -48.08
N GLU G 57 43.68 9.63 -48.77
CA GLU G 57 43.62 9.27 -50.17
C GLU G 57 42.93 7.92 -50.40
N LYS G 58 43.25 6.94 -49.56
CA LYS G 58 42.62 5.63 -49.68
C LYS G 58 41.09 5.75 -49.65
N ALA G 59 40.60 6.63 -48.78
CA ALA G 59 39.16 6.79 -48.58
C ALA G 59 38.50 7.57 -49.71
N ALA G 60 39.15 8.65 -50.15
CA ALA G 60 38.66 9.44 -51.27
C ALA G 60 38.57 8.54 -52.48
N ALA G 61 39.66 7.82 -52.74
CA ALA G 61 39.73 6.90 -53.85
C ALA G 61 38.56 5.93 -53.81
N GLU G 62 38.41 5.28 -52.66
CA GLU G 62 37.29 4.38 -52.39
C GLU G 62 35.98 5.03 -52.78
N LEU G 63 35.78 6.26 -52.30
CA LEU G 63 34.59 7.05 -52.57
C LEU G 63 34.35 7.22 -54.07
N ARG G 64 35.32 7.81 -54.78
CA ARG G 64 35.21 8.01 -56.23
C ARG G 64 34.83 6.74 -56.96
N ALA G 65 35.57 5.68 -56.66
CA ALA G 65 35.33 4.36 -57.23
C ALA G 65 33.91 3.92 -56.95
N GLY G 66 33.36 4.35 -55.82
CA GLY G 66 31.99 4.04 -55.46
C GLY G 66 30.95 4.90 -56.16
N GLY G 67 31.41 5.95 -56.86
CA GLY G 67 30.52 6.82 -57.61
C GLY G 67 30.47 8.27 -57.16
N VAL G 68 31.30 8.61 -56.18
CA VAL G 68 31.19 9.89 -55.47
C VAL G 68 32.28 10.90 -55.86
N GLU G 69 31.91 12.16 -56.03
CA GLU G 69 32.93 13.20 -56.16
C GLU G 69 33.62 13.40 -54.82
N ALA G 70 34.94 13.32 -54.81
CA ALA G 70 35.69 13.39 -53.57
C ALA G 70 37.18 13.66 -53.79
N ALA G 71 37.76 14.51 -52.93
CA ALA G 71 39.20 14.73 -52.94
C ALA G 71 39.78 14.69 -51.51
N ALA G 72 40.99 14.16 -51.40
CA ALA G 72 41.67 14.04 -50.12
C ALA G 72 42.48 15.29 -49.83
N VAL G 73 42.66 15.60 -48.55
CA VAL G 73 43.58 16.68 -48.18
C VAL G 73 44.18 16.40 -46.81
N GLU G 74 45.47 16.63 -46.70
CA GLU G 74 46.20 16.41 -45.48
C GLU G 74 45.92 17.57 -44.51
N LEU G 75 45.61 17.22 -43.26
CA LEU G 75 45.19 18.21 -42.27
C LEU G 75 45.73 17.89 -40.89
N ASP G 76 46.32 18.88 -40.24
CA ASP G 76 46.63 18.80 -38.81
C ASP G 76 45.80 19.89 -38.15
N VAL G 77 44.74 19.50 -37.42
CA VAL G 77 43.84 20.50 -36.85
C VAL G 77 44.49 21.32 -35.75
N THR G 78 45.66 20.88 -35.28
CA THR G 78 46.35 21.62 -34.23
C THR G 78 47.01 22.88 -34.78
N ARG G 79 47.14 22.94 -36.11
CA ARG G 79 47.72 24.10 -36.75
C ARG G 79 46.68 24.88 -37.55
N PRO G 80 46.44 26.14 -37.17
CA PRO G 80 45.54 27.04 -37.92
C PRO G 80 45.91 27.13 -39.41
N GLU G 81 47.20 27.12 -39.72
CA GLU G 81 47.67 27.22 -41.10
C GLU G 81 47.10 26.08 -41.96
N SER G 82 47.13 24.88 -41.40
CA SER G 82 46.65 23.69 -42.10
C SER G 82 45.14 23.73 -42.27
N VAL G 83 44.43 24.08 -41.19
CA VAL G 83 42.98 24.15 -41.23
C VAL G 83 42.54 25.13 -42.29
N GLU G 84 43.14 26.32 -42.28
CA GLU G 84 42.87 27.33 -43.30
C GLU G 84 43.06 26.82 -44.74
N ALA G 85 44.18 26.15 -45.01
CA ALA G 85 44.43 25.64 -46.36
C ALA G 85 43.44 24.54 -46.74
N ALA G 86 43.11 23.69 -45.78
CA ALA G 86 42.16 22.61 -46.04
C ALA G 86 40.81 23.18 -46.49
N VAL G 87 40.41 24.30 -45.90
CA VAL G 87 39.18 24.97 -46.28
C VAL G 87 39.31 25.57 -47.66
N GLY G 88 40.44 26.24 -47.92
CA GLY G 88 40.74 26.74 -49.26
C GLY G 88 40.67 25.64 -50.30
N PHE G 89 41.33 24.51 -50.01
CA PHE G 89 41.32 23.34 -50.87
C PHE G 89 39.89 22.91 -51.24
N ALA G 90 39.03 22.75 -50.24
CA ALA G 90 37.63 22.38 -50.52
C ALA G 90 36.94 23.38 -51.46
N VAL G 91 37.16 24.66 -51.21
CA VAL G 91 36.56 25.70 -52.01
C VAL G 91 37.15 25.78 -53.41
N ASP G 92 38.47 25.69 -53.50
CA ASP G 92 39.15 25.71 -54.81
C ASP G 92 38.79 24.48 -55.65
N THR G 93 38.75 23.31 -55.03
CA THR G 93 38.48 22.05 -55.73
C THR G 93 37.04 21.93 -56.20
N PHE G 94 36.08 22.19 -55.31
CA PHE G 94 34.66 21.95 -55.60
C PHE G 94 33.84 23.21 -55.88
N GLY G 95 34.37 24.38 -55.54
CA GLY G 95 33.68 25.61 -55.85
C GLY G 95 33.15 26.36 -54.64
N SER G 96 32.89 25.65 -53.55
CA SER G 96 32.29 26.29 -52.39
C SER G 96 32.46 25.41 -51.17
N LEU G 97 32.09 25.92 -50.00
CA LEU G 97 31.94 25.08 -48.81
C LEU G 97 30.55 25.29 -48.23
N ASP G 98 29.82 24.18 -48.05
CA ASP G 98 28.41 24.22 -47.65
C ASP G 98 28.17 23.57 -46.30
N LEU G 99 28.72 22.37 -46.13
CA LEU G 99 28.57 21.60 -44.90
C LEU G 99 29.94 21.26 -44.36
N ALA G 100 30.04 21.11 -43.05
CA ALA G 100 31.31 20.72 -42.44
C ALA G 100 31.09 19.88 -41.16
N VAL G 101 31.89 18.81 -41.04
CA VAL G 101 31.81 17.92 -39.88
C VAL G 101 33.18 17.83 -39.17
N ASN G 102 33.25 18.42 -37.98
CA ASN G 102 34.49 18.43 -37.23
C ASN G 102 34.61 17.19 -36.33
N ASN G 103 35.35 16.21 -36.84
CA ASN G 103 35.38 14.86 -36.27
C ASN G 103 36.80 14.40 -35.89
N ALA G 104 37.81 15.11 -36.36
CA ALA G 104 39.18 14.85 -35.94
C ALA G 104 39.31 14.85 -34.40
N GLY G 105 39.94 13.82 -33.85
CA GLY G 105 40.05 13.71 -32.41
C GLY G 105 40.77 12.48 -31.87
N ILE G 106 41.45 12.69 -30.74
CA ILE G 106 42.04 11.62 -29.95
C ILE G 106 41.44 11.81 -28.54
N GLY G 107 41.31 10.78 -27.71
CA GLY G 107 42.09 9.57 -27.72
C GLY G 107 42.71 9.64 -26.35
N GLY G 108 44.02 9.88 -26.29
CA GLY G 108 44.74 10.12 -25.04
C GLY G 108 44.77 9.00 -23.99
N PRO G 109 45.80 9.01 -23.12
CA PRO G 109 45.95 7.98 -22.07
C PRO G 109 44.93 8.06 -20.95
N SER G 110 44.91 7.02 -20.12
CA SER G 110 44.01 6.92 -18.99
C SER G 110 44.78 6.96 -17.70
N ALA G 111 44.45 7.90 -16.82
CA ALA G 111 45.12 8.07 -15.53
C ALA G 111 44.35 9.10 -14.70
N PRO G 112 44.39 8.97 -13.36
CA PRO G 112 43.69 9.92 -12.49
C PRO G 112 44.25 11.32 -12.69
N THR G 113 43.47 12.35 -12.39
CA THR G 113 43.89 13.74 -12.63
C THR G 113 45.21 14.16 -11.96
N GLY G 114 45.44 13.73 -10.72
CA GLY G 114 46.64 14.09 -9.97
C GLY G 114 47.87 13.33 -10.44
N GLU G 115 47.66 12.43 -11.40
CA GLU G 115 48.72 11.64 -11.99
C GLU G 115 48.69 11.76 -13.52
N TYR G 116 48.03 12.78 -14.05
CA TYR G 116 47.94 12.91 -15.50
C TYR G 116 49.15 13.63 -16.07
N ASP G 117 49.71 13.04 -17.11
CA ASP G 117 50.87 13.59 -17.81
C ASP G 117 50.48 14.94 -18.43
N VAL G 118 51.30 15.97 -18.27
CA VAL G 118 50.95 17.25 -18.86
C VAL G 118 50.96 17.23 -20.40
N ALA G 119 52.02 16.66 -20.98
CA ALA G 119 52.16 16.58 -22.43
C ALA G 119 51.00 15.83 -23.07
N ALA G 120 50.49 14.81 -22.38
CA ALA G 120 49.34 14.08 -22.86
C ALA G 120 48.09 14.98 -22.81
N TYR G 121 47.87 15.64 -21.67
CA TYR G 121 46.75 16.57 -21.50
C TYR G 121 46.71 17.57 -22.65
N GLN G 122 47.89 18.10 -22.99
CA GLN G 122 47.97 19.11 -24.03
C GLN G 122 47.70 18.55 -25.42
N ARG G 123 48.25 17.37 -25.72
CA ARG G 123 47.98 16.73 -27.00
C ARG G 123 46.47 16.66 -27.20
N VAL G 124 45.80 16.13 -26.19
CA VAL G 124 44.36 15.87 -26.25
C VAL G 124 43.54 17.13 -26.50
N VAL G 125 43.83 18.19 -25.76
CA VAL G 125 43.05 19.42 -25.80
C VAL G 125 43.32 20.17 -27.11
N ARG G 126 44.59 20.23 -27.50
CA ARG G 126 44.99 20.84 -28.77
C ARG G 126 44.24 20.21 -29.95
N THR G 127 44.17 18.87 -29.97
CA THR G 127 43.51 18.16 -31.05
C THR G 127 41.97 18.24 -30.92
N ASN G 128 41.48 18.02 -29.70
CA ASN G 128 40.04 17.86 -29.48
C ASN G 128 39.26 19.16 -29.38
N LEU G 129 39.81 20.14 -28.66
CA LEU G 129 39.12 21.40 -28.44
C LEU G 129 39.58 22.50 -29.40
N ASP G 130 40.84 22.88 -29.29
CA ASP G 130 41.40 23.92 -30.15
C ASP G 130 41.18 23.57 -31.62
N GLY G 131 41.40 22.31 -31.97
CA GLY G 131 41.17 21.85 -33.32
C GLY G 131 39.76 22.06 -33.82
N VAL G 132 38.77 21.91 -32.93
CA VAL G 132 37.38 22.18 -33.33
C VAL G 132 37.21 23.68 -33.49
N PHE G 133 37.79 24.46 -32.57
CA PHE G 133 37.71 25.90 -32.68
C PHE G 133 38.38 26.40 -33.98
N TYR G 134 39.54 25.83 -34.32
CA TYR G 134 40.27 26.26 -35.51
C TYR G 134 39.49 25.92 -36.80
N SER G 135 38.88 24.73 -36.84
CA SER G 135 37.99 24.32 -37.92
C SER G 135 36.85 25.30 -38.17
N MET G 136 36.13 25.68 -37.12
CA MET G 136 35.02 26.63 -37.23
C MET G 136 35.50 28.00 -37.67
N ARG G 137 36.66 28.41 -37.14
CA ARG G 137 37.21 29.75 -37.44
C ARG G 137 37.39 30.00 -38.94
N TYR G 138 37.74 28.94 -39.70
CA TYR G 138 38.00 29.06 -41.14
C TYR G 138 36.88 28.49 -42.01
N GLU G 139 36.22 27.46 -41.50
CA GLU G 139 35.01 26.98 -42.14
C GLU G 139 33.94 28.07 -42.27
N LEU G 140 33.72 28.80 -41.17
CA LEU G 140 32.61 29.76 -41.10
C LEU G 140 32.63 30.83 -42.18
N PRO G 141 33.78 31.47 -42.44
CA PRO G 141 33.70 32.53 -43.44
C PRO G 141 33.59 31.97 -44.86
N ALA G 142 34.11 30.77 -45.08
CA ALA G 142 33.96 30.15 -46.38
C ALA G 142 32.49 29.86 -46.68
N ILE G 143 31.73 29.43 -45.67
CA ILE G 143 30.31 29.15 -45.82
C ILE G 143 29.51 30.44 -45.91
N GLU G 144 29.88 31.41 -45.09
CA GLU G 144 29.13 32.65 -45.03
C GLU G 144 29.26 33.40 -46.35
N ALA G 145 30.47 33.36 -46.90
CA ALA G 145 30.79 34.09 -48.13
C ALA G 145 29.94 33.69 -49.32
N ALA G 146 29.42 32.47 -49.27
CA ALA G 146 28.82 31.82 -50.42
C ALA G 146 27.77 32.61 -51.24
N GLY G 147 26.75 33.22 -50.61
CA GLY G 147 26.41 33.08 -49.20
C GLY G 147 25.07 32.39 -49.18
N LYS G 148 25.11 31.07 -49.18
CA LYS G 148 23.91 30.27 -49.34
C LYS G 148 23.49 29.67 -48.02
N GLY G 149 24.09 30.14 -46.95
CA GLY G 149 23.89 29.51 -45.66
C GLY G 149 24.62 28.18 -45.66
N GLY G 150 24.22 27.28 -44.76
CA GLY G 150 24.92 26.04 -44.54
C GLY G 150 24.74 25.50 -43.13
N SER G 151 25.61 24.57 -42.78
CA SER G 151 25.46 23.79 -41.56
C SER G 151 26.79 23.20 -41.12
N ILE G 152 26.99 23.16 -39.81
CA ILE G 152 28.20 22.60 -39.22
C ILE G 152 27.87 21.65 -38.07
N VAL G 153 28.50 20.46 -38.07
CA VAL G 153 28.37 19.52 -36.96
C VAL G 153 29.71 19.24 -36.25
N ASN G 154 29.76 19.53 -34.95
CA ASN G 154 30.94 19.19 -34.16
C ASN G 154 30.70 17.86 -33.44
N VAL G 155 31.59 16.89 -33.66
CA VAL G 155 31.49 15.62 -32.97
C VAL G 155 32.11 15.74 -31.57
N ALA G 156 31.25 15.85 -30.57
CA ALA G 156 31.75 15.80 -29.20
C ALA G 156 31.67 14.34 -28.78
N SER G 157 30.94 14.10 -27.71
CA SER G 157 30.84 12.76 -27.12
C SER G 157 29.87 12.79 -25.96
N ILE G 158 29.45 11.61 -25.52
CA ILE G 158 28.76 11.49 -24.24
C ILE G 158 29.59 12.16 -23.15
N LEU G 159 30.91 12.09 -23.31
CA LEU G 159 31.85 12.69 -22.37
C LEU G 159 31.97 14.21 -22.50
N GLY G 160 31.09 14.79 -23.32
CA GLY G 160 30.91 16.22 -23.39
C GLY G 160 29.83 16.69 -22.41
N SER G 161 29.10 15.76 -21.80
CA SER G 161 28.02 16.08 -20.85
C SER G 161 28.14 15.34 -19.52
N VAL G 162 28.74 14.14 -19.57
CA VAL G 162 29.11 13.42 -18.36
C VAL G 162 30.62 13.26 -18.31
N GLY G 163 31.16 12.94 -17.14
CA GLY G 163 32.60 12.77 -16.98
C GLY G 163 32.98 11.31 -17.10
N PHE G 164 34.26 11.03 -16.95
CA PHE G 164 34.75 9.66 -17.08
C PHE G 164 36.07 9.51 -16.32
N ALA G 165 36.11 8.58 -15.37
CA ALA G 165 37.25 8.47 -14.47
C ALA G 165 38.50 8.10 -15.25
N GLY G 166 39.55 8.89 -15.10
CA GLY G 166 40.82 8.57 -15.72
C GLY G 166 40.97 9.20 -17.08
N SER G 167 39.95 9.93 -17.52
CA SER G 167 40.02 10.65 -18.79
C SER G 167 39.79 12.17 -18.68
N PRO G 168 40.48 12.85 -17.74
CA PRO G 168 40.10 14.25 -17.50
C PRO G 168 40.37 15.18 -18.69
N ALA G 169 41.42 14.91 -19.47
CA ALA G 169 41.73 15.76 -20.61
C ALA G 169 40.66 15.63 -21.69
N TYR G 170 40.21 14.39 -21.90
CA TYR G 170 39.28 14.13 -22.97
C TYR G 170 37.90 14.70 -22.59
N VAL G 171 37.51 14.54 -21.32
CA VAL G 171 36.22 15.07 -20.88
C VAL G 171 36.20 16.58 -20.96
N ALA G 172 37.31 17.21 -20.58
CA ALA G 172 37.45 18.66 -20.64
C ALA G 172 37.30 19.19 -22.06
N ALA G 173 38.01 18.59 -23.00
CA ALA G 173 37.96 19.05 -24.38
C ALA G 173 36.55 18.85 -24.94
N LYS G 174 36.03 17.62 -24.83
CA LYS G 174 34.69 17.32 -25.29
C LYS G 174 33.64 18.31 -24.77
N HIS G 175 33.75 18.67 -23.50
CA HIS G 175 32.81 19.62 -22.90
C HIS G 175 32.93 20.99 -23.57
N GLY G 176 34.17 21.42 -23.79
CA GLY G 176 34.43 22.66 -24.50
C GLY G 176 33.87 22.65 -25.92
N VAL G 177 33.85 21.48 -26.55
CA VAL G 177 33.30 21.42 -27.90
C VAL G 177 31.82 21.77 -27.81
N VAL G 178 31.13 21.29 -26.76
CA VAL G 178 29.73 21.62 -26.57
C VAL G 178 29.55 23.12 -26.34
N GLY G 179 30.41 23.70 -25.50
CA GLY G 179 30.38 25.14 -25.28
C GLY G 179 30.53 25.93 -26.57
N LEU G 180 31.58 25.58 -27.31
CA LEU G 180 31.87 26.13 -28.63
C LEU G 180 30.65 26.08 -29.56
N THR G 181 29.91 24.98 -29.52
CA THR G 181 28.75 24.81 -30.40
C THR G 181 27.64 25.79 -30.07
N LYS G 182 27.33 25.92 -28.78
CA LYS G 182 26.28 26.82 -28.32
C LYS G 182 26.61 28.28 -28.59
N ALA G 183 27.87 28.66 -28.37
CA ALA G 183 28.29 30.06 -28.52
C ALA G 183 28.21 30.48 -29.98
N ALA G 184 28.81 29.67 -30.84
CA ALA G 184 28.88 29.99 -32.26
C ALA G 184 27.49 29.93 -32.88
N ALA G 185 26.68 28.97 -32.46
CA ALA G 185 25.36 28.81 -33.07
C ALA G 185 24.50 30.03 -32.78
N ALA G 186 24.69 30.59 -31.59
CA ALA G 186 23.97 31.81 -31.21
C ALA G 186 24.38 32.97 -32.10
N GLU G 187 25.66 33.01 -32.49
CA GLU G 187 26.20 34.01 -33.39
C GLU G 187 25.73 33.86 -34.85
N TYR G 188 25.50 32.64 -35.29
CA TYR G 188 25.36 32.41 -36.73
C TYR G 188 23.98 31.96 -37.18
N ALA G 189 23.13 31.54 -36.25
CA ALA G 189 21.83 30.98 -36.64
C ALA G 189 20.97 31.97 -37.42
N ALA G 190 21.02 33.24 -37.00
CA ALA G 190 20.23 34.27 -37.67
C ALA G 190 20.71 34.54 -39.11
N ARG G 191 21.97 34.25 -39.41
CA ARG G 191 22.45 34.45 -40.76
C ARG G 191 22.52 33.15 -41.60
N GLY G 192 21.69 32.17 -41.21
CA GLY G 192 21.53 30.97 -42.02
C GLY G 192 22.55 29.87 -41.87
N ILE G 193 23.38 29.91 -40.83
CA ILE G 193 24.39 28.84 -40.62
C ILE G 193 24.14 28.05 -39.35
N ARG G 194 23.48 26.90 -39.47
CA ARG G 194 23.18 26.10 -38.29
C ARG G 194 24.39 25.33 -37.79
N ILE G 195 24.65 25.45 -36.50
CA ILE G 195 25.76 24.78 -35.83
C ILE G 195 25.27 23.90 -34.67
N ASN G 196 25.64 22.62 -34.70
CA ASN G 196 25.16 21.64 -33.72
C ASN G 196 26.27 20.66 -33.28
N ALA G 197 25.97 19.81 -32.31
CA ALA G 197 26.96 18.80 -31.91
C ALA G 197 26.31 17.45 -31.67
N VAL G 198 27.06 16.38 -31.95
CA VAL G 198 26.57 15.05 -31.60
C VAL G 198 27.34 14.48 -30.41
N GLY G 199 26.66 13.64 -29.63
CA GLY G 199 27.29 13.05 -28.46
C GLY G 199 27.23 11.53 -28.47
N PRO G 200 28.12 10.91 -29.25
CA PRO G 200 28.00 9.44 -29.31
C PRO G 200 28.44 8.77 -28.01
N GLY G 201 27.86 7.60 -27.74
CA GLY G 201 28.34 6.72 -26.70
C GLY G 201 29.58 6.02 -27.23
N PHE G 202 29.94 4.90 -26.61
CA PHE G 202 31.10 4.13 -27.08
C PHE G 202 30.76 3.39 -28.37
N ILE G 203 31.67 3.50 -29.33
CA ILE G 203 31.43 3.01 -30.68
C ILE G 203 32.46 1.94 -31.00
N ASP G 204 31.96 0.79 -31.47
CA ASP G 204 32.82 -0.30 -31.92
C ASP G 204 33.86 0.14 -32.97
N THR G 205 35.12 -0.19 -32.70
CA THR G 205 36.21 0.23 -33.56
C THR G 205 37.16 -0.96 -33.74
N PRO G 206 38.02 -0.90 -34.77
CA PRO G 206 39.17 -1.81 -34.82
C PRO G 206 40.03 -1.84 -33.53
N LEU G 207 40.35 -0.67 -32.96
CA LEU G 207 41.15 -0.62 -31.72
C LEU G 207 40.33 -1.06 -30.52
N LEU G 208 39.02 -0.89 -30.60
CA LEU G 208 38.09 -1.54 -29.67
C LEU G 208 38.15 -3.03 -29.98
N LYS G 209 37.41 -3.84 -29.24
CA LYS G 209 37.45 -5.31 -29.41
C LYS G 209 38.83 -5.93 -29.08
N THR G 210 39.90 -5.16 -29.30
CA THR G 210 41.26 -5.60 -29.00
C THR G 210 41.45 -5.78 -27.50
N MET G 211 40.87 -4.87 -26.72
CA MET G 211 40.95 -4.96 -25.27
C MET G 211 40.21 -6.20 -24.78
N GLU G 212 40.53 -6.62 -23.55
CA GLU G 212 40.04 -7.89 -22.99
C GLU G 212 38.52 -8.01 -22.97
N GLU G 213 38.04 -9.24 -22.87
CA GLU G 213 36.61 -9.50 -22.82
C GLU G 213 36.00 -8.85 -21.57
N ALA G 214 36.74 -8.93 -20.47
CA ALA G 214 36.29 -8.38 -19.19
C ALA G 214 36.04 -6.86 -19.27
N ALA G 215 36.92 -6.14 -19.96
CA ALA G 215 36.79 -4.69 -20.09
C ALA G 215 35.78 -4.28 -21.17
N TYR G 216 35.60 -5.12 -22.19
CA TYR G 216 34.62 -4.84 -23.22
C TYR G 216 33.23 -5.02 -22.66
N LYS G 217 33.05 -6.07 -21.85
CA LYS G 217 31.74 -6.39 -21.31
C LYS G 217 31.29 -5.36 -20.26
N GLY G 218 32.25 -4.66 -19.68
CA GLY G 218 31.95 -3.65 -18.69
C GLY G 218 31.46 -2.39 -19.38
N LEU G 219 32.02 -2.16 -20.57
CA LEU G 219 31.62 -1.04 -21.41
C LEU G 219 30.20 -1.21 -21.95
N VAL G 220 29.88 -2.42 -22.41
CA VAL G 220 28.53 -2.76 -22.86
C VAL G 220 27.50 -2.58 -21.75
N ALA G 221 27.93 -2.84 -20.51
CA ALA G 221 27.05 -2.75 -19.35
C ALA G 221 26.71 -1.29 -19.00
N LEU G 222 27.53 -0.36 -19.47
CA LEU G 222 27.27 1.06 -19.30
C LEU G 222 26.16 1.52 -20.24
N HIS G 223 25.92 0.78 -21.32
CA HIS G 223 24.92 1.15 -22.30
C HIS G 223 23.65 0.30 -22.20
N PRO G 224 22.54 0.88 -21.70
CA PRO G 224 21.27 0.15 -21.62
C PRO G 224 20.86 -0.56 -22.92
N ALA G 225 21.25 0.00 -24.07
CA ALA G 225 21.01 -0.63 -25.36
C ALA G 225 21.56 -2.08 -25.45
N GLY G 226 22.49 -2.43 -24.57
CA GLY G 226 23.00 -3.79 -24.51
C GLY G 226 24.07 -4.06 -25.54
N ARG G 227 24.51 -3.00 -26.22
CA ARG G 227 25.61 -3.10 -27.17
C ARG G 227 26.29 -1.75 -27.33
N LEU G 228 27.43 -1.77 -28.02
CA LEU G 228 28.07 -0.52 -28.41
C LEU G 228 27.45 0.00 -29.71
N GLY G 229 27.76 1.24 -30.06
CA GLY G 229 27.21 1.81 -31.28
C GLY G 229 28.08 1.50 -32.48
N ARG G 230 27.51 1.68 -33.66
CA ARG G 230 28.23 1.47 -34.90
C ARG G 230 28.51 2.84 -35.50
N SER G 231 29.69 3.02 -36.06
CA SER G 231 30.09 4.32 -36.61
C SER G 231 29.06 4.91 -37.59
N ASP G 232 28.35 4.06 -38.33
CA ASP G 232 27.32 4.44 -39.30
C ASP G 232 26.07 4.97 -38.63
N GLU G 233 25.82 4.50 -37.47
CA GLU G 233 24.69 5.01 -36.68
C GLU G 233 24.91 6.47 -36.25
N VAL G 234 26.16 6.82 -35.94
CA VAL G 234 26.51 8.19 -35.60
C VAL G 234 26.40 9.08 -36.83
N ALA G 235 26.77 8.53 -37.98
CA ALA G 235 26.77 9.28 -39.23
C ALA G 235 25.36 9.62 -39.69
N GLU G 236 24.42 8.72 -39.45
CA GLU G 236 23.02 9.04 -39.77
C GLU G 236 22.51 10.28 -39.03
N LEU G 237 22.91 10.44 -37.77
CA LEU G 237 22.48 11.60 -36.98
C LEU G 237 23.22 12.85 -37.41
N ILE G 238 24.48 12.67 -37.77
CA ILE G 238 25.29 13.79 -38.20
C ILE G 238 24.73 14.32 -39.51
N VAL G 239 24.45 13.41 -40.43
CA VAL G 239 23.96 13.85 -41.71
C VAL G 239 22.56 14.43 -41.60
N PHE G 240 21.76 13.95 -40.64
CA PHE G 240 20.43 14.51 -40.45
C PHE G 240 20.54 15.95 -39.96
N LEU G 241 21.47 16.21 -39.05
CA LEU G 241 21.72 17.56 -38.58
C LEU G 241 22.23 18.51 -39.65
N LEU G 242 23.02 18.00 -40.59
CA LEU G 242 23.52 18.84 -41.66
C LEU G 242 22.41 19.16 -42.65
N SER G 243 21.47 18.23 -42.82
CA SER G 243 20.44 18.39 -43.84
C SER G 243 19.46 19.50 -43.51
N ASP G 244 18.76 19.98 -44.54
CA ASP G 244 17.72 21.00 -44.36
C ASP G 244 16.48 20.45 -43.64
N ARG G 245 16.41 19.14 -43.45
CA ARG G 245 15.33 18.60 -42.65
C ARG G 245 15.49 19.06 -41.19
N ALA G 246 16.73 19.33 -40.81
CA ALA G 246 17.01 19.82 -39.46
C ALA G 246 17.09 21.36 -39.43
N SER G 247 16.21 22.03 -40.18
CA SER G 247 16.38 23.45 -40.45
C SER G 247 16.07 24.39 -39.27
N PHE G 248 15.43 23.87 -38.22
CA PHE G 248 15.24 24.67 -37.00
C PHE G 248 16.03 24.10 -35.82
N VAL G 249 16.98 23.21 -36.12
CA VAL G 249 17.88 22.70 -35.09
C VAL G 249 19.19 23.50 -35.10
N ALA G 250 19.47 24.21 -34.00
CA ALA G 250 20.68 25.00 -33.88
C ALA G 250 21.07 25.12 -32.42
N GLY G 251 22.38 25.15 -32.16
CA GLY G 251 22.90 25.34 -30.81
C GLY G 251 22.67 24.17 -29.90
N SER G 252 22.50 22.98 -30.47
CA SER G 252 22.06 21.86 -29.66
C SER G 252 22.94 20.63 -29.76
N TYR G 253 22.82 19.80 -28.74
CA TYR G 253 23.70 18.70 -28.47
C TYR G 253 22.83 17.47 -28.54
N HIS G 254 23.22 16.55 -29.41
CA HIS G 254 22.37 15.43 -29.76
C HIS G 254 23.04 14.09 -29.50
N LEU G 255 22.47 13.35 -28.55
CA LEU G 255 23.04 12.07 -28.16
C LEU G 255 22.75 10.95 -29.16
N VAL G 256 23.79 10.18 -29.47
CA VAL G 256 23.61 8.84 -30.03
C VAL G 256 24.37 7.83 -29.12
N ASP G 257 23.73 7.43 -28.03
CA ASP G 257 24.40 6.67 -26.98
C ASP G 257 23.69 5.40 -26.55
N GLY G 258 24.05 4.87 -25.40
CA GLY G 258 23.41 3.61 -25.02
C GLY G 258 21.96 3.76 -24.60
N ALA G 259 21.51 5.02 -24.51
CA ALA G 259 20.67 5.53 -23.42
C ALA G 259 21.63 5.65 -22.21
N TYR G 260 22.91 5.78 -22.56
CA TYR G 260 24.03 5.81 -21.63
C TYR G 260 23.88 6.91 -20.59
N THR G 261 23.45 8.09 -21.03
CA THR G 261 23.41 9.27 -20.16
C THR G 261 22.01 9.45 -19.59
N ALA G 262 21.11 8.56 -19.95
CA ALA G 262 19.75 8.63 -19.47
C ALA G 262 19.65 8.09 -18.04
N VAL G 263 20.72 7.48 -17.56
CA VAL G 263 20.80 7.00 -16.17
C VAL G 263 22.13 7.36 -15.50
N THR H 11 30.65 23.27 16.41
CA THR H 11 29.48 23.61 15.61
C THR H 11 29.50 25.09 15.22
N GLY H 12 30.68 25.69 15.32
CA GLY H 12 30.81 27.11 15.07
C GLY H 12 30.90 27.46 13.60
N TYR H 13 30.89 28.76 13.32
CA TYR H 13 31.13 29.22 11.95
C TYR H 13 32.49 29.88 11.89
N ALA H 14 33.00 30.26 13.05
CA ALA H 14 34.27 30.97 13.13
C ALA H 14 35.44 29.99 13.20
N ALA H 15 35.15 28.77 13.63
CA ALA H 15 36.20 27.78 13.80
C ALA H 15 35.98 26.61 12.86
N GLU H 16 35.19 26.85 11.82
CA GLU H 16 34.74 25.79 10.94
C GLU H 16 35.88 25.13 10.18
N PHE H 17 36.88 25.94 9.82
CA PHE H 17 38.03 25.45 9.06
C PHE H 17 39.33 25.48 9.87
N ALA H 18 39.18 25.55 11.19
CA ALA H 18 40.32 25.66 12.11
C ALA H 18 41.38 24.57 11.86
N GLY H 19 42.60 24.99 11.57
CA GLY H 19 43.69 24.04 11.38
C GLY H 19 43.85 23.50 9.97
N ARG H 20 43.02 23.96 9.03
CA ARG H 20 43.10 23.50 7.65
C ARG H 20 43.73 24.54 6.74
N THR H 21 44.47 24.10 5.74
CA THR H 21 45.07 25.04 4.79
C THR H 21 44.32 25.08 3.45
N ALA H 22 44.07 26.30 2.96
CA ALA H 22 43.34 26.52 1.73
C ALA H 22 44.14 27.35 0.73
N LEU H 23 44.28 26.84 -0.49
CA LEU H 23 44.90 27.59 -1.59
C LEU H 23 43.81 28.25 -2.43
N VAL H 24 43.92 29.56 -2.64
CA VAL H 24 43.00 30.24 -3.53
C VAL H 24 43.83 30.78 -4.70
N THR H 25 43.46 30.45 -5.94
CA THR H 25 44.17 31.05 -7.08
C THR H 25 43.41 32.28 -7.56
N GLY H 26 44.14 33.27 -8.07
CA GLY H 26 43.56 34.56 -8.39
C GLY H 26 42.95 35.26 -7.19
N ALA H 27 43.58 35.07 -6.03
CA ALA H 27 43.05 35.57 -4.76
C ALA H 27 43.25 37.08 -4.49
N ALA H 28 43.88 37.80 -5.42
CA ALA H 28 44.17 39.23 -5.19
C ALA H 28 42.98 40.17 -5.42
N SER H 29 41.93 39.70 -6.08
CA SER H 29 40.74 40.52 -6.32
C SER H 29 39.45 39.72 -6.48
N GLY H 30 38.33 40.44 -6.58
CA GLY H 30 37.05 39.85 -6.94
C GLY H 30 36.65 38.61 -6.15
N ILE H 31 36.22 37.59 -6.88
CA ILE H 31 35.78 36.34 -6.27
C ILE H 31 36.88 35.68 -5.43
N GLY H 32 38.12 35.72 -5.94
CA GLY H 32 39.25 35.08 -5.28
C GLY H 32 39.51 35.72 -3.94
N LEU H 33 39.50 37.05 -3.92
CA LEU H 33 39.66 37.82 -2.69
C LEU H 33 38.54 37.54 -1.69
N ALA H 34 37.30 37.63 -2.16
CA ALA H 34 36.14 37.37 -1.30
C ALA H 34 36.21 35.97 -0.74
N THR H 35 36.60 35.01 -1.58
CA THR H 35 36.77 33.64 -1.15
C THR H 35 37.84 33.55 -0.07
N ALA H 36 38.99 34.18 -0.32
CA ALA H 36 40.05 34.18 0.69
C ALA H 36 39.60 34.84 1.99
N ARG H 37 38.83 35.92 1.87
CA ARG H 37 38.28 36.54 3.08
C ARG H 37 37.36 35.60 3.86
N ARG H 38 36.43 34.98 3.15
CA ARG H 38 35.43 34.14 3.79
C ARG H 38 36.08 32.89 4.40
N LEU H 39 37.14 32.39 3.77
CA LEU H 39 37.86 31.25 4.33
C LEU H 39 38.49 31.65 5.67
N GLY H 40 39.07 32.84 5.72
CA GLY H 40 39.71 33.31 6.93
C GLY H 40 38.71 33.55 8.05
N ALA H 41 37.61 34.18 7.72
CA ALA H 41 36.57 34.39 8.71
C ALA H 41 36.11 33.05 9.30
N GLY H 42 36.27 31.98 8.52
CA GLY H 42 35.91 30.64 8.95
C GLY H 42 37.04 29.88 9.67
N GLY H 43 38.08 30.63 10.04
CA GLY H 43 39.19 30.06 10.78
C GLY H 43 40.19 29.26 9.97
N ALA H 44 40.23 29.48 8.66
CA ALA H 44 41.14 28.74 7.79
C ALA H 44 42.52 29.39 7.66
N ARG H 45 43.53 28.57 7.36
CA ARG H 45 44.83 29.12 7.02
C ARG H 45 44.93 29.25 5.51
N VAL H 46 45.09 30.49 5.03
CA VAL H 46 44.93 30.79 3.62
C VAL H 46 46.21 31.17 2.88
N VAL H 47 46.42 30.56 1.72
CA VAL H 47 47.54 30.90 0.86
C VAL H 47 47.04 31.71 -0.34
N VAL H 48 47.28 33.01 -0.31
CA VAL H 48 46.88 33.93 -1.35
C VAL H 48 47.80 33.86 -2.56
N ALA H 49 47.35 33.18 -3.61
CA ALA H 49 48.15 33.01 -4.83
C ALA H 49 47.60 33.83 -5.99
N ASP H 50 48.43 34.70 -6.57
CA ASP H 50 48.01 35.50 -7.73
C ASP H 50 49.18 35.75 -8.67
N PHE H 51 48.85 36.08 -9.91
CA PHE H 51 49.83 36.55 -10.86
C PHE H 51 50.38 37.90 -10.41
N ASN H 52 49.49 38.78 -9.95
CA ASN H 52 49.85 40.09 -9.43
C ASN H 52 50.47 39.97 -8.03
N ALA H 53 51.79 39.87 -7.99
CA ALA H 53 52.50 39.63 -6.74
C ALA H 53 52.18 40.68 -5.67
N GLU H 54 52.11 41.93 -6.09
CA GLU H 54 51.91 43.02 -5.15
C GLU H 54 50.53 42.96 -4.47
N GLY H 55 49.48 42.77 -5.26
CA GLY H 55 48.13 42.68 -4.74
C GLY H 55 47.92 41.43 -3.89
N ALA H 56 48.69 40.39 -4.17
CA ALA H 56 48.61 39.16 -3.40
C ALA H 56 49.10 39.42 -1.98
N GLU H 57 50.31 39.95 -1.87
CA GLU H 57 50.92 40.29 -0.59
C GLU H 57 50.02 41.24 0.19
N LYS H 58 49.43 42.20 -0.50
CA LYS H 58 48.51 43.14 0.11
C LYS H 58 47.33 42.42 0.74
N ALA H 59 46.80 41.41 0.05
CA ALA H 59 45.67 40.69 0.58
C ALA H 59 46.11 39.72 1.68
N ALA H 60 47.34 39.26 1.60
CA ALA H 60 47.85 38.37 2.66
C ALA H 60 48.05 39.15 3.96
N ALA H 61 48.50 40.40 3.83
CA ALA H 61 48.74 41.24 4.99
C ALA H 61 47.43 41.56 5.69
N GLU H 62 46.43 42.01 4.93
CA GLU H 62 45.14 42.42 5.48
C GLU H 62 44.46 41.29 6.24
N LEU H 63 44.63 40.08 5.75
CA LEU H 63 44.13 38.90 6.42
C LEU H 63 44.78 38.72 7.79
N ARG H 64 46.12 38.80 7.83
CA ARG H 64 46.81 38.77 9.12
C ARG H 64 46.33 39.91 10.02
N ALA H 65 46.27 41.12 9.46
CA ALA H 65 45.91 42.32 10.21
C ALA H 65 44.56 42.19 10.88
N GLY H 66 43.73 41.29 10.35
CA GLY H 66 42.44 40.97 10.93
C GLY H 66 42.42 39.64 11.68
N GLY H 67 43.61 39.08 11.96
CA GLY H 67 43.70 37.89 12.78
C GLY H 67 43.82 36.54 12.08
N VAL H 68 43.92 36.55 10.75
CA VAL H 68 44.03 35.32 9.96
C VAL H 68 45.49 34.98 9.72
N GLU H 69 45.82 33.69 9.60
CA GLU H 69 47.12 33.31 9.12
C GLU H 69 47.11 33.25 7.59
N ALA H 70 47.79 34.18 6.94
CA ALA H 70 47.81 34.19 5.49
C ALA H 70 49.20 34.43 4.92
N ALA H 71 49.41 33.94 3.71
CA ALA H 71 50.70 34.05 3.05
C ALA H 71 50.50 34.15 1.55
N ALA H 72 51.05 35.20 0.96
CA ALA H 72 51.01 35.37 -0.48
C ALA H 72 52.07 34.53 -1.19
N VAL H 73 51.77 34.15 -2.42
CA VAL H 73 52.74 33.52 -3.30
C VAL H 73 52.43 33.86 -4.76
N GLU H 74 53.49 34.18 -5.50
CA GLU H 74 53.38 34.54 -6.90
C GLU H 74 53.06 33.28 -7.69
N LEU H 75 52.08 33.40 -8.60
CA LEU H 75 51.59 32.24 -9.35
C LEU H 75 51.16 32.64 -10.75
N ASP H 76 51.60 31.87 -11.74
CA ASP H 76 51.08 32.03 -13.10
C ASP H 76 50.49 30.68 -13.49
N VAL H 77 49.16 30.55 -13.41
CA VAL H 77 48.49 29.25 -13.64
C VAL H 77 48.71 28.66 -15.03
N THR H 78 49.14 29.48 -15.98
CA THR H 78 49.46 28.97 -17.31
C THR H 78 50.78 28.18 -17.36
N ARG H 79 51.54 28.17 -16.27
CA ARG H 79 52.83 27.48 -16.24
C ARG H 79 52.88 26.44 -15.11
N PRO H 80 52.91 25.15 -15.48
CA PRO H 80 52.84 24.03 -14.53
C PRO H 80 53.85 24.10 -13.38
N GLU H 81 55.08 24.54 -13.65
CA GLU H 81 56.10 24.70 -12.60
C GLU H 81 55.65 25.76 -11.60
N SER H 82 55.13 26.87 -12.11
CA SER H 82 54.60 27.92 -11.25
C SER H 82 53.51 27.35 -10.35
N VAL H 83 52.65 26.51 -10.91
CA VAL H 83 51.55 25.91 -10.14
C VAL H 83 52.09 24.92 -9.11
N GLU H 84 53.01 24.07 -9.56
CA GLU H 84 53.66 23.09 -8.70
C GLU H 84 54.34 23.75 -7.52
N ALA H 85 55.04 24.85 -7.79
CA ALA H 85 55.72 25.60 -6.75
C ALA H 85 54.72 26.29 -5.81
N ALA H 86 53.64 26.83 -6.37
CA ALA H 86 52.60 27.43 -5.52
C ALA H 86 52.03 26.41 -4.53
N VAL H 87 51.84 25.17 -4.97
CA VAL H 87 51.34 24.14 -4.07
C VAL H 87 52.41 23.72 -3.04
N GLY H 88 53.67 23.72 -3.44
CA GLY H 88 54.74 23.45 -2.50
C GLY H 88 54.87 24.52 -1.41
N PHE H 89 54.70 25.78 -1.79
CA PHE H 89 54.70 26.88 -0.84
C PHE H 89 53.63 26.69 0.22
N ALA H 90 52.47 26.18 -0.17
CA ALA H 90 51.40 25.95 0.78
C ALA H 90 51.82 24.90 1.79
N VAL H 91 52.33 23.79 1.27
CA VAL H 91 52.71 22.67 2.10
C VAL H 91 53.89 23.03 3.00
N ASP H 92 54.82 23.84 2.48
CA ASP H 92 56.00 24.26 3.22
C ASP H 92 55.69 25.28 4.33
N THR H 93 54.64 26.08 4.12
CA THR H 93 54.31 27.18 5.01
C THR H 93 53.41 26.73 6.14
N PHE H 94 52.52 25.79 5.85
CA PHE H 94 51.46 25.41 6.78
C PHE H 94 51.36 23.91 6.97
N GLY H 95 52.35 23.17 6.50
CA GLY H 95 52.42 21.75 6.78
C GLY H 95 51.61 20.81 5.90
N SER H 96 50.64 21.36 5.18
CA SER H 96 49.72 20.55 4.39
C SER H 96 48.88 21.41 3.45
N LEU H 97 48.14 20.74 2.57
CA LEU H 97 47.13 21.40 1.73
C LEU H 97 45.80 20.66 1.86
N ASP H 98 44.79 21.35 2.37
CA ASP H 98 43.51 20.70 2.61
C ASP H 98 42.42 21.14 1.65
N LEU H 99 42.42 22.42 1.32
CA LEU H 99 41.36 23.00 0.50
C LEU H 99 41.94 23.80 -0.66
N ALA H 100 41.18 23.85 -1.75
CA ALA H 100 41.65 24.54 -2.93
C ALA H 100 40.48 25.11 -3.71
N VAL H 101 40.67 26.36 -4.16
CA VAL H 101 39.71 27.08 -4.97
C VAL H 101 40.43 27.56 -6.23
N ASN H 102 40.06 26.99 -7.37
CA ASN H 102 40.69 27.31 -8.64
C ASN H 102 39.95 28.41 -9.36
N ASN H 103 40.41 29.63 -9.13
CA ASN H 103 39.62 30.79 -9.43
C ASN H 103 40.24 31.68 -10.51
N ALA H 104 41.56 31.76 -10.56
CA ALA H 104 42.26 32.63 -11.53
C ALA H 104 41.67 32.55 -12.94
N GLY H 105 41.24 33.69 -13.48
CA GLY H 105 40.58 33.69 -14.77
C GLY H 105 40.51 35.01 -15.51
N ILE H 106 40.34 34.90 -16.82
CA ILE H 106 40.11 35.99 -17.75
C ILE H 106 39.00 35.44 -18.65
N GLY H 107 38.24 36.24 -19.38
CA GLY H 107 38.63 37.48 -19.99
C GLY H 107 38.06 37.29 -21.37
N GLY H 108 38.82 37.59 -22.41
CA GLY H 108 38.35 37.36 -23.76
C GLY H 108 37.62 38.53 -24.37
N PRO H 109 38.18 39.10 -25.45
CA PRO H 109 37.50 40.07 -26.31
C PRO H 109 36.27 39.48 -27.01
N SER H 110 35.48 40.32 -27.64
CA SER H 110 34.28 39.86 -28.31
C SER H 110 34.52 39.82 -29.81
N ALA H 111 34.06 38.76 -30.45
CA ALA H 111 34.18 38.57 -31.89
C ALA H 111 33.37 37.35 -32.25
N PRO H 112 32.84 37.32 -33.49
CA PRO H 112 32.16 36.11 -33.96
C PRO H 112 33.17 34.97 -34.13
N THR H 113 32.79 33.73 -33.84
CA THR H 113 33.69 32.57 -33.94
C THR H 113 34.49 32.54 -35.25
N GLY H 114 33.85 32.91 -36.34
CA GLY H 114 34.47 32.90 -37.66
C GLY H 114 35.51 34.01 -37.84
N GLU H 115 35.48 35.00 -36.95
CA GLU H 115 36.36 36.17 -37.03
C GLU H 115 37.27 36.29 -35.82
N TYR H 116 37.16 35.35 -34.88
CA TYR H 116 37.87 35.47 -33.60
C TYR H 116 39.40 35.55 -33.75
N ASP H 117 40.03 36.36 -32.91
CA ASP H 117 41.48 36.46 -32.86
C ASP H 117 42.01 35.18 -32.22
N VAL H 118 42.76 34.41 -33.01
CA VAL H 118 43.26 33.09 -32.62
C VAL H 118 44.25 33.11 -31.45
N ALA H 119 45.07 34.15 -31.35
CA ALA H 119 45.99 34.26 -30.23
C ALA H 119 45.18 34.48 -28.95
N ALA H 120 44.11 35.26 -29.09
CA ALA H 120 43.27 35.59 -27.95
C ALA H 120 42.56 34.35 -27.42
N TYR H 121 42.08 33.49 -28.34
CA TYR H 121 41.53 32.19 -27.97
C TYR H 121 42.54 31.39 -27.16
N GLN H 122 43.79 31.42 -27.59
CA GLN H 122 44.84 30.67 -26.92
C GLN H 122 45.01 31.11 -25.46
N ARG H 123 45.09 32.43 -25.26
CA ARG H 123 45.24 32.98 -23.91
C ARG H 123 44.08 32.56 -23.03
N VAL H 124 42.85 32.74 -23.52
CA VAL H 124 41.67 32.45 -22.72
C VAL H 124 41.63 30.97 -22.27
N VAL H 125 41.84 30.07 -23.22
CA VAL H 125 41.86 28.65 -22.91
C VAL H 125 43.06 28.27 -22.04
N ARG H 126 44.23 28.81 -22.34
CA ARG H 126 45.44 28.55 -21.54
C ARG H 126 45.22 28.85 -20.06
N THR H 127 44.68 30.02 -19.77
CA THR H 127 44.46 30.44 -18.40
C THR H 127 43.24 29.74 -17.77
N ASN H 128 42.09 29.82 -18.43
CA ASN H 128 40.86 29.36 -17.81
C ASN H 128 40.71 27.85 -17.73
N LEU H 129 41.12 27.15 -18.77
CA LEU H 129 40.99 25.70 -18.81
C LEU H 129 42.29 24.98 -18.37
N ASP H 130 43.38 25.20 -19.08
CA ASP H 130 44.66 24.56 -18.73
C ASP H 130 45.11 24.88 -17.32
N GLY H 131 44.99 26.16 -16.94
CA GLY H 131 45.31 26.57 -15.60
C GLY H 131 44.57 25.77 -14.53
N VAL H 132 43.29 25.51 -14.78
CA VAL H 132 42.52 24.75 -13.82
C VAL H 132 43.04 23.33 -13.74
N PHE H 133 43.23 22.69 -14.89
CA PHE H 133 43.89 21.39 -14.91
C PHE H 133 45.19 21.38 -14.13
N TYR H 134 46.11 22.28 -14.46
CA TYR H 134 47.39 22.34 -13.77
C TYR H 134 47.23 22.51 -12.26
N SER H 135 46.25 23.30 -11.83
CA SER H 135 45.98 23.48 -10.40
C SER H 135 45.58 22.16 -9.76
N MET H 136 44.60 21.49 -10.34
CA MET H 136 44.17 20.20 -9.83
C MET H 136 45.26 19.15 -9.93
N ARG H 137 46.00 19.18 -11.04
CA ARG H 137 47.13 18.29 -11.27
C ARG H 137 48.10 18.23 -10.08
N TYR H 138 48.40 19.39 -9.50
CA TYR H 138 49.35 19.42 -8.40
C TYR H 138 48.72 19.51 -7.02
N GLU H 139 47.48 19.99 -6.94
CA GLU H 139 46.77 20.04 -5.66
C GLU H 139 46.42 18.63 -5.20
N LEU H 140 45.93 17.82 -6.14
CA LEU H 140 45.51 16.45 -5.82
C LEU H 140 46.53 15.60 -5.02
N PRO H 141 47.81 15.58 -5.41
CA PRO H 141 48.78 14.78 -4.62
C PRO H 141 48.92 15.26 -3.18
N ALA H 142 49.11 16.57 -3.00
CA ALA H 142 49.29 17.16 -1.68
C ALA H 142 48.12 16.84 -0.75
N ILE H 143 46.91 17.11 -1.24
CA ILE H 143 45.71 16.82 -0.48
C ILE H 143 45.68 15.35 -0.10
N GLU H 144 45.89 14.48 -1.09
CA GLU H 144 45.86 13.06 -0.87
C GLU H 144 46.88 12.61 0.17
N ALA H 145 48.03 13.26 0.19
CA ALA H 145 49.14 12.84 1.03
C ALA H 145 49.01 13.21 2.52
N ALA H 146 47.91 13.83 2.91
CA ALA H 146 47.73 14.24 4.31
C ALA H 146 47.64 13.09 5.35
N GLY H 147 46.80 12.06 5.14
CA GLY H 147 45.85 11.94 4.05
C GLY H 147 44.46 11.82 4.63
N LYS H 148 43.83 12.95 4.86
CA LYS H 148 42.55 12.99 5.57
C LYS H 148 41.42 13.52 4.71
N GLY H 149 41.54 13.34 3.41
CA GLY H 149 40.54 13.83 2.48
C GLY H 149 40.77 15.29 2.15
N GLY H 150 39.73 15.95 1.65
CA GLY H 150 39.88 17.34 1.23
C GLY H 150 38.77 17.73 0.26
N SER H 151 38.85 18.97 -0.21
CA SER H 151 37.80 19.56 -1.00
C SER H 151 38.37 20.58 -1.99
N ILE H 152 37.90 20.51 -3.24
CA ILE H 152 38.30 21.43 -4.29
C ILE H 152 37.06 22.00 -4.99
N VAL H 153 37.00 23.32 -5.07
CA VAL H 153 35.97 23.99 -5.88
C VAL H 153 36.63 24.60 -7.12
N ASN H 154 36.11 24.27 -8.29
CA ASN H 154 36.57 24.94 -9.50
C ASN H 154 35.64 26.07 -9.79
N VAL H 155 36.17 27.23 -10.17
CA VAL H 155 35.28 28.32 -10.52
C VAL H 155 35.05 28.37 -12.02
N ALA H 156 33.85 27.94 -12.43
CA ALA H 156 33.43 28.01 -13.82
C ALA H 156 32.62 29.28 -14.05
N SER H 157 31.39 29.11 -14.55
CA SER H 157 30.49 30.21 -14.88
C SER H 157 29.17 29.63 -15.33
N ILE H 158 28.14 30.48 -15.40
CA ILE H 158 26.94 30.16 -16.16
C ILE H 158 27.36 29.69 -17.54
N LEU H 159 28.42 30.32 -18.07
CA LEU H 159 28.87 30.09 -19.44
C LEU H 159 29.62 28.77 -19.56
N GLY H 160 29.58 28.00 -18.48
CA GLY H 160 30.08 26.64 -18.50
C GLY H 160 28.96 25.68 -18.84
N SER H 161 27.72 26.19 -18.89
CA SER H 161 26.55 25.38 -19.15
C SER H 161 25.67 25.96 -20.27
N VAL H 162 25.82 27.25 -20.53
CA VAL H 162 25.20 27.86 -21.72
C VAL H 162 26.22 28.63 -22.55
N GLY H 163 25.82 28.99 -23.77
CA GLY H 163 26.67 29.75 -24.65
C GLY H 163 26.40 31.24 -24.52
N PHE H 164 27.20 32.02 -25.23
CA PHE H 164 27.13 33.48 -25.21
C PHE H 164 27.83 34.01 -26.47
N ALA H 165 27.06 34.69 -27.31
CA ALA H 165 27.53 35.12 -28.63
C ALA H 165 28.72 36.08 -28.56
N GLY H 166 29.83 35.70 -29.16
CA GLY H 166 31.00 36.57 -29.17
C GLY H 166 32.02 36.14 -28.14
N SER H 167 31.69 35.09 -27.40
CA SER H 167 32.68 34.55 -26.47
C SER H 167 32.92 33.07 -26.63
N PRO H 168 33.22 32.62 -27.86
CA PRO H 168 33.44 31.17 -28.00
C PRO H 168 34.64 30.63 -27.18
N ALA H 169 35.67 31.43 -26.94
CA ALA H 169 36.80 30.93 -26.15
C ALA H 169 36.45 30.78 -24.68
N TYR H 170 35.75 31.79 -24.14
CA TYR H 170 35.46 31.80 -22.74
C TYR H 170 34.48 30.69 -22.44
N VAL H 171 33.47 30.57 -23.30
CA VAL H 171 32.44 29.57 -23.14
C VAL H 171 33.03 28.16 -23.20
N ALA H 172 33.92 27.92 -24.17
CA ALA H 172 34.57 26.61 -24.30
C ALA H 172 35.47 26.33 -23.09
N ALA H 173 36.09 27.39 -22.58
CA ALA H 173 37.04 27.20 -21.49
C ALA H 173 36.29 26.80 -20.24
N LYS H 174 35.16 27.47 -20.00
CA LYS H 174 34.39 27.21 -18.80
C LYS H 174 33.59 25.90 -18.88
N HIS H 175 33.18 25.50 -20.08
CA HIS H 175 32.62 24.16 -20.24
C HIS H 175 33.69 23.13 -19.91
N GLY H 176 34.93 23.40 -20.34
CA GLY H 176 36.02 22.51 -20.00
C GLY H 176 36.16 22.34 -18.51
N VAL H 177 35.98 23.44 -17.77
CA VAL H 177 36.12 23.39 -16.31
C VAL H 177 35.09 22.43 -15.70
N VAL H 178 33.83 22.55 -16.13
CA VAL H 178 32.78 21.66 -15.69
C VAL H 178 33.19 20.21 -15.96
N GLY H 179 33.71 19.98 -17.16
CA GLY H 179 34.18 18.67 -17.57
C GLY H 179 35.26 18.12 -16.65
N LEU H 180 36.38 18.86 -16.54
CA LEU H 180 37.46 18.52 -15.61
C LEU H 180 36.94 18.10 -14.24
N THR H 181 35.94 18.87 -13.78
CA THR H 181 35.36 18.70 -12.47
C THR H 181 34.69 17.36 -12.33
N LYS H 182 33.83 17.01 -13.30
CA LYS H 182 33.15 15.72 -13.28
C LYS H 182 34.12 14.53 -13.27
N ALA H 183 35.03 14.52 -14.23
CA ALA H 183 36.07 13.49 -14.28
C ALA H 183 36.83 13.32 -12.95
N ALA H 184 37.50 14.38 -12.49
CA ALA H 184 38.31 14.35 -11.27
C ALA H 184 37.51 13.84 -10.07
N ALA H 185 36.27 14.31 -9.98
CA ALA H 185 35.37 13.92 -8.92
C ALA H 185 35.12 12.43 -8.87
N ALA H 186 34.78 11.85 -10.02
CA ALA H 186 34.59 10.40 -10.09
C ALA H 186 35.89 9.65 -9.74
N GLU H 187 37.03 10.30 -9.95
CA GLU H 187 38.32 9.73 -9.61
C GLU H 187 38.61 9.70 -8.09
N TYR H 188 38.30 10.81 -7.41
CA TYR H 188 38.82 11.00 -6.07
C TYR H 188 37.74 11.00 -4.98
N ALA H 189 36.47 10.88 -5.38
CA ALA H 189 35.38 10.90 -4.42
C ALA H 189 35.56 9.83 -3.34
N ALA H 190 35.77 8.59 -3.79
CA ALA H 190 35.93 7.47 -2.88
C ALA H 190 37.19 7.60 -2.01
N ARG H 191 38.18 8.34 -2.50
CA ARG H 191 39.38 8.62 -1.72
C ARG H 191 39.17 9.76 -0.72
N GLY H 192 37.93 10.25 -0.59
CA GLY H 192 37.65 11.32 0.35
C GLY H 192 37.97 12.73 -0.10
N ILE H 193 38.26 12.89 -1.39
CA ILE H 193 38.52 14.22 -1.94
C ILE H 193 37.36 14.66 -2.84
N ARG H 194 36.56 15.62 -2.39
CA ARG H 194 35.43 16.09 -3.18
C ARG H 194 35.83 17.19 -4.18
N ILE H 195 35.26 17.14 -5.38
CA ILE H 195 35.55 18.14 -6.39
C ILE H 195 34.25 18.63 -7.04
N ASN H 196 33.94 19.91 -6.85
CA ASN H 196 32.75 20.50 -7.44
C ASN H 196 33.04 21.80 -8.20
N ALA H 197 32.03 22.32 -8.88
CA ALA H 197 32.19 23.60 -9.56
C ALA H 197 31.07 24.56 -9.16
N VAL H 198 31.37 25.85 -9.26
CA VAL H 198 30.34 26.87 -9.15
C VAL H 198 30.16 27.58 -10.49
N GLY H 199 28.92 27.94 -10.79
CA GLY H 199 28.62 28.72 -11.99
C GLY H 199 27.97 30.06 -11.65
N PRO H 200 28.80 31.07 -11.34
CA PRO H 200 28.29 32.41 -11.07
C PRO H 200 27.65 33.02 -12.32
N GLY H 201 26.54 33.75 -12.14
CA GLY H 201 26.04 34.64 -13.17
C GLY H 201 26.96 35.84 -13.20
N PHE H 202 26.53 36.93 -13.82
CA PHE H 202 27.40 38.10 -13.92
C PHE H 202 27.57 38.83 -12.58
N ILE H 203 28.83 38.97 -12.14
CA ILE H 203 29.15 39.58 -10.85
C ILE H 203 29.63 41.03 -10.95
N ASP H 204 29.34 41.81 -9.91
CA ASP H 204 29.95 43.13 -9.72
C ASP H 204 31.47 43.07 -9.58
N THR H 205 32.16 43.72 -10.52
CA THR H 205 33.63 43.81 -10.53
C THR H 205 33.97 45.24 -10.97
N PRO H 206 35.24 45.69 -10.85
CA PRO H 206 35.59 47.07 -11.21
C PRO H 206 35.16 47.57 -12.62
N LEU H 208 34.72 46.67 -13.49
CA LEU H 208 34.07 47.06 -14.74
C LEU H 208 32.56 47.30 -14.52
N LYS H 209 32.24 47.99 -13.42
CA LYS H 209 30.88 48.44 -13.11
C LYS H 209 30.55 49.64 -13.98
N THR H 210 31.60 50.40 -14.26
CA THR H 210 31.49 51.73 -14.85
C THR H 210 31.47 51.67 -16.37
N MET H 211 30.76 50.69 -16.92
CA MET H 211 30.50 50.69 -18.34
C MET H 211 29.51 51.82 -18.60
N GLU H 212 28.31 51.47 -19.05
CA GLU H 212 27.29 52.49 -19.25
C GLU H 212 25.86 51.98 -19.31
N GLU H 213 24.96 52.83 -18.80
CA GLU H 213 23.55 52.89 -19.21
C GLU H 213 22.87 51.56 -19.49
N ALA H 214 22.31 51.44 -20.69
CA ALA H 214 21.48 50.30 -21.09
C ALA H 214 22.33 49.08 -21.46
N ALA H 215 23.64 49.22 -21.44
CA ALA H 215 24.52 48.08 -21.59
C ALA H 215 24.51 47.31 -20.29
N TYR H 216 24.76 48.03 -19.20
CA TYR H 216 24.68 47.45 -17.88
C TYR H 216 23.24 46.99 -17.62
N LYS H 217 22.27 47.82 -17.99
CA LYS H 217 20.86 47.46 -17.87
C LYS H 217 20.55 46.19 -18.64
N GLY H 218 21.16 46.06 -19.82
CA GLY H 218 21.02 44.87 -20.63
C GLY H 218 21.47 43.58 -19.95
N LEU H 219 22.56 43.66 -19.20
CA LEU H 219 23.03 42.52 -18.42
C LEU H 219 22.05 42.16 -17.31
N VAL H 220 21.55 43.17 -16.61
CA VAL H 220 20.57 42.97 -15.56
C VAL H 220 19.35 42.21 -16.08
N ALA H 221 18.85 42.62 -17.24
CA ALA H 221 17.69 41.95 -17.86
C ALA H 221 17.86 40.44 -18.00
N LEU H 222 19.07 39.96 -18.22
CA LEU H 222 19.28 38.52 -18.33
C LEU H 222 19.18 37.79 -16.97
N HIS H 223 19.07 38.54 -15.88
CA HIS H 223 18.93 37.91 -14.57
C HIS H 223 17.53 38.19 -14.00
N PRO H 224 16.67 37.16 -13.96
CA PRO H 224 15.33 37.34 -13.38
C PRO H 224 15.39 37.93 -11.97
N ALA H 225 16.48 37.65 -11.25
CA ALA H 225 16.71 38.24 -9.94
C ALA H 225 16.71 39.79 -9.94
N GLY H 226 16.81 40.39 -11.14
CA GLY H 226 16.80 41.85 -11.28
C GLY H 226 18.05 42.64 -10.87
N ARG H 227 19.21 41.98 -10.86
CA ARG H 227 20.48 42.60 -10.50
C ARG H 227 21.66 41.65 -10.74
N LEU H 228 22.87 42.15 -10.59
CA LEU H 228 24.06 41.33 -10.75
C LEU H 228 24.46 40.75 -9.41
N GLY H 229 25.24 39.67 -9.42
CA GLY H 229 25.67 39.05 -8.17
C GLY H 229 26.83 39.80 -7.55
N ARG H 230 27.07 39.54 -6.28
CA ARG H 230 28.18 40.16 -5.54
C ARG H 230 29.27 39.11 -5.20
N SER H 231 30.53 39.52 -5.32
CA SER H 231 31.68 38.66 -5.01
C SER H 231 31.48 37.82 -3.75
N ASP H 232 30.95 38.44 -2.68
CA ASP H 232 30.61 37.81 -1.40
C ASP H 232 29.71 36.64 -1.55
N GLU H 233 28.72 36.81 -2.40
CA GLU H 233 27.69 35.80 -2.59
C GLU H 233 28.25 34.53 -3.24
N VAL H 234 29.21 34.69 -4.15
CA VAL H 234 29.86 33.54 -4.78
C VAL H 234 30.70 32.78 -3.75
N ALA H 235 31.43 33.53 -2.92
CA ALA H 235 32.34 32.94 -1.94
C ALA H 235 31.57 32.13 -0.92
N GLU H 236 30.37 32.57 -0.56
CA GLU H 236 29.53 31.78 0.34
C GLU H 236 29.28 30.37 -0.20
N LEU H 237 28.89 30.27 -1.48
CA LEU H 237 28.62 28.97 -2.07
C LEU H 237 29.91 28.15 -2.18
N ILE H 238 30.98 28.81 -2.60
CA ILE H 238 32.30 28.17 -2.68
C ILE H 238 32.69 27.51 -1.36
N VAL H 239 32.64 28.29 -0.28
CA VAL H 239 33.07 27.85 1.03
C VAL H 239 32.16 26.77 1.61
N PHE H 240 30.86 26.84 1.31
CA PHE H 240 29.94 25.81 1.72
C PHE H 240 30.30 24.47 1.12
N LEU H 241 30.64 24.48 -0.16
CA LEU H 241 31.05 23.26 -0.83
C LEU H 241 32.39 22.75 -0.30
N LEU H 242 33.23 23.65 0.19
CA LEU H 242 34.53 23.27 0.76
C LEU H 242 34.37 22.65 2.14
N SER H 243 33.30 23.02 2.85
CA SER H 243 33.09 22.62 4.24
C SER H 243 32.54 21.21 4.30
N ASP H 244 32.61 20.61 5.49
CA ASP H 244 32.15 19.23 5.70
C ASP H 244 30.63 19.19 5.74
N ARG H 245 30.04 20.38 5.74
CA ARG H 245 28.59 20.49 5.65
C ARG H 245 28.10 19.84 4.35
N ALA H 246 28.88 19.98 3.29
CA ALA H 246 28.52 19.40 2.01
C ALA H 246 29.21 18.07 1.75
N SER H 247 29.27 17.22 2.78
CA SER H 247 30.12 16.03 2.77
C SER H 247 29.73 14.99 1.71
N PHE H 248 28.50 15.08 1.23
CA PHE H 248 28.02 14.18 0.21
C PHE H 248 27.82 14.89 -1.13
N VAL H 249 28.35 16.10 -1.25
CA VAL H 249 28.26 16.84 -2.50
C VAL H 249 29.56 16.71 -3.30
N ALA H 250 29.49 15.97 -4.40
CA ALA H 250 30.68 15.63 -5.18
C ALA H 250 30.41 15.57 -6.69
N GLY H 251 31.32 16.14 -7.47
CA GLY H 251 31.23 16.10 -8.92
C GLY H 251 30.08 16.86 -9.55
N SER H 252 29.61 17.88 -8.85
CA SER H 252 28.41 18.57 -9.30
C SER H 252 28.71 20.04 -9.51
N TYR H 253 27.85 20.66 -10.31
CA TYR H 253 28.00 22.04 -10.77
C TYR H 253 26.94 22.88 -10.07
N HIS H 254 27.35 23.88 -9.31
CA HIS H 254 26.40 24.62 -8.48
C HIS H 254 26.25 26.09 -8.88
N LEU H 255 25.12 26.41 -9.50
CA LEU H 255 24.83 27.78 -9.95
C LEU H 255 24.67 28.77 -8.80
N VAL H 256 25.12 30.00 -9.04
CA VAL H 256 24.81 31.13 -8.18
C VAL H 256 24.61 32.30 -9.14
N ASP H 257 23.44 32.32 -9.79
CA ASP H 257 23.29 33.12 -11.01
C ASP H 257 22.03 33.98 -11.12
N GLY H 258 21.30 34.14 -10.01
CA GLY H 258 20.09 34.95 -10.02
C GLY H 258 19.02 34.49 -11.01
N ALA H 259 18.98 33.19 -11.25
CA ALA H 259 18.06 32.53 -12.20
C ALA H 259 18.37 32.70 -13.70
N TYR H 260 19.54 33.24 -14.02
CA TYR H 260 19.98 33.41 -15.42
C TYR H 260 19.70 32.22 -16.31
N THR H 261 20.15 31.03 -15.88
CA THR H 261 20.07 29.80 -16.67
C THR H 261 18.74 29.07 -16.56
N ALA H 262 17.87 29.54 -15.68
CA ALA H 262 16.56 28.92 -15.50
C ALA H 262 15.61 29.13 -16.69
N VAL H 263 15.83 30.17 -17.48
CA VAL H 263 14.98 30.44 -18.63
C VAL H 263 15.72 30.28 -19.94
N THR I 11 -46.64 49.35 -6.23
CA THR I 11 -46.97 50.34 -7.24
C THR I 11 -45.87 51.40 -7.34
N GLY I 12 -44.87 51.11 -8.17
CA GLY I 12 -43.75 52.02 -8.37
C GLY I 12 -42.40 51.38 -8.14
N TYR I 13 -41.91 50.66 -9.15
CA TYR I 13 -40.66 49.88 -9.12
C TYR I 13 -39.57 50.41 -8.18
N ALA I 14 -39.18 51.66 -8.40
CA ALA I 14 -38.05 52.25 -7.71
C ALA I 14 -38.35 52.64 -6.27
N ALA I 15 -39.63 52.68 -5.91
CA ALA I 15 -40.05 53.17 -4.60
C ALA I 15 -40.50 52.03 -3.68
N GLU I 16 -40.43 50.80 -4.20
CA GLU I 16 -41.05 49.65 -3.56
C GLU I 16 -40.60 49.37 -2.13
N PHE I 17 -39.37 49.76 -1.79
CA PHE I 17 -38.84 49.49 -0.46
C PHE I 17 -38.44 50.74 0.30
N ALA I 18 -38.84 51.90 -0.22
CA ALA I 18 -38.42 53.18 0.36
C ALA I 18 -38.78 53.34 1.83
N GLY I 19 -37.76 53.54 2.65
CA GLY I 19 -37.98 53.78 4.06
C GLY I 19 -37.94 52.49 4.83
N ARG I 20 -37.35 51.47 4.21
CA ARG I 20 -37.17 50.17 4.85
C ARG I 20 -35.75 49.66 4.66
N THR I 21 -35.14 49.20 5.74
CA THR I 21 -33.75 48.77 5.66
C THR I 21 -33.65 47.26 5.59
N ALA I 22 -32.62 46.80 4.88
CA ALA I 22 -32.45 45.39 4.54
C ALA I 22 -31.02 44.93 4.77
N LEU I 23 -30.87 43.77 5.39
CA LEU I 23 -29.56 43.19 5.67
C LEU I 23 -29.24 42.09 4.65
N VAL I 24 -28.13 42.25 3.93
CA VAL I 24 -27.73 41.25 2.93
C VAL I 24 -26.40 40.60 3.27
N THR I 25 -26.47 39.34 3.70
CA THR I 25 -25.30 38.54 4.04
C THR I 25 -24.54 38.08 2.80
N GLY I 26 -23.23 38.24 2.79
CA GLY I 26 -22.42 37.85 1.64
C GLY I 26 -22.63 38.78 0.45
N ALA I 27 -22.71 40.08 0.71
CA ALA I 27 -23.09 41.04 -0.30
C ALA I 27 -21.94 41.55 -1.18
N ALA I 28 -20.71 41.13 -0.89
CA ALA I 28 -19.56 41.65 -1.64
C ALA I 28 -19.44 41.03 -3.02
N SER I 29 -20.19 39.97 -3.27
CA SER I 29 -20.06 39.24 -4.53
C SER I 29 -21.36 38.57 -4.96
N GLY I 30 -21.39 38.16 -6.23
CA GLY I 30 -22.42 37.31 -6.80
C GLY I 30 -23.87 37.63 -6.52
N ILE I 31 -24.58 36.65 -5.99
CA ILE I 31 -26.01 36.82 -5.74
C ILE I 31 -26.23 37.87 -4.67
N GLY I 32 -25.35 37.85 -3.66
CA GLY I 32 -25.43 38.79 -2.54
C GLY I 32 -25.30 40.21 -3.02
N LEU I 33 -24.32 40.44 -3.90
CA LEU I 33 -24.10 41.75 -4.53
C LEU I 33 -25.27 42.16 -5.43
N ALA I 34 -25.68 41.27 -6.33
CA ALA I 34 -26.79 41.57 -7.22
C ALA I 34 -28.09 41.82 -6.44
N THR I 35 -28.24 41.17 -5.29
CA THR I 35 -29.42 41.36 -4.45
C THR I 35 -29.43 42.73 -3.77
N ALA I 36 -28.25 43.20 -3.38
CA ALA I 36 -28.13 44.49 -2.71
C ALA I 36 -28.35 45.61 -3.70
N ARG I 37 -27.79 45.45 -4.90
CA ARG I 37 -28.01 46.39 -6.00
C ARG I 37 -29.50 46.50 -6.30
N ARG I 38 -30.13 45.37 -6.64
CA ARG I 38 -31.57 45.32 -6.92
C ARG I 38 -32.40 45.84 -5.75
N LEU I 39 -31.95 45.61 -4.52
CA LEU I 39 -32.61 46.17 -3.36
C LEU I 39 -32.51 47.71 -3.34
N GLY I 40 -31.40 48.25 -3.84
CA GLY I 40 -31.25 49.69 -3.96
C GLY I 40 -32.15 50.28 -5.03
N ALA I 41 -32.19 49.64 -6.19
CA ALA I 41 -33.06 50.06 -7.29
C ALA I 41 -34.54 50.09 -6.89
N GLY I 42 -34.87 49.48 -5.75
CA GLY I 42 -36.22 49.52 -5.23
C GLY I 42 -36.36 50.55 -4.12
N GLY I 43 -35.25 51.20 -3.76
CA GLY I 43 -35.25 52.29 -2.80
C GLY I 43 -34.99 51.89 -1.36
N ALA I 44 -34.37 50.72 -1.16
CA ALA I 44 -34.18 50.22 0.19
C ALA I 44 -32.85 50.65 0.78
N ARG I 45 -32.85 50.92 2.08
CA ARG I 45 -31.61 51.11 2.79
C ARG I 45 -30.97 49.73 2.89
N VAL I 46 -29.72 49.64 2.45
CA VAL I 46 -29.02 48.36 2.34
C VAL I 46 -27.83 48.26 3.27
N VAL I 47 -27.76 47.18 4.04
CA VAL I 47 -26.56 46.84 4.77
C VAL I 47 -25.79 45.77 3.98
N VAL I 48 -24.64 46.15 3.44
CA VAL I 48 -23.77 45.22 2.75
C VAL I 48 -22.85 44.56 3.77
N ALA I 49 -23.19 43.34 4.16
CA ALA I 49 -22.40 42.60 5.13
C ALA I 49 -21.62 41.49 4.43
N ASP I 50 -20.34 41.34 4.79
CA ASP I 50 -19.51 40.31 4.20
C ASP I 50 -18.21 40.08 4.98
N PHE I 51 -17.59 38.93 4.73
CA PHE I 51 -16.32 38.54 5.33
C PHE I 51 -15.17 39.34 4.72
N ASN I 52 -15.16 39.43 3.38
CA ASN I 52 -14.24 40.33 2.71
C ASN I 52 -14.64 41.77 2.99
N ALA I 53 -14.10 42.35 4.07
CA ALA I 53 -14.49 43.69 4.50
C ALA I 53 -14.21 44.74 3.42
N GLU I 54 -13.13 44.55 2.67
CA GLU I 54 -12.76 45.48 1.61
C GLU I 54 -13.81 45.47 0.50
N GLY I 55 -14.34 44.29 0.20
CA GLY I 55 -15.33 44.16 -0.87
C GLY I 55 -16.65 44.77 -0.44
N ALA I 56 -16.96 44.65 0.83
CA ALA I 56 -18.22 45.14 1.35
C ALA I 56 -18.22 46.66 1.31
N GLU I 57 -17.07 47.26 1.62
CA GLU I 57 -16.98 48.71 1.58
C GLU I 57 -17.10 49.21 0.15
N LYS I 58 -16.41 48.50 -0.75
CA LYS I 58 -16.43 48.78 -2.17
C LYS I 58 -17.85 48.73 -2.72
N ALA I 59 -18.61 47.72 -2.32
CA ALA I 59 -19.98 47.56 -2.82
C ALA I 59 -20.91 48.63 -2.24
N ALA I 60 -20.70 48.95 -0.96
CA ALA I 60 -21.49 49.97 -0.29
C ALA I 60 -21.26 51.32 -0.94
N ALA I 61 -19.99 51.68 -1.10
CA ALA I 61 -19.60 52.96 -1.67
C ALA I 61 -20.22 53.19 -3.03
N GLU I 62 -20.12 52.18 -3.89
CA GLU I 62 -20.65 52.26 -5.25
C GLU I 62 -22.16 52.42 -5.28
N LEU I 63 -22.81 52.11 -4.16
CA LEU I 63 -24.26 52.20 -4.05
C LEU I 63 -24.69 53.59 -3.59
N ARG I 64 -23.95 54.16 -2.65
CA ARG I 64 -24.15 55.56 -2.31
C ARG I 64 -23.79 56.41 -3.52
N ALA I 65 -22.81 55.94 -4.29
CA ALA I 65 -22.44 56.58 -5.55
C ALA I 65 -23.58 56.53 -6.58
N GLY I 66 -24.48 55.57 -6.44
CA GLY I 66 -25.67 55.48 -7.28
C GLY I 66 -26.86 56.14 -6.61
N GLY I 67 -26.70 56.55 -5.37
CA GLY I 67 -27.72 57.35 -4.72
C GLY I 67 -28.73 56.56 -3.92
N VAL I 68 -28.24 55.68 -3.04
CA VAL I 68 -29.07 54.98 -2.06
C VAL I 68 -28.38 54.95 -0.70
N GLU I 69 -29.16 55.10 0.37
CA GLU I 69 -28.63 54.92 1.70
C GLU I 69 -28.08 53.50 1.78
N ALA I 70 -26.77 53.39 2.04
CA ALA I 70 -26.10 52.08 2.12
C ALA I 70 -24.80 52.15 2.92
N ALA I 71 -24.64 51.26 3.88
CA ALA I 71 -23.40 51.18 4.66
C ALA I 71 -22.88 49.75 4.72
N ALA I 72 -21.57 49.60 4.75
CA ALA I 72 -20.96 48.27 4.81
C ALA I 72 -20.69 47.87 6.24
N VAL I 73 -20.56 46.57 6.48
CA VAL I 73 -20.08 46.08 7.76
C VAL I 73 -19.50 44.67 7.65
N GLU I 74 -18.35 44.47 8.27
CA GLU I 74 -17.65 43.19 8.26
C GLU I 74 -18.39 42.15 9.12
N LEU I 75 -18.52 40.95 8.57
CA LEU I 75 -19.29 39.89 9.24
C LEU I 75 -18.79 38.51 8.85
N ASP I 76 -18.62 37.64 9.85
CA ASP I 76 -18.40 36.21 9.63
C ASP I 76 -19.59 35.44 10.19
N VAL I 77 -20.25 34.64 9.35
CA VAL I 77 -21.50 33.96 9.78
C VAL I 77 -21.29 32.80 10.76
N THR I 78 -20.09 32.22 10.73
CA THR I 78 -19.76 31.13 11.65
C THR I 78 -19.73 31.60 13.09
N ARG I 79 -19.52 32.89 13.32
CA ARG I 79 -19.45 33.40 14.69
C ARG I 79 -20.71 34.19 15.08
N PRO I 80 -21.50 33.64 16.03
CA PRO I 80 -22.73 34.25 16.55
C PRO I 80 -22.57 35.73 16.92
N GLU I 81 -21.43 36.06 17.56
CA GLU I 81 -21.11 37.43 17.95
C GLU I 81 -21.20 38.38 16.76
N SER I 82 -20.47 38.04 15.70
CA SER I 82 -20.38 38.88 14.52
C SER I 82 -21.74 39.10 13.93
N VAL I 83 -22.51 38.03 13.89
CA VAL I 83 -23.87 38.05 13.35
C VAL I 83 -24.76 38.97 14.17
N GLU I 84 -24.68 38.84 15.49
CA GLU I 84 -25.41 39.76 16.38
C GLU I 84 -24.92 41.18 16.12
N ALA I 85 -23.61 41.36 16.19
CA ALA I 85 -23.02 42.68 15.96
C ALA I 85 -23.40 43.25 14.59
N ALA I 86 -23.34 42.43 13.55
CA ALA I 86 -23.76 42.87 12.22
C ALA I 86 -25.21 43.36 12.25
N VAL I 87 -26.06 42.64 12.97
CA VAL I 87 -27.45 43.05 13.15
C VAL I 87 -27.55 44.32 14.00
N GLY I 88 -26.72 44.40 15.04
CA GLY I 88 -26.65 45.59 15.87
C GLY I 88 -26.25 46.78 15.01
N PHE I 89 -25.28 46.55 14.12
CA PHE I 89 -24.80 47.58 13.22
C PHE I 89 -25.94 48.18 12.40
N ALA I 90 -26.80 47.31 11.88
CA ALA I 90 -27.85 47.73 10.99
C ALA I 90 -28.92 48.53 11.72
N VAL I 91 -29.33 48.07 12.89
CA VAL I 91 -30.36 48.76 13.63
C VAL I 91 -29.86 50.12 14.13
N ASP I 92 -28.59 50.19 14.52
CA ASP I 92 -28.02 51.47 14.94
C ASP I 92 -27.93 52.45 13.78
N THR I 93 -27.47 51.97 12.63
CA THR I 93 -27.25 52.82 11.46
C THR I 93 -28.53 53.35 10.79
N PHE I 94 -29.51 52.49 10.55
CA PHE I 94 -30.71 52.91 9.83
C PHE I 94 -31.99 52.91 10.67
N GLY I 95 -31.85 52.74 11.97
CA GLY I 95 -32.97 52.88 12.89
C GLY I 95 -33.79 51.63 13.17
N SER I 96 -33.80 50.71 12.21
CA SER I 96 -34.57 49.50 12.34
C SER I 96 -34.07 48.43 11.38
N LEU I 97 -34.74 47.28 11.36
CA LEU I 97 -34.45 46.22 10.40
C LEU I 97 -35.76 45.63 9.90
N ASP I 98 -35.97 45.65 8.60
CA ASP I 98 -37.23 45.21 8.02
C ASP I 98 -37.06 43.91 7.22
N LEU I 99 -35.95 43.80 6.51
CA LEU I 99 -35.72 42.71 5.59
C LEU I 99 -34.35 42.06 5.82
N ALA I 100 -34.22 40.80 5.42
CA ALA I 100 -32.96 40.09 5.55
C ALA I 100 -32.79 39.05 4.45
N VAL I 101 -31.58 38.96 3.92
CA VAL I 101 -31.26 37.97 2.90
C VAL I 101 -30.00 37.19 3.32
N ASN I 102 -30.18 35.95 3.72
CA ASN I 102 -29.06 35.16 4.21
C ASN I 102 -28.39 34.40 3.10
N ASN I 103 -27.34 35.01 2.55
CA ASN I 103 -26.77 34.58 1.30
C ASN I 103 -25.33 34.08 1.42
N ALA I 104 -24.63 34.41 2.51
CA ALA I 104 -23.23 33.96 2.62
C ALA I 104 -23.09 32.44 2.55
N GLY I 105 -22.22 31.99 1.66
CA GLY I 105 -21.93 30.58 1.51
C GLY I 105 -20.71 30.26 0.67
N ILE I 106 -20.16 29.07 0.93
CA ILE I 106 -19.15 28.40 0.14
C ILE I 106 -19.91 27.13 -0.28
N GLY I 107 -19.44 26.30 -1.21
CA GLY I 107 -18.07 26.14 -1.61
C GLY I 107 -17.76 24.66 -1.40
N GLY I 108 -16.88 24.36 -0.46
CA GLY I 108 -16.46 23.00 -0.18
C GLY I 108 -15.75 22.29 -1.31
N PRO I 109 -14.81 21.40 -0.96
CA PRO I 109 -14.19 20.52 -1.97
C PRO I 109 -15.16 19.44 -2.49
N SER I 110 -14.73 18.72 -3.51
CA SER I 110 -15.53 17.68 -4.12
C SER I 110 -14.92 16.29 -3.90
N ALA I 111 -15.53 15.52 -3.01
CA ALA I 111 -15.04 14.18 -2.67
C ALA I 111 -16.22 13.25 -2.42
N PRO I 112 -16.07 11.95 -2.72
CA PRO I 112 -17.05 10.97 -2.25
C PRO I 112 -17.19 11.02 -0.74
N THR I 113 -18.33 10.55 -0.21
CA THR I 113 -18.62 10.67 1.22
C THR I 113 -17.65 9.91 2.11
N GLY I 114 -17.25 8.73 1.67
CA GLY I 114 -16.30 7.92 2.41
C GLY I 114 -14.90 8.52 2.43
N GLU I 115 -14.59 9.41 1.49
CA GLU I 115 -13.27 10.02 1.43
C GLU I 115 -13.31 11.48 1.83
N TYR I 116 -14.48 11.99 2.21
CA TYR I 116 -14.60 13.42 2.49
C TYR I 116 -13.81 13.85 3.73
N ASP I 117 -13.11 14.98 3.62
CA ASP I 117 -12.30 15.50 4.71
C ASP I 117 -13.18 16.13 5.79
N VAL I 118 -12.98 15.68 7.02
CA VAL I 118 -13.76 16.17 8.15
C VAL I 118 -13.75 17.69 8.26
N ALA I 119 -12.56 18.29 8.31
CA ALA I 119 -12.42 19.74 8.47
C ALA I 119 -13.23 20.49 7.42
N ALA I 120 -13.05 20.08 6.16
CA ALA I 120 -13.81 20.65 5.05
C ALA I 120 -15.33 20.56 5.30
N TYR I 121 -15.79 19.35 5.66
CA TYR I 121 -17.20 19.14 5.99
C TYR I 121 -17.68 20.20 6.99
N GLN I 122 -16.97 20.33 8.10
CA GLN I 122 -17.35 21.28 9.14
C GLN I 122 -17.37 22.72 8.66
N ARG I 123 -16.44 23.07 7.77
CA ARG I 123 -16.35 24.43 7.23
C ARG I 123 -17.63 24.81 6.49
N VAL I 124 -17.99 23.95 5.54
CA VAL I 124 -19.21 24.07 4.74
C VAL I 124 -20.48 24.17 5.58
N VAL I 125 -20.59 23.30 6.58
CA VAL I 125 -21.78 23.23 7.41
C VAL I 125 -21.85 24.45 8.32
N ARG I 126 -20.75 24.74 9.03
CA ARG I 126 -20.69 25.91 9.90
C ARG I 126 -21.07 27.18 9.15
N THR I 127 -20.65 27.28 7.89
CA THR I 127 -20.93 28.45 7.09
C THR I 127 -22.34 28.43 6.51
N ASN I 128 -22.63 27.46 5.64
CA ASN I 128 -23.89 27.43 4.89
C ASN I 128 -25.14 27.15 5.72
N LEU I 129 -24.95 26.48 6.86
CA LEU I 129 -26.08 26.06 7.67
C LEU I 129 -26.21 26.82 9.00
N ASP I 130 -25.25 26.64 9.90
CA ASP I 130 -25.32 27.34 11.19
C ASP I 130 -25.35 28.85 11.01
N GLY I 131 -24.64 29.32 10.00
CA GLY I 131 -24.60 30.73 9.67
C GLY I 131 -25.98 31.23 9.34
N VAL I 132 -26.67 30.49 8.49
CA VAL I 132 -28.05 30.80 8.19
C VAL I 132 -28.89 30.77 9.47
N PHE I 133 -28.63 29.80 10.34
CA PHE I 133 -29.39 29.75 11.59
C PHE I 133 -29.08 30.95 12.47
N TYR I 134 -27.78 31.17 12.73
CA TYR I 134 -27.32 32.31 13.53
C TYR I 134 -27.86 33.62 12.96
N SER I 135 -27.97 33.69 11.64
CA SER I 135 -28.45 34.90 11.00
C SER I 135 -29.90 35.16 11.37
N MET I 136 -30.77 34.16 11.18
CA MET I 136 -32.16 34.32 11.55
C MET I 136 -32.30 34.48 13.06
N ARG I 137 -31.46 33.76 13.80
CA ARG I 137 -31.46 33.82 15.25
C ARG I 137 -31.44 35.25 15.77
N TYR I 138 -30.64 36.11 15.15
CA TYR I 138 -30.54 37.48 15.60
C TYR I 138 -31.33 38.49 14.73
N GLU I 139 -31.64 38.13 13.50
CA GLU I 139 -32.49 38.97 12.66
C GLU I 139 -33.91 39.01 13.21
N LEU I 140 -34.43 37.85 13.58
CA LEU I 140 -35.83 37.77 13.99
C LEU I 140 -36.23 38.72 15.14
N PRO I 141 -35.43 38.78 16.23
CA PRO I 141 -35.82 39.70 17.32
C PRO I 141 -35.75 41.18 16.94
N ALA I 142 -34.82 41.53 16.05
CA ALA I 142 -34.72 42.88 15.51
C ALA I 142 -35.89 43.24 14.60
N ILE I 143 -36.28 42.32 13.72
CA ILE I 143 -37.42 42.54 12.84
C ILE I 143 -38.75 42.48 13.60
N GLU I 144 -38.79 41.68 14.66
CA GLU I 144 -40.02 41.58 15.46
C GLU I 144 -40.24 42.81 16.35
N ALA I 145 -39.15 43.36 16.88
CA ALA I 145 -39.21 44.56 17.73
C ALA I 145 -39.69 45.77 16.95
N ALA I 146 -39.57 45.72 15.62
CA ALA I 146 -40.07 46.79 14.75
C ALA I 146 -41.54 47.05 15.04
N GLY I 147 -42.37 46.04 14.77
CA GLY I 147 -43.80 46.14 15.00
C GLY I 147 -44.57 45.89 13.73
N LYS I 148 -43.87 45.95 12.59
CA LYS I 148 -44.50 45.66 11.31
C LYS I 148 -44.01 44.32 10.78
N GLY I 149 -44.61 43.88 9.68
CA GLY I 149 -44.35 42.56 9.15
C GLY I 149 -43.15 42.46 8.21
N GLY I 150 -42.05 41.95 8.74
CA GLY I 150 -40.85 41.77 7.94
C GLY I 150 -40.91 40.64 6.92
N SER I 151 -39.72 40.22 6.49
CA SER I 151 -39.57 39.15 5.52
C SER I 151 -38.11 38.74 5.50
N ILE I 152 -37.87 37.44 5.33
CA ILE I 152 -36.51 36.92 5.30
C ILE I 152 -36.40 35.88 4.20
N VAL I 153 -35.38 36.05 3.35
CA VAL I 153 -35.07 35.06 2.33
C VAL I 153 -33.77 34.33 2.64
N ASN I 154 -33.85 33.01 2.79
CA ASN I 154 -32.64 32.23 2.93
C ASN I 154 -32.26 31.65 1.60
N VAL I 155 -30.98 31.75 1.27
CA VAL I 155 -30.53 31.26 -0.02
C VAL I 155 -30.06 29.82 0.12
N ALA I 156 -30.86 28.92 -0.42
CA ALA I 156 -30.49 27.52 -0.42
C ALA I 156 -29.85 27.23 -1.75
N SER I 157 -30.47 26.34 -2.50
CA SER I 157 -29.92 25.84 -3.75
C SER I 157 -30.88 24.79 -4.23
N ILE I 158 -30.74 24.44 -5.50
CA ILE I 158 -31.35 23.24 -6.04
C ILE I 158 -30.84 22.04 -5.24
N LEU I 159 -29.65 22.19 -4.62
CA LEU I 159 -29.10 21.12 -3.78
C LEU I 159 -29.70 21.12 -2.36
N GLY I 160 -30.80 21.85 -2.20
CA GLY I 160 -31.56 21.81 -0.97
C GLY I 160 -32.70 20.81 -1.07
N SER I 161 -32.89 20.26 -2.27
CA SER I 161 -34.00 19.33 -2.54
C SER I 161 -33.58 18.14 -3.41
N VAL I 162 -32.45 18.27 -4.12
CA VAL I 162 -31.80 17.10 -4.68
C VAL I 162 -30.37 16.99 -4.19
N GLY I 163 -29.75 15.86 -4.51
CA GLY I 163 -28.37 15.62 -4.13
C GLY I 163 -27.46 15.84 -5.32
N PHE I 164 -26.18 15.56 -5.12
CA PHE I 164 -25.19 15.80 -6.16
C PHE I 164 -23.88 15.14 -5.73
N ALA I 165 -23.42 14.17 -6.52
CA ALA I 165 -22.25 13.37 -6.20
C ALA I 165 -21.02 14.21 -5.90
N GLY I 166 -20.40 13.95 -4.75
CA GLY I 166 -19.12 14.56 -4.44
C GLY I 166 -19.29 15.79 -3.60
N SER I 167 -20.53 16.17 -3.30
CA SER I 167 -20.71 17.36 -2.49
C SER I 167 -21.58 17.12 -1.25
N PRO I 168 -21.31 16.05 -0.50
CA PRO I 168 -22.25 15.65 0.56
C PRO I 168 -22.48 16.77 1.58
N ALA I 169 -21.42 17.46 1.95
CA ALA I 169 -21.51 18.53 2.94
C ALA I 169 -22.44 19.62 2.48
N TYR I 170 -22.19 20.09 1.26
CA TYR I 170 -22.92 21.22 0.72
C TYR I 170 -24.39 20.86 0.57
N VAL I 171 -24.65 19.62 0.18
CA VAL I 171 -26.02 19.15 0.01
C VAL I 171 -26.75 19.13 1.36
N ALA I 172 -26.08 18.63 2.40
CA ALA I 172 -26.73 18.48 3.71
C ALA I 172 -27.12 19.84 4.26
N ALA I 173 -26.16 20.76 4.27
CA ALA I 173 -26.39 22.13 4.73
C ALA I 173 -27.53 22.82 3.98
N LYS I 174 -27.53 22.74 2.67
CA LYS I 174 -28.58 23.36 1.86
C LYS I 174 -29.96 22.78 2.16
N HIS I 175 -30.03 21.46 2.34
CA HIS I 175 -31.27 20.85 2.79
C HIS I 175 -31.70 21.44 4.12
N GLY I 176 -30.74 21.59 5.04
CA GLY I 176 -31.02 22.15 6.35
C GLY I 176 -31.62 23.54 6.27
N VAL I 177 -31.14 24.34 5.33
CA VAL I 177 -31.67 25.69 5.11
C VAL I 177 -33.14 25.64 4.82
N VAL I 178 -33.53 24.70 3.95
CA VAL I 178 -34.95 24.50 3.68
C VAL I 178 -35.72 24.18 4.97
N GLY I 179 -35.19 23.26 5.78
CA GLY I 179 -35.81 22.90 7.03
C GLY I 179 -35.94 24.07 7.97
N LEU I 180 -34.81 24.72 8.23
CA LEU I 180 -34.76 25.96 9.00
C LEU I 180 -35.87 26.89 8.53
N THR I 181 -35.97 27.05 7.21
CA THR I 181 -36.94 27.98 6.63
C THR I 181 -38.38 27.59 6.97
N LYS I 182 -38.75 26.32 6.73
CA LYS I 182 -40.10 25.87 7.03
C LYS I 182 -40.45 26.02 8.52
N ALA I 183 -39.53 25.64 9.40
CA ALA I 183 -39.77 25.74 10.83
C ALA I 183 -39.95 27.20 11.30
N ALA I 184 -39.00 28.07 10.94
CA ALA I 184 -39.08 29.48 11.32
C ALA I 184 -40.34 30.10 10.76
N ALA I 185 -40.73 29.67 9.57
CA ALA I 185 -41.90 30.24 8.92
C ALA I 185 -43.17 29.86 9.66
N ALA I 186 -43.23 28.62 10.10
CA ALA I 186 -44.37 28.14 10.88
C ALA I 186 -44.47 28.94 12.16
N GLU I 187 -43.32 29.28 12.73
CA GLU I 187 -43.29 30.05 13.98
C GLU I 187 -43.76 31.51 13.82
N TYR I 188 -43.34 32.16 12.75
CA TYR I 188 -43.47 33.63 12.65
C TYR I 188 -44.52 34.16 11.67
N ALA I 189 -45.18 33.28 10.92
CA ALA I 189 -46.17 33.69 9.90
C ALA I 189 -47.32 34.53 10.48
N ALA I 190 -47.84 34.11 11.62
CA ALA I 190 -48.90 34.87 12.27
C ALA I 190 -48.38 36.22 12.80
N ARG I 191 -47.07 36.34 13.01
CA ARG I 191 -46.44 37.55 13.54
C ARG I 191 -45.98 38.55 12.47
N GLY I 192 -46.46 38.39 11.23
CA GLY I 192 -46.11 39.30 10.17
C GLY I 192 -44.80 39.02 9.42
N ILE I 193 -43.98 38.12 9.96
CA ILE I 193 -42.68 37.84 9.36
C ILE I 193 -42.68 36.60 8.42
N ARG I 194 -42.53 36.84 7.12
CA ARG I 194 -42.52 35.75 6.16
C ARG I 194 -41.12 35.22 5.90
N ILE I 195 -40.91 33.94 6.21
CA ILE I 195 -39.63 33.30 5.94
C ILE I 195 -39.75 32.37 4.74
N ASN I 196 -38.95 32.62 3.71
CA ASN I 196 -38.89 31.77 2.54
C ASN I 196 -37.46 31.49 2.10
N ALA I 197 -37.32 30.54 1.18
CA ALA I 197 -36.01 30.17 0.68
C ALA I 197 -36.05 30.16 -0.82
N VAL I 198 -34.86 30.29 -1.41
CA VAL I 198 -34.72 30.16 -2.85
C VAL I 198 -33.81 28.99 -3.19
N GLY I 199 -34.03 28.37 -4.34
CA GLY I 199 -33.24 27.24 -4.76
C GLY I 199 -32.69 27.51 -6.14
N PRO I 200 -31.56 28.24 -6.20
CA PRO I 200 -30.99 28.52 -7.51
C PRO I 200 -30.28 27.30 -8.09
N GLY I 201 -30.40 27.13 -9.40
CA GLY I 201 -29.57 26.20 -10.14
C GLY I 201 -28.16 26.77 -10.22
N PHE I 202 -27.37 26.27 -11.14
CA PHE I 202 -26.00 26.77 -11.26
C PHE I 202 -25.98 28.20 -11.83
N ILE I 203 -25.40 29.12 -11.09
CA ILE I 203 -25.29 30.49 -11.55
C ILE I 203 -23.87 30.76 -12.07
N ASP I 204 -23.78 31.54 -13.13
CA ASP I 204 -22.49 31.85 -13.77
C ASP I 204 -21.46 32.50 -12.86
N THR I 205 -21.89 33.47 -12.06
CA THR I 205 -21.01 34.18 -11.12
C THR I 205 -19.84 34.87 -11.84
N TYR I 216 -18.20 23.13 -18.14
CA TYR I 216 -19.30 23.92 -18.71
C TYR I 216 -20.22 23.08 -19.62
N LYS I 217 -19.62 22.28 -20.50
CA LYS I 217 -20.34 21.36 -21.38
CA LYS I 217 -20.38 21.41 -21.39
C LYS I 217 -21.47 20.61 -20.67
N GLY I 218 -21.07 19.82 -19.67
CA GLY I 218 -21.98 18.97 -18.93
C GLY I 218 -22.76 19.69 -17.86
N LEU I 219 -22.26 20.85 -17.42
CA LEU I 219 -23.03 21.62 -16.45
C LEU I 219 -24.28 22.17 -17.15
N VAL I 220 -24.11 22.73 -18.35
CA VAL I 220 -25.23 23.28 -19.10
C VAL I 220 -26.30 22.21 -19.40
N ALA I 221 -25.87 21.03 -19.84
CA ALA I 221 -26.79 19.95 -20.19
C ALA I 221 -27.66 19.48 -19.00
N LEU I 222 -27.20 19.78 -17.78
CA LEU I 222 -27.99 19.48 -16.60
C LEU I 222 -29.24 20.36 -16.49
N HIS I 223 -29.21 21.55 -17.12
CA HIS I 223 -30.36 22.45 -17.13
C HIS I 223 -31.06 22.48 -18.50
N PRO I 224 -32.33 22.00 -18.56
CA PRO I 224 -33.09 22.01 -19.81
C PRO I 224 -33.23 23.41 -20.45
N ALA I 225 -33.06 24.47 -19.66
CA ALA I 225 -33.15 25.83 -20.17
C ALA I 225 -32.03 26.14 -21.18
N GLY I 226 -30.97 25.34 -21.17
CA GLY I 226 -29.93 25.42 -22.19
C GLY I 226 -28.82 26.40 -21.86
N ARG I 227 -28.85 26.94 -20.66
CA ARG I 227 -27.78 27.82 -20.20
C ARG I 227 -27.66 27.79 -18.68
N LEU I 228 -26.78 28.63 -18.15
CA LEU I 228 -26.65 28.81 -16.71
C LEU I 228 -27.41 30.06 -16.24
N GLY I 229 -27.74 30.13 -14.95
CA GLY I 229 -28.41 31.30 -14.42
C GLY I 229 -27.50 32.51 -14.27
N ARG I 230 -28.10 33.69 -14.18
CA ARG I 230 -27.36 34.91 -13.90
C ARG I 230 -27.75 35.35 -12.51
N SER I 231 -26.78 35.89 -11.77
CA SER I 231 -27.00 36.21 -10.36
C SER I 231 -28.11 37.25 -10.21
N ASP I 232 -28.22 38.14 -11.19
CA ASP I 232 -29.30 39.14 -11.30
C ASP I 232 -30.64 38.46 -11.28
N GLU I 233 -30.67 37.30 -11.87
CA GLU I 233 -31.90 36.54 -12.02
C GLU I 233 -32.30 35.87 -10.70
N VAL I 234 -31.32 35.60 -9.84
CA VAL I 234 -31.65 35.10 -8.50
C VAL I 234 -32.11 36.25 -7.63
N ALA I 235 -31.40 37.38 -7.71
CA ALA I 235 -31.79 38.58 -6.96
C ALA I 235 -33.23 39.00 -7.24
N GLU I 236 -33.67 38.88 -8.49
CA GLU I 236 -35.05 39.22 -8.86
C GLU I 236 -36.07 38.37 -8.12
N LEU I 237 -35.80 37.07 -8.02
CA LEU I 237 -36.71 36.21 -7.26
C LEU I 237 -36.62 36.52 -5.77
N ILE I 238 -35.41 36.80 -5.29
CA ILE I 238 -35.21 37.08 -3.87
C ILE I 238 -36.01 38.31 -3.42
N VAL I 239 -36.00 39.34 -4.27
CA VAL I 239 -36.62 40.62 -3.92
C VAL I 239 -38.14 40.55 -3.98
N PHE I 240 -38.65 39.79 -4.94
CA PHE I 240 -40.08 39.55 -5.04
C PHE I 240 -40.60 39.00 -3.72
N LEU I 241 -39.90 38.00 -3.20
CA LEU I 241 -40.31 37.31 -1.98
C LEU I 241 -40.33 38.25 -0.77
N LEU I 242 -39.34 39.14 -0.71
CA LEU I 242 -39.27 40.16 0.34
C LEU I 242 -40.40 41.20 0.19
N SER I 243 -40.87 41.39 -1.04
CA SER I 243 -41.86 42.42 -1.34
C SER I 243 -43.29 42.11 -0.86
N ASP I 244 -44.11 43.15 -0.77
CA ASP I 244 -45.50 43.01 -0.38
C ASP I 244 -46.34 42.28 -1.44
N ARG I 245 -45.73 42.01 -2.59
CA ARG I 245 -46.41 41.27 -3.66
C ARG I 245 -46.48 39.78 -3.30
N ALA I 246 -45.52 39.34 -2.48
CA ALA I 246 -45.50 37.98 -2.01
C ALA I 246 -46.00 37.92 -0.56
N SER I 247 -47.14 38.55 -0.30
CA SER I 247 -47.62 38.71 1.07
C SER I 247 -48.29 37.46 1.66
N PHE I 248 -48.63 36.49 0.83
CA PHE I 248 -49.19 35.24 1.32
C PHE I 248 -48.26 34.06 1.01
N VAL I 249 -47.06 34.36 0.52
CA VAL I 249 -46.05 33.33 0.33
C VAL I 249 -45.19 33.20 1.58
N ALA I 250 -45.25 32.04 2.23
CA ALA I 250 -44.47 31.83 3.46
C ALA I 250 -44.12 30.36 3.66
N GLY I 251 -42.92 30.10 4.20
CA GLY I 251 -42.46 28.74 4.44
C GLY I 251 -42.24 27.89 3.21
N SER I 252 -42.12 28.54 2.06
CA SER I 252 -42.01 27.83 0.80
C SER I 252 -40.67 28.04 0.11
N TYR I 253 -40.35 27.11 -0.78
CA TYR I 253 -39.05 26.97 -1.41
C TYR I 253 -39.28 27.21 -2.90
N HIS I 254 -38.61 28.23 -3.43
CA HIS I 254 -38.83 28.69 -4.79
C HIS I 254 -37.61 28.50 -5.68
N LEU I 255 -37.71 27.54 -6.59
CA LEU I 255 -36.62 27.25 -7.50
C LEU I 255 -36.45 28.37 -8.49
N VAL I 256 -35.19 28.65 -8.80
CA VAL I 256 -34.83 29.52 -9.92
C VAL I 256 -33.70 28.80 -10.65
N ASP I 257 -34.10 27.73 -11.33
CA ASP I 257 -33.17 26.83 -12.01
C ASP I 257 -33.52 26.75 -13.48
N GLY I 258 -32.93 25.81 -14.19
CA GLY I 258 -33.18 25.82 -15.61
C GLY I 258 -34.23 24.80 -15.94
N ALA I 259 -35.14 24.60 -14.99
CA ALA I 259 -35.93 23.38 -14.90
C ALA I 259 -35.04 22.17 -14.57
N TYR I 260 -33.86 22.45 -14.03
CA TYR I 260 -32.92 21.42 -13.53
C TYR I 260 -33.59 20.29 -12.74
N THR I 261 -34.34 20.65 -11.71
CA THR I 261 -34.94 19.68 -10.80
C THR I 261 -36.28 19.14 -11.34
N ALA I 262 -36.75 19.69 -12.46
CA ALA I 262 -38.03 19.29 -13.03
C ALA I 262 -37.97 17.89 -13.65
N VAL I 263 -36.75 17.40 -13.91
CA VAL I 263 -36.60 16.03 -14.39
C VAL I 263 -35.73 15.23 -13.44
N THR J 11 -36.00 -16.93 -0.91
CA THR J 11 -36.98 -17.27 0.12
C THR J 11 -36.38 -17.19 1.52
N GLY J 12 -37.15 -16.66 2.47
CA GLY J 12 -36.83 -16.71 3.89
C GLY J 12 -36.60 -15.38 4.60
N TYR J 13 -37.18 -15.23 5.79
CA TYR J 13 -36.88 -14.09 6.64
C TYR J 13 -35.89 -14.46 7.75
N ALA J 14 -36.09 -15.64 8.32
CA ALA J 14 -35.33 -16.06 9.51
C ALA J 14 -33.81 -16.02 9.38
N ALA J 15 -33.29 -16.25 8.18
CA ALA J 15 -31.84 -16.25 7.97
C ALA J 15 -31.50 -15.39 6.75
N GLU J 16 -32.36 -14.43 6.49
CA GLU J 16 -32.17 -13.50 5.38
C GLU J 16 -30.81 -12.79 5.43
N PHE J 17 -30.32 -12.53 6.65
CA PHE J 17 -29.07 -11.81 6.84
C PHE J 17 -27.90 -12.69 7.28
N ALA J 18 -27.89 -13.96 6.89
CA ALA J 18 -26.84 -14.90 7.29
C ALA J 18 -25.42 -14.49 6.84
N GLY J 19 -24.48 -14.49 7.78
CA GLY J 19 -23.09 -14.18 7.47
C GLY J 19 -22.85 -12.69 7.31
N ARG J 20 -23.83 -11.87 7.68
CA ARG J 20 -23.69 -10.42 7.52
C ARG J 20 -23.65 -9.66 8.84
N THR J 21 -22.90 -8.57 8.85
CA THR J 21 -22.71 -7.76 10.03
C THR J 21 -23.45 -6.43 9.94
N ALA J 22 -24.32 -6.18 10.91
CA ALA J 22 -25.06 -4.93 10.93
C ALA J 22 -24.60 -4.08 12.12
N LEU J 23 -24.36 -2.80 11.85
CA LEU J 23 -24.02 -1.85 12.92
C LEU J 23 -25.17 -0.89 13.13
N VAL J 24 -25.65 -0.81 14.37
CA VAL J 24 -26.73 0.10 14.71
C VAL J 24 -26.31 1.11 15.78
N THR J 25 -26.22 2.39 15.38
CA THR J 25 -25.91 3.45 16.32
C THR J 25 -27.17 3.82 17.11
N GLY J 26 -26.97 4.18 18.37
CA GLY J 26 -28.07 4.43 19.29
C GLY J 26 -28.95 3.21 19.56
N ALA J 27 -28.36 2.02 19.61
CA ALA J 27 -29.14 0.77 19.68
C ALA J 27 -29.55 0.32 21.09
N ALA J 28 -29.39 1.17 22.09
CA ALA J 28 -29.66 0.73 23.46
C ALA J 28 -31.12 1.02 23.83
N SER J 29 -31.75 1.86 23.04
CA SER J 29 -33.11 2.31 23.30
C SER J 29 -33.89 2.50 22.00
N GLY J 30 -35.22 2.53 22.13
CA GLY J 30 -36.12 2.90 21.04
C GLY J 30 -35.95 2.23 19.68
N ILE J 31 -36.09 3.04 18.64
CA ILE J 31 -35.97 2.59 17.27
C ILE J 31 -34.72 1.76 16.98
N GLY J 32 -33.57 2.27 17.42
CA GLY J 32 -32.31 1.54 17.28
C GLY J 32 -32.39 0.16 17.91
N LEU J 33 -33.03 0.06 19.07
CA LEU J 33 -33.14 -1.22 19.76
C LEU J 33 -34.08 -2.20 19.01
N ALA J 34 -35.25 -1.72 18.62
CA ALA J 34 -36.16 -2.49 17.79
C ALA J 34 -35.48 -2.99 16.51
N THR J 35 -34.70 -2.11 15.89
CA THR J 35 -33.98 -2.46 14.68
C THR J 35 -32.90 -3.52 14.96
N ALA J 36 -32.18 -3.35 16.06
CA ALA J 36 -31.23 -4.36 16.53
C ALA J 36 -31.89 -5.75 16.74
N ARG J 37 -33.14 -5.74 17.21
CA ARG J 37 -33.86 -6.98 17.48
C ARG J 37 -34.40 -7.63 16.20
N ARG J 38 -34.94 -6.80 15.31
CA ARG J 38 -35.47 -7.28 14.04
C ARG J 38 -34.33 -7.85 13.22
N LEU J 39 -33.18 -7.15 13.24
CA LEU J 39 -31.97 -7.60 12.56
C LEU J 39 -31.60 -8.98 13.07
N GLY J 40 -31.68 -9.15 14.38
CA GLY J 40 -31.40 -10.46 14.96
C GLY J 40 -32.40 -11.51 14.48
N ALA J 41 -33.66 -11.11 14.41
CA ALA J 41 -34.72 -12.03 14.00
C ALA J 41 -34.49 -12.49 12.56
N GLY J 42 -33.73 -11.72 11.81
CA GLY J 42 -33.37 -12.07 10.45
C GLY J 42 -32.02 -12.74 10.37
N GLY J 43 -31.44 -13.07 11.53
CA GLY J 43 -30.17 -13.76 11.58
C GLY J 43 -28.92 -12.92 11.28
N ALA J 44 -29.01 -11.62 11.50
CA ALA J 44 -27.85 -10.75 11.30
C ALA J 44 -26.91 -10.87 12.50
N ARG J 45 -25.62 -10.59 12.28
CA ARG J 45 -24.70 -10.40 13.40
C ARG J 45 -24.75 -8.93 13.73
N VAL J 46 -25.18 -8.63 14.94
CA VAL J 46 -25.51 -7.25 15.26
C VAL J 46 -24.49 -6.60 16.20
N VAL J 47 -23.92 -5.48 15.76
CA VAL J 47 -23.13 -4.65 16.65
C VAL J 47 -24.02 -3.56 17.25
N VAL J 48 -24.14 -3.58 18.58
CA VAL J 48 -24.96 -2.63 19.31
C VAL J 48 -24.08 -1.47 19.76
N ALA J 49 -24.22 -0.31 19.10
CA ALA J 49 -23.40 0.85 19.39
C ALA J 49 -24.19 1.96 20.06
N ASP J 50 -23.76 2.36 21.25
CA ASP J 50 -24.47 3.40 21.99
C ASP J 50 -23.55 4.30 22.84
N PHE J 51 -24.01 5.52 23.08
CA PHE J 51 -23.34 6.41 24.03
C PHE J 51 -23.36 5.77 25.42
N ASN J 52 -24.55 5.33 25.83
CA ASN J 52 -24.73 4.56 27.06
C ASN J 52 -24.05 3.21 26.96
N ALA J 53 -22.79 3.16 27.38
CA ALA J 53 -21.99 1.95 27.35
C ALA J 53 -22.65 0.73 28.02
N GLU J 54 -23.42 0.98 29.08
CA GLU J 54 -24.06 -0.08 29.83
C GLU J 54 -25.28 -0.59 29.09
N GLY J 55 -26.12 0.34 28.65
CA GLY J 55 -27.29 0.02 27.86
C GLY J 55 -26.96 -0.85 26.65
N ALA J 56 -25.86 -0.56 25.97
CA ALA J 56 -25.51 -1.30 24.77
C ALA J 56 -25.06 -2.70 25.13
N GLU J 57 -24.46 -2.83 26.30
CA GLU J 57 -24.07 -4.15 26.76
C GLU J 57 -25.30 -4.95 27.15
N LYS J 58 -26.23 -4.31 27.84
CA LYS J 58 -27.49 -4.94 28.21
C LYS J 58 -28.35 -5.35 27.01
N ALA J 59 -28.34 -4.52 25.97
CA ALA J 59 -29.10 -4.83 24.76
C ALA J 59 -28.50 -6.01 24.01
N ALA J 60 -27.18 -6.04 23.95
CA ALA J 60 -26.48 -7.12 23.26
C ALA J 60 -26.52 -8.41 24.04
N ALA J 61 -26.50 -8.31 25.37
CA ALA J 61 -26.61 -9.51 26.19
C ALA J 61 -28.01 -10.09 26.06
N GLU J 62 -29.01 -9.21 25.90
CA GLU J 62 -30.37 -9.65 25.70
C GLU J 62 -30.45 -10.41 24.39
N LEU J 63 -29.74 -9.92 23.39
CA LEU J 63 -29.80 -10.53 22.07
C LEU J 63 -29.19 -11.94 22.12
N ARG J 64 -28.01 -12.06 22.75
CA ARG J 64 -27.30 -13.33 22.88
C ARG J 64 -28.09 -14.33 23.73
N ALA J 65 -28.80 -13.81 24.72
CA ALA J 65 -29.61 -14.64 25.59
C ALA J 65 -30.81 -15.16 24.83
N GLY J 66 -31.04 -14.61 23.63
CA GLY J 66 -32.08 -15.08 22.75
C GLY J 66 -31.49 -15.82 21.55
N GLY J 67 -30.20 -16.15 21.65
CA GLY J 67 -29.55 -16.96 20.64
C GLY J 67 -29.06 -16.25 19.39
N VAL J 68 -29.15 -14.93 19.39
CA VAL J 68 -28.62 -14.11 18.30
C VAL J 68 -27.12 -13.88 18.50
N GLU J 69 -26.38 -13.69 17.41
CA GLU J 69 -24.98 -13.28 17.52
C GLU J 69 -24.88 -11.77 17.66
N ALA J 70 -24.39 -11.30 18.81
CA ALA J 70 -24.38 -9.87 19.08
C ALA J 70 -23.26 -9.41 20.02
N ALA J 71 -22.83 -8.16 19.87
CA ALA J 71 -21.75 -7.57 20.65
C ALA J 71 -21.91 -6.05 20.79
N ALA J 72 -21.50 -5.52 21.94
CA ALA J 72 -21.63 -4.09 22.27
C ALA J 72 -20.30 -3.31 22.11
N VAL J 73 -20.45 -2.00 21.95
CA VAL J 73 -19.30 -1.10 21.87
C VAL J 73 -19.80 0.30 22.16
N GLU J 74 -19.02 1.04 22.93
CA GLU J 74 -19.37 2.40 23.29
C GLU J 74 -19.05 3.32 22.11
N LEU J 75 -19.93 4.28 21.86
CA LEU J 75 -19.84 5.11 20.67
C LEU J 75 -20.37 6.50 20.92
N ASP J 76 -19.63 7.51 20.44
CA ASP J 76 -20.13 8.87 20.43
C ASP J 76 -20.08 9.35 18.99
N VAL J 77 -21.23 9.45 18.35
CA VAL J 77 -21.27 9.79 16.93
C VAL J 77 -20.79 11.22 16.69
N THR J 78 -20.61 11.97 17.76
CA THR J 78 -20.12 13.33 17.67
C THR J 78 -18.60 13.40 17.55
N ARG J 79 -17.92 12.29 17.81
CA ARG J 79 -16.46 12.20 17.69
C ARG J 79 -15.96 11.23 16.60
N PRO J 80 -15.40 11.77 15.50
CA PRO J 80 -14.90 10.95 14.38
C PRO J 80 -13.98 9.81 14.81
N GLU J 81 -13.12 10.05 15.79
CA GLU J 81 -12.22 8.99 16.23
C GLU J 81 -13.03 7.85 16.84
N SER J 82 -14.09 8.20 17.57
CA SER J 82 -14.95 7.21 18.22
C SER J 82 -15.74 6.39 17.21
N VAL J 83 -16.36 7.10 16.25
CA VAL J 83 -17.16 6.47 15.21
C VAL J 83 -16.29 5.48 14.46
N GLU J 84 -15.12 5.94 14.06
CA GLU J 84 -14.13 5.13 13.37
C GLU J 84 -13.75 3.87 14.14
N ALA J 85 -13.48 4.01 15.43
CA ALA J 85 -13.09 2.87 16.26
C ALA J 85 -14.27 1.91 16.39
N ALA J 86 -15.48 2.46 16.51
CA ALA J 86 -16.71 1.67 16.55
C ALA J 86 -16.84 0.78 15.30
N VAL J 87 -16.43 1.33 14.15
CA VAL J 87 -16.50 0.61 12.88
C VAL J 87 -15.44 -0.50 12.80
N GLY J 88 -14.27 -0.20 13.34
CA GLY J 88 -13.19 -1.18 13.44
C GLY J 88 -13.58 -2.33 14.35
N PHE J 89 -14.30 -2.02 15.43
CA PHE J 89 -14.75 -3.04 16.37
C PHE J 89 -15.65 -4.07 15.68
N ALA J 90 -16.56 -3.57 14.85
CA ALA J 90 -17.47 -4.44 14.12
C ALA J 90 -16.69 -5.39 13.24
N VAL J 91 -15.77 -4.83 12.46
CA VAL J 91 -14.98 -5.59 11.50
C VAL J 91 -14.08 -6.61 12.21
N ASP J 92 -13.54 -6.24 13.36
CA ASP J 92 -12.68 -7.14 14.10
C ASP J 92 -13.48 -8.27 14.72
N THR J 93 -14.69 -7.94 15.18
CA THR J 93 -15.53 -8.87 15.94
C THR J 93 -16.23 -9.89 15.05
N PHE J 94 -16.79 -9.45 13.94
CA PHE J 94 -17.50 -10.36 13.05
C PHE J 94 -16.90 -10.54 11.67
N GLY J 95 -15.81 -9.83 11.38
CA GLY J 95 -15.06 -10.11 10.17
C GLY J 95 -15.35 -9.18 9.00
N SER J 96 -16.47 -8.49 9.07
CA SER J 96 -16.81 -7.55 8.00
C SER J 96 -17.79 -6.52 8.55
N LEU J 97 -18.06 -5.49 7.75
CA LEU J 97 -19.18 -4.58 7.96
C LEU J 97 -20.02 -4.51 6.67
N ASP J 98 -21.27 -4.97 6.75
CA ASP J 98 -22.13 -5.12 5.58
C ASP J 98 -23.27 -4.13 5.59
N LEU J 99 -23.80 -3.89 6.78
CA LEU J 99 -25.01 -3.08 6.97
C LEU J 99 -24.80 -2.07 8.08
N ALA J 100 -25.38 -0.89 7.90
CA ALA J 100 -25.36 0.13 8.94
C ALA J 100 -26.70 0.83 9.03
N VAL J 101 -27.14 1.06 10.26
CA VAL J 101 -28.26 1.92 10.49
C VAL J 101 -27.81 3.06 11.37
N ASN J 102 -27.80 4.26 10.80
CA ASN J 102 -27.40 5.45 11.55
C ASN J 102 -28.58 6.08 12.21
N ASN J 103 -28.77 5.74 13.49
CA ASN J 103 -30.02 5.98 14.19
C ASN J 103 -29.87 6.96 15.37
N ALA J 104 -28.67 7.02 15.94
CA ALA J 104 -28.39 7.87 17.11
C ALA J 104 -28.85 9.31 16.92
N GLY J 105 -29.57 9.85 17.89
CA GLY J 105 -30.03 11.21 17.82
C GLY J 105 -30.75 11.71 19.06
N ILE J 106 -30.86 13.03 19.15
CA ILE J 106 -31.63 13.73 20.17
C ILE J 106 -32.64 14.57 19.38
N GLY J 107 -33.73 15.08 19.97
CA GLY J 107 -33.82 15.54 21.33
C GLY J 107 -34.09 17.03 21.15
N GLY J 108 -33.47 17.86 21.99
CA GLY J 108 -33.60 19.30 21.83
C GLY J 108 -34.82 19.97 22.43
N PRO J 109 -34.64 21.20 22.95
CA PRO J 109 -35.72 22.03 23.49
C PRO J 109 -36.61 22.66 22.41
N SER J 110 -37.72 23.26 22.86
CA SER J 110 -38.71 23.84 21.96
C SER J 110 -38.75 25.34 22.16
N ALA J 111 -38.22 26.06 21.20
CA ALA J 111 -38.24 27.50 21.28
C ALA J 111 -38.47 28.07 19.89
N PRO J 112 -39.14 29.22 19.81
CA PRO J 112 -39.14 30.03 18.58
C PRO J 112 -37.71 30.21 18.10
N THR J 113 -37.49 30.30 16.78
CA THR J 113 -36.14 30.37 16.24
C THR J 113 -35.37 31.59 16.77
N GLY J 114 -36.04 32.74 16.80
CA GLY J 114 -35.43 33.95 17.30
C GLY J 114 -35.16 34.01 18.79
N GLU J 115 -35.44 32.90 19.50
CA GLU J 115 -35.15 32.80 20.93
C GLU J 115 -34.33 31.57 21.23
N TYR J 116 -33.98 30.83 20.17
CA TYR J 116 -33.37 29.51 20.32
C TYR J 116 -31.94 29.56 20.87
N ASP J 117 -31.75 28.87 22.00
CA ASP J 117 -30.44 28.77 22.61
C ASP J 117 -29.41 28.28 21.59
N VAL J 118 -28.34 29.06 21.46
CA VAL J 118 -27.28 28.77 20.51
C VAL J 118 -26.60 27.44 20.79
N ALA J 119 -26.28 27.18 22.06
CA ALA J 119 -25.58 25.95 22.42
C ALA J 119 -26.46 24.72 22.17
N ALA J 120 -27.75 24.87 22.45
CA ALA J 120 -28.73 23.83 22.21
C ALA J 120 -28.75 23.47 20.72
N TYR J 121 -28.73 24.50 19.86
CA TYR J 121 -28.68 24.31 18.42
C TYR J 121 -27.51 23.45 18.01
N GLN J 122 -26.33 23.81 18.51
CA GLN J 122 -25.10 23.14 18.12
C GLN J 122 -25.12 21.66 18.51
N ARG J 123 -25.68 21.36 19.66
CA ARG J 123 -25.74 20.01 20.18
C ARG J 123 -26.69 19.13 19.37
N VAL J 124 -27.91 19.61 19.16
CA VAL J 124 -28.88 18.94 18.30
C VAL J 124 -28.27 18.63 16.94
N VAL J 125 -27.68 19.64 16.30
CA VAL J 125 -27.11 19.45 14.97
C VAL J 125 -25.87 18.56 14.97
N ARG J 126 -25.00 18.76 15.96
CA ARG J 126 -23.76 17.99 16.01
C ARG J 126 -24.06 16.50 16.09
N THR J 127 -25.05 16.13 16.91
CA THR J 127 -25.41 14.72 17.02
C THR J 127 -26.19 14.21 15.82
N ASN J 128 -27.23 14.95 15.43
CA ASN J 128 -28.19 14.41 14.47
C ASN J 128 -27.69 14.42 13.03
N LEU J 129 -26.76 15.32 12.74
CA LEU J 129 -26.34 15.55 11.37
C LEU J 129 -24.87 15.22 11.16
N ASP J 130 -23.99 15.91 11.88
CA ASP J 130 -22.56 15.57 11.86
C ASP J 130 -22.38 14.09 12.16
N GLY J 131 -23.12 13.63 13.19
CA GLY J 131 -23.11 12.24 13.62
C GLY J 131 -23.35 11.27 12.48
N VAL J 132 -24.32 11.60 11.63
CA VAL J 132 -24.67 10.76 10.50
C VAL J 132 -23.58 10.81 9.42
N PHE J 133 -23.04 12.00 9.18
CA PHE J 133 -21.89 12.13 8.27
C PHE J 133 -20.69 11.30 8.73
N TYR J 134 -20.27 11.47 9.98
CA TYR J 134 -19.12 10.71 10.50
C TYR J 134 -19.42 9.24 10.48
N SER J 135 -20.68 8.89 10.76
CA SER J 135 -21.07 7.49 10.74
C SER J 135 -20.84 6.92 9.35
N MET J 136 -21.34 7.61 8.33
CA MET J 136 -21.10 7.18 6.94
C MET J 136 -19.63 7.43 6.53
N ARG J 137 -19.03 8.52 6.98
CA ARG J 137 -17.62 8.78 6.67
C ARG J 137 -16.70 7.60 6.98
N TYR J 138 -16.95 6.87 8.07
CA TYR J 138 -16.15 5.67 8.39
C TYR J 138 -16.81 4.33 8.00
N GLU J 139 -18.14 4.30 7.92
CA GLU J 139 -18.84 3.09 7.49
C GLU J 139 -18.48 2.71 6.06
N LEU J 140 -18.58 3.68 5.15
CA LEU J 140 -18.40 3.42 3.72
C LEU J 140 -17.06 2.76 3.35
N PRO J 141 -15.93 3.31 3.83
CA PRO J 141 -14.66 2.63 3.54
C PRO J 141 -14.65 1.16 3.94
N ALA J 142 -15.17 0.85 5.13
CA ALA J 142 -15.20 -0.53 5.64
C ALA J 142 -16.11 -1.36 4.76
N ILE J 143 -17.24 -0.78 4.39
CA ILE J 143 -18.19 -1.51 3.56
C ILE J 143 -17.63 -1.71 2.16
N GLU J 144 -17.05 -0.65 1.60
CA GLU J 144 -16.55 -0.71 0.24
C GLU J 144 -15.37 -1.68 0.10
N ALA J 145 -14.43 -1.63 1.03
CA ALA J 145 -13.29 -2.54 1.00
C ALA J 145 -13.68 -4.01 1.20
N ALA J 146 -14.97 -4.34 1.07
CA ALA J 146 -15.45 -5.71 1.32
C ALA J 146 -14.97 -6.76 0.31
N GLY J 147 -15.19 -6.59 -1.01
CA GLY J 147 -16.04 -5.58 -1.61
C GLY J 147 -17.25 -6.26 -2.23
N LYS J 148 -18.19 -6.67 -1.38
CA LYS J 148 -19.33 -7.46 -1.83
C LYS J 148 -20.62 -6.64 -1.76
N GLY J 149 -20.44 -5.34 -1.58
CA GLY J 149 -21.58 -4.45 -1.48
C GLY J 149 -22.05 -4.28 -0.04
N GLY J 150 -23.00 -3.39 0.13
CA GLY J 150 -23.58 -3.14 1.44
C GLY J 150 -24.81 -2.29 1.31
N SER J 151 -25.33 -1.86 2.45
CA SER J 151 -26.55 -1.06 2.46
C SER J 151 -26.57 -0.21 3.73
N ILE J 152 -27.01 1.04 3.61
CA ILE J 152 -27.07 1.90 4.78
C ILE J 152 -28.43 2.57 4.89
N VAL J 153 -29.00 2.59 6.09
CA VAL J 153 -30.21 3.38 6.31
C VAL J 153 -29.92 4.50 7.31
N ASN J 154 -30.26 5.73 6.93
CA ASN J 154 -30.15 6.84 7.90
C ASN J 154 -31.52 7.14 8.49
N VAL J 155 -31.56 7.34 9.80
CA VAL J 155 -32.85 7.63 10.42
C VAL J 155 -33.08 9.11 10.47
N ALA J 156 -33.85 9.61 9.50
CA ALA J 156 -34.26 11.00 9.51
C ALA J 156 -35.51 11.11 10.36
N SER J 157 -36.58 11.63 9.76
CA SER J 157 -37.81 11.93 10.48
C SER J 157 -38.80 12.46 9.46
N ILE J 158 -40.07 12.57 9.83
CA ILE J 158 -40.98 13.44 9.07
C ILE J 158 -40.37 14.84 8.96
N LEU J 159 -39.69 15.26 10.03
CA LEU J 159 -39.15 16.61 10.11
C LEU J 159 -37.93 16.77 9.20
N GLY J 160 -37.69 15.77 8.35
CA GLY J 160 -36.73 15.88 7.29
C GLY J 160 -37.39 16.38 6.02
N SER J 161 -38.72 16.50 6.02
CA SER J 161 -39.42 16.94 4.81
C SER J 161 -40.42 18.05 5.09
N VAL J 162 -40.79 18.20 6.34
CA VAL J 162 -41.67 19.29 6.73
C VAL J 162 -41.10 20.04 7.93
N GLY J 163 -41.57 21.27 8.13
CA GLY J 163 -41.16 22.04 9.28
C GLY J 163 -41.96 21.63 10.49
N PHE J 164 -41.55 22.13 11.65
CA PHE J 164 -42.30 21.97 12.88
C PHE J 164 -41.98 23.15 13.81
N ALA J 165 -43.04 23.84 14.24
CA ALA J 165 -42.91 25.01 15.09
C ALA J 165 -42.26 24.66 16.42
N GLY J 166 -41.16 25.35 16.73
CA GLY J 166 -40.44 25.19 17.98
C GLY J 166 -39.16 24.39 17.86
N SER J 167 -38.99 23.74 16.71
CA SER J 167 -37.85 22.85 16.59
C SER J 167 -37.00 23.13 15.35
N PRO J 168 -36.49 24.37 15.22
CA PRO J 168 -35.65 24.71 14.07
C PRO J 168 -34.43 23.80 13.93
N ALA J 169 -33.67 23.61 15.01
CA ALA J 169 -32.43 22.84 14.94
C ALA J 169 -32.65 21.39 14.54
N TYR J 170 -33.69 20.77 15.08
CA TYR J 170 -34.02 19.39 14.77
C TYR J 170 -34.53 19.22 13.33
N VAL J 171 -35.42 20.11 12.90
CA VAL J 171 -35.89 20.10 11.53
C VAL J 171 -34.70 20.33 10.60
N ALA J 172 -33.80 21.25 10.97
CA ALA J 172 -32.60 21.50 10.16
C ALA J 172 -31.69 20.27 10.05
N ALA J 173 -31.38 19.64 11.18
CA ALA J 173 -30.53 18.45 11.15
C ALA J 173 -31.21 17.33 10.37
N LYS J 174 -32.51 17.12 10.60
CA LYS J 174 -33.22 16.02 9.92
C LYS J 174 -33.29 16.18 8.40
N HIS J 175 -33.63 17.38 7.92
CA HIS J 175 -33.48 17.70 6.50
C HIS J 175 -32.07 17.39 6.00
N GLY J 176 -31.07 17.86 6.76
CA GLY J 176 -29.68 17.64 6.41
C GLY J 176 -29.35 16.17 6.18
N VAL J 177 -29.88 15.30 7.03
CA VAL J 177 -29.69 13.86 6.86
C VAL J 177 -30.25 13.35 5.52
N VAL J 178 -31.40 13.89 5.12
CA VAL J 178 -31.99 13.54 3.83
C VAL J 178 -31.02 13.95 2.71
N GLY J 179 -30.49 15.17 2.80
CA GLY J 179 -29.45 15.60 1.88
C GLY J 179 -28.27 14.64 1.81
N LEU J 180 -27.63 14.41 2.96
CA LEU J 180 -26.54 13.44 3.09
C LEU J 180 -26.89 12.12 2.38
N THR J 181 -28.09 11.59 2.68
CA THR J 181 -28.54 10.36 2.06
C THR J 181 -28.49 10.40 0.53
N LYS J 182 -29.06 11.43 -0.07
CA LYS J 182 -29.12 11.53 -1.53
C LYS J 182 -27.74 11.67 -2.18
N ALA J 183 -26.89 12.51 -1.61
CA ALA J 183 -25.60 12.77 -2.24
C ALA J 183 -24.73 11.51 -2.19
N ALA J 184 -24.67 10.92 -1.00
CA ALA J 184 -23.84 9.75 -0.79
C ALA J 184 -24.38 8.58 -1.63
N ALA J 185 -25.69 8.48 -1.74
CA ALA J 185 -26.26 7.38 -2.50
C ALA J 185 -25.95 7.54 -3.98
N ALA J 186 -25.98 8.78 -4.46
CA ALA J 186 -25.61 9.07 -5.83
C ALA J 186 -24.18 8.57 -6.10
N GLU J 187 -23.28 8.89 -5.16
CA GLU J 187 -21.89 8.46 -5.24
C GLU J 187 -21.76 6.94 -5.33
N TYR J 188 -22.29 6.24 -4.33
CA TYR J 188 -21.95 4.83 -4.15
C TYR J 188 -22.82 3.79 -4.82
N ALA J 189 -23.94 4.21 -5.41
CA ALA J 189 -24.91 3.28 -5.97
C ALA J 189 -24.33 2.26 -6.94
N ALA J 190 -23.51 2.75 -7.86
CA ALA J 190 -22.95 1.91 -8.92
C ALA J 190 -21.94 0.94 -8.31
N ARG J 191 -21.46 1.27 -7.12
CA ARG J 191 -20.46 0.46 -6.45
C ARG J 191 -21.09 -0.61 -5.59
N GLY J 192 -22.41 -0.75 -5.71
CA GLY J 192 -23.15 -1.77 -4.98
C GLY J 192 -23.46 -1.46 -3.53
N ILE J 193 -23.45 -0.19 -3.18
CA ILE J 193 -23.77 0.21 -1.82
C ILE J 193 -24.97 1.16 -1.83
N ARG J 194 -26.12 0.63 -1.41
CA ARG J 194 -27.34 1.40 -1.38
C ARG J 194 -27.43 2.26 -0.12
N ILE J 195 -27.97 3.46 -0.28
CA ILE J 195 -28.09 4.38 0.84
C ILE J 195 -29.46 5.06 0.82
N ASN J 196 -30.25 4.79 1.85
CA ASN J 196 -31.56 5.42 1.94
C ASN J 196 -31.79 6.05 3.30
N ALA J 197 -32.96 6.65 3.47
CA ALA J 197 -33.34 7.19 4.75
C ALA J 197 -34.80 6.88 5.09
N VAL J 198 -35.10 6.83 6.39
CA VAL J 198 -36.48 6.71 6.83
C VAL J 198 -36.99 8.01 7.43
N GLY J 199 -38.29 8.22 7.31
CA GLY J 199 -38.93 9.37 7.90
C GLY J 199 -40.06 9.01 8.86
N PRO J 200 -39.71 8.47 10.04
CA PRO J 200 -40.73 8.07 11.02
C PRO J 200 -41.59 9.26 11.45
N GLY J 201 -42.89 9.02 11.67
CA GLY J 201 -43.74 10.00 12.34
C GLY J 201 -43.44 10.01 13.82
N PHE J 202 -44.27 10.68 14.62
CA PHE J 202 -44.09 10.60 16.06
C PHE J 202 -44.24 9.17 16.61
N ILE J 203 -43.27 8.73 17.41
CA ILE J 203 -43.27 7.37 17.93
C ILE J 203 -43.55 7.31 19.42
N ASP J 204 -44.60 6.56 19.77
CA ASP J 204 -44.96 6.28 21.15
C ASP J 204 -43.81 5.62 21.90
N THR J 205 -42.90 6.44 22.42
CA THR J 205 -41.89 5.96 23.38
C THR J 205 -42.50 6.14 24.77
N PRO J 206 -41.89 5.51 25.81
CA PRO J 206 -42.43 5.74 27.16
C PRO J 206 -42.19 7.18 27.66
N LEU J 207 -41.22 7.88 27.08
CA LEU J 207 -41.01 9.29 27.36
C LEU J 207 -42.28 10.08 27.05
N LEU J 208 -42.80 9.87 25.83
CA LEU J 208 -43.97 10.57 25.32
C LEU J 208 -45.26 10.18 26.05
N LYS J 209 -45.26 8.99 26.67
CA LYS J 209 -46.44 8.52 27.40
C LYS J 209 -46.55 9.13 28.81
N THR J 210 -45.72 10.12 29.08
CA THR J 210 -45.80 10.86 30.35
C THR J 210 -46.13 12.33 30.12
N MET J 211 -46.51 12.68 28.89
CA MET J 211 -46.99 14.03 28.62
C MET J 211 -48.51 14.10 28.82
N GLU J 212 -49.01 15.28 29.12
CA GLU J 212 -50.42 15.49 29.41
C GLU J 212 -51.27 15.08 28.21
N GLU J 213 -52.52 14.69 28.47
CA GLU J 213 -53.39 14.18 27.40
C GLU J 213 -53.60 15.20 26.29
N ALA J 214 -53.67 16.49 26.64
CA ALA J 214 -53.95 17.54 25.66
C ALA J 214 -52.83 17.66 24.62
N ALA J 215 -51.59 17.57 25.11
CA ALA J 215 -50.40 17.59 24.24
C ALA J 215 -50.29 16.29 23.44
N TYR J 216 -50.54 15.17 24.11
CA TYR J 216 -50.48 13.86 23.48
C TYR J 216 -51.53 13.64 22.39
N LYS J 217 -52.77 14.03 22.69
CA LYS J 217 -53.85 13.90 21.72
C LYS J 217 -53.68 14.90 20.57
N GLY J 218 -53.04 16.03 20.85
CA GLY J 218 -52.70 16.99 19.81
C GLY J 218 -51.80 16.34 18.76
N LEU J 219 -50.78 15.64 19.24
CA LEU J 219 -49.88 14.87 18.39
C LEU J 219 -50.69 13.88 17.57
N VAL J 220 -51.40 12.98 18.28
CA VAL J 220 -52.27 11.98 17.68
C VAL J 220 -53.12 12.57 16.56
N ALA J 221 -53.69 13.74 16.82
CA ALA J 221 -54.58 14.40 15.88
C ALA J 221 -53.88 14.74 14.58
N LEU J 222 -52.55 14.83 14.65
CA LEU J 222 -51.75 15.19 13.49
C LEU J 222 -51.45 13.97 12.58
N HIS J 223 -51.74 12.77 13.05
CA HIS J 223 -51.59 11.58 12.21
C HIS J 223 -52.94 11.01 11.83
N PRO J 224 -53.33 11.12 10.55
CA PRO J 224 -54.59 10.56 10.04
C PRO J 224 -54.79 9.09 10.44
N ALA J 225 -53.69 8.40 10.73
CA ALA J 225 -53.78 7.04 11.22
C ALA J 225 -54.56 6.95 12.53
N GLY J 226 -54.63 8.04 13.28
CA GLY J 226 -55.35 8.07 14.54
C GLY J 226 -54.62 7.42 15.71
N ARG J 227 -53.29 7.41 15.64
CA ARG J 227 -52.46 6.94 16.75
C ARG J 227 -51.04 7.29 16.40
N LEU J 228 -50.11 7.10 17.33
CA LEU J 228 -48.69 7.26 17.01
C LEU J 228 -48.14 5.90 16.60
N GLY J 229 -46.90 5.87 16.10
CA GLY J 229 -46.26 4.62 15.72
C GLY J 229 -45.48 3.93 16.82
N ARG J 230 -45.15 2.67 16.60
CA ARG J 230 -44.31 1.89 17.51
C ARG J 230 -42.93 1.71 16.92
N SER J 231 -41.90 1.70 17.77
CA SER J 231 -40.52 1.48 17.35
C SER J 231 -40.40 0.32 16.37
N ASP J 232 -40.99 -0.84 16.70
CA ASP J 232 -41.06 -2.05 15.85
C ASP J 232 -41.48 -1.74 14.44
N GLU J 233 -42.40 -0.84 14.29
CA GLU J 233 -42.91 -0.48 12.97
C GLU J 233 -41.86 0.26 12.15
N VAL J 234 -41.05 1.08 12.82
CA VAL J 234 -39.98 1.77 12.12
C VAL J 234 -38.94 0.73 11.72
N ALA J 235 -38.68 -0.19 12.64
CA ALA J 235 -37.61 -1.14 12.46
C ALA J 235 -37.88 -2.10 11.29
N GLU J 236 -39.14 -2.40 11.03
CA GLU J 236 -39.49 -3.27 9.91
C GLU J 236 -39.09 -2.65 8.60
N LEU J 237 -39.31 -1.34 8.48
CA LEU J 237 -39.04 -0.63 7.23
C LEU J 237 -37.53 -0.48 7.05
N ILE J 238 -36.87 -0.06 8.13
CA ILE J 238 -35.42 0.03 8.11
C ILE J 238 -34.82 -1.28 7.60
N VAL J 239 -35.36 -2.40 8.08
CA VAL J 239 -34.79 -3.73 7.80
C VAL J 239 -35.10 -4.22 6.38
N PHE J 240 -36.33 -3.97 5.90
CA PHE J 240 -36.64 -4.17 4.48
C PHE J 240 -35.61 -3.43 3.63
N LEU J 241 -35.37 -2.16 3.94
CA LEU J 241 -34.40 -1.35 3.18
C LEU J 241 -32.95 -1.91 3.18
N LEU J 242 -32.55 -2.53 4.29
CA LEU J 242 -31.22 -3.17 4.38
C LEU J 242 -31.11 -4.42 3.52
N SER J 243 -32.24 -5.11 3.33
CA SER J 243 -32.24 -6.44 2.73
C SER J 243 -32.09 -6.44 1.22
N ASP J 244 -31.65 -7.57 0.67
CA ASP J 244 -31.55 -7.70 -0.79
C ASP J 244 -32.88 -7.52 -1.52
N ARG J 245 -33.98 -7.65 -0.78
CA ARG J 245 -35.29 -7.41 -1.37
C ARG J 245 -35.42 -5.98 -1.90
N ALA J 246 -34.76 -5.02 -1.24
CA ALA J 246 -34.81 -3.63 -1.71
C ALA J 246 -33.64 -3.27 -2.63
N SER J 247 -33.16 -4.22 -3.43
CA SER J 247 -31.90 -4.05 -4.16
C SER J 247 -31.90 -2.98 -5.27
N PHE J 248 -33.08 -2.49 -5.63
CA PHE J 248 -33.13 -1.38 -6.57
C PHE J 248 -33.65 -0.13 -5.89
N VAL J 249 -33.70 -0.15 -4.56
CA VAL J 249 -34.07 1.04 -3.78
C VAL J 249 -32.82 1.75 -3.26
N ALA J 250 -32.65 3.02 -3.63
CA ALA J 250 -31.40 3.73 -3.34
C ALA J 250 -31.54 5.23 -3.50
N GLY J 251 -31.00 5.98 -2.55
CA GLY J 251 -31.07 7.42 -2.64
C GLY J 251 -32.36 8.05 -2.21
N SER J 252 -33.26 7.26 -1.65
CA SER J 252 -34.60 7.77 -1.39
C SER J 252 -35.00 7.82 0.09
N TYR J 253 -36.07 8.57 0.33
CA TYR J 253 -36.57 8.94 1.64
C TYR J 253 -37.89 8.21 1.86
N HIS J 254 -37.92 7.33 2.84
CA HIS J 254 -39.09 6.47 3.03
C HIS J 254 -39.89 6.78 4.29
N LEU J 255 -41.07 7.35 4.08
CA LEU J 255 -41.99 7.67 5.17
C LEU J 255 -42.58 6.45 5.90
N VAL J 256 -42.62 6.54 7.22
CA VAL J 256 -43.44 5.64 8.02
C VAL J 256 -44.07 6.51 9.11
N ASP J 257 -45.15 7.19 8.77
CA ASP J 257 -45.68 8.30 9.58
C ASP J 257 -47.20 8.29 9.78
N GLY J 258 -47.84 7.17 9.45
CA GLY J 258 -49.29 7.09 9.54
C GLY J 258 -49.99 8.24 8.84
N ALA J 259 -49.41 8.68 7.72
CA ALA J 259 -49.99 9.69 6.84
C ALA J 259 -49.86 11.13 7.31
N TYR J 260 -48.83 11.41 8.09
CA TYR J 260 -48.61 12.74 8.65
C TYR J 260 -48.32 13.73 7.53
N THR J 261 -47.34 13.40 6.71
CA THR J 261 -46.90 14.35 5.71
C THR J 261 -47.80 14.37 4.51
N ALA J 262 -48.81 13.51 4.50
CA ALA J 262 -49.70 13.38 3.33
C ALA J 262 -50.77 14.46 3.29
N VAL J 263 -50.88 15.23 4.37
CA VAL J 263 -51.80 16.34 4.38
C VAL J 263 -51.10 17.69 4.63
N THR K 7 -46.77 -13.68 16.39
CA THR K 7 -45.61 -12.86 15.98
C THR K 7 -45.21 -13.10 14.51
N PRO K 8 -44.77 -12.05 13.80
CA PRO K 8 -44.36 -12.18 12.39
C PRO K 8 -43.21 -13.17 12.17
N ALA K 9 -42.22 -13.18 13.07
CA ALA K 9 -41.13 -14.13 12.91
C ALA K 9 -41.64 -15.57 13.00
N THR K 10 -42.53 -15.85 13.93
CA THR K 10 -43.07 -17.20 14.09
C THR K 10 -43.90 -17.59 12.86
N THR K 11 -44.62 -16.64 12.30
CA THR K 11 -45.36 -16.88 11.07
C THR K 11 -44.41 -17.16 9.88
N GLY K 12 -43.42 -16.30 9.69
CA GLY K 12 -42.42 -16.53 8.66
C GLY K 12 -42.76 -16.05 7.26
N TYR K 13 -42.19 -16.71 6.26
CA TYR K 13 -42.27 -16.22 4.90
C TYR K 13 -43.44 -16.81 4.11
N ALA K 14 -43.51 -18.14 4.09
CA ALA K 14 -44.45 -18.86 3.24
C ALA K 14 -45.91 -18.63 3.59
N ALA K 15 -46.16 -18.24 4.84
CA ALA K 15 -47.53 -18.10 5.31
C ALA K 15 -47.85 -16.68 5.74
N GLU K 16 -47.04 -15.71 5.31
CA GLU K 16 -47.27 -14.31 5.66
C GLU K 16 -48.65 -13.81 5.20
N PHE K 17 -49.10 -14.24 4.04
CA PHE K 17 -50.40 -13.78 3.55
C PHE K 17 -51.45 -14.89 3.43
N ALA K 18 -51.34 -15.91 4.27
CA ALA K 18 -52.27 -17.02 4.23
C ALA K 18 -53.66 -16.58 4.70
N GLY K 19 -54.70 -17.01 4.00
CA GLY K 19 -56.06 -16.59 4.30
C GLY K 19 -56.47 -15.29 3.62
N ARG K 20 -55.52 -14.60 3.00
CA ARG K 20 -55.82 -13.26 2.45
C ARG K 20 -55.98 -13.26 0.93
N THR K 21 -56.84 -12.39 0.45
CA THR K 21 -57.06 -12.28 -0.98
C THR K 21 -56.46 -11.00 -1.55
N ALA K 22 -55.67 -11.16 -2.60
CA ALA K 22 -55.07 -10.03 -3.29
C ALA K 22 -55.56 -9.93 -4.73
N LEU K 23 -56.14 -8.79 -5.07
CA LEU K 23 -56.43 -8.46 -6.46
C LEU K 23 -55.27 -7.65 -7.03
N VAL K 24 -54.65 -8.14 -8.10
CA VAL K 24 -53.59 -7.41 -8.80
C VAL K 24 -54.04 -7.04 -10.22
N THR K 25 -54.17 -5.74 -10.51
CA THR K 25 -54.59 -5.32 -11.85
C THR K 25 -53.42 -5.30 -12.84
N GLY K 26 -53.73 -5.65 -14.07
CA GLY K 26 -52.72 -5.80 -15.11
C GLY K 26 -51.72 -6.85 -14.70
N ALA K 27 -52.19 -7.98 -14.17
CA ALA K 27 -51.28 -9.01 -13.66
C ALA K 27 -50.81 -10.03 -14.71
N ALA K 28 -51.09 -9.80 -15.98
CA ALA K 28 -50.70 -10.78 -16.99
C ALA K 28 -49.24 -10.67 -17.40
N SER K 29 -48.59 -9.58 -17.02
CA SER K 29 -47.22 -9.35 -17.42
C SER K 29 -46.46 -8.39 -16.48
N GLY K 30 -45.13 -8.38 -16.62
CA GLY K 30 -44.27 -7.42 -15.95
C GLY K 30 -44.37 -7.28 -14.43
N ILE K 31 -44.47 -6.05 -13.97
CA ILE K 31 -44.56 -5.76 -12.54
C ILE K 31 -45.78 -6.46 -11.92
N GLY K 32 -46.92 -6.41 -12.61
CA GLY K 32 -48.12 -7.09 -12.13
C GLY K 32 -47.91 -8.57 -11.91
N LEU K 33 -47.31 -9.22 -12.90
CA LEU K 33 -47.07 -10.65 -12.87
C LEU K 33 -46.06 -11.02 -11.77
N ALA K 34 -45.02 -10.21 -11.65
CA ALA K 34 -44.02 -10.45 -10.63
C ALA K 34 -44.66 -10.32 -9.26
N THR K 35 -45.45 -9.26 -9.09
CA THR K 35 -46.21 -9.01 -7.87
C THR K 35 -47.21 -10.12 -7.49
N ALA K 36 -47.94 -10.66 -8.47
CA ALA K 36 -48.78 -11.81 -8.21
C ALA K 36 -47.95 -13.01 -7.73
N ARG K 37 -46.77 -13.19 -8.32
CA ARG K 37 -45.90 -14.28 -7.90
C ARG K 37 -45.39 -14.11 -6.48
N ARG K 38 -45.00 -12.88 -6.13
CA ARG K 38 -44.46 -12.61 -4.79
C ARG K 38 -45.55 -12.75 -3.73
N LEU K 39 -46.78 -12.35 -4.06
CA LEU K 39 -47.92 -12.61 -3.18
C LEU K 39 -48.15 -14.12 -3.03
N GLY K 40 -48.00 -14.85 -4.14
CA GLY K 40 -48.26 -16.28 -4.16
C GLY K 40 -47.27 -17.04 -3.29
N ALA K 41 -46.00 -16.62 -3.35
CA ALA K 41 -44.94 -17.17 -2.50
C ALA K 41 -45.21 -16.95 -1.01
N GLY K 42 -46.03 -15.95 -0.72
CA GLY K 42 -46.27 -15.58 0.66
C GLY K 42 -47.54 -16.24 1.15
N GLY K 43 -48.13 -17.06 0.28
CA GLY K 43 -49.30 -17.83 0.65
C GLY K 43 -50.60 -17.08 0.45
N ALA K 44 -50.58 -16.03 -0.37
CA ALA K 44 -51.79 -15.26 -0.63
C ALA K 44 -52.65 -15.97 -1.67
N ARG K 45 -53.96 -15.73 -1.62
CA ARG K 45 -54.86 -16.15 -2.70
C ARG K 45 -54.86 -15.04 -3.71
N VAL K 46 -54.57 -15.36 -4.97
CA VAL K 46 -54.30 -14.31 -5.94
C VAL K 46 -55.35 -14.24 -7.07
N VAL K 47 -55.91 -13.06 -7.26
CA VAL K 47 -56.81 -12.83 -8.38
C VAL K 47 -56.04 -12.07 -9.43
N VAL K 48 -55.73 -12.76 -10.54
CA VAL K 48 -54.97 -12.20 -11.64
C VAL K 48 -55.94 -11.56 -12.63
N ALA K 49 -56.00 -10.24 -12.61
CA ALA K 49 -56.92 -9.47 -13.46
C ALA K 49 -56.16 -8.69 -14.51
N ASP K 50 -56.61 -8.79 -15.76
CA ASP K 50 -55.93 -8.12 -16.85
C ASP K 50 -56.87 -7.89 -18.05
N PHE K 51 -56.46 -7.02 -18.96
CA PHE K 51 -57.27 -6.76 -20.14
C PHE K 51 -57.04 -7.89 -21.15
N ASN K 52 -55.83 -8.44 -21.13
CA ASN K 52 -55.49 -9.62 -21.91
C ASN K 52 -56.03 -10.83 -21.18
N ALA K 53 -57.27 -11.21 -21.51
CA ALA K 53 -57.93 -12.30 -20.81
C ALA K 53 -57.13 -13.60 -20.93
N GLU K 54 -56.56 -13.84 -22.10
CA GLU K 54 -55.78 -15.04 -22.30
C GLU K 54 -54.50 -14.98 -21.45
N GLY K 55 -53.85 -13.83 -21.49
CA GLY K 55 -52.65 -13.59 -20.70
C GLY K 55 -52.87 -13.78 -19.20
N ALA K 56 -54.04 -13.40 -18.72
CA ALA K 56 -54.39 -13.54 -17.31
C ALA K 56 -54.48 -15.00 -16.92
N GLU K 57 -55.14 -15.77 -17.76
CA GLU K 57 -55.38 -17.18 -17.51
C GLU K 57 -54.07 -17.98 -17.53
N LYS K 58 -53.17 -17.63 -18.44
CA LYS K 58 -51.88 -18.27 -18.51
C LYS K 58 -51.17 -18.04 -17.19
N ALA K 59 -51.17 -16.78 -16.74
CA ALA K 59 -50.60 -16.44 -15.44
C ALA K 59 -51.27 -17.13 -14.24
N ALA K 60 -52.60 -17.18 -14.20
CA ALA K 60 -53.31 -17.82 -13.08
C ALA K 60 -53.08 -19.32 -13.03
N ALA K 61 -52.95 -19.91 -14.21
CA ALA K 61 -52.76 -21.37 -14.33
C ALA K 61 -51.36 -21.73 -13.93
N GLU K 62 -50.38 -20.91 -14.32
CA GLU K 62 -48.98 -21.16 -13.95
C GLU K 62 -48.72 -20.97 -12.46
N LEU K 63 -49.60 -20.25 -11.76
CA LEU K 63 -49.50 -20.08 -10.31
C LEU K 63 -50.08 -21.30 -9.60
N ARG K 64 -51.15 -21.86 -10.16
CA ARG K 64 -51.78 -23.03 -9.58
C ARG K 64 -50.83 -24.22 -9.74
N ALA K 65 -50.17 -24.27 -10.89
CA ALA K 65 -49.19 -25.31 -11.16
C ALA K 65 -48.13 -25.32 -10.05
N GLY K 66 -47.73 -24.13 -9.61
CA GLY K 66 -46.74 -23.96 -8.58
C GLY K 66 -47.29 -23.94 -7.16
N GLY K 67 -48.51 -24.43 -6.99
CA GLY K 67 -49.07 -24.63 -5.66
C GLY K 67 -49.79 -23.46 -5.01
N VAL K 68 -50.01 -22.39 -5.78
CA VAL K 68 -50.71 -21.20 -5.31
C VAL K 68 -52.18 -21.26 -5.69
N GLU K 69 -53.06 -20.80 -4.79
CA GLU K 69 -54.45 -20.56 -5.15
C GLU K 69 -54.58 -19.27 -5.98
N ALA K 70 -55.12 -19.39 -7.19
CA ALA K 70 -55.26 -18.24 -8.08
C ALA K 70 -56.41 -18.44 -9.07
N ALA K 71 -56.93 -17.32 -9.58
CA ALA K 71 -57.99 -17.31 -10.59
C ALA K 71 -57.85 -16.09 -11.49
N ALA K 72 -58.19 -16.26 -12.76
CA ALA K 72 -58.12 -15.16 -13.72
C ALA K 72 -59.43 -14.42 -13.80
N VAL K 73 -59.35 -13.14 -14.13
CA VAL K 73 -60.54 -12.40 -14.53
C VAL K 73 -60.16 -11.32 -15.55
N GLU K 74 -61.01 -11.16 -16.56
CA GLU K 74 -60.79 -10.10 -17.54
C GLU K 74 -61.21 -8.76 -16.94
N LEU K 75 -60.40 -7.74 -17.17
CA LEU K 75 -60.63 -6.44 -16.53
C LEU K 75 -60.28 -5.31 -17.50
N ASP K 76 -61.14 -4.31 -17.57
CA ASP K 76 -60.79 -3.09 -18.26
C ASP K 76 -60.90 -1.95 -17.26
N VAL K 77 -59.75 -1.45 -16.77
CA VAL K 77 -59.75 -0.40 -15.77
C VAL K 77 -60.39 0.92 -16.23
N THR K 78 -60.55 1.11 -17.53
CA THR K 78 -61.21 2.32 -18.02
C THR K 78 -62.73 2.24 -17.89
N ARG K 79 -63.27 1.05 -17.68
CA ARG K 79 -64.72 0.86 -17.52
C ARG K 79 -65.09 0.53 -16.06
N PRO K 80 -65.82 1.43 -15.39
CA PRO K 80 -66.15 1.22 -13.97
C PRO K 80 -66.91 -0.08 -13.76
N GLU K 81 -67.92 -0.30 -14.60
CA GLU K 81 -68.65 -1.57 -14.67
C GLU K 81 -67.70 -2.75 -14.53
N SER K 82 -66.65 -2.75 -15.36
CA SER K 82 -65.70 -3.86 -15.37
C SER K 82 -64.93 -3.93 -14.06
N VAL K 83 -64.47 -2.77 -13.58
CA VAL K 83 -63.75 -2.73 -12.31
C VAL K 83 -64.61 -3.31 -11.20
N GLU K 84 -65.88 -2.94 -11.15
CA GLU K 84 -66.75 -3.48 -10.11
C GLU K 84 -66.95 -4.99 -10.21
N ALA K 85 -67.00 -5.52 -11.44
CA ALA K 85 -67.16 -6.96 -11.65
C ALA K 85 -65.93 -7.74 -11.19
N ALA K 86 -64.75 -7.21 -11.47
CA ALA K 86 -63.52 -7.88 -11.09
C ALA K 86 -63.43 -8.06 -9.57
N VAL K 87 -63.73 -6.99 -8.84
CA VAL K 87 -63.71 -7.02 -7.39
C VAL K 87 -64.75 -8.02 -6.87
N GLY K 88 -65.95 -7.95 -7.44
CA GLY K 88 -66.99 -8.90 -7.14
C GLY K 88 -66.48 -10.31 -7.38
N PHE K 89 -65.79 -10.49 -8.51
CA PHE K 89 -65.28 -11.80 -8.88
C PHE K 89 -64.32 -12.30 -7.81
N ALA K 90 -63.58 -11.37 -7.21
CA ALA K 90 -62.57 -11.73 -6.21
C ALA K 90 -63.24 -12.12 -4.89
N VAL K 91 -64.28 -11.38 -4.50
CA VAL K 91 -65.02 -11.68 -3.27
C VAL K 91 -65.74 -13.01 -3.39
N ASP K 92 -66.38 -13.25 -4.53
CA ASP K 92 -67.09 -14.51 -4.77
C ASP K 92 -66.17 -15.72 -4.68
N THR K 93 -65.04 -15.65 -5.39
CA THR K 93 -64.15 -16.77 -5.57
C THR K 93 -63.39 -17.10 -4.28
N PHE K 94 -63.00 -16.08 -3.54
CA PHE K 94 -62.09 -16.26 -2.42
C PHE K 94 -62.65 -15.85 -1.06
N GLY K 95 -63.79 -15.16 -1.07
CA GLY K 95 -64.49 -14.88 0.18
C GLY K 95 -64.32 -13.48 0.75
N SER K 96 -63.30 -12.77 0.28
CA SER K 96 -63.02 -11.42 0.74
C SER K 96 -62.13 -10.67 -0.23
N LEU K 97 -61.86 -9.41 0.09
CA LEU K 97 -60.79 -8.70 -0.59
C LEU K 97 -59.98 -8.02 0.48
N ASP K 98 -58.72 -8.40 0.58
CA ASP K 98 -57.85 -7.89 1.64
C ASP K 98 -56.78 -6.97 1.13
N LEU K 99 -56.15 -7.39 0.05
CA LEU K 99 -54.99 -6.68 -0.45
C LEU K 99 -55.26 -6.35 -1.90
N ALA K 100 -54.76 -5.21 -2.35
CA ALA K 100 -54.96 -4.82 -3.75
C ALA K 100 -53.77 -4.06 -4.32
N VAL K 101 -53.43 -4.41 -5.56
CA VAL K 101 -52.34 -3.75 -6.28
C VAL K 101 -52.89 -3.19 -7.57
N ASN K 102 -52.88 -1.87 -7.67
CA ASN K 102 -53.41 -1.21 -8.85
C ASN K 102 -52.29 -0.84 -9.81
N ASN K 103 -52.08 -1.73 -10.78
CA ASN K 103 -50.86 -1.71 -11.56
C ASN K 103 -51.09 -1.62 -13.08
N ALA K 104 -52.34 -1.83 -13.49
CA ALA K 104 -52.67 -1.82 -14.90
C ALA K 104 -52.37 -0.45 -15.51
N GLY K 105 -51.51 -0.41 -16.53
CA GLY K 105 -51.19 0.85 -17.19
C GLY K 105 -50.39 0.83 -18.49
N ILE K 106 -50.59 1.89 -19.28
CA ILE K 106 -49.84 2.18 -20.52
C ILE K 106 -48.99 3.44 -20.23
N GLY K 107 -47.94 3.76 -20.98
CA GLY K 107 -47.72 3.44 -22.37
C GLY K 107 -47.72 4.82 -23.01
N GLY K 108 -48.30 4.94 -24.20
CA GLY K 108 -48.46 6.24 -24.81
C GLY K 108 -47.22 6.69 -25.56
N PRO K 109 -47.43 7.45 -26.65
CA PRO K 109 -46.38 7.96 -27.54
C PRO K 109 -45.68 9.21 -27.01
N SER K 110 -44.47 9.49 -27.52
CA SER K 110 -43.63 10.61 -27.08
C SER K 110 -43.64 11.77 -28.07
N ALA K 111 -44.01 12.96 -27.60
CA ALA K 111 -44.10 14.17 -28.43
C ALA K 111 -44.16 15.41 -27.53
N PRO K 112 -43.73 16.56 -28.03
CA PRO K 112 -43.81 17.78 -27.21
C PRO K 112 -45.26 18.10 -26.86
N THR K 113 -45.51 18.75 -25.72
CA THR K 113 -46.88 19.03 -25.29
C THR K 113 -47.69 19.76 -26.36
N GLY K 114 -47.03 20.64 -27.10
CA GLY K 114 -47.70 21.43 -28.13
C GLY K 114 -48.15 20.65 -29.35
N GLU K 115 -47.69 19.40 -29.45
CA GLU K 115 -47.99 18.57 -30.61
C GLU K 115 -48.54 17.22 -30.18
N TYR K 116 -48.87 17.07 -28.90
CA TYR K 116 -49.25 15.76 -28.38
C TYR K 116 -50.62 15.33 -28.90
N ASP K 117 -50.73 14.06 -29.28
CA ASP K 117 -51.94 13.56 -29.90
C ASP K 117 -53.04 13.67 -28.86
N VAL K 118 -54.13 14.36 -29.19
CA VAL K 118 -55.20 14.56 -28.22
C VAL K 118 -55.83 13.24 -27.79
N ALA K 119 -56.06 12.35 -28.77
CA ALA K 119 -56.64 11.04 -28.49
C ALA K 119 -55.74 10.23 -27.59
N ALA K 120 -54.44 10.25 -27.89
CA ALA K 120 -53.43 9.55 -27.10
C ALA K 120 -53.40 10.01 -25.63
N TYR K 121 -53.39 11.32 -25.42
CA TYR K 121 -53.41 11.88 -24.08
C TYR K 121 -54.57 11.27 -23.28
N GLN K 122 -55.76 11.26 -23.88
CA GLN K 122 -56.95 10.70 -23.23
C GLN K 122 -56.73 9.23 -22.88
N ARG K 123 -56.45 8.41 -23.88
CA ARG K 123 -56.13 7.00 -23.70
C ARG K 123 -55.16 6.78 -22.51
N VAL K 124 -54.09 7.57 -22.47
CA VAL K 124 -53.10 7.46 -21.40
C VAL K 124 -53.72 7.80 -20.04
N VAL K 125 -54.49 8.89 -19.97
CA VAL K 125 -55.02 9.37 -18.70
C VAL K 125 -56.19 8.54 -18.23
N ARG K 126 -57.06 8.14 -19.15
CA ARG K 126 -58.20 7.31 -18.76
C ARG K 126 -57.73 6.00 -18.14
N THR K 127 -56.61 5.47 -18.60
CA THR K 127 -56.17 4.18 -18.08
C THR K 127 -55.33 4.35 -16.82
N ASN K 128 -54.26 5.14 -16.90
CA ASN K 128 -53.32 5.30 -15.79
C ASN K 128 -53.86 6.08 -14.60
N LEU K 129 -54.76 7.01 -14.85
CA LEU K 129 -55.32 7.79 -13.76
C LEU K 129 -56.72 7.33 -13.38
N ASP K 130 -57.68 7.48 -14.30
CA ASP K 130 -59.08 7.12 -14.01
C ASP K 130 -59.17 5.68 -13.53
N GLY K 131 -58.48 4.77 -14.23
CA GLY K 131 -58.40 3.37 -13.87
C GLY K 131 -57.96 3.11 -12.43
N VAL K 132 -57.06 3.94 -11.92
CA VAL K 132 -56.63 3.79 -10.54
C VAL K 132 -57.73 4.28 -9.62
N PHE K 133 -58.39 5.36 -10.01
CA PHE K 133 -59.51 5.85 -9.23
C PHE K 133 -60.69 4.84 -9.23
N TYR K 134 -61.03 4.28 -10.39
CA TYR K 134 -62.13 3.32 -10.44
C TYR K 134 -61.80 2.08 -9.61
N SER K 135 -60.56 1.65 -9.67
CA SER K 135 -60.13 0.46 -8.94
C SER K 135 -60.35 0.67 -7.46
N MET K 136 -59.85 1.78 -6.93
CA MET K 136 -60.00 2.05 -5.52
C MET K 136 -61.48 2.21 -5.16
N ARG K 137 -62.19 2.96 -5.99
CA ARG K 137 -63.60 3.24 -5.76
C ARG K 137 -64.40 1.98 -5.46
N TYR K 138 -64.07 0.87 -6.10
CA TYR K 138 -64.74 -0.39 -5.83
C TYR K 138 -63.99 -1.37 -4.91
N GLU K 139 -62.66 -1.26 -4.82
CA GLU K 139 -61.88 -2.12 -3.92
C GLU K 139 -62.18 -1.77 -2.47
N LEU K 140 -62.16 -0.47 -2.18
CA LEU K 140 -62.38 0.02 -0.82
C LEU K 140 -63.64 -0.51 -0.11
N PRO K 141 -64.82 -0.37 -0.73
CA PRO K 141 -66.01 -0.86 -0.02
C PRO K 141 -65.93 -2.34 0.33
N ALA K 142 -65.45 -3.17 -0.60
CA ALA K 142 -65.31 -4.58 -0.35
C ALA K 142 -64.35 -4.82 0.81
N ILE K 143 -63.23 -4.10 0.82
CA ILE K 143 -62.27 -4.22 1.92
C ILE K 143 -62.88 -3.73 3.21
N GLU K 144 -63.51 -2.56 3.17
CA GLU K 144 -64.05 -1.95 4.38
C GLU K 144 -65.17 -2.78 5.03
N ALA K 145 -66.10 -3.28 4.22
CA ALA K 145 -67.29 -3.98 4.77
C ALA K 145 -67.00 -5.28 5.52
N ALA K 146 -65.78 -5.81 5.40
CA ALA K 146 -65.47 -7.19 5.83
C ALA K 146 -65.33 -7.57 7.34
N GLY K 147 -64.90 -6.69 8.24
CA GLY K 147 -64.20 -5.45 7.98
C GLY K 147 -62.95 -5.66 8.80
N LYS K 148 -61.93 -6.23 8.17
CA LYS K 148 -60.72 -6.61 8.86
C LYS K 148 -59.55 -5.74 8.45
N GLY K 149 -59.87 -4.59 7.87
CA GLY K 149 -58.84 -3.69 7.37
C GLY K 149 -58.26 -4.30 6.11
N GLY K 150 -57.13 -3.75 5.65
CA GLY K 150 -56.54 -4.20 4.40
C GLY K 150 -55.59 -3.16 3.91
N SER K 151 -55.11 -3.33 2.69
CA SER K 151 -54.04 -2.49 2.18
C SER K 151 -54.09 -2.40 0.66
N ILE K 152 -53.85 -1.20 0.14
CA ILE K 152 -53.78 -0.99 -1.30
C ILE K 152 -52.48 -0.28 -1.68
N VAL K 153 -51.79 -0.82 -2.69
CA VAL K 153 -50.68 -0.12 -3.32
C VAL K 153 -51.01 0.26 -4.78
N ASN K 154 -50.80 1.52 -5.11
CA ASN K 154 -51.02 2.03 -6.47
C ASN K 154 -49.66 2.21 -7.15
N VAL K 155 -49.48 1.59 -8.31
CA VAL K 155 -48.21 1.70 -8.99
C VAL K 155 -48.16 2.99 -9.78
N ALA K 156 -47.48 3.98 -9.21
CA ALA K 156 -47.23 5.23 -9.91
C ALA K 156 -45.95 5.08 -10.76
N SER K 157 -44.94 5.90 -10.47
CA SER K 157 -43.70 5.96 -11.24
C SER K 157 -42.77 7.02 -10.65
N ILE K 158 -41.52 7.05 -11.10
CA ILE K 158 -40.70 8.23 -10.87
C ILE K 158 -41.39 9.44 -11.51
N LEU K 159 -42.10 9.20 -12.61
CA LEU K 159 -42.75 10.29 -13.33
C LEU K 159 -44.01 10.74 -12.62
N GLY K 160 -44.21 10.22 -11.42
CA GLY K 160 -45.18 10.75 -10.46
C GLY K 160 -44.60 11.86 -9.58
N SER K 161 -43.29 12.07 -9.63
CA SER K 161 -42.71 13.16 -8.85
C SER K 161 -41.78 14.06 -9.67
N VAL K 162 -41.37 13.55 -10.82
CA VAL K 162 -40.57 14.33 -11.76
C VAL K 162 -41.16 14.23 -13.16
N GLY K 163 -40.90 15.25 -13.99
CA GLY K 163 -41.29 15.23 -15.39
C GLY K 163 -40.27 14.50 -16.25
N PHE K 164 -40.47 14.56 -17.56
CA PHE K 164 -39.67 13.82 -18.55
C PHE K 164 -40.17 14.24 -19.93
N ALA K 165 -39.29 14.84 -20.73
CA ALA K 165 -39.65 15.47 -22.00
C ALA K 165 -40.37 14.53 -22.95
N GLY K 166 -41.52 14.95 -23.44
CA GLY K 166 -42.22 14.17 -24.45
C GLY K 166 -43.22 13.19 -23.90
N SER K 167 -43.37 13.15 -22.59
CA SER K 167 -44.41 12.30 -22.03
C SER K 167 -45.38 13.09 -21.16
N PRO K 168 -45.99 14.16 -21.71
CA PRO K 168 -46.82 14.97 -20.81
C PRO K 168 -47.99 14.18 -20.25
N ALA K 169 -48.66 13.37 -21.06
CA ALA K 169 -49.84 12.63 -20.59
C ALA K 169 -49.51 11.65 -19.46
N TYR K 170 -48.50 10.84 -19.68
CA TYR K 170 -48.09 9.85 -18.72
C TYR K 170 -47.66 10.46 -17.39
N VAL K 171 -46.97 11.60 -17.46
CA VAL K 171 -46.50 12.27 -16.27
C VAL K 171 -47.68 12.80 -15.47
N ALA K 172 -48.60 13.47 -16.17
CA ALA K 172 -49.83 13.95 -15.57
C ALA K 172 -50.53 12.86 -14.77
N ALA K 173 -50.86 11.76 -15.46
CA ALA K 173 -51.56 10.64 -14.85
C ALA K 173 -50.80 10.07 -13.65
N LYS K 174 -49.49 9.89 -13.80
CA LYS K 174 -48.70 9.35 -12.71
C LYS K 174 -48.66 10.28 -11.49
N HIS K 175 -48.56 11.59 -11.74
CA HIS K 175 -48.71 12.57 -10.66
C HIS K 175 -50.08 12.41 -10.01
N GLY K 176 -51.14 12.36 -10.82
CA GLY K 176 -52.49 12.14 -10.32
C GLY K 176 -52.62 10.93 -9.39
N VAL K 177 -51.96 9.85 -9.75
CA VAL K 177 -51.99 8.62 -8.94
C VAL K 177 -51.41 8.86 -7.52
N VAL K 178 -50.32 9.61 -7.45
CA VAL K 178 -49.73 9.96 -6.17
C VAL K 178 -50.72 10.76 -5.38
N GLY K 179 -51.33 11.72 -6.06
CA GLY K 179 -52.33 12.58 -5.47
C GLY K 179 -53.51 11.80 -4.91
N LEU K 180 -54.05 10.92 -5.74
CA LEU K 180 -55.11 10.00 -5.35
C LEU K 180 -54.77 9.26 -4.06
N THR K 181 -53.55 8.71 -4.03
CA THR K 181 -53.07 7.93 -2.90
C THR K 181 -53.15 8.73 -1.61
N LYS K 182 -52.69 9.97 -1.65
CA LYS K 182 -52.68 10.78 -0.43
C LYS K 182 -54.08 11.06 0.09
N ALA K 183 -54.96 11.49 -0.81
CA ALA K 183 -56.33 11.83 -0.42
C ALA K 183 -57.04 10.66 0.22
N ALA K 184 -56.89 9.49 -0.39
CA ALA K 184 -57.60 8.31 0.04
C ALA K 184 -57.05 7.79 1.36
N ALA K 185 -55.72 7.81 1.48
CA ALA K 185 -55.08 7.33 2.69
C ALA K 185 -55.48 8.16 3.89
N ALA K 186 -55.72 9.44 3.67
CA ALA K 186 -56.12 10.33 4.74
C ALA K 186 -57.53 10.01 5.17
N GLU K 187 -58.30 9.48 4.23
CA GLU K 187 -59.67 9.08 4.51
C GLU K 187 -59.70 7.77 5.32
N TYR K 188 -58.89 6.79 4.90
CA TYR K 188 -59.01 5.42 5.39
C TYR K 188 -58.01 4.92 6.43
N ALA K 189 -57.02 5.72 6.78
CA ALA K 189 -55.99 5.23 7.69
C ALA K 189 -56.58 4.87 9.05
N ALA K 190 -57.46 5.74 9.57
CA ALA K 190 -58.09 5.53 10.87
C ALA K 190 -59.14 4.42 10.84
N ARG K 191 -59.44 3.93 9.64
CA ARG K 191 -60.36 2.83 9.41
C ARG K 191 -59.64 1.52 9.05
N GLY K 192 -58.34 1.43 9.36
CA GLY K 192 -57.60 0.19 9.20
C GLY K 192 -57.24 -0.21 7.78
N ILE K 193 -57.41 0.70 6.83
CA ILE K 193 -57.02 0.42 5.45
C ILE K 193 -55.90 1.37 5.06
N ARG K 194 -54.72 0.81 4.81
CA ARG K 194 -53.57 1.63 4.45
C ARG K 194 -53.46 1.75 2.94
N ILE K 195 -53.09 2.95 2.49
CA ILE K 195 -52.99 3.23 1.06
C ILE K 195 -51.69 3.94 0.71
N ASN K 196 -50.86 3.26 -0.10
CA ASN K 196 -49.55 3.76 -0.46
C ASN K 196 -49.33 3.60 -1.94
N ALA K 197 -48.25 4.16 -2.43
CA ALA K 197 -47.94 4.11 -3.85
C ALA K 197 -46.46 3.87 -4.06
N VAL K 198 -46.12 3.20 -5.16
CA VAL K 198 -44.72 3.01 -5.53
C VAL K 198 -44.30 3.86 -6.73
N GLY K 199 -43.02 4.17 -6.80
CA GLY K 199 -42.52 4.92 -7.94
C GLY K 199 -41.29 4.26 -8.56
N PRO K 200 -41.50 3.22 -9.37
CA PRO K 200 -40.37 2.52 -9.98
C PRO K 200 -39.65 3.43 -10.95
N GLY K 201 -38.33 3.27 -11.05
CA GLY K 201 -37.57 3.90 -12.11
C GLY K 201 -37.85 3.09 -13.36
N PHE K 202 -37.06 3.27 -14.41
CA PHE K 202 -37.23 2.46 -15.62
C PHE K 202 -36.90 1.00 -15.31
N ILE K 203 -37.73 0.08 -15.80
CA ILE K 203 -37.57 -1.34 -15.54
C ILE K 203 -37.41 -2.13 -16.84
N ASP K 204 -36.56 -3.16 -16.83
CA ASP K 204 -36.42 -4.07 -17.99
C ASP K 204 -37.71 -4.78 -18.40
N THR K 205 -38.12 -4.57 -19.64
CA THR K 205 -39.28 -5.27 -20.18
C THR K 205 -38.84 -5.90 -21.51
N PRO K 206 -39.65 -6.83 -22.06
CA PRO K 206 -39.37 -7.33 -23.41
C PRO K 206 -39.29 -6.23 -24.47
N LEU K 207 -39.99 -5.11 -24.22
CA LEU K 207 -40.00 -3.97 -25.13
C LEU K 207 -38.70 -3.14 -25.10
N LEU K 208 -38.15 -2.94 -23.91
CA LEU K 208 -36.92 -2.14 -23.73
C LEU K 208 -35.68 -2.82 -24.31
N LYS K 209 -35.76 -4.14 -24.48
CA LYS K 209 -34.69 -4.90 -25.12
C LYS K 209 -34.48 -4.41 -26.56
N THR K 210 -35.57 -4.00 -27.19
CA THR K 210 -35.56 -3.50 -28.56
C THR K 210 -34.81 -2.18 -28.68
N MET K 211 -35.47 -1.10 -28.28
CA MET K 211 -35.01 0.29 -28.47
C MET K 211 -33.50 0.51 -28.57
N GLU K 212 -32.93 0.02 -29.67
CA GLU K 212 -31.49 0.12 -29.99
C GLU K 212 -30.50 -0.09 -28.84
N GLU K 213 -29.26 0.32 -29.05
CA GLU K 213 -28.22 0.16 -28.05
C GLU K 213 -27.99 1.49 -27.38
N ALA K 214 -28.07 2.55 -28.18
CA ALA K 214 -27.79 3.88 -27.68
C ALA K 214 -28.86 4.35 -26.71
N ALA K 215 -30.12 4.18 -27.10
CA ALA K 215 -31.25 4.70 -26.34
C ALA K 215 -31.30 4.06 -24.97
N TYR K 216 -31.04 2.75 -24.95
CA TYR K 216 -31.02 1.98 -23.73
C TYR K 216 -29.97 2.54 -22.76
N LYS K 217 -28.76 2.72 -23.27
CA LYS K 217 -27.66 3.21 -22.46
C LYS K 217 -27.91 4.61 -21.92
N GLY K 218 -28.67 5.41 -22.67
CA GLY K 218 -29.00 6.76 -22.23
C GLY K 218 -29.99 6.74 -21.09
N LEU K 219 -30.96 5.84 -21.20
CA LEU K 219 -31.86 5.53 -20.10
C LEU K 219 -31.02 5.07 -18.90
N VAL K 220 -30.11 4.12 -19.13
CA VAL K 220 -29.22 3.62 -18.09
C VAL K 220 -28.41 4.77 -17.46
N ALA K 221 -28.05 5.74 -18.29
CA ALA K 221 -27.31 6.93 -17.85
C ALA K 221 -28.09 7.71 -16.80
N LEU K 222 -29.42 7.68 -16.89
CA LEU K 222 -30.26 8.44 -15.95
C LEU K 222 -30.33 7.78 -14.57
N HIS K 223 -29.78 6.58 -14.44
CA HIS K 223 -29.84 5.86 -13.17
C HIS K 223 -28.45 5.69 -12.53
N PRO K 224 -28.17 6.44 -11.45
CA PRO K 224 -26.88 6.28 -10.74
C PRO K 224 -26.53 4.80 -10.39
N ALA K 225 -27.54 3.98 -10.12
CA ALA K 225 -27.28 2.55 -9.90
C ALA K 225 -26.64 1.83 -11.12
N GLY K 226 -26.57 2.53 -12.26
CA GLY K 226 -25.89 2.02 -13.44
C GLY K 226 -26.52 0.79 -14.11
N ARG K 227 -27.83 0.69 -14.00
CA ARG K 227 -28.60 -0.32 -14.73
C ARG K 227 -30.07 0.00 -14.58
N LEU K 228 -30.89 -0.74 -15.30
CA LEU K 228 -32.32 -0.62 -15.14
C LEU K 228 -32.75 -1.56 -14.02
N GLY K 229 -33.97 -1.41 -13.53
CA GLY K 229 -34.47 -2.28 -12.48
C GLY K 229 -35.08 -3.55 -13.05
N ARG K 230 -35.31 -4.53 -12.18
CA ARG K 230 -36.04 -5.72 -12.54
C ARG K 230 -37.38 -5.65 -11.85
N SER K 231 -38.40 -6.22 -12.47
CA SER K 231 -39.76 -6.02 -12.00
C SER K 231 -40.00 -6.76 -10.68
N ASP K 232 -39.29 -7.85 -10.49
CA ASP K 232 -39.33 -8.58 -9.23
C ASP K 232 -38.86 -7.70 -8.10
N GLU K 233 -37.97 -6.79 -8.42
CA GLU K 233 -37.45 -5.86 -7.44
C GLU K 233 -38.57 -4.88 -7.05
N VAL K 234 -39.37 -4.44 -8.02
CA VAL K 234 -40.50 -3.57 -7.71
C VAL K 234 -41.58 -4.30 -6.89
N ALA K 235 -41.79 -5.58 -7.19
CA ALA K 235 -42.73 -6.40 -6.43
C ALA K 235 -42.39 -6.52 -4.94
N GLU K 236 -41.11 -6.71 -4.60
CA GLU K 236 -40.73 -6.80 -3.20
C GLU K 236 -41.23 -5.61 -2.40
N LEU K 237 -41.01 -4.41 -2.94
CA LEU K 237 -41.42 -3.19 -2.28
C LEU K 237 -42.95 -3.08 -2.17
N ILE K 238 -43.64 -3.54 -3.21
CA ILE K 238 -45.12 -3.52 -3.24
C ILE K 238 -45.69 -4.42 -2.15
N VAL K 239 -45.18 -5.65 -2.09
CA VAL K 239 -45.62 -6.66 -1.14
C VAL K 239 -45.21 -6.29 0.28
N PHE K 240 -44.07 -5.65 0.43
CA PHE K 240 -43.73 -5.12 1.72
C PHE K 240 -44.80 -4.13 2.22
N LEU K 241 -45.17 -3.18 1.35
CA LEU K 241 -46.10 -2.11 1.72
C LEU K 241 -47.48 -2.65 2.09
N LEU K 242 -47.83 -3.80 1.53
CA LEU K 242 -49.13 -4.41 1.80
C LEU K 242 -49.14 -5.16 3.14
N SER K 243 -47.96 -5.56 3.60
CA SER K 243 -47.87 -6.44 4.75
C SER K 243 -48.04 -5.68 6.05
N ASP K 244 -48.45 -6.41 7.08
CA ASP K 244 -48.58 -5.88 8.45
C ASP K 244 -47.25 -5.36 9.01
N ARG K 245 -46.15 -5.69 8.36
CA ARG K 245 -44.85 -5.14 8.78
C ARG K 245 -44.86 -3.63 8.59
N ALA K 246 -45.57 -3.19 7.54
CA ALA K 246 -45.69 -1.78 7.16
C ALA K 246 -46.95 -1.13 7.75
N SER K 247 -47.31 -1.58 8.95
CA SER K 247 -48.55 -1.15 9.61
C SER K 247 -48.64 0.34 9.98
N PHE K 248 -47.53 1.07 9.95
CA PHE K 248 -47.60 2.52 10.17
C PHE K 248 -47.20 3.32 8.92
N VAL K 249 -47.20 2.66 7.77
CA VAL K 249 -46.97 3.33 6.50
C VAL K 249 -48.29 3.59 5.79
N ALA K 250 -48.65 4.86 5.68
CA ALA K 250 -49.86 5.21 4.98
C ALA K 250 -49.67 6.53 4.27
N GLY K 251 -50.26 6.63 3.09
CA GLY K 251 -50.34 7.88 2.37
C GLY K 251 -49.02 8.32 1.79
N SER K 252 -48.04 7.44 1.80
CA SER K 252 -46.70 7.79 1.32
C SER K 252 -46.34 7.17 -0.05
N TYR K 253 -45.41 7.83 -0.73
CA TYR K 253 -44.96 7.44 -2.06
C TYR K 253 -43.52 6.94 -1.98
N HIS K 254 -43.30 5.69 -2.40
CA HIS K 254 -42.04 5.00 -2.20
C HIS K 254 -41.31 4.70 -3.51
N LEU K 255 -40.15 5.33 -3.68
CA LEU K 255 -39.31 5.16 -4.85
C LEU K 255 -38.64 3.78 -4.86
N VAL K 256 -38.56 3.19 -6.05
CA VAL K 256 -37.69 2.05 -6.31
C VAL K 256 -37.01 2.30 -7.66
N ASP K 257 -36.13 3.30 -7.64
CA ASP K 257 -35.46 3.79 -8.83
C ASP K 257 -33.97 3.65 -8.66
N GLY K 258 -33.18 3.91 -9.67
CA GLY K 258 -31.75 3.70 -9.48
C GLY K 258 -31.08 4.83 -8.72
N ALA K 259 -31.83 5.45 -7.81
CA ALA K 259 -31.55 6.80 -7.33
C ALA K 259 -31.73 7.83 -8.46
N TYR K 260 -32.66 7.54 -9.38
CA TYR K 260 -33.01 8.43 -10.47
C TYR K 260 -33.39 9.83 -9.98
N THR K 261 -34.38 9.89 -9.09
CA THR K 261 -34.94 11.15 -8.61
C THR K 261 -34.07 11.77 -7.51
N ALA K 262 -33.00 11.08 -7.14
CA ALA K 262 -32.11 11.60 -6.11
C ALA K 262 -31.18 12.72 -6.57
N VAL K 263 -30.95 12.84 -7.88
CA VAL K 263 -30.17 13.95 -8.44
C VAL K 263 -30.94 14.74 -9.51
N GLY L 12 -40.44 49.83 -15.72
CA GLY L 12 -41.68 50.60 -15.72
C GLY L 12 -42.91 49.75 -15.42
N TYR L 13 -43.48 49.93 -14.23
CA TYR L 13 -44.60 49.11 -13.74
C TYR L 13 -45.78 48.98 -14.71
N ALA L 14 -46.18 50.09 -15.31
CA ALA L 14 -47.32 50.09 -16.21
C ALA L 14 -47.00 49.67 -17.64
N ALA L 15 -45.74 49.35 -17.92
CA ALA L 15 -45.35 48.98 -19.28
C ALA L 15 -44.55 47.67 -19.33
N GLU L 16 -44.46 47.01 -18.16
CA GLU L 16 -43.80 45.71 -18.02
C GLU L 16 -44.27 44.72 -19.07
N PHE L 17 -45.54 44.80 -19.42
CA PHE L 17 -46.15 43.90 -20.38
C PHE L 17 -46.70 44.63 -21.60
N ALA L 18 -46.19 45.82 -21.86
CA ALA L 18 -46.61 46.58 -23.04
C ALA L 18 -46.33 45.81 -24.32
N GLY L 19 -47.30 45.77 -25.21
CA GLY L 19 -47.13 45.13 -26.50
C GLY L 19 -47.38 43.63 -26.45
N ARG L 20 -47.42 43.07 -25.25
CA ARG L 20 -47.58 41.63 -25.13
C ARG L 20 -49.05 41.23 -24.98
N THR L 21 -49.38 40.06 -25.51
CA THR L 21 -50.75 39.53 -25.49
C THR L 21 -50.88 38.33 -24.55
N ALA L 22 -51.79 38.43 -23.58
CA ALA L 22 -51.97 37.35 -22.62
C ALA L 22 -53.38 36.75 -22.67
N LEU L 23 -53.44 35.43 -22.55
CA LEU L 23 -54.69 34.70 -22.46
C LEU L 23 -54.90 34.19 -21.02
N VAL L 24 -56.12 34.33 -20.51
CA VAL L 24 -56.46 33.87 -19.16
C VAL L 24 -57.77 33.08 -19.16
N THR L 25 -57.68 31.79 -18.87
CA THR L 25 -58.84 30.93 -18.87
C THR L 25 -59.56 31.09 -17.54
N GLY L 26 -60.89 30.98 -17.54
CA GLY L 26 -61.66 31.24 -16.34
C GLY L 26 -61.40 32.63 -15.76
N ALA L 27 -61.49 33.65 -16.61
CA ALA L 27 -61.09 34.99 -16.21
C ALA L 27 -62.23 35.82 -15.65
N ALA L 28 -63.44 35.26 -15.66
CA ALA L 28 -64.63 36.02 -15.30
C ALA L 28 -64.75 36.33 -13.79
N SER L 29 -64.00 35.59 -12.97
CA SER L 29 -64.00 35.85 -11.52
C SER L 29 -62.81 35.24 -10.79
N GLY L 30 -62.84 35.35 -9.47
CA GLY L 30 -61.81 34.80 -8.59
C GLY L 30 -60.36 35.17 -8.92
N ILE L 31 -59.49 34.18 -8.87
CA ILE L 31 -58.06 34.35 -9.16
C ILE L 31 -57.85 34.79 -10.61
N GLY L 32 -58.63 34.24 -11.53
CA GLY L 32 -58.55 34.58 -12.94
C GLY L 32 -58.81 36.06 -13.18
N LEU L 33 -59.84 36.57 -12.50
CA LEU L 33 -60.20 37.98 -12.65
C LEU L 33 -59.11 38.90 -12.11
N ALA L 34 -58.56 38.56 -10.96
CA ALA L 34 -57.50 39.37 -10.36
C ALA L 34 -56.25 39.35 -11.26
N THR L 35 -56.04 38.22 -11.90
CA THR L 35 -54.94 38.09 -12.82
C THR L 35 -55.13 38.96 -14.08
N ALA L 36 -56.34 38.97 -14.63
CA ALA L 36 -56.60 39.83 -15.77
C ALA L 36 -56.30 41.28 -15.39
N ARG L 37 -56.77 41.69 -14.21
CA ARG L 37 -56.60 43.06 -13.77
C ARG L 37 -55.15 43.46 -13.49
N ARG L 38 -54.36 42.52 -12.97
CA ARG L 38 -52.97 42.82 -12.63
C ARG L 38 -52.14 42.82 -13.88
N LEU L 39 -52.47 41.91 -14.79
CA LEU L 39 -51.86 41.85 -16.10
C LEU L 39 -52.18 43.16 -16.85
N GLY L 40 -53.42 43.60 -16.69
CA GLY L 40 -53.89 44.81 -17.37
C GLY L 40 -53.27 46.05 -16.79
N ALA L 41 -52.97 46.01 -15.48
CA ALA L 41 -52.36 47.14 -14.79
C ALA L 41 -50.87 47.29 -15.16
N GLY L 42 -50.32 46.30 -15.86
CA GLY L 42 -48.93 46.36 -16.32
C GLY L 42 -48.82 46.55 -17.82
N GLY L 43 -49.96 46.79 -18.46
CA GLY L 43 -49.99 47.16 -19.86
C GLY L 43 -50.27 46.06 -20.86
N ALA L 44 -50.60 44.87 -20.35
CA ALA L 44 -50.80 43.73 -21.22
C ALA L 44 -52.05 43.90 -22.07
N ARG L 45 -52.05 43.28 -23.24
CA ARG L 45 -53.29 43.02 -23.97
C ARG L 45 -53.91 41.74 -23.42
N VAL L 46 -55.12 41.83 -22.87
CA VAL L 46 -55.73 40.70 -22.16
C VAL L 46 -56.97 40.11 -22.84
N VAL L 47 -56.91 38.81 -23.12
CA VAL L 47 -58.04 38.06 -23.60
C VAL L 47 -58.76 37.40 -22.40
N VAL L 48 -60.02 37.77 -22.19
CA VAL L 48 -60.78 37.30 -21.03
C VAL L 48 -61.67 36.14 -21.44
N ALA L 49 -61.19 34.93 -21.18
CA ALA L 49 -61.82 33.71 -21.67
C ALA L 49 -62.45 32.90 -20.54
N ASP L 50 -63.70 32.52 -20.73
CA ASP L 50 -64.45 31.90 -19.65
C ASP L 50 -65.68 31.21 -20.16
N PHE L 51 -66.08 30.15 -19.45
CA PHE L 51 -67.26 29.38 -19.78
C PHE L 51 -68.51 30.26 -19.69
N ASN L 52 -68.50 31.16 -18.72
CA ASN L 52 -69.56 32.13 -18.50
C ASN L 52 -69.38 33.33 -19.42
N ALA L 53 -69.96 33.27 -20.62
CA ALA L 53 -69.78 34.33 -21.64
C ALA L 53 -70.19 35.74 -21.18
N GLU L 54 -71.27 35.80 -20.40
CA GLU L 54 -71.78 37.07 -19.91
C GLU L 54 -70.84 37.66 -18.85
N GLY L 55 -70.11 36.78 -18.16
CA GLY L 55 -69.15 37.20 -17.15
C GLY L 55 -67.80 37.52 -17.77
N ALA L 56 -67.54 36.90 -18.91
CA ALA L 56 -66.36 37.23 -19.71
C ALA L 56 -66.50 38.65 -20.25
N GLU L 57 -67.66 38.92 -20.84
CA GLU L 57 -67.92 40.22 -21.47
C GLU L 57 -67.90 41.36 -20.44
N LYS L 58 -68.50 41.12 -19.28
CA LYS L 58 -68.52 42.11 -18.21
C LYS L 58 -67.12 42.53 -17.75
N ALA L 59 -66.20 41.57 -17.64
CA ALA L 59 -64.87 41.86 -17.09
C ALA L 59 -63.97 42.53 -18.12
N ALA L 60 -64.13 42.16 -19.39
CA ALA L 60 -63.36 42.76 -20.47
C ALA L 60 -63.81 44.18 -20.73
N ALA L 61 -65.12 44.40 -20.65
CA ALA L 61 -65.68 45.74 -20.72
C ALA L 61 -65.15 46.62 -19.58
N GLU L 62 -65.14 46.09 -18.36
CA GLU L 62 -64.61 46.83 -17.21
C GLU L 62 -63.12 47.12 -17.34
N LEU L 63 -62.39 46.24 -18.01
CA LEU L 63 -60.98 46.50 -18.26
C LEU L 63 -60.86 47.67 -19.22
N ARG L 64 -61.63 47.61 -20.30
CA ARG L 64 -61.61 48.64 -21.34
C ARG L 64 -61.97 50.01 -20.78
N ALA L 65 -62.91 50.02 -19.84
CA ALA L 65 -63.32 51.25 -19.18
C ALA L 65 -62.13 51.84 -18.45
N GLY L 66 -61.24 50.95 -17.99
CA GLY L 66 -60.02 51.34 -17.32
C GLY L 66 -58.83 51.50 -18.24
N GLY L 67 -59.09 51.71 -19.54
CA GLY L 67 -58.04 52.01 -20.49
C GLY L 67 -57.17 50.82 -20.90
N VAL L 68 -57.59 49.62 -20.52
CA VAL L 68 -56.84 48.40 -20.87
C VAL L 68 -57.45 47.82 -22.14
N GLU L 69 -56.62 47.33 -23.05
CA GLU L 69 -57.12 46.61 -24.23
C GLU L 69 -57.55 45.20 -23.85
N ALA L 70 -58.82 44.89 -24.07
CA ALA L 70 -59.38 43.63 -23.61
C ALA L 70 -60.46 43.13 -24.54
N ALA L 71 -60.50 41.82 -24.78
CA ALA L 71 -61.58 41.21 -25.55
C ALA L 71 -61.99 39.88 -24.92
N ALA L 72 -63.29 39.70 -24.77
CA ALA L 72 -63.83 38.50 -24.13
C ALA L 72 -64.08 37.39 -25.15
N VAL L 73 -63.80 36.15 -24.76
CA VAL L 73 -64.18 35.02 -25.61
C VAL L 73 -64.74 33.86 -24.79
N GLU L 74 -65.93 33.39 -25.20
CA GLU L 74 -66.59 32.24 -24.59
C GLU L 74 -65.75 31.02 -24.86
N LEU L 75 -65.41 30.29 -23.79
CA LEU L 75 -64.47 29.16 -23.84
C LEU L 75 -64.84 28.06 -22.85
N ASP L 76 -64.78 26.82 -23.31
CA ASP L 76 -64.94 25.67 -22.40
C ASP L 76 -63.69 24.80 -22.46
N VAL L 77 -62.90 24.81 -21.39
CA VAL L 77 -61.59 24.15 -21.41
C VAL L 77 -61.69 22.64 -21.55
N THR L 78 -62.91 22.13 -21.37
CA THR L 78 -63.16 20.70 -21.42
C THR L 78 -63.32 20.20 -22.87
N ARG L 79 -63.39 21.13 -23.80
CA ARG L 79 -63.51 20.78 -25.21
C ARG L 79 -62.32 21.30 -26.00
N PRO L 80 -61.51 20.39 -26.53
CA PRO L 80 -60.32 20.81 -27.29
C PRO L 80 -60.65 21.76 -28.45
N GLU L 81 -61.75 21.52 -29.15
CA GLU L 81 -62.14 22.37 -30.27
C GLU L 81 -62.40 23.83 -29.83
N SER L 82 -62.98 23.99 -28.64
CA SER L 82 -63.29 25.29 -28.05
C SER L 82 -62.03 26.03 -27.59
N VAL L 83 -61.08 25.26 -27.05
CA VAL L 83 -59.81 25.81 -26.57
C VAL L 83 -58.99 26.27 -27.75
N GLU L 84 -59.04 25.48 -28.82
CA GLU L 84 -58.28 25.81 -30.01
C GLU L 84 -58.76 27.12 -30.65
N ALA L 85 -60.08 27.32 -30.70
CA ALA L 85 -60.65 28.56 -31.24
C ALA L 85 -60.41 29.76 -30.31
N ALA L 86 -60.29 29.49 -29.01
CA ALA L 86 -59.98 30.54 -28.04
C ALA L 86 -58.60 31.14 -28.29
N VAL L 87 -57.61 30.27 -28.51
CA VAL L 87 -56.27 30.76 -28.77
C VAL L 87 -56.23 31.44 -30.14
N GLY L 88 -56.97 30.90 -31.09
CA GLY L 88 -57.05 31.50 -32.42
C GLY L 88 -57.68 32.87 -32.34
N PHE L 89 -58.66 33.02 -31.45
CA PHE L 89 -59.30 34.31 -31.24
C PHE L 89 -58.28 35.29 -30.70
N ALA L 90 -57.42 34.82 -29.80
CA ALA L 90 -56.38 35.66 -29.21
C ALA L 90 -55.42 36.19 -30.26
N VAL L 91 -55.08 35.37 -31.23
CA VAL L 91 -54.09 35.75 -32.23
C VAL L 91 -54.70 36.68 -33.29
N ASP L 92 -55.92 36.36 -33.74
CA ASP L 92 -56.63 37.20 -34.69
C ASP L 92 -57.00 38.55 -34.07
N THR L 93 -57.32 38.54 -32.79
CA THR L 93 -57.69 39.79 -32.11
C THR L 93 -56.50 40.70 -31.87
N PHE L 94 -55.42 40.15 -31.33
CA PHE L 94 -54.31 41.00 -30.91
C PHE L 94 -52.99 40.70 -31.62
N GLY L 95 -53.04 39.84 -32.62
CA GLY L 95 -51.91 39.64 -33.50
C GLY L 95 -50.95 38.53 -33.12
N SER L 96 -50.99 38.15 -31.85
CA SER L 96 -50.03 37.18 -31.31
C SER L 96 -50.49 36.69 -29.94
N LEU L 97 -49.81 35.68 -29.41
CA LEU L 97 -50.02 35.20 -28.06
C LEU L 97 -48.66 35.10 -27.39
N ASP L 98 -48.50 35.80 -26.27
CA ASP L 98 -47.22 35.90 -25.55
C ASP L 98 -47.23 35.19 -24.22
N LEU L 99 -48.37 35.27 -23.54
CA LEU L 99 -48.47 34.84 -22.17
C LEU L 99 -49.82 34.13 -21.95
N ALA L 100 -49.83 33.11 -21.09
CA ALA L 100 -51.03 32.32 -20.85
C ALA L 100 -51.13 31.85 -19.40
N VAL L 101 -52.25 32.18 -18.76
CA VAL L 101 -52.57 31.72 -17.43
C VAL L 101 -53.73 30.75 -17.47
N ASN L 102 -53.43 29.46 -17.28
CA ASN L 102 -54.43 28.41 -17.30
C ASN L 102 -55.04 28.21 -15.91
N ASN L 103 -56.17 28.88 -15.71
CA ASN L 103 -56.76 29.08 -14.40
C ASN L 103 -58.19 28.53 -14.26
N ALA L 104 -58.86 28.25 -15.38
CA ALA L 104 -60.22 27.73 -15.34
C ALA L 104 -60.28 26.43 -14.52
N GLY L 105 -61.14 26.39 -13.52
CA GLY L 105 -61.22 25.21 -12.69
C GLY L 105 -62.47 25.15 -11.84
N ILE L 106 -62.78 23.93 -11.39
CA ILE L 106 -63.82 23.64 -10.40
C ILE L 106 -63.04 22.85 -9.32
N GLY L 107 -63.61 22.49 -8.17
CA GLY L 107 -65.00 22.22 -7.92
C GLY L 107 -64.92 20.92 -7.16
N GLY L 108 -65.73 19.94 -7.53
CA GLY L 108 -65.65 18.66 -6.84
C GLY L 108 -66.35 18.58 -5.50
N PRO L 109 -67.43 17.81 -5.43
CA PRO L 109 -68.08 17.60 -4.14
C PRO L 109 -67.24 16.70 -3.23
N SER L 110 -67.65 16.60 -1.98
CA SER L 110 -66.83 15.96 -0.98
C SER L 110 -67.40 14.58 -0.63
N ALA L 111 -66.52 13.56 -0.57
CA ALA L 111 -66.90 12.17 -0.25
C ALA L 111 -65.67 11.24 -0.16
N PRO L 112 -65.77 10.15 0.65
CA PRO L 112 -64.69 9.15 0.75
C PRO L 112 -64.41 8.60 -0.64
N THR L 113 -63.17 8.22 -0.96
CA THR L 113 -62.85 7.69 -2.27
C THR L 113 -63.75 6.50 -2.58
N GLY L 114 -63.98 5.67 -1.56
CA GLY L 114 -64.75 4.44 -1.72
C GLY L 114 -66.26 4.62 -1.91
N GLU L 115 -66.72 5.87 -1.87
CA GLU L 115 -68.12 6.15 -2.03
C GLU L 115 -68.34 7.24 -3.06
N TYR L 116 -67.25 7.68 -3.70
CA TYR L 116 -67.25 8.84 -4.60
C TYR L 116 -68.08 8.72 -5.90
N ASP L 117 -68.86 9.76 -6.20
CA ASP L 117 -69.60 9.85 -7.46
C ASP L 117 -68.68 9.78 -8.68
N VAL L 118 -68.85 8.71 -9.44
CA VAL L 118 -68.06 8.45 -10.63
C VAL L 118 -68.12 9.59 -11.67
N ALA L 119 -69.31 10.14 -11.86
CA ALA L 119 -69.51 11.24 -12.81
C ALA L 119 -68.88 12.53 -12.29
N ALA L 120 -69.04 12.79 -11.00
CA ALA L 120 -68.45 14.00 -10.39
C ALA L 120 -66.91 13.97 -10.47
N TYR L 121 -66.31 12.83 -10.16
CA TYR L 121 -64.88 12.60 -10.40
C TYR L 121 -64.52 13.04 -11.80
N GLN L 122 -65.39 12.71 -12.76
CA GLN L 122 -65.11 12.97 -14.18
C GLN L 122 -65.15 14.45 -14.55
N ARG L 123 -66.18 15.16 -14.10
CA ARG L 123 -66.28 16.58 -14.44
C ARG L 123 -65.08 17.33 -13.88
N VAL L 124 -64.66 16.94 -12.68
CA VAL L 124 -63.54 17.59 -12.01
C VAL L 124 -62.24 17.40 -12.77
N VAL L 125 -61.94 16.15 -13.10
CA VAL L 125 -60.70 15.82 -13.80
C VAL L 125 -60.72 16.35 -15.25
N ARG L 126 -61.88 16.30 -15.92
CA ARG L 126 -62.01 16.87 -17.27
C ARG L 126 -61.72 18.37 -17.31
N THR L 127 -62.17 19.11 -16.30
CA THR L 127 -61.95 20.55 -16.32
C THR L 127 -60.53 20.89 -15.86
N ASN L 128 -60.17 20.41 -14.66
CA ASN L 128 -58.95 20.81 -13.99
C ASN L 128 -57.65 20.31 -14.61
N LEU L 129 -57.69 19.09 -15.13
CA LEU L 129 -56.51 18.46 -15.71
C LEU L 129 -56.49 18.47 -17.23
N ASP L 130 -57.49 17.84 -17.84
CA ASP L 130 -57.59 17.79 -19.30
C ASP L 130 -57.57 19.22 -19.81
N GLY L 131 -58.33 20.07 -19.14
CA GLY L 131 -58.45 21.47 -19.49
C GLY L 131 -57.09 22.12 -19.58
N VAL L 132 -56.25 21.89 -18.57
CA VAL L 132 -54.89 22.44 -18.60
C VAL L 132 -54.06 21.85 -19.72
N PHE L 133 -54.18 20.55 -19.95
CA PHE L 133 -53.46 19.99 -21.09
C PHE L 133 -53.94 20.61 -22.42
N TYR L 134 -55.25 20.64 -22.67
CA TYR L 134 -55.78 21.20 -23.91
C TYR L 134 -55.37 22.67 -24.09
N SER L 135 -55.31 23.42 -22.99
CA SER L 135 -54.87 24.82 -23.06
C SER L 135 -53.42 24.93 -23.55
N MET L 136 -52.51 24.18 -22.92
CA MET L 136 -51.13 24.19 -23.37
C MET L 136 -50.99 23.61 -24.78
N ARG L 137 -51.75 22.54 -25.05
CA ARG L 137 -51.74 21.90 -26.37
C ARG L 137 -51.95 22.90 -27.50
N TYR L 138 -52.82 23.87 -27.31
CA TYR L 138 -53.01 24.87 -28.35
C TYR L 138 -52.25 26.18 -28.13
N GLU L 139 -51.95 26.51 -26.88
CA GLU L 139 -51.18 27.72 -26.57
C GLU L 139 -49.75 27.63 -27.06
N LEU L 140 -49.08 26.55 -26.71
CA LEU L 140 -47.69 26.31 -27.05
C LEU L 140 -47.36 26.63 -28.52
N PRO L 141 -48.10 26.07 -29.49
CA PRO L 141 -47.70 26.40 -30.86
C PRO L 141 -47.90 27.88 -31.23
N ALA L 142 -48.91 28.53 -30.68
CA ALA L 142 -49.15 29.95 -30.97
C ALA L 142 -48.07 30.86 -30.40
N ILE L 143 -47.58 30.51 -29.23
CA ILE L 143 -46.48 31.23 -28.60
C ILE L 143 -45.20 30.99 -29.40
N GLU L 144 -44.93 29.71 -29.70
CA GLU L 144 -43.76 29.30 -30.45
C GLU L 144 -43.70 29.92 -31.84
N ALA L 145 -44.88 30.19 -32.41
CA ALA L 145 -44.99 30.81 -33.72
C ALA L 145 -44.78 32.32 -33.73
N ALA L 146 -44.49 32.90 -32.56
CA ALA L 146 -44.34 34.36 -32.47
C ALA L 146 -43.16 34.93 -33.28
N GLY L 147 -41.93 34.44 -33.08
CA GLY L 147 -41.53 33.52 -32.04
C GLY L 147 -40.59 34.24 -31.10
N LYS L 148 -41.17 35.01 -30.18
CA LYS L 148 -40.39 35.84 -29.26
C LYS L 148 -40.26 35.15 -27.90
N GLY L 149 -40.47 33.83 -27.88
CA GLY L 149 -40.58 33.12 -26.63
C GLY L 149 -41.88 33.46 -25.93
N GLY L 150 -42.00 33.10 -24.66
CA GLY L 150 -43.22 33.35 -23.93
C GLY L 150 -43.21 32.66 -22.58
N SER L 151 -44.23 32.93 -21.78
CA SER L 151 -44.33 32.29 -20.48
C SER L 151 -45.75 31.78 -20.24
N ILE L 152 -45.84 30.55 -19.71
CA ILE L 152 -47.11 29.96 -19.30
C ILE L 152 -47.15 29.66 -17.81
N VAL L 153 -48.21 30.12 -17.14
CA VAL L 153 -48.47 29.70 -15.75
C VAL L 153 -49.74 28.86 -15.64
N ASN L 154 -49.59 27.67 -15.07
CA ASN L 154 -50.73 26.82 -14.75
C ASN L 154 -51.09 27.00 -13.30
N VAL L 155 -52.38 27.15 -13.01
CA VAL L 155 -52.79 27.26 -11.61
C VAL L 155 -53.08 25.86 -11.04
N ALA L 156 -52.21 25.41 -10.14
CA ALA L 156 -52.46 24.16 -9.44
C ALA L 156 -53.20 24.46 -8.14
N SER L 157 -52.64 24.00 -7.02
CA SER L 157 -53.19 24.24 -5.69
C SER L 157 -52.17 23.73 -4.68
N ILE L 158 -52.41 23.95 -3.39
CA ILE L 158 -51.69 23.16 -2.40
C ILE L 158 -52.03 21.69 -2.62
N LEU L 159 -53.26 21.43 -3.06
CA LEU L 159 -53.75 20.07 -3.25
C LEU L 159 -53.15 19.43 -4.49
N GLY L 160 -52.11 20.07 -5.00
CA GLY L 160 -51.28 19.54 -6.06
C GLY L 160 -50.00 18.95 -5.48
N SER L 161 -49.81 19.09 -4.17
CA SER L 161 -48.65 18.46 -3.55
C SER L 161 -48.96 17.76 -2.21
N VAL L 162 -50.18 17.92 -1.72
CA VAL L 162 -50.61 17.20 -0.54
C VAL L 162 -52.06 16.76 -0.78
N GLY L 163 -52.51 15.78 0.00
CA GLY L 163 -53.85 15.27 -0.14
C GLY L 163 -54.83 16.02 0.74
N PHE L 164 -56.11 15.69 0.59
CA PHE L 164 -57.19 16.30 1.35
C PHE L 164 -58.36 15.30 1.37
N ALA L 165 -58.73 14.85 2.56
CA ALA L 165 -59.79 13.85 2.74
C ALA L 165 -61.13 14.29 2.13
N GLY L 166 -61.74 13.42 1.35
CA GLY L 166 -63.05 13.70 0.80
C GLY L 166 -62.95 14.35 -0.56
N SER L 167 -61.73 14.72 -0.94
CA SER L 167 -61.53 15.34 -2.24
C SER L 167 -60.57 14.61 -3.19
N PRO L 168 -60.74 13.28 -3.35
CA PRO L 168 -59.79 12.55 -4.20
C PRO L 168 -59.63 13.10 -5.65
N ALA L 169 -60.72 13.33 -6.37
CA ALA L 169 -60.65 13.78 -7.76
C ALA L 169 -59.89 15.10 -7.91
N TYR L 170 -60.19 16.05 -7.03
CA TYR L 170 -59.56 17.35 -7.05
C TYR L 170 -58.05 17.29 -6.77
N VAL L 171 -57.63 16.47 -5.81
CA VAL L 171 -56.21 16.32 -5.50
C VAL L 171 -55.44 15.68 -6.68
N ALA L 172 -56.06 14.70 -7.32
CA ALA L 172 -55.42 13.96 -8.39
C ALA L 172 -55.15 14.89 -9.56
N ALA L 173 -56.18 15.65 -9.92
CA ALA L 173 -56.11 16.58 -11.04
C ALA L 173 -55.07 17.66 -10.79
N LYS L 174 -55.13 18.29 -9.63
CA LYS L 174 -54.18 19.34 -9.27
C LYS L 174 -52.74 18.79 -9.29
N HIS L 175 -52.56 17.61 -8.71
CA HIS L 175 -51.29 16.90 -8.80
C HIS L 175 -50.91 16.71 -10.24
N GLY L 176 -51.90 16.42 -11.08
CA GLY L 176 -51.68 16.18 -12.49
C GLY L 176 -51.19 17.43 -13.19
N VAL L 177 -51.78 18.57 -12.80
CA VAL L 177 -51.38 19.87 -13.33
C VAL L 177 -49.91 20.12 -13.01
N VAL L 178 -49.49 19.75 -11.82
CA VAL L 178 -48.07 19.90 -11.48
C VAL L 178 -47.19 19.09 -12.41
N GLY L 179 -47.58 17.85 -12.70
CA GLY L 179 -46.82 16.97 -13.58
C GLY L 179 -46.72 17.50 -15.00
N LEU L 180 -47.88 17.87 -15.55
CA LEU L 180 -48.01 18.47 -16.86
C LEU L 180 -47.01 19.61 -16.96
N THR L 181 -47.02 20.47 -15.93
CA THR L 181 -46.08 21.58 -15.85
C THR L 181 -44.62 21.16 -16.01
N LYS L 182 -44.19 20.15 -15.28
CA LYS L 182 -42.76 19.76 -15.30
C LYS L 182 -42.39 19.16 -16.64
N ALA L 183 -43.32 18.38 -17.20
CA ALA L 183 -43.13 17.75 -18.50
C ALA L 183 -42.94 18.79 -19.61
N ALA L 184 -43.94 19.65 -19.77
CA ALA L 184 -43.94 20.64 -20.82
C ALA L 184 -42.76 21.60 -20.68
N ALA L 185 -42.48 22.01 -19.45
CA ALA L 185 -41.39 22.93 -19.18
C ALA L 185 -40.06 22.39 -19.68
N ALA L 186 -39.79 21.12 -19.40
CA ALA L 186 -38.55 20.50 -19.86
C ALA L 186 -38.49 20.45 -21.39
N GLU L 187 -39.66 20.45 -22.02
CA GLU L 187 -39.71 20.38 -23.47
C GLU L 187 -39.44 21.73 -24.13
N TYR L 188 -39.87 22.81 -23.49
CA TYR L 188 -39.89 24.10 -24.17
C TYR L 188 -38.93 25.13 -23.61
N ALA L 189 -38.24 24.79 -22.52
CA ALA L 189 -37.30 25.72 -21.89
C ALA L 189 -36.16 26.16 -22.82
N ALA L 190 -35.64 25.25 -23.65
CA ALA L 190 -34.64 25.62 -24.64
C ALA L 190 -35.17 26.61 -25.69
N ARG L 191 -36.47 26.56 -25.95
CA ARG L 191 -37.07 27.43 -26.97
C ARG L 191 -37.53 28.78 -26.42
N GLY L 192 -37.17 29.10 -25.18
CA GLY L 192 -37.57 30.38 -24.62
C GLY L 192 -39.03 30.45 -24.18
N ILE L 193 -39.67 29.28 -24.00
CA ILE L 193 -40.98 29.26 -23.35
C ILE L 193 -40.91 28.70 -21.93
N ARG L 194 -41.01 29.59 -20.93
CA ARG L 194 -40.98 29.19 -19.52
C ARG L 194 -42.36 28.74 -19.05
N ILE L 195 -42.42 27.64 -18.32
CA ILE L 195 -43.70 27.06 -17.93
C ILE L 195 -43.67 26.67 -16.47
N ASN L 196 -44.45 27.37 -15.65
CA ASN L 196 -44.43 27.16 -14.22
C ASN L 196 -45.81 27.00 -13.60
N ALA L 197 -45.86 26.54 -12.36
CA ALA L 197 -47.15 26.46 -11.69
C ALA L 197 -47.19 27.24 -10.39
N VAL L 198 -48.38 27.74 -10.06
CA VAL L 198 -48.64 28.24 -8.71
C VAL L 198 -49.50 27.23 -7.93
N GLY L 199 -49.29 27.19 -6.62
CA GLY L 199 -50.11 26.37 -5.76
C GLY L 199 -50.61 27.21 -4.59
N PRO L 200 -51.74 27.87 -4.77
CA PRO L 200 -52.26 28.68 -3.66
C PRO L 200 -52.99 27.89 -2.58
N GLY L 201 -52.96 28.44 -1.37
CA GLY L 201 -53.73 27.91 -0.26
C GLY L 201 -55.20 28.24 -0.46
N PHE L 202 -55.99 28.02 0.57
CA PHE L 202 -57.40 28.37 0.47
C PHE L 202 -57.52 29.90 0.34
N ILE L 203 -58.34 30.32 -0.63
CA ILE L 203 -58.20 31.64 -1.23
C ILE L 203 -59.26 32.68 -0.86
N ASP L 204 -60.32 32.26 -0.18
CA ASP L 204 -61.26 33.20 0.45
C ASP L 204 -62.18 33.90 -0.57
N THR L 205 -63.48 33.91 -0.26
CA THR L 205 -64.51 34.43 -1.16
C THR L 205 -64.34 35.91 -1.47
N GLU L 212 -70.14 28.51 6.37
CA GLU L 212 -70.35 28.34 7.80
C GLU L 212 -69.61 29.42 8.57
N GLU L 213 -69.00 29.02 9.69
CA GLU L 213 -68.27 29.94 10.55
C GLU L 213 -67.20 29.18 11.33
N ALA L 214 -67.58 28.02 11.85
CA ALA L 214 -66.64 27.14 12.52
C ALA L 214 -65.76 26.47 11.46
N ALA L 215 -66.35 26.19 10.32
CA ALA L 215 -65.65 25.59 9.22
C ALA L 215 -64.60 26.58 8.70
N TYR L 216 -64.98 27.85 8.62
CA TYR L 216 -64.04 28.90 8.21
C TYR L 216 -62.84 28.96 9.16
N LYS L 217 -63.12 29.00 10.46
CA LYS L 217 -62.07 29.00 11.47
C LYS L 217 -61.31 27.68 11.52
N GLY L 218 -61.86 26.63 10.90
CA GLY L 218 -61.12 25.39 10.71
C GLY L 218 -60.14 25.49 9.55
N LEU L 219 -60.60 26.06 8.45
CA LEU L 219 -59.75 26.29 7.29
C LEU L 219 -58.58 27.17 7.69
N VAL L 220 -58.89 28.29 8.33
CA VAL L 220 -57.86 29.20 8.81
C VAL L 220 -56.80 28.49 9.67
N ALA L 221 -57.25 27.68 10.64
CA ALA L 221 -56.31 26.97 11.52
C ALA L 221 -55.39 26.00 10.81
N LEU L 222 -55.58 25.84 9.50
CA LEU L 222 -54.68 25.04 8.69
C LEU L 222 -53.59 25.89 8.01
N HIS L 223 -53.75 27.21 8.06
CA HIS L 223 -52.73 28.10 7.53
C HIS L 223 -51.98 28.79 8.66
N PRO L 224 -50.70 28.45 8.85
CA PRO L 224 -49.90 29.10 9.88
C PRO L 224 -49.98 30.64 9.87
N ALA L 225 -50.22 31.24 8.71
CA ALA L 225 -50.41 32.68 8.62
C ALA L 225 -51.67 33.19 9.32
N GLY L 226 -52.52 32.28 9.77
CA GLY L 226 -53.69 32.62 10.57
C GLY L 226 -54.79 33.30 9.78
N ARG L 227 -54.74 33.18 8.47
CA ARG L 227 -55.74 33.77 7.59
C ARG L 227 -55.76 33.06 6.25
N LEU L 228 -56.83 33.28 5.49
CA LEU L 228 -56.92 32.84 4.10
C LEU L 228 -56.30 33.88 3.15
N GLY L 229 -56.00 33.45 1.94
CA GLY L 229 -55.31 34.31 0.99
C GLY L 229 -56.33 35.14 0.24
N ARG L 230 -55.85 36.02 -0.63
CA ARG L 230 -56.74 36.83 -1.43
C ARG L 230 -56.36 36.65 -2.88
N SER L 231 -57.36 36.59 -3.75
CA SER L 231 -57.17 36.48 -5.19
C SER L 231 -56.03 37.35 -5.71
N ASP L 232 -55.97 38.61 -5.23
CA ASP L 232 -54.90 39.62 -5.52
C ASP L 232 -53.54 39.08 -5.29
N GLU L 233 -53.40 38.32 -4.23
CA GLU L 233 -52.08 37.81 -3.84
C GLU L 233 -51.61 36.63 -4.71
N VAL L 234 -52.56 35.83 -5.18
CA VAL L 234 -52.23 34.77 -6.13
C VAL L 234 -51.82 35.42 -7.46
N ALA L 235 -52.58 36.42 -7.88
CA ALA L 235 -52.32 37.13 -9.12
C ALA L 235 -50.93 37.76 -9.15
N GLU L 236 -50.45 38.26 -8.01
CA GLU L 236 -49.10 38.83 -7.96
C GLU L 236 -48.01 37.80 -8.23
N LEU L 237 -48.15 36.60 -7.66
CA LEU L 237 -47.16 35.56 -7.91
C LEU L 237 -47.23 35.08 -9.37
N ILE L 238 -48.45 34.87 -9.87
CA ILE L 238 -48.65 34.43 -11.25
C ILE L 238 -47.91 35.32 -12.22
N VAL L 239 -48.20 36.63 -12.14
CA VAL L 239 -47.71 37.62 -13.09
C VAL L 239 -46.19 37.76 -13.04
N PHE L 240 -45.64 37.74 -11.84
CA PHE L 240 -44.18 37.73 -11.68
C PHE L 240 -43.61 36.59 -12.51
N LEU L 241 -44.19 35.40 -12.36
CA LEU L 241 -43.66 34.21 -13.00
C LEU L 241 -43.73 34.34 -14.51
N LEU L 242 -44.72 35.09 -14.98
CA LEU L 242 -44.84 35.32 -16.40
C LEU L 242 -43.80 36.35 -16.87
N SER L 243 -43.39 37.25 -15.99
CA SER L 243 -42.56 38.39 -16.36
C SER L 243 -41.09 38.01 -16.61
N ASP L 244 -40.39 38.84 -17.39
CA ASP L 244 -38.98 38.60 -17.71
C ASP L 244 -38.04 38.71 -16.48
N ARG L 245 -38.62 38.99 -15.31
CA ARG L 245 -37.88 38.92 -14.05
C ARG L 245 -37.66 37.47 -13.62
N ALA L 246 -38.50 36.58 -14.13
CA ALA L 246 -38.38 35.18 -13.78
C ALA L 246 -37.81 34.42 -14.96
N SER L 247 -36.89 35.06 -15.67
CA SER L 247 -36.39 34.54 -16.94
C SER L 247 -35.57 33.27 -16.75
N PHE L 248 -35.21 32.96 -15.51
CA PHE L 248 -34.62 31.67 -15.23
C PHE L 248 -35.49 30.82 -14.32
N VAL L 249 -36.79 31.09 -14.26
CA VAL L 249 -37.65 30.21 -13.50
C VAL L 249 -38.47 29.40 -14.46
N ALA L 250 -38.33 28.08 -14.39
CA ALA L 250 -39.03 27.21 -15.33
C ALA L 250 -39.24 25.83 -14.72
N GLY L 251 -40.42 25.26 -14.92
CA GLY L 251 -40.69 23.89 -14.53
C GLY L 251 -40.96 23.69 -13.06
N SER L 252 -41.12 24.79 -12.34
CA SER L 252 -41.21 24.76 -10.89
C SER L 252 -42.61 25.18 -10.42
N TYR L 253 -42.90 24.81 -9.18
CA TYR L 253 -44.23 24.94 -8.59
C TYR L 253 -44.09 25.87 -7.40
N HIS L 254 -44.83 26.98 -7.42
CA HIS L 254 -44.63 28.02 -6.43
C HIS L 254 -45.81 28.21 -5.51
N LEU L 255 -45.61 27.89 -4.24
CA LEU L 255 -46.66 27.99 -3.25
C LEU L 255 -46.94 29.45 -2.87
N VAL L 256 -48.22 29.75 -2.66
CA VAL L 256 -48.62 31.02 -2.08
C VAL L 256 -49.75 30.63 -1.12
N ASP L 257 -49.35 30.04 -0.01
CA ASP L 257 -50.28 29.27 0.82
C ASP L 257 -50.28 29.62 2.31
N GLY L 258 -49.68 30.76 2.67
CA GLY L 258 -49.45 31.11 4.06
C GLY L 258 -48.88 29.97 4.88
N ALA L 259 -47.93 29.24 4.31
CA ALA L 259 -47.24 28.12 4.98
C ALA L 259 -48.10 26.87 5.29
N TYR L 260 -49.16 26.67 4.51
CA TYR L 260 -50.03 25.51 4.67
C TYR L 260 -49.23 24.21 4.50
N THR L 261 -48.38 24.15 3.49
CA THR L 261 -47.64 22.92 3.25
C THR L 261 -46.39 22.77 4.09
N ALA L 262 -46.00 23.81 4.81
CA ALA L 262 -44.71 23.79 5.54
C ALA L 262 -44.67 22.79 6.70
N VAL L 263 -45.81 22.58 7.34
CA VAL L 263 -45.90 21.66 8.47
C VAL L 263 -46.63 20.38 8.07
PA NAI M . -4.01 -50.09 16.05
O1A NAI M . -5.05 -50.29 17.09
O2A NAI M . -4.82 -49.70 14.85
O5B NAI M . -3.17 -51.42 15.83
C5B NAI M . -2.77 -52.18 16.95
C4B NAI M . -2.73 -53.61 16.57
O4B NAI M . -1.79 -54.35 17.50
C3B NAI M . -4.07 -54.19 16.73
O3B NAI M . -4.45 -55.02 15.57
C2B NAI M . -4.01 -54.99 17.95
O2B NAI M . -4.92 -56.11 17.88
C1B NAI M . -2.62 -55.45 18.04
N9A NAI M . -2.28 -55.74 19.38
C8A NAI M . -2.58 -55.03 20.53
N7A NAI M . -2.06 -55.67 21.61
C5A NAI M . -1.42 -56.82 21.18
C6A NAI M . -0.71 -57.86 21.84
N6A NAI M . -0.53 -57.87 23.25
N1A NAI M . -0.19 -58.83 21.08
C2A NAI M . -0.33 -58.85 19.74
N3A NAI M . -1.00 -57.89 19.07
C4A NAI M . -1.53 -56.88 19.76
O3 NAI M . -3.04 -48.86 16.43
PN NAI M . -1.83 -48.21 15.56
O1N NAI M . -1.80 -48.66 14.14
O2N NAI M . -2.07 -46.73 15.46
O5D NAI M . -0.46 -48.49 16.31
C5D NAI M . 0.56 -49.32 15.76
C4D NAI M . 1.84 -49.10 16.49
O4D NAI M . 2.40 -47.76 16.11
C3D NAI M . 1.67 -49.09 17.96
O3D NAI M . 2.88 -49.64 18.55
C2D NAI M . 1.59 -47.71 18.37
O2D NAI M . 2.13 -47.51 19.71
C1D NAI M . 2.46 -47.02 17.41
N1N NAI M . 2.16 -45.67 17.26
C2N NAI M . 0.87 -45.20 17.02
C3N NAI M . 0.65 -43.92 16.66
C7N NAI M . -0.77 -43.42 16.40
O7N NAI M . -1.04 -42.27 16.70
N7N NAI M . -1.74 -44.29 15.79
C4N NAI M . 1.76 -42.85 16.48
C5N NAI M . 3.10 -43.49 17.02
C6N NAI M . 3.20 -44.80 17.36
C1 IPA N . 0.27 -41.83 20.33
C2 IPA N . 1.48 -41.57 19.44
C3 IPA N . 1.62 -40.09 19.12
O2 IPA N . 2.67 -42.07 20.03
C1 IPA O . -0.44 -42.75 23.61
C2 IPA O . -0.91 -41.43 24.21
C3 IPA O . -0.50 -40.25 23.34
O2 IPA O . -2.31 -41.46 24.27
PA NAI P . 25.44 -50.34 43.53
O1A NAI P . 25.54 -51.80 43.49
O2A NAI P . 26.71 -49.94 44.21
O5B NAI P . 24.16 -49.87 44.37
C5B NAI P . 22.92 -50.54 44.18
C4B NAI P . 22.13 -50.44 45.44
O4B NAI P . 20.66 -50.42 45.11
C3B NAI P . 22.40 -51.61 46.28
O3B NAI P . 22.80 -51.19 47.62
C2B NAI P . 21.15 -52.37 46.36
O2B NAI P . 20.94 -52.91 47.68
C1B NAI P . 20.07 -51.45 46.01
N9A NAI P . 19.07 -52.18 45.34
C8A NAI P . 19.26 -53.12 44.36
N7A NAI P . 18.06 -53.61 43.98
C5A NAI P . 17.06 -53.00 44.70
C6A NAI P . 15.64 -53.11 44.73
N6A NAI P . 14.96 -54.03 43.86
N1A NAI P . 14.96 -52.34 45.59
C2A NAI P . 15.60 -51.48 46.41
N3A NAI P . 16.94 -51.34 46.41
C4A NAI P . 17.69 -52.07 45.60
O3 NAI P . 25.35 -49.69 42.04
PN NAI P . 25.66 -48.12 41.68
O1N NAI P . 25.83 -47.29 42.90
O2N NAI P . 27.01 -47.98 41.04
O5D NAI P . 24.55 -47.50 40.74
C5D NAI P . 23.29 -47.11 41.29
C4D NAI P . 22.47 -46.59 40.17
O4D NAI P . 23.37 -45.76 39.29
C3D NAI P . 21.93 -47.68 39.34
O3D NAI P . 20.59 -47.32 38.85
C2D NAI P . 22.81 -47.79 38.20
O2D NAI P . 22.08 -48.38 37.08
C1D NAI P . 23.18 -46.39 37.94
N1N NAI P . 24.30 -46.25 37.13
C2N NAI P . 25.52 -46.79 37.48
C3N NAI P . 26.67 -46.45 36.81
C7N NAI P . 27.99 -47.12 37.22
O7N NAI P . 28.93 -47.16 36.45
N7N NAI P . 28.10 -47.70 38.53
C4N NAI P . 26.69 -45.43 35.64
C5N NAI P . 25.19 -45.14 35.22
C6N NAI P . 24.13 -45.55 35.97
C1 IPA Q . 26.95 -49.22 33.80
C2 IPA Q . 26.57 -47.78 33.48
C3 IPA Q . 27.05 -47.38 32.10
O2 IPA Q . 25.18 -47.61 33.56
C1 IPA R . 25.33 -51.75 32.00
C2 IPA R . 26.50 -52.62 32.39
C3 IPA R . 26.00 -53.72 33.31
O2 IPA R . 27.04 -53.21 31.23
PA NAI S . 21.63 -9.41 26.74
O1A NAI S . 21.57 -8.63 25.49
O2A NAI S . 20.96 -8.50 27.71
O5B NAI S . 23.15 -9.69 27.14
C5B NAI S . 24.05 -10.02 26.11
C4B NAI S . 25.27 -9.18 26.22
O4B NAI S . 26.24 -9.60 25.16
C3B NAI S . 24.95 -7.76 26.01
O3B NAI S . 25.48 -7.01 27.13
C2B NAI S . 25.65 -7.38 24.75
O2B NAI S . 26.10 -5.98 24.73
C1B NAI S . 26.77 -8.31 24.66
N9A NAI S . 27.20 -8.41 23.32
C8A NAI S . 26.40 -8.40 22.19
N7A NAI S . 27.17 -8.50 21.09
C5A NAI S . 28.50 -8.57 21.45
C6A NAI S . 29.71 -8.68 20.73
N6A NAI S . 29.73 -8.74 19.29
N1A NAI S . 30.85 -8.73 21.45
C2A NAI S . 30.86 -8.68 22.79
N3A NAI S . 29.73 -8.58 23.52
C4A NAI S . 28.54 -8.51 22.89
O3 NAI S . 20.79 -10.79 26.63
PN NAI S . 21.07 -12.21 27.37
O1N NAI S . 21.81 -12.12 28.66
O2N NAI S . 19.78 -12.83 27.84
O5D NAI S . 21.86 -13.12 26.32
C5D NAI S . 23.02 -13.82 26.76
C4D NAI S . 23.10 -15.15 26.13
O4D NAI S . 21.92 -15.99 26.54
C3D NAI S . 23.09 -15.05 24.67
O3D NAI S . 24.12 -15.94 24.15
C2D NAI S . 21.78 -15.48 24.26
O2D NAI S . 21.76 -15.98 22.89
C1D NAI S . 21.43 -16.52 25.23
N1N NAI S . 20.06 -16.74 25.33
C2N NAI S . 19.21 -15.69 25.65
C3N NAI S . 17.97 -15.92 26.17
C7N NAI S . 17.09 -14.71 26.51
O7N NAI S . 15.88 -14.77 26.38
N7N NAI S . 17.70 -13.48 26.98
C4N NAI S . 17.45 -17.35 26.45
C5N NAI S . 18.38 -18.36 25.64
C6N NAI S . 19.59 -17.99 25.13
C1 IPA T . 15.88 -16.27 23.14
C2 IPA T . 16.22 -17.70 23.50
C3 IPA T . 15.04 -18.65 23.53
O2 IPA T . 17.27 -18.23 22.71
MG MG U . 8.79 -30.04 21.52
C1 IPA V . 13.96 -14.31 18.50
C2 IPA V . 14.60 -15.70 18.59
C3 IPA V . 16.10 -15.54 18.71
O2 IPA V . 14.12 -16.34 19.75
PA NAI W . 33.05 -34.43 -2.85
O1A NAI W . 34.45 -33.96 -2.61
O2A NAI W . 33.16 -35.82 -3.39
O5B NAI W . 32.30 -33.50 -3.88
C5B NAI W . 31.92 -32.23 -3.41
C4B NAI W . 31.42 -31.46 -4.56
O4B NAI W . 30.93 -30.14 -4.04
C3B NAI W . 32.49 -31.20 -5.53
O3B NAI W . 32.03 -31.43 -6.91
C2B NAI W . 32.87 -29.79 -5.34
O2B NAI W . 33.35 -29.24 -6.59
C1B NAI W . 31.64 -29.12 -4.86
N9A NAI W . 31.89 -27.96 -4.08
C8A NAI W . 32.83 -27.78 -3.07
N7A NAI W . 32.74 -26.52 -2.59
C5A NAI W . 31.74 -25.85 -3.25
C6A NAI W . 31.20 -24.52 -3.18
N6A NAI W . 31.72 -23.58 -2.25
N1A NAI W . 30.18 -24.20 -4.03
C2A NAI W . 29.69 -25.08 -4.90
N3A NAI W . 30.17 -26.33 -5.00
C4A NAI W . 31.16 -26.75 -4.22
O3 NAI W . 32.28 -34.36 -1.47
PN NAI W . 31.41 -35.53 -0.79
O1N NAI W . 30.55 -36.27 -1.76
O2N NAI W . 32.30 -36.55 -0.16
O5D NAI W . 30.48 -34.85 0.32
C5D NAI W . 29.48 -33.92 -0.08
C4D NAI W . 28.72 -33.57 1.14
O4D NAI W . 28.54 -34.84 1.94
C3D NAI W . 29.52 -32.62 1.95
O3D NAI W . 28.65 -31.54 2.40
C2D NAI W . 30.06 -33.39 3.06
O2D NAI W . 30.25 -32.60 4.27
C1D NAI W . 29.10 -34.48 3.27
N1N NAI W . 29.64 -35.62 3.89
C2N NAI W . 30.72 -36.30 3.35
C3N NAI W . 31.14 -37.50 3.86
C7N NAI W . 32.33 -38.24 3.25
O7N NAI W . 32.60 -39.35 3.67
N7N NAI W . 33.14 -37.65 2.22
C4N NAI W . 30.41 -38.24 5.02
C5N NAI W . 29.34 -37.24 5.62
C6N NAI W . 29.05 -36.05 5.03
C1 IPA X . 33.46 -36.18 7.16
C2 IPA X . 32.15 -36.91 7.43
C3 IPA X . 32.25 -37.86 8.62
O2 IPA X . 31.11 -36.01 7.73
MG MG Y . 29.12 -42.43 20.64
PA NAI Z . 10.45 9.11 4.28
O1A NAI Z . 9.63 7.92 3.99
O2A NAI Z . 11.45 8.59 5.25
O5B NAI Z . 9.55 10.27 4.87
C5B NAI Z . 8.76 11.04 3.99
C4B NAI Z . 7.73 11.77 4.76
O4B NAI Z . 6.76 12.39 3.81
C3B NAI Z . 6.97 10.85 5.62
O3B NAI Z . 6.85 11.41 6.96
C2B NAI Z . 5.65 10.72 5.01
O2B NAI Z . 4.61 10.42 5.98
C1B NAI Z . 5.43 12.02 4.38
N9A NAI Z . 4.42 11.92 3.38
C8A NAI Z . 4.29 10.94 2.42
N7A NAI Z . 3.20 11.20 1.68
C5A NAI Z . 2.57 12.33 2.15
C6A NAI Z . 1.41 13.04 1.76
N6A NAI Z . 0.62 12.57 0.65
N1A NAI Z . 1.08 14.16 2.45
C2A NAI Z . 1.83 14.58 3.47
N3A NAI Z . 2.93 13.94 3.86
C4A NAI Z . 3.33 12.81 3.24
O3 NAI Z . 11.16 9.65 2.94
PN NAI Z . 12.54 10.50 2.88
O1N NAI Z . 12.84 11.24 4.11
O2N NAI Z . 13.71 9.60 2.72
O5D NAI Z . 12.49 11.49 1.66
C5D NAI Z . 11.43 12.40 1.54
C4D NAI Z . 11.70 13.20 0.33
O4D NAI Z . 13.17 13.10 -0.06
C3D NAI Z . 10.87 12.70 -0.76
O3D NAI Z . 10.33 13.84 -1.52
C2D NAI Z . 11.78 11.89 -1.54
O2D NAI Z . 11.33 11.69 -2.91
C1D NAI Z . 13.07 12.62 -1.48
N1N NAI Z . 14.15 11.84 -1.87
C2N NAI Z . 14.58 10.73 -1.14
C3N NAI Z . 15.72 10.06 -1.45
C7N NAI Z . 16.10 8.84 -0.61
O7N NAI Z . 16.94 8.05 -0.99
N7N NAI Z . 15.41 8.69 0.62
C4N NAI Z . 16.70 10.45 -2.59
C5N NAI Z . 15.94 11.57 -3.42
C6N NAI Z . 14.79 12.16 -3.01
MG MG AA . 24.76 8.85 -15.74
C1 IPA BA . 14.98 7.11 -5.14
C2 IPA BA . 15.77 8.38 -4.92
C3 IPA BA . 17.15 8.24 -5.52
O2 IPA BA . 15.09 9.48 -5.46
C1 IPA CA . 12.19 5.64 -6.83
C2 IPA CA . 12.63 4.19 -6.72
C3 IPA CA . 14.15 4.13 -6.66
O2 IPA CA . 12.02 3.56 -5.62
PA NAI DA . -2.41 21.78 -31.46
O1A NAI DA . -3.16 22.81 -30.67
O2A NAI DA . -2.25 22.42 -32.80
O5B NAI DA . -3.28 20.47 -31.57
C5B NAI DA . -2.85 19.36 -30.82
C4B NAI DA . -3.83 18.26 -31.02
O4B NAI DA . -3.90 17.45 -29.75
C3B NAI DA . -5.18 18.74 -31.31
O3B NAI DA . -5.67 18.15 -32.55
C2B NAI DA . -6.02 18.32 -30.17
O2B NAI DA . -7.39 18.00 -30.51
C1B NAI DA . -5.34 17.15 -29.65
N9A NAI DA . -5.67 16.93 -28.30
C8A NAI DA . -5.74 17.87 -27.28
N7A NAI DA . -6.08 17.23 -26.13
C5A NAI DA . -6.23 15.88 -26.38
C6A NAI DA . -6.57 14.74 -25.59
N6A NAI DA . -6.86 14.82 -24.21
N1A NAI DA . -6.61 13.54 -26.21
C2A NAI DA . -6.34 13.42 -27.51
N3A NAI DA . -6.03 14.45 -28.29
C4A NAI DA . -5.96 15.67 -27.77
O3 NAI DA . -0.97 21.43 -30.78
PN NAI DA . 0.51 21.75 -31.38
O1N NAI DA . 0.66 21.33 -32.79
O2N NAI DA . 0.81 23.22 -31.42
O5D NAI DA . 1.62 20.99 -30.51
C5D NAI DA . 1.33 19.67 -30.09
C4D NAI DA . 2.30 19.25 -29.07
O4D NAI DA . 3.64 19.91 -29.36
C3D NAI DA . 1.85 19.66 -27.72
O3D NAI DA . 2.13 18.58 -26.76
C2D NAI DA . 2.64 20.83 -27.40
O2D NAI DA . 2.81 20.90 -25.96
C1D NAI DA . 3.93 20.58 -28.05
N1N NAI DA . 4.64 21.75 -28.33
C2N NAI DA . 4.08 22.81 -29.02
C3N NAI DA . 4.78 23.91 -29.37
C7N NAI DA . 4.11 25.06 -30.14
O7N NAI DA . 4.57 26.19 -30.11
N7N NAI DA . 2.92 24.76 -30.90
C4N NAI DA . 6.27 24.10 -29.04
C5N NAI DA . 6.74 22.82 -28.23
C6N NAI DA . 5.93 21.77 -27.95
C1 IPA EA . 4.71 26.10 -26.05
C2 IPA EA . 6.08 25.47 -26.20
C3 IPA EA . 7.19 26.45 -25.80
O2 IPA EA . 6.22 24.23 -25.54
C1 IPA FA . 1.78 27.79 -23.74
C2 IPA FA . 3.17 27.74 -23.10
C3 IPA FA . 3.90 29.04 -23.38
O2 IPA FA . 3.06 27.61 -21.71
PA NAI GA . 39.21 7.01 -35.50
O1A NAI GA . 40.61 6.74 -35.04
O2A NAI GA . 38.91 5.86 -36.41
O5B NAI GA . 39.16 8.41 -36.26
C5B NAI GA . 40.00 9.47 -35.86
C4B NAI GA . 40.51 10.10 -37.09
O4B NAI GA . 40.92 11.52 -36.82
C3B NAI GA . 41.70 9.37 -37.53
O3B NAI GA . 41.64 9.13 -38.96
C2B NAI GA . 42.83 10.24 -37.22
O2B NAI GA . 43.92 9.98 -38.15
C1B NAI GA . 42.30 11.60 -37.37
N9A NAI GA . 43.09 12.56 -36.68
C8A NAI GA . 43.71 12.42 -35.44
N7A NAI GA . 44.39 13.54 -35.13
C5A NAI GA . 44.24 14.47 -36.15
C6A NAI GA . 44.72 15.80 -36.37
N6A NAI GA . 45.55 16.47 -35.41
N1A NAI GA . 44.36 16.41 -37.50
C2A NAI GA . 43.58 15.80 -38.41
N3A NAI GA . 43.11 14.55 -38.25
C4A NAI GA . 43.41 13.86 -37.15
O3 NAI GA . 38.15 7.01 -34.27
PN NAI GA . 36.69 7.76 -34.20
O1N NAI GA . 35.95 7.78 -35.50
O2N NAI GA . 35.77 6.99 -33.32
O5D NAI GA . 36.89 9.25 -33.66
C5D NAI GA . 36.17 10.29 -34.32
C4D NAI GA . 35.55 11.21 -33.35
O4D NAI GA . 34.44 10.49 -32.61
C3D NAI GA . 36.55 11.66 -32.37
O3D NAI GA . 36.53 13.13 -32.33
C2D NAI GA . 36.20 11.07 -31.09
O2D NAI GA . 36.54 11.95 -29.96
C1D NAI GA . 34.75 10.80 -31.16
N1N NAI GA . 34.28 9.77 -30.33
C2N NAI GA . 34.74 8.44 -30.40
C3N NAI GA . 34.00 7.39 -29.92
C7N NAI GA . 34.51 5.93 -30.03
O7N NAI GA . 34.15 5.06 -29.23
N7N NAI GA . 35.41 5.59 -31.10
C4N NAI GA . 32.61 7.60 -29.27
C5N NAI GA . 32.48 9.15 -28.93
C6N NAI GA . 33.31 10.09 -29.45
C1 IPA HA . 35.33 7.37 -26.84
C2 IPA HA . 34.05 8.06 -26.40
C3 IPA HA . 33.76 7.81 -24.93
O2 IPA HA . 34.20 9.44 -26.64
C1 IPA IA . 38.23 7.90 -24.99
C2 IPA IA . 38.60 8.02 -23.53
C3 IPA IA . 38.26 6.71 -22.83
O2 IPA IA . 39.99 8.28 -23.42
PA NAI JA . 39.33 39.42 -11.11
O1A NAI JA . 40.22 40.04 -12.11
O2A NAI JA . 38.93 40.55 -10.21
O5B NAI JA . 40.14 38.29 -10.33
C5B NAI JA . 40.98 37.50 -11.14
C4B NAI JA . 42.31 37.28 -10.54
O4B NAI JA . 42.93 36.14 -11.30
C3B NAI JA . 43.22 38.44 -10.69
O3B NAI JA . 43.70 38.91 -9.39
C2B NAI JA . 44.34 37.99 -11.53
O2B NAI JA . 45.62 38.50 -11.11
C1B NAI JA . 44.35 36.54 -11.43
N9A NAI JA . 44.93 35.95 -12.57
C8A NAI JA . 44.65 36.19 -13.89
N7A NAI JA . 45.43 35.39 -14.66
C5A NAI JA . 46.24 34.61 -13.85
C6A NAI JA . 47.24 33.63 -14.07
N6A NAI JA . 47.61 33.24 -15.40
N1A NAI JA . 47.84 33.07 -13.01
C2A NAI JA . 47.51 33.43 -11.78
N3A NAI JA . 46.57 34.36 -11.50
C4A NAI JA . 45.94 34.96 -12.50
O3 NAI JA . 38.04 38.83 -11.86
PN NAI JA . 36.94 37.83 -11.21
O1N NAI JA . 37.10 37.79 -9.74
O2N NAI JA . 35.57 38.38 -11.38
O5D NAI JA . 37.08 36.38 -11.86
C5D NAI JA . 37.49 35.28 -11.07
C4D NAI JA . 36.96 34.03 -11.64
O4D NAI JA . 35.45 34.06 -11.58
C3D NAI JA . 37.32 33.87 -13.06
O3D NAI JA . 37.57 32.44 -13.33
C2D NAI JA . 36.17 34.28 -13.82
O2D NAI JA . 36.18 33.63 -15.11
C1D NAI JA . 35.04 33.82 -13.00
N1N NAI JA . 33.80 34.42 -13.30
C2N NAI JA . 33.63 35.80 -13.32
C3N NAI JA . 32.38 36.36 -13.38
C7N NAI JA . 32.21 37.89 -13.39
O7N NAI JA . 31.24 38.37 -13.95
N7N NAI JA . 33.19 38.72 -12.73
C4N NAI JA . 31.05 35.54 -13.41
C5N NAI JA . 31.47 34.02 -13.60
C6N NAI JA . 32.75 33.59 -13.53
MG MG KA . 18.57 29.93 -21.14
C1 IPA LA . 31.65 36.81 -17.19
C2 IPA LA . 30.82 35.67 -16.64
C3 IPA LA . 29.61 35.41 -17.51
O2 IPA LA . 31.57 34.48 -16.58
C1 IPA MA . 31.99 37.70 -22.11
C2 IPA MA . 33.13 37.42 -21.13
C3 IPA MA . 32.83 36.11 -20.47
O2 IPA MA . 34.38 37.27 -21.76
PA NAI NA . -19.81 34.09 -3.97
O1A NAI NA . -18.50 33.59 -3.49
O2A NAI NA . -19.44 35.06 -5.03
O5B NAI NA . -20.61 34.79 -2.78
C5B NAI NA . -20.20 34.55 -1.46
C4B NAI NA . -20.09 35.81 -0.69
O4B NAI NA . -20.37 35.54 0.76
C3B NAI NA . -18.71 36.30 -0.77
O3B NAI NA . -18.69 37.76 -0.80
C2B NAI NA . -18.06 35.79 0.44
O2B NAI NA . -16.92 36.62 0.83
C1B NAI NA . -19.09 35.83 1.47
N9A NAI NA . -18.78 34.88 2.47
C8A NAI NA . -18.20 33.64 2.28
N7A NAI NA . -18.04 33.04 3.49
C5A NAI NA . -18.50 33.87 4.49
C6A NAI NA . -18.58 33.78 5.91
N6A NAI NA . -18.13 32.60 6.59
N1A NAI NA . -19.10 34.80 6.59
C2A NAI NA . -19.54 35.91 5.96
N3A NAI NA . -19.47 36.04 4.62
C4A NAI NA . -18.97 35.06 3.87
O3 NAI NA . -20.68 32.91 -4.66
PN NAI NA . -22.28 32.95 -4.96
O1N NAI NA . -22.87 34.30 -5.05
O2N NAI NA . -22.54 32.43 -6.33
O5D NAI NA . -23.01 32.09 -3.83
C5D NAI NA . -23.82 32.79 -2.89
C4D NAI NA . -24.79 31.90 -2.20
O4D NAI NA . -25.83 31.37 -3.18
C3D NAI NA . -24.11 30.76 -1.60
O3D NAI NA . -24.72 30.54 -0.29
C2D NAI NA . -24.37 29.62 -2.49
O2D NAI NA . -24.31 28.34 -1.79
C1D NAI NA . -25.69 29.88 -3.06
N1N NAI NA . -25.87 29.32 -4.32
C2N NAI NA . -24.96 29.54 -5.35
C3N NAI NA . -25.10 28.96 -6.57
C7N NAI NA . -24.05 29.28 -7.64
O7N NAI NA . -24.00 28.63 -8.68
N7N NAI NA . -23.13 30.36 -7.40
C4N NAI NA . -26.25 28.01 -6.96
C5N NAI NA . -27.24 27.94 -5.72
C6N NAI NA . -26.98 28.57 -4.54
MG MG OA . -32.85 14.85 -11.83
C1 IPA PA . -19.44 22.88 -6.03
C2 IPA PA . -20.47 22.18 -5.15
C3 IPA PA . -20.71 23.02 -3.90
O2 IPA PA . -21.68 22.02 -5.83
C1 IPA QA . -23.57 24.39 -6.35
C2 IPA QA . -24.88 25.07 -6.66
C3 IPA QA . -25.70 24.20 -7.59
O2 IPA QA . -25.59 25.33 -5.47
PA NAI RA . -34.10 6.99 21.99
O1A NAI RA . -33.91 8.00 23.04
O2A NAI RA . -35.08 6.02 22.57
O5B NAI RA . -32.73 6.27 21.67
C5B NAI RA . -31.68 7.10 21.21
C4B NAI RA . -30.39 6.43 21.43
O4B NAI RA . -29.29 7.23 20.77
C3B NAI RA . -30.12 6.37 22.87
O3B NAI RA . -29.82 5.00 23.24
C2B NAI RA . -28.95 7.21 23.13
O2B NAI RA . -28.12 6.56 24.12
C1B NAI RA . -28.25 7.29 21.83
N9A NAI RA . -27.43 8.44 21.65
C8A NAI RA . -27.73 9.78 21.84
N7A NAI RA . -26.64 10.52 21.50
C5A NAI RA . -25.61 9.70 21.07
C6A NAI RA . -24.29 9.89 20.61
N6A NAI RA . -23.70 11.19 20.49
N1A NAI RA . -23.56 8.80 20.27
C2A NAI RA . -24.07 7.56 20.35
N3A NAI RA . -25.32 7.33 20.80
C4A NAI RA . -26.10 8.35 21.15
O3 NAI RA . -34.65 7.67 20.62
PN NAI RA . -35.58 7.01 19.45
O1N NAI RA . -35.52 5.53 19.42
O2N NAI RA . -37.02 7.31 19.73
O5D NAI RA . -35.21 7.59 18.00
C5D NAI RA . -33.93 7.32 17.44
C4D NAI RA . -33.84 8.04 16.16
O4D NAI RA . -35.19 8.04 15.48
C3D NAI RA . -33.44 9.44 16.42
O3D NAI RA . -32.42 9.84 15.45
C2D NAI RA . -34.66 10.21 16.28
O2D NAI RA . -34.44 11.62 15.96
C1D NAI RA . -35.43 9.50 15.24
N1N NAI RA . -36.79 9.77 15.30
C2N NAI RA . -37.52 9.53 16.46
C3N NAI RA . -38.86 9.74 16.53
C7N NAI RA . -39.57 9.45 17.85
O7N NAI RA . -40.72 9.84 18.02
N7N NAI RA . -38.90 8.73 18.89
C4N NAI RA . -39.71 10.24 15.32
C5N NAI RA . -38.72 10.47 14.10
C6N NAI RA . -37.39 10.24 14.17
C1 IPA SA . -39.45 14.71 16.66
C2 IPA SA . -39.76 13.53 15.76
C3 IPA SA . -41.06 13.78 14.99
O2 IPA SA . -38.70 13.32 14.85
PA NAI TA . -46.50 -4.24 -18.71
O1A NAI TA . -45.79 -3.26 -19.57
O2A NAI TA . -46.06 -5.56 -19.24
O5B NAI TA . -48.09 -4.07 -18.79
C5B NAI TA . -48.83 -4.24 -17.60
C4B NAI TA . -50.04 -5.07 -17.81
O4B NAI TA . -51.25 -4.20 -17.69
C3B NAI TA . -50.08 -5.70 -19.13
O3B NAI TA . -50.20 -7.14 -18.97
C2B NAI TA . -51.28 -5.17 -19.83
O2B NAI TA . -51.92 -6.22 -20.61
C1B NAI TA . -52.16 -4.69 -18.76
N9A NAI TA . -53.07 -3.67 -19.14
C8A NAI TA . -52.91 -2.60 -19.99
N7A NAI TA . -54.05 -1.89 -20.04
C5A NAI TA . -55.00 -2.47 -19.23
C6A NAI TA . -56.36 -2.19 -18.90
N6A NAI TA . -57.05 -1.06 -19.47
N1A NAI TA . -57.00 -3.01 -18.05
C2A NAI TA . -56.39 -4.09 -17.51
N3A NAI TA . -55.10 -4.39 -17.79
C4A NAI TA . -54.40 -3.63 -18.64
O3 NAI TA . -46.00 -4.12 -17.18
PN NAI TA . -45.16 -2.88 -16.55
O1N NAI TA . -44.42 -3.42 -15.39
O2N NAI TA . -44.05 -2.40 -17.42
O5D NAI TA . -46.13 -1.67 -16.14
C5D NAI TA . -47.02 -1.80 -15.03
C4D NAI TA . -47.22 -0.50 -14.31
O4D NAI TA . -45.92 -0.06 -13.67
C3D NAI TA . -47.64 0.57 -15.23
O3D NAI TA . -48.73 1.33 -14.60
C2D NAI TA . -46.50 1.42 -15.40
O2D NAI TA . -46.88 2.79 -15.76
C1D NAI TA . -45.82 1.37 -14.10
N1N NAI TA . -44.48 1.71 -14.24
C2N NAI TA . -43.71 1.04 -15.17
C3N NAI TA . -42.39 1.27 -15.33
C7N NAI TA . -41.64 0.46 -16.39
O7N NAI TA . -40.47 0.68 -16.60
N7N NAI TA . -42.38 -0.55 -17.10
C4N NAI TA . -41.60 2.31 -14.47
C5N NAI TA . -42.63 3.00 -13.47
C6N NAI TA . -43.95 2.67 -13.43
C1 IPA UA . -41.60 6.43 -21.38
C2 IPA UA . -43.08 6.24 -21.07
C3 IPA UA . -43.39 4.84 -20.52
O2 IPA UA . -43.50 7.21 -20.14
C1 IPA VA . -41.77 5.73 -17.73
C2 IPA VA . -41.57 4.74 -16.60
C3 IPA VA . -40.31 5.12 -15.80
O2 IPA VA . -42.65 4.90 -15.74
PA NAI WA . -63.84 30.73 -9.54
O1A NAI WA . -65.06 29.92 -9.68
O2A NAI WA . -64.32 32.02 -8.98
O5B NAI WA . -63.20 30.96 -10.99
C5B NAI WA . -63.26 29.90 -11.92
C4B NAI WA . -63.68 30.47 -13.22
O4B NAI WA . -63.42 29.47 -14.32
C3B NAI WA . -65.11 30.74 -13.21
O3B NAI WA . -65.40 32.08 -13.71
C2B NAI WA . -65.73 29.77 -14.11
O2B NAI WA . -66.88 30.38 -14.71
C1B NAI WA . -64.69 29.43 -15.08
N9A NAI WA . -64.84 28.13 -15.61
C8A NAI WA . -65.32 27.03 -14.93
N7A NAI WA . -65.32 25.96 -15.75
C5A NAI WA . -64.82 26.31 -16.97
C6A NAI WA . -64.59 25.61 -18.18
N6A NAI WA . -64.90 24.21 -18.30
N1A NAI WA . -64.08 26.29 -19.22
C2A NAI WA . -63.79 27.60 -19.14
N3A NAI WA . -64.00 28.31 -18.01
C4A NAI WA . -64.50 27.71 -16.92
O3 NAI WA . -62.85 30.05 -8.48
PN NAI WA . -61.24 30.26 -8.32
O1N NAI WA . -60.78 31.62 -8.73
O2N NAI WA . -60.86 30.23 -6.88
O5D NAI WA . -60.47 29.16 -9.15
C5D NAI WA . -59.39 29.52 -9.99
C4D NAI WA . -58.36 28.45 -9.97
O4D NAI WA . -57.56 28.57 -8.71
C3D NAI WA . -59.00 27.12 -9.98
O3D NAI WA . -58.26 26.24 -10.88
C2D NAI WA . -58.90 26.64 -8.61
O2D NAI WA . -59.00 25.18 -8.56
C1D NAI WA . -57.62 27.20 -8.14
N1N NAI WA . -57.53 27.31 -6.75
C2N NAI WA . -58.57 27.84 -6.00
C3N NAI WA . -58.42 28.16 -4.68
C7N NAI WA . -59.57 28.72 -3.83
O7N NAI WA . -59.46 28.68 -2.62
N7N NAI WA . -60.74 29.27 -4.45
C4N NAI WA . -57.06 27.98 -3.93
C5N NAI WA . -56.14 27.10 -4.88
C6N NAI WA . -56.42 26.84 -6.17
MG MG XA . -48.91 18.91 6.53
C1 IPA YA . -61.55 22.63 -3.80
C2 IPA YA . -61.70 21.16 -3.52
C3 IPA YA . -61.14 20.82 -2.15
O2 IPA YA . -63.07 20.85 -3.57
C1 IPA ZA . -59.44 25.08 -2.81
C2 IPA ZA . -57.94 24.98 -2.98
C3 IPA ZA . -57.33 24.21 -1.82
O2 IPA ZA . -57.62 24.34 -4.20
#